data_9OGU
#
_entry.id   9OGU
#
_cell.length_a   1.00
_cell.length_b   1.00
_cell.length_c   1.00
_cell.angle_alpha   90.00
_cell.angle_beta   90.00
_cell.angle_gamma   90.00
#
_symmetry.space_group_name_H-M   'P 1'
#
loop_
_entity.id
_entity.type
_entity.pdbx_description
1 polymer 'HIV-1 Envelope Glycoprotein BG505 SOSIP.664 gp120'
2 polymer 'Envelope glycoprotein gp160'
3 polymer '3BNC117 Fab heavy chain'
4 polymer '3BNC117 Fab light chain'
5 polymer 'PGT122 Fab heavy chain'
6 polymer 'PGT122 Fab light chain'
7 branched 2-acetamido-2-deoxy-beta-D-glucopyranose-(1-4)-2-acetamido-2-deoxy-beta-D-glucopyranose
8 branched alpha-D-mannopyranose-(1-3)-beta-D-mannopyranose-(1-4)-2-acetamido-2-deoxy-beta-D-glucopyranose-(1-4)-2-acetamido-2-deoxy-beta-D-glucopyranose
9 branched alpha-D-mannopyranose-(1-2)-alpha-D-mannopyranose-(1-3)-[alpha-D-mannopyranose-(1-6)]beta-D-mannopyranose-(1-4)-2-acetamido-2-deoxy-beta-D-glucopyranose-(1-4)-2-acetamido-2-deoxy-beta-D-glucopyranose
10 branched alpha-D-mannopyranose-(1-6)-beta-D-mannopyranose-(1-4)-2-acetamido-2-deoxy-beta-D-glucopyranose-(1-4)-2-acetamido-2-deoxy-beta-D-glucopyranose
11 branched alpha-D-mannopyranose-(1-3)-[alpha-D-mannopyranose-(1-6)]beta-D-mannopyranose-(1-4)-2-acetamido-2-deoxy-beta-D-glucopyranose-(1-4)-2-acetamido-2-deoxy-beta-D-glucopyranose
12 branched beta-D-mannopyranose-(1-4)-2-acetamido-2-deoxy-beta-D-glucopyranose-(1-4)-2-acetamido-2-deoxy-beta-D-glucopyranose
13 branched alpha-D-mannopyranose-(1-2)-alpha-D-mannopyranose-(1-2)-alpha-D-mannopyranose-(1-3)-[alpha-D-mannopyranose-(1-6)]beta-D-mannopyranose-(1-4)-2-acetamido-2-deoxy-beta-D-glucopyranose-(1-4)-2-acetamido-2-deoxy-beta-D-glucopyranose
14 branched beta-D-mannopyranose-(1-4)-2-acetamido-2-deoxy-beta-D-glucopyranose
15 non-polymer 2-acetamido-2-deoxy-beta-D-glucopyranose
#
loop_
_entity_poly.entity_id
_entity_poly.type
_entity_poly.pdbx_seq_one_letter_code
_entity_poly.pdbx_strand_id
1 'polypeptide(L)'
;MDAMKRGLCCVLLLCGAVFVSPSQEIHARFRRGARAENLWVTVYYGVPVWKDAETTLFCASDAKAYETEKHNVWATHACV
PTDPNPQEIHLENVTEEFNMWKNNMVEQMHTDIISLWDQSLKPCVKLTPLCVTLQCTNVTNNITDDMRGELKNCSFNMTT
ELRDKKQKVYSLFYRLDVVQINENQGNRSNNSNKEYRLINCNTSAITQACPKVSFEPIPIHYCAPAGFAILKCKDKKFNG
TGPCPSVSTVQCTHGIKPVVSTQLLLNGSLAEEEVMIRSENITNNAKNILVQFNTPVQINCTRPNNNTRKSIRIGPGQAF
YATGDIIGDIRQAHCNVSKATWNETLGKVVKQLRKHFGNNTIIRFANSSGGDLEVTTHSFNCGGEFFYCNTSGLFNSTWI
SNTSVQGSNSTGSNDSITLPCRIKQIINMWQRIGQAMYAPPIQGVIRCVSNITGLILTRDGGSTNSTTETFRPGGGDMRD
NWRSELYKYKVVKIEPLGVAPTRCKRRVVGRRRRRR
;
A,E,C
2 'polypeptide(L)'
;AVGIGAVFLGFLGAAGSTMGAASMTLTVQARNLLSGIVQQQSNLLRAPEAQQHLPGTVWGIKQLQARVLAVERYLRDQQL
LGIWGCSGKLICCTNVPWNSSWSNRNLSEIWDNMTWLQWDKEISNYTQIIYGLLEESQNQQEKNEQDLLALDGSGSGGSG
HHHHHHHH
;
F,D,B
3 'polypeptide(L)'
;QVQLLQSGAAVTKPGASVRVSCEASGYNIRDYFIHWWRQAPGQGLQWVGWINPKTGQPNNPRQFQGRVSLTRHASWDFDT
YSFYMDLKALRSDDTAVYFCARQRSDYWDFDVWGSGTQVTVSSASTKGPSVFPLAPSSKSTSGGTAALGCLVKDYFPEPV
TVSWNSGALTSGVHTFPAVLQSSGLYSLSSVVTVPSSSLGTQTYICNVNHKPSNTKVDKKVEPKSC
;
H,M,P
4 'polypeptide(L)'
;DIQMTQSPSSLSASVGDTVTITCQANGYLNWYQQRRGKAPKLLIYDGSKLERGVPSRFSGRRWGQEYNLTINNLQPEDIA
TYFCQVYEFVVPGTRLDLKRTVAAPSVFIFPPSDEQLKSGTASVVCLLNNFYPREAKVQWKVDNALQSGNSQESVTEQDS
KDSTYSLSSTLTLSKADYEKHKVYACEVTHQGLSSPVTKSFNRGEC
;
I,L,Q
5 'polypeptide(L)'
;QVHLQESGPGLVKPSETLSLTCNVSGTLVRDNYWSWIRQPLGKQPEWIGYVHDSGDTNYNPSLKSRVHLSLDKSKNLVSL
RLTGVTAADSAIYYCATTKHGRRIYGVVAFKEWFTYFYMDVWGKGTSVTVSSASTKGPSVFPLAPSSKSTSGGTAALGCL
VKDYFPEPVTVSWNSGALTSGVHTFPAVLQSSGLYSLSSVVTVPSSSLGTQTYICNVNHKPSNTKVDKRVEPKSC
;
J,N,R
6 'polypeptide(L)'
;TFVSVAPGQTARITCGEESLGSRSVIWYQQRPGQAPSLIIYNNNDRPSGIPDRFSGSPGSTFGTTATLTITSVEAGDEAD
YYCHIWDSRRPTNWVFGEGTTLIVLSQPKAAPSVTLFPPSSEELQANKATLVCLISDFYPGAVTVAWKADSSPVKAGVET
TTPSKQSNNKYAASSYLSLTPEQWKSHKSYSCQVTHEGSTVEKTVAPTECS
;
K,O,S
#
loop_
_chem_comp.id
_chem_comp.type
_chem_comp.name
_chem_comp.formula
BMA D-saccharide, beta linking beta-D-mannopyranose 'C6 H12 O6'
MAN D-saccharide, alpha linking alpha-D-mannopyranose 'C6 H12 O6'
NAG D-saccharide, beta linking 2-acetamido-2-deoxy-beta-D-glucopyranose 'C8 H15 N O6'
#
# COMPACT_ATOMS: atom_id res chain seq x y z
N ASN A 38 -56.18 -14.93 -38.56
CA ASN A 38 -55.92 -13.65 -37.93
C ASN A 38 -54.88 -13.78 -36.82
N LEU A 39 -53.62 -13.48 -37.15
CA LEU A 39 -52.52 -13.63 -36.21
C LEU A 39 -52.27 -12.33 -35.47
N TRP A 40 -51.94 -12.45 -34.19
CA TRP A 40 -51.66 -11.32 -33.31
C TRP A 40 -50.38 -11.59 -32.54
N VAL A 41 -49.68 -10.52 -32.17
CA VAL A 41 -48.44 -10.64 -31.41
C VAL A 41 -48.74 -11.21 -30.03
N THR A 42 -47.91 -12.15 -29.59
CA THR A 42 -48.00 -12.74 -28.25
C THR A 42 -46.60 -12.75 -27.66
N VAL A 43 -46.49 -12.23 -26.44
CA VAL A 43 -45.21 -12.08 -25.76
C VAL A 43 -44.96 -13.28 -24.87
N TYR A 44 -43.77 -13.86 -24.99
CA TYR A 44 -43.36 -15.01 -24.19
C TYR A 44 -42.10 -14.66 -23.41
N TYR A 45 -42.15 -14.92 -22.10
CA TYR A 45 -41.04 -14.66 -21.20
C TYR A 45 -40.48 -15.97 -20.67
N GLY A 46 -39.14 -16.08 -20.68
CA GLY A 46 -38.49 -17.33 -20.38
C GLY A 46 -38.20 -18.24 -21.56
N VAL A 47 -38.25 -17.73 -22.79
CA VAL A 47 -37.97 -18.56 -23.97
C VAL A 47 -36.51 -18.98 -23.96
N PRO A 48 -36.18 -20.22 -24.36
CA PRO A 48 -34.78 -20.67 -24.37
C PRO A 48 -34.00 -20.30 -25.65
N VAL A 49 -33.53 -19.06 -25.69
CA VAL A 49 -32.62 -18.57 -26.72
C VAL A 49 -31.45 -17.90 -26.02
N TRP A 50 -30.35 -17.75 -26.76
CA TRP A 50 -29.15 -17.17 -26.18
C TRP A 50 -28.31 -16.49 -27.26
N LYS A 51 -27.39 -15.65 -26.81
CA LYS A 51 -26.47 -14.94 -27.68
C LYS A 51 -25.07 -15.02 -27.10
N ASP A 52 -24.07 -14.82 -27.94
CA ASP A 52 -22.69 -14.82 -27.48
C ASP A 52 -22.41 -13.57 -26.64
N ALA A 53 -21.81 -13.75 -25.47
CA ALA A 53 -21.54 -12.64 -24.57
C ALA A 53 -20.41 -13.02 -23.62
N GLU A 54 -19.90 -12.01 -22.93
CA GLU A 54 -18.79 -12.14 -21.99
C GLU A 54 -19.23 -11.64 -20.62
N THR A 55 -18.86 -12.37 -19.57
CA THR A 55 -19.22 -11.99 -18.21
C THR A 55 -18.17 -12.54 -17.26
N THR A 56 -18.08 -11.92 -16.09
CA THR A 56 -17.16 -12.37 -15.05
C THR A 56 -17.71 -13.61 -14.34
N LEU A 57 -16.83 -14.58 -14.10
CA LEU A 57 -17.19 -15.81 -13.42
C LEU A 57 -16.39 -15.96 -12.13
N PHE A 58 -16.88 -16.82 -11.24
CA PHE A 58 -16.32 -17.06 -9.91
C PHE A 58 -15.89 -18.52 -9.78
N CYS A 59 -15.10 -18.82 -8.73
CA CYS A 59 -14.61 -20.19 -8.61
C CYS A 59 -15.72 -21.11 -8.10
N ALA A 60 -15.39 -22.39 -8.00
CA ALA A 60 -16.18 -23.34 -7.24
C ALA A 60 -15.25 -24.28 -6.48
N SER A 61 -14.24 -23.70 -5.83
CA SER A 61 -13.20 -24.47 -5.15
C SER A 61 -13.78 -25.36 -4.05
N ASP A 62 -13.40 -26.64 -4.07
CA ASP A 62 -13.90 -27.63 -3.12
C ASP A 62 -13.42 -27.35 -1.69
N HIS A 71 -4.36 -21.87 1.96
CA HIS A 71 -2.92 -21.65 2.04
C HIS A 71 -2.31 -21.43 0.66
N ASN A 72 -2.89 -22.08 -0.35
CA ASN A 72 -2.38 -22.07 -1.71
C ASN A 72 -2.44 -20.67 -2.33
N VAL A 73 -1.62 -20.47 -3.36
CA VAL A 73 -1.66 -19.25 -4.17
C VAL A 73 -3.03 -19.06 -4.82
N TRP A 74 -3.70 -20.15 -5.17
CA TRP A 74 -5.03 -20.09 -5.76
C TRP A 74 -6.04 -20.13 -4.61
N ALA A 75 -6.25 -18.96 -4.00
CA ALA A 75 -7.03 -18.82 -2.78
C ALA A 75 -8.48 -19.21 -3.01
N THR A 76 -9.00 -20.04 -2.10
CA THR A 76 -10.40 -20.45 -2.11
C THR A 76 -11.29 -19.59 -1.22
N HIS A 77 -10.75 -18.54 -0.61
CA HIS A 77 -11.53 -17.79 0.36
C HIS A 77 -12.51 -16.82 -0.31
N ALA A 78 -12.02 -15.96 -1.21
CA ALA A 78 -12.86 -14.88 -1.71
C ALA A 78 -13.61 -15.24 -3.00
N CYS A 79 -14.22 -16.43 -3.03
CA CYS A 79 -15.15 -16.93 -4.04
C CYS A 79 -15.70 -18.27 -3.57
N VAL A 80 -16.92 -18.57 -4.00
CA VAL A 80 -17.85 -19.51 -3.34
C VAL A 80 -17.39 -20.96 -3.47
N PRO A 81 -17.85 -21.88 -2.61
CA PRO A 81 -17.48 -23.29 -2.76
C PRO A 81 -18.34 -24.00 -3.82
N THR A 82 -18.11 -25.30 -3.95
CA THR A 82 -18.71 -26.12 -5.01
C THR A 82 -20.08 -26.65 -4.62
N ASP A 83 -20.89 -26.90 -5.63
CA ASP A 83 -22.13 -27.65 -5.47
C ASP A 83 -21.81 -29.10 -5.17
N PRO A 84 -22.66 -29.78 -4.37
CA PRO A 84 -22.43 -31.21 -4.10
C PRO A 84 -22.42 -32.10 -5.33
N ASN A 85 -23.23 -31.78 -6.35
CA ASN A 85 -23.29 -32.59 -7.56
C ASN A 85 -23.52 -31.68 -8.75
N PRO A 86 -22.77 -31.85 -9.84
CA PRO A 86 -23.00 -31.04 -11.04
C PRO A 86 -24.32 -31.38 -11.71
N GLN A 87 -24.93 -30.36 -12.32
CA GLN A 87 -26.18 -30.49 -13.07
C GLN A 87 -25.86 -30.33 -14.54
N GLU A 88 -25.92 -31.43 -15.29
CA GLU A 88 -25.60 -31.45 -16.71
C GLU A 88 -26.87 -31.75 -17.49
N ILE A 89 -27.24 -30.84 -18.40
CA ILE A 89 -28.44 -31.00 -19.22
C ILE A 89 -28.02 -31.16 -20.67
N HIS A 90 -28.36 -32.29 -21.28
CA HIS A 90 -27.98 -32.56 -22.66
C HIS A 90 -29.00 -31.88 -23.58
N LEU A 91 -28.56 -30.84 -24.29
CA LEU A 91 -29.46 -30.12 -25.20
C LEU A 91 -29.56 -30.88 -26.52
N GLU A 92 -30.69 -31.54 -26.73
CA GLU A 92 -30.89 -32.31 -27.95
C GLU A 92 -31.26 -31.38 -29.10
N ASN A 93 -30.80 -31.77 -30.30
CA ASN A 93 -31.03 -31.04 -31.56
C ASN A 93 -30.50 -29.60 -31.50
N VAL A 94 -29.35 -29.43 -30.84
CA VAL A 94 -28.70 -28.13 -30.74
C VAL A 94 -27.30 -28.25 -31.33
N THR A 95 -26.97 -27.33 -32.26
CA THR A 95 -25.67 -27.30 -32.94
C THR A 95 -25.14 -25.87 -32.85
N GLU A 96 -24.28 -25.63 -31.86
CA GLU A 96 -23.76 -24.30 -31.58
C GLU A 96 -22.35 -24.18 -32.15
N GLU A 97 -22.00 -23.00 -32.63
CA GLU A 97 -20.71 -22.73 -33.26
C GLU A 97 -19.73 -22.27 -32.19
N PHE A 98 -18.81 -23.14 -31.79
CA PHE A 98 -17.79 -22.78 -30.83
C PHE A 98 -16.57 -22.21 -31.54
N ASN A 99 -15.79 -21.43 -30.80
CA ASN A 99 -14.52 -20.90 -31.29
C ASN A 99 -13.65 -20.63 -30.05
N MET A 100 -12.75 -21.56 -29.76
CA MET A 100 -11.95 -21.45 -28.53
C MET A 100 -10.88 -20.37 -28.63
N TRP A 101 -10.56 -19.91 -29.83
CA TRP A 101 -9.53 -18.89 -29.99
C TRP A 101 -10.02 -17.51 -29.66
N LYS A 102 -11.29 -17.21 -29.91
CA LYS A 102 -11.91 -15.98 -29.48
C LYS A 102 -12.65 -16.12 -28.15
N ASN A 103 -12.41 -17.22 -27.43
CA ASN A 103 -13.03 -17.43 -26.13
C ASN A 103 -12.58 -16.37 -25.12
N ASN A 104 -13.55 -15.80 -24.40
CA ASN A 104 -13.26 -14.82 -23.37
C ASN A 104 -13.01 -15.47 -22.01
N MET A 105 -13.42 -16.74 -21.84
CA MET A 105 -13.14 -17.45 -20.59
C MET A 105 -11.65 -17.64 -20.38
N VAL A 106 -10.88 -17.79 -21.46
CA VAL A 106 -9.43 -17.92 -21.38
C VAL A 106 -8.81 -16.62 -20.85
N GLU A 107 -9.26 -15.48 -21.38
CA GLU A 107 -8.74 -14.19 -20.95
C GLU A 107 -9.12 -13.89 -19.50
N GLN A 108 -10.37 -14.21 -19.12
CA GLN A 108 -10.80 -14.01 -17.75
C GLN A 108 -10.03 -14.91 -16.78
N MET A 109 -9.78 -16.16 -17.18
CA MET A 109 -8.98 -17.07 -16.37
C MET A 109 -7.55 -16.56 -16.21
N HIS A 110 -6.95 -16.07 -17.30
CA HIS A 110 -5.58 -15.53 -17.25
C HIS A 110 -5.49 -14.34 -16.31
N THR A 111 -6.46 -13.42 -16.42
CA THR A 111 -6.51 -12.24 -15.54
C THR A 111 -6.72 -12.64 -14.08
N ASP A 112 -7.61 -13.61 -13.84
CA ASP A 112 -7.89 -14.09 -12.49
C ASP A 112 -6.67 -14.76 -11.86
N ILE A 113 -5.96 -15.58 -12.64
CA ILE A 113 -4.75 -16.26 -12.15
C ILE A 113 -3.66 -15.25 -11.82
N ILE A 114 -3.47 -14.24 -12.69
CA ILE A 114 -2.50 -13.18 -12.43
C ILE A 114 -2.87 -12.42 -11.15
N SER A 115 -4.16 -12.12 -10.98
CA SER A 115 -4.63 -11.40 -9.79
C SER A 115 -4.43 -12.22 -8.52
N LEU A 116 -4.70 -13.53 -8.58
CA LEU A 116 -4.48 -14.39 -7.42
C LEU A 116 -3.00 -14.48 -7.06
N TRP A 117 -2.13 -14.56 -8.08
CA TRP A 117 -0.69 -14.53 -7.88
C TRP A 117 -0.25 -13.25 -7.18
N ASP A 118 -0.78 -12.11 -7.65
CA ASP A 118 -0.43 -10.81 -7.06
C ASP A 118 -0.91 -10.69 -5.62
N GLN A 119 -2.16 -11.11 -5.35
CA GLN A 119 -2.69 -11.02 -3.99
C GLN A 119 -2.01 -12.01 -3.05
N SER A 120 -1.50 -13.12 -3.58
CA SER A 120 -0.74 -14.04 -2.74
C SER A 120 0.64 -13.48 -2.42
N LEU A 121 1.30 -12.88 -3.42
CA LEU A 121 2.66 -12.37 -3.21
C LEU A 121 2.68 -11.04 -2.47
N LYS A 122 1.57 -10.32 -2.43
CA LYS A 122 1.55 -8.97 -1.88
C LYS A 122 1.87 -8.87 -0.37
N PRO A 123 1.21 -9.63 0.57
CA PRO A 123 1.54 -9.43 1.98
C PRO A 123 2.68 -10.32 2.46
N CYS A 124 3.87 -10.14 1.87
CA CYS A 124 5.05 -10.89 2.26
C CYS A 124 6.29 -10.06 1.94
N VAL A 125 7.42 -10.49 2.52
CA VAL A 125 8.62 -9.66 2.64
C VAL A 125 9.21 -9.31 1.28
N LYS A 126 9.54 -8.02 1.12
CA LYS A 126 10.31 -7.53 -0.02
C LYS A 126 11.79 -7.68 0.31
N LEU A 127 12.53 -8.37 -0.55
CA LEU A 127 13.98 -8.55 -0.36
C LEU A 127 14.78 -7.43 -1.01
N THR A 128 14.45 -6.20 -0.62
CA THR A 128 15.23 -5.04 -1.05
C THR A 128 16.72 -5.05 -0.64
N PRO A 129 17.16 -5.43 0.58
CA PRO A 129 18.61 -5.39 0.85
C PRO A 129 19.44 -6.41 0.08
N LEU A 130 18.84 -7.46 -0.48
CA LEU A 130 19.61 -8.52 -1.14
C LEU A 130 20.36 -8.08 -2.39
N CYS A 131 19.97 -6.96 -3.01
CA CYS A 131 20.68 -6.48 -4.19
C CYS A 131 21.93 -5.76 -3.70
N VAL A 132 22.98 -6.55 -3.46
CA VAL A 132 24.28 -6.08 -3.00
C VAL A 132 25.37 -6.89 -3.70
N THR A 133 26.61 -6.46 -3.50
CA THR A 133 27.75 -7.17 -4.06
C THR A 133 27.94 -8.46 -3.29
N LEU A 134 28.14 -9.56 -4.01
CA LEU A 134 28.13 -10.90 -3.45
C LEU A 134 29.46 -11.57 -3.73
N GLN A 135 30.19 -11.96 -2.69
CA GLN A 135 31.45 -12.66 -2.87
C GLN A 135 31.14 -14.13 -3.06
N CYS A 136 31.11 -14.59 -4.31
CA CYS A 136 30.60 -15.92 -4.64
C CYS A 136 31.73 -16.87 -5.02
N THR A 137 32.13 -17.72 -4.08
CA THR A 137 33.03 -18.81 -4.40
C THR A 137 32.22 -19.99 -4.93
N ASN A 138 32.89 -20.92 -5.59
CA ASN A 138 32.17 -22.13 -6.00
C ASN A 138 31.87 -23.01 -4.79
N VAL A 139 30.76 -23.73 -4.88
CA VAL A 139 30.31 -24.60 -3.78
C VAL A 139 31.29 -25.78 -3.72
N THR A 140 31.47 -26.35 -2.52
CA THR A 140 32.46 -27.41 -2.36
C THR A 140 32.07 -28.60 -3.22
N ASN A 141 32.97 -28.98 -4.11
CA ASN A 141 32.77 -30.07 -5.06
C ASN A 141 34.11 -30.43 -5.66
N ASN A 142 34.15 -31.56 -6.34
CA ASN A 142 35.37 -31.95 -7.01
C ASN A 142 35.48 -31.31 -8.39
N ILE A 143 34.37 -31.20 -9.11
CA ILE A 143 34.37 -30.65 -10.46
C ILE A 143 34.57 -29.14 -10.43
N MET A 147 33.88 -29.03 -14.82
CA MET A 147 32.92 -29.07 -15.89
C MET A 147 31.94 -27.91 -15.81
N ARG A 148 31.24 -27.81 -14.67
CA ARG A 148 30.22 -26.80 -14.48
C ARG A 148 29.98 -26.59 -12.99
N GLY A 149 30.25 -25.37 -12.52
CA GLY A 149 29.82 -24.99 -11.19
C GLY A 149 28.47 -24.31 -11.23
N GLU A 150 27.41 -25.08 -10.95
CA GLU A 150 26.06 -24.53 -11.04
C GLU A 150 25.67 -23.79 -9.76
N LEU A 151 26.07 -24.30 -8.61
CA LEU A 151 25.74 -23.71 -7.33
C LEU A 151 26.88 -22.80 -6.86
N LYS A 152 26.52 -21.61 -6.37
CA LYS A 152 27.49 -20.61 -5.95
C LYS A 152 27.31 -20.29 -4.47
N ASN A 153 28.42 -20.29 -3.74
CA ASN A 153 28.47 -20.05 -2.29
C ASN A 153 28.78 -18.56 -2.13
N CYS A 154 27.73 -17.76 -2.01
CA CYS A 154 27.86 -16.31 -2.02
C CYS A 154 27.75 -15.76 -0.60
N SER A 155 28.75 -14.99 -0.19
CA SER A 155 28.73 -14.29 1.09
C SER A 155 28.40 -12.83 0.87
N PHE A 156 27.74 -12.22 1.85
CA PHE A 156 27.32 -10.82 1.70
C PHE A 156 27.04 -10.21 3.06
N ASN A 157 27.19 -8.89 3.12
CA ASN A 157 26.72 -8.10 4.25
C ASN A 157 25.22 -7.92 4.14
N MET A 158 24.50 -8.26 5.19
CA MET A 158 23.05 -8.13 5.23
C MET A 158 22.66 -7.30 6.45
N THR A 159 21.57 -6.55 6.30
CA THR A 159 21.09 -5.68 7.37
C THR A 159 20.54 -6.51 8.53
N THR A 160 21.05 -6.25 9.72
CA THR A 160 20.57 -6.82 10.97
C THR A 160 19.31 -6.04 11.37
N GLU A 161 18.48 -6.66 12.23
CA GLU A 161 17.23 -6.04 12.69
C GLU A 161 17.46 -4.65 13.29
N LEU A 162 18.60 -4.44 13.95
CA LEU A 162 19.07 -3.10 14.29
C LEU A 162 19.63 -2.46 13.03
N ARG A 163 19.18 -1.23 12.74
CA ARG A 163 19.52 -0.58 11.48
C ARG A 163 21.00 -0.22 11.38
N ASP A 164 21.66 -0.03 12.52
CA ASP A 164 23.04 0.41 12.55
C ASP A 164 24.04 -0.75 12.56
N LYS A 165 23.57 -1.99 12.45
CA LYS A 165 24.45 -3.16 12.50
C LYS A 165 24.24 -4.01 11.26
N LYS A 166 25.32 -4.69 10.85
CA LYS A 166 25.32 -5.59 9.70
C LYS A 166 25.83 -6.95 10.12
N GLN A 167 25.52 -7.95 9.29
CA GLN A 167 25.94 -9.33 9.55
C GLN A 167 26.49 -9.93 8.27
N LYS A 168 27.66 -10.55 8.35
CA LYS A 168 28.23 -11.23 7.21
C LYS A 168 27.63 -12.64 7.14
N VAL A 169 26.66 -12.83 6.26
CA VAL A 169 25.99 -14.11 6.10
C VAL A 169 26.35 -14.68 4.74
N TYR A 170 25.92 -15.91 4.49
CA TYR A 170 26.18 -16.56 3.22
C TYR A 170 24.97 -17.37 2.80
N SER A 171 24.95 -17.73 1.53
CA SER A 171 23.83 -18.45 0.95
C SER A 171 24.35 -19.26 -0.24
N LEU A 172 23.55 -20.20 -0.70
CA LEU A 172 23.87 -21.01 -1.87
C LEU A 172 22.89 -20.63 -2.96
N PHE A 173 23.33 -19.77 -3.88
CA PHE A 173 22.53 -19.37 -5.02
C PHE A 173 22.80 -20.27 -6.22
N TYR A 174 22.02 -20.08 -7.27
CA TYR A 174 22.23 -20.78 -8.53
C TYR A 174 22.91 -19.85 -9.52
N ARG A 175 23.46 -20.46 -10.57
CA ARG A 175 24.19 -19.70 -11.58
C ARG A 175 23.23 -18.86 -12.43
N LEU A 176 21.98 -19.29 -12.53
CA LEU A 176 20.96 -18.53 -13.24
C LEU A 176 20.46 -17.34 -12.45
N ASP A 177 20.73 -17.28 -11.14
CA ASP A 177 20.29 -16.20 -10.29
C ASP A 177 21.34 -15.14 -10.05
N VAL A 178 22.57 -15.31 -10.54
CA VAL A 178 23.66 -14.38 -10.26
C VAL A 178 24.41 -14.09 -11.56
N VAL A 179 24.80 -12.82 -11.72
CA VAL A 179 25.60 -12.35 -12.84
C VAL A 179 26.84 -11.65 -12.30
N GLN A 180 27.95 -11.80 -13.01
CA GLN A 180 29.21 -11.22 -12.59
C GLN A 180 29.16 -9.69 -12.70
N ILE A 181 30.16 -9.03 -12.12
CA ILE A 181 30.25 -7.58 -12.17
C ILE A 181 31.54 -7.17 -12.85
N LYS A 194 35.05 -12.21 -8.78
CA LYS A 194 34.36 -12.97 -7.76
C LYS A 194 33.09 -12.26 -7.30
N GLU A 195 32.95 -10.99 -7.67
CA GLU A 195 31.82 -10.18 -7.25
C GLU A 195 30.66 -10.40 -8.21
N TYR A 196 29.57 -10.95 -7.68
CA TYR A 196 28.34 -11.18 -8.42
C TYR A 196 27.22 -10.34 -7.85
N ARG A 197 26.07 -10.38 -8.52
CA ARG A 197 24.86 -9.75 -8.02
C ARG A 197 23.67 -10.50 -8.58
N LEU A 198 22.54 -10.39 -7.88
CA LEU A 198 21.30 -11.04 -8.30
C LEU A 198 20.85 -10.52 -9.65
N ILE A 199 20.30 -11.42 -10.47
CA ILE A 199 20.00 -11.17 -11.88
C ILE A 199 18.99 -10.02 -12.06
N ASN A 200 18.13 -9.80 -11.05
CA ASN A 200 17.03 -8.86 -11.17
C ASN A 200 17.32 -7.48 -10.60
N CYS A 201 18.56 -7.21 -10.16
CA CYS A 201 18.88 -5.90 -9.60
C CYS A 201 18.82 -4.81 -10.67
N ASN A 202 19.08 -5.17 -11.93
CA ASN A 202 19.05 -4.20 -13.00
C ASN A 202 17.63 -3.78 -13.34
N THR A 203 16.68 -4.73 -13.32
CA THR A 203 15.41 -4.54 -14.00
C THR A 203 14.19 -4.42 -13.10
N SER A 204 14.22 -4.91 -11.85
CA SER A 204 12.97 -5.06 -11.13
C SER A 204 13.21 -5.18 -9.63
N ALA A 205 12.15 -4.93 -8.87
CA ALA A 205 12.16 -5.20 -7.45
C ALA A 205 11.69 -6.63 -7.19
N ILE A 206 12.07 -7.16 -6.04
CA ILE A 206 11.94 -8.58 -5.75
C ILE A 206 11.14 -8.77 -4.45
N THR A 207 10.27 -9.77 -4.45
CA THR A 207 9.40 -10.07 -3.32
C THR A 207 9.49 -11.57 -3.07
N GLN A 208 9.94 -11.94 -1.88
CA GLN A 208 10.02 -13.35 -1.51
C GLN A 208 8.63 -13.95 -1.40
N ALA A 209 8.45 -15.14 -1.96
CA ALA A 209 7.20 -15.85 -1.80
C ALA A 209 7.08 -16.39 -0.37
N CYS A 210 5.86 -16.48 0.11
CA CYS A 210 5.63 -16.88 1.49
C CYS A 210 5.91 -18.37 1.64
N PRO A 211 6.73 -18.78 2.62
CA PRO A 211 7.10 -20.21 2.74
C PRO A 211 5.92 -21.14 3.04
N LYS A 212 4.95 -20.69 3.84
CA LYS A 212 3.78 -21.52 4.14
C LYS A 212 2.91 -21.70 2.92
N VAL A 213 2.81 -20.66 2.09
CA VAL A 213 1.96 -20.68 0.90
C VAL A 213 2.53 -21.65 -0.12
N SER A 214 1.69 -22.59 -0.58
CA SER A 214 2.10 -23.66 -1.47
C SER A 214 1.68 -23.37 -2.90
N PHE A 215 2.50 -23.84 -3.85
CA PHE A 215 2.28 -23.60 -5.26
C PHE A 215 1.58 -24.76 -5.96
N GLU A 216 1.01 -25.69 -5.19
CA GLU A 216 0.31 -26.84 -5.77
C GLU A 216 -0.96 -26.37 -6.47
N PRO A 217 -1.15 -26.72 -7.74
CA PRO A 217 -2.42 -26.40 -8.41
C PRO A 217 -3.61 -27.07 -7.73
N ILE A 218 -4.72 -26.35 -7.68
CA ILE A 218 -5.95 -26.84 -7.06
C ILE A 218 -7.04 -26.68 -8.12
N PRO A 219 -7.99 -27.61 -8.21
CA PRO A 219 -9.08 -27.43 -9.19
C PRO A 219 -9.91 -26.19 -8.90
N ILE A 220 -10.32 -25.51 -9.96
CA ILE A 220 -11.25 -24.40 -9.90
C ILE A 220 -12.22 -24.50 -11.08
N HIS A 221 -13.49 -24.24 -10.81
CA HIS A 221 -14.54 -24.28 -11.83
C HIS A 221 -15.09 -22.86 -11.97
N TYR A 222 -15.07 -22.33 -13.19
CA TYR A 222 -15.53 -20.97 -13.44
C TYR A 222 -17.02 -20.99 -13.73
N CYS A 223 -17.82 -20.35 -12.89
CA CYS A 223 -19.27 -20.46 -12.94
C CYS A 223 -19.91 -19.12 -13.26
N ALA A 224 -20.81 -19.14 -14.26
CA ALA A 224 -21.43 -17.94 -14.76
C ALA A 224 -22.48 -17.42 -13.78
N PRO A 225 -22.75 -16.11 -13.78
CA PRO A 225 -23.77 -15.57 -12.88
C PRO A 225 -25.17 -15.85 -13.42
N ALA A 226 -26.17 -15.33 -12.71
CA ALA A 226 -27.56 -15.45 -13.14
C ALA A 226 -27.79 -14.75 -14.46
N GLY A 227 -28.63 -15.35 -15.30
CA GLY A 227 -28.89 -14.83 -16.62
C GLY A 227 -27.94 -15.29 -17.70
N PHE A 228 -26.92 -16.07 -17.34
CA PHE A 228 -25.97 -16.61 -18.31
C PHE A 228 -25.92 -18.12 -18.14
N ALA A 229 -25.36 -18.78 -19.15
CA ALA A 229 -25.22 -20.22 -19.15
C ALA A 229 -23.89 -20.61 -19.76
N ILE A 230 -23.42 -21.81 -19.41
CA ILE A 230 -22.19 -22.36 -19.94
C ILE A 230 -22.55 -23.59 -20.77
N LEU A 231 -22.19 -23.55 -22.05
CA LEU A 231 -22.43 -24.66 -22.97
C LEU A 231 -21.14 -25.44 -23.16
N LYS A 232 -21.23 -26.74 -22.94
CA LYS A 232 -20.12 -27.67 -23.07
C LYS A 232 -20.34 -28.51 -24.32
N CYS A 233 -19.26 -28.75 -25.07
CA CYS A 233 -19.33 -29.57 -26.27
C CYS A 233 -19.00 -31.00 -25.89
N LYS A 234 -20.04 -31.80 -25.63
CA LYS A 234 -19.86 -33.20 -25.26
C LYS A 234 -19.41 -34.08 -26.42
N ASP A 235 -19.45 -33.55 -27.65
CA ASP A 235 -19.05 -34.30 -28.83
C ASP A 235 -17.55 -34.58 -28.78
N LYS A 236 -17.18 -35.85 -28.95
CA LYS A 236 -15.78 -36.23 -29.06
C LYS A 236 -15.26 -35.86 -30.45
N LYS A 237 -13.94 -35.99 -30.61
CA LYS A 237 -13.20 -35.65 -31.85
C LYS A 237 -13.41 -34.19 -32.24
N PHE A 238 -13.59 -33.32 -31.25
CA PHE A 238 -14.06 -31.97 -31.51
C PHE A 238 -12.89 -31.08 -31.92
N ASN A 239 -12.98 -30.51 -33.11
CA ASN A 239 -12.04 -29.49 -33.56
C ASN A 239 -12.32 -28.21 -32.78
N GLY A 240 -11.27 -27.41 -32.56
CA GLY A 240 -11.37 -26.23 -31.71
C GLY A 240 -12.35 -25.16 -32.19
N THR A 241 -12.69 -25.18 -33.48
CA THR A 241 -13.56 -24.18 -34.07
C THR A 241 -14.70 -24.91 -34.78
N GLY A 242 -15.81 -24.20 -35.00
CA GLY A 242 -16.87 -24.72 -35.83
C GLY A 242 -18.05 -25.27 -35.04
N PRO A 243 -18.98 -25.92 -35.73
CA PRO A 243 -20.19 -26.43 -35.06
C PRO A 243 -19.94 -27.66 -34.22
N CYS A 244 -20.65 -27.74 -33.09
CA CYS A 244 -20.62 -28.88 -32.19
C CYS A 244 -21.97 -29.57 -32.18
N PRO A 245 -22.12 -30.74 -32.82
CA PRO A 245 -23.43 -31.39 -32.89
C PRO A 245 -24.04 -31.80 -31.55
N SER A 246 -23.21 -32.09 -30.53
CA SER A 246 -23.68 -32.55 -29.22
C SER A 246 -23.36 -31.47 -28.18
N VAL A 247 -24.33 -30.62 -27.87
CA VAL A 247 -24.17 -29.54 -26.91
C VAL A 247 -24.91 -29.89 -25.62
N SER A 248 -24.32 -29.53 -24.50
CA SER A 248 -24.95 -29.65 -23.19
C SER A 248 -24.78 -28.32 -22.48
N THR A 249 -25.56 -28.09 -21.44
CA THR A 249 -25.36 -26.94 -20.56
C THR A 249 -25.02 -27.44 -19.17
N VAL A 250 -23.97 -26.84 -18.60
CA VAL A 250 -23.52 -27.19 -17.27
C VAL A 250 -23.63 -25.93 -16.42
N GLN A 251 -23.81 -26.11 -15.11
CA GLN A 251 -23.74 -24.97 -14.21
C GLN A 251 -22.36 -24.35 -14.26
N CYS A 252 -21.32 -25.19 -14.22
CA CYS A 252 -19.94 -24.82 -14.51
C CYS A 252 -19.07 -26.04 -14.73
N THR A 253 -17.79 -25.77 -14.95
CA THR A 253 -16.84 -26.65 -15.61
C THR A 253 -16.33 -27.73 -14.67
N HIS A 254 -15.34 -28.47 -15.14
CA HIS A 254 -14.63 -29.45 -14.33
C HIS A 254 -13.44 -28.77 -13.67
N GLY A 255 -12.60 -29.53 -12.98
CA GLY A 255 -11.40 -28.96 -12.38
C GLY A 255 -10.40 -28.57 -13.43
N ILE A 256 -10.22 -27.26 -13.65
CA ILE A 256 -9.31 -26.80 -14.69
C ILE A 256 -7.86 -27.01 -14.27
N LYS A 257 -7.54 -26.87 -12.96
CA LYS A 257 -6.23 -27.14 -12.36
C LYS A 257 -5.13 -26.34 -13.03
N PRO A 258 -4.96 -25.04 -12.70
CA PRO A 258 -4.09 -24.15 -13.50
C PRO A 258 -2.60 -24.41 -13.34
N VAL A 259 -2.07 -25.32 -14.15
CA VAL A 259 -0.65 -25.65 -14.16
C VAL A 259 0.05 -24.65 -15.05
N VAL A 260 1.11 -24.04 -14.55
CA VAL A 260 1.89 -23.07 -15.29
C VAL A 260 3.10 -23.82 -15.84
N SER A 261 3.07 -24.12 -17.14
CA SER A 261 4.16 -24.85 -17.76
C SER A 261 4.26 -24.46 -19.22
N THR A 262 5.41 -24.79 -19.82
CA THR A 262 5.70 -24.53 -21.22
C THR A 262 6.23 -25.81 -21.84
N GLN A 263 6.01 -25.95 -23.16
CA GLN A 263 6.49 -27.02 -24.05
C GLN A 263 5.80 -28.36 -23.84
N LEU A 264 5.01 -28.50 -22.77
CA LEU A 264 4.26 -29.72 -22.49
C LEU A 264 3.17 -29.35 -21.50
N LEU A 265 1.93 -29.69 -21.83
CA LEU A 265 0.81 -29.47 -20.93
C LEU A 265 0.76 -30.60 -19.91
N LEU A 266 0.77 -30.24 -18.64
CA LEU A 266 0.79 -31.21 -17.55
C LEU A 266 -0.53 -31.13 -16.78
N ASN A 267 -1.02 -32.29 -16.34
CA ASN A 267 -2.22 -32.44 -15.51
C ASN A 267 -3.45 -31.81 -16.16
N GLY A 268 -3.87 -32.40 -17.27
CA GLY A 268 -5.04 -31.90 -17.98
C GLY A 268 -5.95 -32.96 -18.58
N SER A 269 -6.86 -32.54 -19.45
CA SER A 269 -7.79 -33.46 -20.08
C SER A 269 -7.07 -34.39 -21.04
N LEU A 270 -7.53 -35.64 -21.10
CA LEU A 270 -6.82 -36.70 -21.82
C LEU A 270 -7.56 -37.21 -23.05
N ALA A 271 -8.48 -36.42 -23.61
CA ALA A 271 -9.27 -36.76 -24.80
C ALA A 271 -10.10 -38.02 -24.67
N GLU A 272 -10.80 -38.43 -25.73
CA GLU A 272 -11.59 -39.65 -25.68
C GLU A 272 -11.21 -40.65 -26.76
N GLU A 273 -11.14 -40.23 -28.02
CA GLU A 273 -11.01 -41.16 -29.14
C GLU A 273 -9.57 -41.28 -29.65
N GLU A 274 -8.99 -40.17 -30.10
CA GLU A 274 -7.64 -40.17 -30.64
C GLU A 274 -7.03 -38.81 -30.37
N VAL A 275 -5.70 -38.72 -30.60
CA VAL A 275 -4.94 -37.51 -30.34
C VAL A 275 -5.51 -36.34 -31.15
N MET A 276 -5.65 -35.19 -30.49
CA MET A 276 -6.31 -34.04 -31.10
C MET A 276 -5.31 -32.94 -31.39
N ILE A 277 -5.20 -32.56 -32.66
CA ILE A 277 -4.36 -31.46 -33.09
C ILE A 277 -5.25 -30.25 -33.32
N ARG A 278 -4.96 -29.15 -32.62
CA ARG A 278 -5.76 -27.94 -32.72
C ARG A 278 -4.84 -26.75 -32.92
N SER A 279 -5.07 -25.98 -33.98
CA SER A 279 -4.34 -24.75 -34.20
C SER A 279 -5.31 -23.76 -34.84
N GLU A 280 -5.05 -22.46 -34.59
CA GLU A 280 -5.96 -21.42 -35.05
C GLU A 280 -6.01 -21.40 -36.58
N ASN A 281 -4.85 -21.44 -37.20
CA ASN A 281 -4.73 -21.68 -38.63
C ASN A 281 -3.62 -22.72 -38.78
N ILE A 282 -3.91 -23.83 -39.46
CA ILE A 282 -2.89 -24.84 -39.67
C ILE A 282 -1.78 -24.31 -40.58
N THR A 283 -2.15 -23.56 -41.60
CA THR A 283 -1.19 -23.03 -42.57
C THR A 283 -0.22 -22.03 -41.93
N ASN A 284 -0.72 -21.21 -41.01
CA ASN A 284 0.10 -20.24 -40.28
C ASN A 284 1.14 -20.92 -39.39
N ASN A 285 2.36 -20.36 -39.39
CA ASN A 285 3.40 -20.82 -38.46
C ASN A 285 3.32 -20.08 -37.14
N ALA A 286 3.08 -18.76 -37.21
CA ALA A 286 3.06 -17.83 -36.07
C ALA A 286 2.15 -18.24 -34.92
N LYS A 287 1.24 -19.19 -35.11
CA LYS A 287 0.26 -19.59 -34.13
C LYS A 287 0.56 -21.01 -33.70
N ASN A 288 0.54 -21.24 -32.40
CA ASN A 288 1.00 -22.51 -31.85
C ASN A 288 0.01 -23.63 -32.16
N ILE A 289 0.51 -24.86 -32.02
CA ILE A 289 -0.27 -26.07 -32.24
C ILE A 289 -0.42 -26.78 -30.90
N LEU A 290 -1.65 -27.01 -30.48
CA LEU A 290 -1.95 -27.70 -29.24
C LEU A 290 -2.30 -29.16 -29.54
N VAL A 291 -1.53 -30.07 -28.96
CA VAL A 291 -1.70 -31.50 -29.15
C VAL A 291 -2.26 -32.07 -27.84
N GLN A 292 -3.34 -32.84 -27.94
CA GLN A 292 -3.94 -33.48 -26.78
C GLN A 292 -3.81 -34.99 -26.92
N PHE A 293 -3.32 -35.63 -25.86
CA PHE A 293 -2.96 -37.04 -25.89
C PHE A 293 -4.17 -37.92 -25.57
N ASN A 294 -4.02 -39.21 -25.87
CA ASN A 294 -4.96 -40.24 -25.40
C ASN A 294 -4.64 -40.68 -23.99
N THR A 295 -3.49 -41.26 -23.80
CA THR A 295 -3.03 -41.76 -22.53
C THR A 295 -1.93 -40.84 -22.02
N PRO A 296 -1.86 -40.59 -20.71
CA PRO A 296 -0.81 -39.71 -20.19
C PRO A 296 0.55 -40.34 -20.31
N VAL A 297 1.56 -39.51 -20.48
CA VAL A 297 2.95 -39.96 -20.40
C VAL A 297 3.48 -39.54 -19.04
N GLN A 298 3.80 -40.52 -18.19
CA GLN A 298 4.22 -40.21 -16.84
C GLN A 298 5.64 -39.66 -16.83
N ILE A 299 5.82 -38.50 -16.21
CA ILE A 299 7.12 -37.86 -16.06
C ILE A 299 7.46 -37.75 -14.58
N ASN A 300 8.65 -38.23 -14.21
CA ASN A 300 9.08 -38.33 -12.82
C ASN A 300 10.33 -37.50 -12.58
N CYS A 301 10.23 -36.50 -11.70
CA CYS A 301 11.40 -35.67 -11.44
C CYS A 301 12.00 -35.98 -10.08
N THR A 302 13.25 -35.60 -9.94
CA THR A 302 13.90 -35.48 -8.65
C THR A 302 14.82 -34.27 -8.68
N ARG A 303 14.81 -33.52 -7.58
CA ARG A 303 15.92 -32.66 -7.21
C ARG A 303 16.63 -33.39 -6.08
N PRO A 304 17.61 -34.25 -6.39
CA PRO A 304 18.23 -35.11 -5.35
C PRO A 304 18.98 -34.37 -4.26
N ASN A 305 19.31 -33.09 -4.44
CA ASN A 305 19.99 -32.31 -3.42
C ASN A 305 19.09 -32.13 -2.20
N ASN A 306 19.72 -32.00 -1.03
CA ASN A 306 18.94 -31.73 0.18
C ASN A 306 18.52 -30.27 0.29
N ASN A 307 19.47 -29.33 0.17
CA ASN A 307 19.22 -27.88 0.19
C ASN A 307 18.50 -27.44 1.47
N THR A 308 19.22 -27.58 2.58
CA THR A 308 18.72 -27.15 3.88
C THR A 308 18.40 -25.66 3.87
N ARG A 309 17.32 -25.28 4.55
CA ARG A 309 16.86 -23.91 4.64
C ARG A 309 17.28 -23.31 5.97
N LYS A 310 17.68 -22.03 5.93
CA LYS A 310 18.08 -21.29 7.13
C LYS A 310 17.49 -19.90 7.05
N SER A 311 17.05 -19.39 8.19
CA SER A 311 16.43 -18.07 8.26
C SER A 311 17.45 -17.02 8.66
N ILE A 312 17.41 -15.89 7.95
CA ILE A 312 18.25 -14.73 8.24
C ILE A 312 17.32 -13.55 8.46
N ARG A 313 17.39 -12.95 9.65
CA ARG A 313 16.52 -11.84 10.00
C ARG A 313 17.06 -10.58 9.34
N ILE A 314 16.44 -10.15 8.24
CA ILE A 314 16.92 -9.01 7.47
C ILE A 314 16.26 -7.70 7.93
N GLY A 315 15.49 -7.76 9.01
CA GLY A 315 14.82 -6.59 9.51
C GLY A 315 13.85 -6.92 10.62
N PRO A 316 13.15 -5.90 11.13
CA PRO A 316 12.14 -6.15 12.17
C PRO A 316 10.95 -6.91 11.64
N GLY A 317 10.82 -8.19 12.03
CA GLY A 317 9.73 -9.02 11.57
C GLY A 317 9.85 -9.51 10.15
N GLN A 318 11.01 -9.37 9.53
CA GLN A 318 11.23 -9.78 8.14
C GLN A 318 12.33 -10.82 8.09
N ALA A 319 12.03 -11.96 7.48
CA ALA A 319 12.96 -13.08 7.42
C ALA A 319 13.20 -13.49 5.97
N PHE A 320 14.44 -13.89 5.69
CA PHE A 320 14.88 -14.35 4.39
C PHE A 320 15.37 -15.79 4.48
N TYR A 321 14.83 -16.66 3.65
CA TYR A 321 15.13 -18.09 3.71
C TYR A 321 16.17 -18.40 2.64
N ALA A 322 17.36 -18.78 3.07
CA ALA A 322 18.51 -19.02 2.23
C ALA A 322 18.90 -20.49 2.27
N THR A 323 19.47 -20.98 1.17
CA THR A 323 20.00 -22.34 1.13
C THR A 323 21.30 -22.39 1.93
N GLY A 324 21.20 -22.69 3.22
CA GLY A 324 22.37 -22.64 4.09
C GLY A 324 23.43 -23.65 3.72
N ASP A 325 23.03 -24.88 3.43
CA ASP A 325 23.97 -25.95 3.13
C ASP A 325 23.25 -27.02 2.32
N ILE A 326 24.02 -27.98 1.81
CA ILE A 326 23.48 -29.13 1.11
C ILE A 326 24.07 -30.37 1.74
N ILE A 327 23.21 -31.29 2.19
CA ILE A 327 23.68 -32.61 2.58
C ILE A 327 24.03 -33.34 1.29
N GLY A 328 25.00 -34.27 1.35
CA GLY A 328 25.78 -34.71 0.20
C GLY A 328 25.16 -35.23 -1.08
N ASP A 329 26.04 -35.54 -2.04
CA ASP A 329 25.71 -35.87 -3.43
C ASP A 329 25.03 -34.68 -4.13
N ILE A 330 25.83 -33.62 -4.33
CA ILE A 330 25.38 -32.53 -5.18
C ILE A 330 25.25 -33.12 -6.57
N ARG A 331 24.00 -33.31 -6.99
CA ARG A 331 23.65 -33.96 -8.24
C ARG A 331 22.74 -33.05 -9.05
N GLN A 332 22.68 -33.28 -10.35
CA GLN A 332 21.85 -32.46 -11.20
C GLN A 332 20.40 -32.94 -11.11
N ALA A 333 19.47 -31.99 -11.04
CA ALA A 333 18.05 -32.31 -11.09
C ALA A 333 17.69 -32.89 -12.44
N HIS A 334 16.60 -33.66 -12.49
CA HIS A 334 16.22 -34.29 -13.75
C HIS A 334 14.79 -34.80 -13.65
N CYS A 335 14.12 -34.86 -14.80
CA CYS A 335 12.84 -35.54 -14.90
C CYS A 335 12.94 -36.61 -16.00
N ASN A 336 12.48 -37.82 -15.69
CA ASN A 336 12.52 -38.96 -16.59
C ASN A 336 11.18 -39.10 -17.29
N VAL A 337 11.24 -39.53 -18.56
CA VAL A 337 10.09 -39.99 -19.31
C VAL A 337 10.39 -41.42 -19.75
N SER A 338 9.35 -42.22 -19.95
CA SER A 338 9.53 -43.57 -20.48
C SER A 338 9.77 -43.49 -21.98
N LYS A 339 10.73 -44.26 -22.47
CA LYS A 339 11.01 -44.25 -23.91
C LYS A 339 9.94 -45.02 -24.67
N ALA A 340 9.48 -46.14 -24.10
CA ALA A 340 8.50 -47.01 -24.75
C ALA A 340 7.13 -46.37 -24.85
N THR A 341 6.81 -45.39 -24.01
CA THR A 341 5.54 -44.68 -24.07
C THR A 341 5.62 -43.45 -24.96
N TRP A 342 6.68 -42.64 -24.78
CA TRP A 342 6.91 -41.45 -25.59
C TRP A 342 7.07 -41.80 -27.05
N ASN A 343 7.78 -42.88 -27.36
CA ASN A 343 7.62 -43.51 -28.66
C ASN A 343 6.28 -44.23 -28.67
N GLU A 344 5.57 -44.11 -29.80
CA GLU A 344 4.17 -44.43 -30.12
C GLU A 344 3.21 -43.39 -29.55
N THR A 345 3.61 -42.59 -28.55
CA THR A 345 2.87 -41.36 -28.31
C THR A 345 3.16 -40.36 -29.43
N LEU A 346 4.44 -40.19 -29.75
CA LEU A 346 4.83 -39.44 -30.93
C LEU A 346 4.33 -40.12 -32.21
N GLY A 347 4.14 -41.45 -32.18
CA GLY A 347 3.54 -42.13 -33.32
C GLY A 347 2.12 -41.70 -33.58
N LYS A 348 1.31 -41.63 -32.51
CA LYS A 348 -0.05 -41.09 -32.62
C LYS A 348 -0.02 -39.64 -33.08
N VAL A 349 0.91 -38.86 -32.54
CA VAL A 349 1.01 -37.44 -32.86
C VAL A 349 1.34 -37.24 -34.34
N VAL A 350 2.31 -38.00 -34.88
CA VAL A 350 2.67 -37.84 -36.28
C VAL A 350 1.58 -38.39 -37.19
N LYS A 351 0.84 -39.43 -36.76
CA LYS A 351 -0.31 -39.88 -37.55
C LYS A 351 -1.36 -38.78 -37.68
N GLN A 352 -1.71 -38.14 -36.55
CA GLN A 352 -2.70 -37.09 -36.59
C GLN A 352 -2.20 -35.83 -37.30
N LEU A 353 -0.88 -35.60 -37.29
CA LEU A 353 -0.34 -34.46 -38.03
C LEU A 353 -0.28 -34.73 -39.53
N ARG A 354 0.06 -35.98 -39.92
CA ARG A 354 0.00 -36.38 -41.32
C ARG A 354 -1.43 -36.38 -41.86
N LYS A 355 -2.42 -36.52 -40.97
CA LYS A 355 -3.82 -36.31 -41.36
C LYS A 355 -4.04 -34.92 -41.96
N HIS A 356 -3.32 -33.90 -41.45
CA HIS A 356 -3.40 -32.56 -42.00
C HIS A 356 -2.45 -32.32 -43.19
N PHE A 357 -1.18 -32.68 -43.04
CA PHE A 357 -0.15 -32.31 -44.01
C PHE A 357 0.09 -33.37 -45.08
N GLY A 358 -0.90 -34.20 -45.38
CA GLY A 358 -0.73 -35.24 -46.38
C GLY A 358 -0.10 -36.50 -45.82
N ASN A 359 -0.34 -37.61 -46.51
CA ASN A 359 0.05 -38.93 -46.01
C ASN A 359 1.44 -39.36 -46.46
N ASN A 360 2.24 -38.44 -47.01
CA ASN A 360 3.58 -38.79 -47.48
C ASN A 360 4.69 -37.94 -46.89
N THR A 361 4.38 -36.80 -46.28
CA THR A 361 5.41 -35.93 -45.71
C THR A 361 6.08 -36.57 -44.51
N ILE A 362 7.40 -36.44 -44.45
CA ILE A 362 8.15 -36.87 -43.28
C ILE A 362 8.09 -35.78 -42.22
N ILE A 363 7.77 -36.16 -40.99
CA ILE A 363 7.54 -35.20 -39.91
C ILE A 363 8.68 -35.31 -38.90
N ARG A 364 9.45 -34.24 -38.78
CA ARG A 364 10.52 -34.22 -37.80
C ARG A 364 10.10 -33.50 -36.52
N PHE A 365 10.82 -33.81 -35.45
CA PHE A 365 10.76 -33.06 -34.20
C PHE A 365 12.18 -32.67 -33.85
N ALA A 366 12.35 -31.40 -33.49
CA ALA A 366 13.65 -30.78 -33.26
C ALA A 366 13.73 -30.26 -31.84
N ASN A 367 14.95 -29.93 -31.42
CA ASN A 367 15.28 -29.53 -30.04
C ASN A 367 14.47 -28.36 -29.51
N SER A 368 14.72 -27.15 -30.01
CA SER A 368 13.99 -25.90 -29.78
C SER A 368 14.66 -24.84 -30.63
N SER A 369 13.86 -23.93 -31.19
CA SER A 369 14.40 -22.88 -32.06
C SER A 369 15.32 -21.92 -31.30
N GLY A 370 14.92 -21.54 -30.09
CA GLY A 370 15.73 -20.64 -29.29
C GLY A 370 14.83 -19.76 -28.44
N GLY A 371 15.42 -18.72 -27.87
CA GLY A 371 14.66 -17.75 -27.10
C GLY A 371 15.07 -17.68 -25.65
N ASP A 372 14.14 -17.22 -24.80
CA ASP A 372 14.39 -17.14 -23.36
C ASP A 372 14.55 -18.53 -22.76
N LEU A 373 14.99 -18.58 -21.51
CA LEU A 373 15.14 -19.87 -20.83
C LEU A 373 13.80 -20.53 -20.58
N GLU A 374 12.76 -19.74 -20.33
CA GLU A 374 11.43 -20.27 -20.06
C GLU A 374 10.82 -21.00 -21.26
N VAL A 375 11.33 -20.76 -22.46
CA VAL A 375 10.77 -21.30 -23.69
C VAL A 375 11.64 -22.40 -24.28
N THR A 376 12.98 -22.23 -24.24
CA THR A 376 13.89 -23.27 -24.72
C THR A 376 13.78 -24.54 -23.91
N THR A 377 13.40 -24.42 -22.64
CA THR A 377 13.32 -25.54 -21.71
C THR A 377 11.89 -25.67 -21.22
N HIS A 378 11.43 -26.90 -21.05
CA HIS A 378 10.16 -27.18 -20.40
C HIS A 378 10.24 -26.69 -18.96
N SER A 379 9.65 -25.54 -18.70
CA SER A 379 9.71 -24.89 -17.40
C SER A 379 8.41 -25.15 -16.67
N PHE A 380 8.50 -25.37 -15.36
CA PHE A 380 7.32 -25.67 -14.56
C PHE A 380 7.71 -25.60 -13.09
N ASN A 381 6.72 -25.84 -12.23
CA ASN A 381 6.92 -25.86 -10.79
C ASN A 381 6.68 -27.27 -10.28
N CYS A 382 7.72 -27.88 -9.75
CA CYS A 382 7.64 -29.18 -9.10
C CYS A 382 7.95 -28.96 -7.62
N GLY A 383 7.00 -29.31 -6.75
CA GLY A 383 7.19 -29.30 -5.32
C GLY A 383 7.57 -27.97 -4.70
N GLY A 384 7.29 -26.87 -5.39
CA GLY A 384 7.66 -25.55 -4.94
C GLY A 384 8.91 -24.98 -5.60
N GLU A 385 9.71 -25.82 -6.25
CA GLU A 385 10.90 -25.37 -6.96
C GLU A 385 10.65 -25.32 -8.45
N PHE A 386 11.24 -24.33 -9.11
CA PHE A 386 10.98 -24.07 -10.52
C PHE A 386 12.02 -24.76 -11.38
N PHE A 387 11.60 -25.83 -12.05
CA PHE A 387 12.44 -26.65 -12.91
C PHE A 387 12.43 -26.12 -14.33
N TYR A 388 13.56 -26.30 -15.02
CA TYR A 388 13.77 -25.92 -16.42
C TYR A 388 14.44 -27.10 -17.14
N CYS A 389 13.63 -28.06 -17.60
CA CYS A 389 14.15 -29.29 -18.19
C CYS A 389 14.49 -29.11 -19.67
N ASN A 390 15.62 -29.69 -20.09
CA ASN A 390 16.16 -29.48 -21.44
C ASN A 390 15.21 -29.99 -22.52
N THR A 391 14.77 -31.25 -22.40
CA THR A 391 13.87 -31.95 -23.36
C THR A 391 14.42 -31.94 -24.79
N SER A 392 15.73 -32.00 -24.94
CA SER A 392 16.33 -32.17 -26.25
C SER A 392 16.31 -33.62 -26.71
N GLY A 393 16.11 -34.56 -25.78
CA GLY A 393 16.03 -35.96 -26.15
C GLY A 393 14.62 -36.39 -26.50
N LEU A 394 13.61 -35.72 -25.93
CA LEU A 394 12.22 -36.01 -26.24
C LEU A 394 11.92 -35.68 -27.71
N PHE A 395 12.04 -34.41 -28.06
CA PHE A 395 11.77 -33.91 -29.40
C PHE A 395 13.05 -33.98 -30.24
N ASN A 396 13.47 -35.19 -30.57
CA ASN A 396 14.58 -35.37 -31.50
C ASN A 396 14.24 -36.62 -32.32
N SER A 397 13.36 -36.47 -33.31
CA SER A 397 12.94 -37.65 -34.06
C SER A 397 12.64 -37.30 -35.51
N THR A 398 12.79 -38.28 -36.39
CA THR A 398 12.37 -38.17 -37.79
C THR A 398 11.39 -39.30 -38.08
N TRP A 399 10.21 -38.96 -38.59
CA TRP A 399 9.17 -39.94 -38.85
C TRP A 399 8.88 -39.98 -40.35
N ILE A 400 8.92 -41.19 -40.93
CA ILE A 400 8.74 -41.39 -42.36
C ILE A 400 7.51 -42.27 -42.54
N SER A 401 6.81 -42.07 -43.66
CA SER A 401 5.56 -42.78 -43.92
C SER A 401 5.88 -44.19 -44.40
N ASN A 402 5.37 -45.19 -43.68
CA ASN A 402 5.55 -46.59 -44.06
C ASN A 402 4.47 -47.47 -43.45
N ASN A 414 12.67 -50.95 -21.01
CA ASN A 414 12.29 -50.11 -19.88
C ASN A 414 13.21 -48.90 -19.75
N ASP A 415 13.96 -48.62 -20.81
CA ASP A 415 14.89 -47.50 -20.83
C ASP A 415 14.14 -46.17 -20.71
N SER A 416 14.74 -45.23 -20.01
CA SER A 416 14.13 -43.92 -19.76
C SER A 416 14.91 -42.82 -20.46
N ILE A 417 14.18 -41.85 -20.99
CA ILE A 417 14.77 -40.61 -21.50
C ILE A 417 14.90 -39.67 -20.30
N THR A 418 16.14 -39.38 -19.92
CA THR A 418 16.41 -38.53 -18.77
C THR A 418 16.66 -37.11 -19.25
N LEU A 419 15.87 -36.16 -18.73
CA LEU A 419 15.95 -34.77 -19.13
C LEU A 419 16.59 -33.98 -18.01
N PRO A 420 17.76 -33.37 -18.24
CA PRO A 420 18.43 -32.61 -17.19
C PRO A 420 17.77 -31.25 -17.01
N CYS A 421 17.29 -31.00 -15.79
CA CYS A 421 16.60 -29.77 -15.46
C CYS A 421 17.47 -28.87 -14.60
N ARG A 422 17.22 -27.57 -14.71
CA ARG A 422 17.95 -26.56 -13.96
C ARG A 422 16.95 -25.83 -13.09
N ILE A 423 17.24 -25.73 -11.80
CA ILE A 423 16.35 -25.08 -10.86
C ILE A 423 16.63 -23.58 -10.89
N LYS A 424 15.63 -22.78 -10.52
CA LYS A 424 15.83 -21.34 -10.50
C LYS A 424 14.93 -20.75 -9.42
N GLN A 425 15.42 -19.71 -8.74
CA GLN A 425 14.71 -19.07 -7.65
C GLN A 425 14.13 -17.71 -8.01
N ILE A 426 14.82 -16.93 -8.83
CA ILE A 426 14.35 -15.61 -9.24
C ILE A 426 13.47 -15.82 -10.47
N ILE A 427 12.15 -15.74 -10.28
CA ILE A 427 11.17 -16.07 -11.29
C ILE A 427 10.43 -14.81 -11.71
N ASN A 428 10.27 -14.62 -13.02
CA ASN A 428 9.51 -13.50 -13.57
C ASN A 428 8.30 -14.12 -14.26
N MET A 429 7.19 -14.20 -13.53
CA MET A 429 6.01 -14.89 -14.01
C MET A 429 5.18 -14.00 -14.93
N TRP A 430 4.37 -14.65 -15.78
CA TRP A 430 3.37 -14.04 -16.67
C TRP A 430 3.97 -13.04 -17.65
N GLN A 431 5.26 -13.21 -17.97
CA GLN A 431 6.02 -12.37 -18.92
C GLN A 431 5.99 -10.90 -18.50
N ARG A 432 6.12 -10.67 -17.20
CA ARG A 432 6.05 -9.34 -16.63
C ARG A 432 7.43 -8.94 -16.13
N ILE A 433 7.87 -7.75 -16.48
CA ILE A 433 9.13 -7.20 -15.99
C ILE A 433 8.79 -6.03 -15.08
N GLY A 434 9.29 -6.08 -13.85
CA GLY A 434 8.95 -5.11 -12.84
C GLY A 434 8.52 -5.76 -11.54
N GLN A 435 8.13 -7.03 -11.62
CA GLN A 435 7.68 -7.81 -10.45
C GLN A 435 8.33 -9.19 -10.54
N ALA A 436 9.51 -9.32 -9.94
CA ALA A 436 10.16 -10.60 -9.81
C ALA A 436 9.65 -11.31 -8.56
N MET A 437 10.28 -12.42 -8.19
CA MET A 437 9.84 -13.25 -7.08
C MET A 437 10.95 -14.22 -6.68
N TYR A 438 11.22 -14.35 -5.38
CA TYR A 438 12.21 -15.28 -4.87
C TYR A 438 11.49 -16.47 -4.24
N ALA A 439 11.38 -17.55 -5.00
CA ALA A 439 10.85 -18.79 -4.44
C ALA A 439 11.80 -19.34 -3.38
N PRO A 440 11.35 -19.51 -2.14
CA PRO A 440 12.25 -20.00 -1.07
C PRO A 440 12.70 -21.42 -1.32
N PRO A 441 13.83 -21.84 -0.73
CA PRO A 441 14.24 -23.24 -0.85
C PRO A 441 13.27 -24.16 -0.16
N ILE A 442 13.11 -25.36 -0.71
CA ILE A 442 12.32 -26.42 -0.10
C ILE A 442 13.30 -27.43 0.48
N GLN A 443 13.13 -27.76 1.76
CA GLN A 443 14.03 -28.68 2.41
C GLN A 443 13.83 -30.11 1.91
N GLY A 444 14.89 -30.89 1.95
CA GLY A 444 14.86 -32.28 1.52
C GLY A 444 14.84 -32.42 0.02
N VAL A 445 14.60 -33.65 -0.42
CA VAL A 445 14.51 -33.97 -1.84
C VAL A 445 13.05 -33.89 -2.27
N ILE A 446 12.85 -33.55 -3.55
CA ILE A 446 11.52 -33.35 -4.13
C ILE A 446 11.41 -34.14 -5.43
N ARG A 447 10.19 -34.63 -5.67
CA ARG A 447 9.89 -35.55 -6.75
C ARG A 447 8.66 -35.08 -7.51
N CYS A 448 8.72 -35.14 -8.85
CA CYS A 448 7.50 -35.05 -9.65
C CYS A 448 7.03 -36.47 -9.92
N VAL A 449 5.71 -36.69 -9.87
CA VAL A 449 5.07 -37.77 -10.62
C VAL A 449 3.86 -37.11 -11.28
N SER A 450 4.04 -36.61 -12.50
CA SER A 450 2.98 -35.87 -13.17
C SER A 450 2.67 -36.52 -14.51
N ASN A 451 1.58 -36.07 -15.12
CA ASN A 451 1.10 -36.60 -16.39
C ASN A 451 1.29 -35.58 -17.50
N ILE A 452 2.07 -35.94 -18.52
CA ILE A 452 2.09 -35.19 -19.77
C ILE A 452 0.82 -35.57 -20.52
N THR A 453 -0.12 -34.63 -20.60
CA THR A 453 -1.39 -34.79 -21.30
C THR A 453 -1.50 -33.91 -22.54
N GLY A 454 -0.40 -33.42 -23.06
CA GLY A 454 -0.46 -32.58 -24.24
C GLY A 454 0.87 -31.92 -24.52
N LEU A 455 0.90 -31.24 -25.67
CA LEU A 455 2.08 -30.52 -26.12
C LEU A 455 1.67 -29.20 -26.74
N ILE A 456 2.61 -28.26 -26.73
CA ILE A 456 2.57 -27.08 -27.56
C ILE A 456 3.70 -27.18 -28.57
N LEU A 457 3.42 -26.86 -29.82
CA LEU A 457 4.41 -26.97 -30.88
C LEU A 457 4.31 -25.75 -31.77
N THR A 458 5.31 -25.60 -32.64
CA THR A 458 5.35 -24.60 -33.70
C THR A 458 6.03 -25.24 -34.90
N ARG A 459 5.46 -25.03 -36.08
CA ARG A 459 6.07 -25.50 -37.30
C ARG A 459 7.32 -24.69 -37.64
N ASP A 460 8.03 -25.10 -38.68
CA ASP A 460 9.29 -24.48 -39.03
C ASP A 460 9.16 -23.43 -40.12
N GLY A 461 8.04 -23.36 -40.82
CA GLY A 461 7.90 -22.43 -41.92
C GLY A 461 8.68 -22.88 -43.14
N GLY A 462 8.66 -22.01 -44.15
CA GLY A 462 9.23 -22.37 -45.44
C GLY A 462 8.47 -23.55 -46.04
N SER A 463 9.21 -24.59 -46.41
CA SER A 463 8.72 -25.88 -46.91
C SER A 463 7.74 -25.70 -48.08
N THR A 464 8.31 -25.18 -49.18
CA THR A 464 7.53 -24.86 -50.37
C THR A 464 6.81 -26.08 -50.92
N ASN A 465 7.56 -27.09 -51.32
CA ASN A 465 6.96 -28.34 -51.81
C ASN A 465 7.68 -29.60 -51.35
N SER A 466 8.91 -29.51 -50.85
CA SER A 466 9.75 -30.69 -50.64
C SER A 466 9.63 -31.24 -49.21
N THR A 467 8.40 -31.42 -48.72
CA THR A 467 8.04 -32.10 -47.48
C THR A 467 8.83 -31.63 -46.25
N THR A 468 9.24 -32.58 -45.39
CA THR A 468 10.07 -32.40 -44.18
C THR A 468 9.60 -31.25 -43.28
N GLU A 469 8.32 -31.33 -42.90
CA GLU A 469 7.79 -30.42 -41.89
C GLU A 469 8.40 -30.71 -40.53
N THR A 470 9.02 -29.70 -39.94
CA THR A 470 9.70 -29.81 -38.65
C THR A 470 8.85 -29.14 -37.59
N PHE A 471 8.63 -29.81 -36.46
CA PHE A 471 7.76 -29.33 -35.40
C PHE A 471 8.59 -29.15 -34.13
N ARG A 472 9.05 -27.94 -33.92
CA ARG A 472 9.77 -27.64 -32.71
C ARG A 472 8.78 -27.37 -31.57
N PRO A 473 9.17 -27.58 -30.31
CA PRO A 473 8.25 -27.30 -29.22
C PRO A 473 8.01 -25.82 -29.05
N GLY A 474 6.89 -25.50 -28.41
CA GLY A 474 6.34 -24.16 -28.41
C GLY A 474 6.69 -23.36 -27.16
N GLY A 475 6.27 -22.10 -27.19
CA GLY A 475 6.64 -21.13 -26.18
C GLY A 475 5.58 -20.97 -25.10
N GLY A 476 5.92 -20.12 -24.14
CA GLY A 476 5.06 -19.89 -23.00
C GLY A 476 4.25 -18.62 -23.14
N ASP A 477 3.01 -18.76 -23.60
CA ASP A 477 2.04 -17.68 -23.60
C ASP A 477 1.10 -17.77 -22.41
N MET A 478 0.79 -19.00 -21.99
CA MET A 478 -0.04 -19.42 -20.85
C MET A 478 -1.52 -19.19 -21.09
N ARG A 479 -1.88 -18.54 -22.19
CA ARG A 479 -3.24 -18.58 -22.67
C ARG A 479 -3.51 -19.80 -23.54
N ASP A 480 -2.45 -20.44 -24.05
CA ASP A 480 -2.61 -21.73 -24.70
C ASP A 480 -2.80 -22.83 -23.67
N ASN A 481 -2.14 -22.71 -22.52
CA ASN A 481 -2.23 -23.73 -21.47
C ASN A 481 -3.64 -23.86 -20.91
N TRP A 482 -4.44 -22.81 -20.98
CA TRP A 482 -5.81 -22.85 -20.51
C TRP A 482 -6.83 -22.78 -21.63
N ARG A 483 -6.37 -22.62 -22.87
CA ARG A 483 -7.22 -22.94 -24.01
C ARG A 483 -7.43 -24.44 -24.15
N SER A 484 -6.41 -25.24 -23.81
CA SER A 484 -6.51 -26.69 -23.90
C SER A 484 -7.51 -27.29 -22.93
N GLU A 485 -7.83 -26.58 -21.84
CA GLU A 485 -8.85 -27.04 -20.90
C GLU A 485 -10.21 -26.47 -21.25
N LEU A 486 -10.28 -25.17 -21.50
CA LEU A 486 -11.52 -24.50 -21.89
C LEU A 486 -11.71 -24.51 -23.41
N TYR A 487 -11.59 -25.68 -24.02
CA TYR A 487 -11.79 -25.82 -25.45
C TYR A 487 -13.24 -26.11 -25.80
N LYS A 488 -13.96 -26.77 -24.90
CA LYS A 488 -15.35 -27.16 -25.13
C LYS A 488 -16.35 -26.23 -24.49
N TYR A 489 -15.90 -25.26 -23.69
CA TYR A 489 -16.80 -24.39 -22.94
C TYR A 489 -16.99 -23.06 -23.66
N LYS A 490 -18.24 -22.62 -23.75
CA LYS A 490 -18.56 -21.26 -24.17
C LYS A 490 -19.60 -20.67 -23.22
N VAL A 491 -19.60 -19.35 -23.13
CA VAL A 491 -20.51 -18.62 -22.26
C VAL A 491 -21.54 -17.92 -23.13
N VAL A 492 -22.82 -18.12 -22.81
CA VAL A 492 -23.93 -17.55 -23.57
C VAL A 492 -24.84 -16.77 -22.62
N LYS A 493 -25.55 -15.81 -23.19
CA LYS A 493 -26.43 -14.92 -22.46
C LYS A 493 -27.87 -15.21 -22.85
N ILE A 494 -28.72 -15.44 -21.86
CA ILE A 494 -30.10 -15.82 -22.11
C ILE A 494 -30.92 -14.56 -22.37
N GLU A 495 -31.68 -14.56 -23.46
CA GLU A 495 -32.56 -13.46 -23.83
C GLU A 495 -34.01 -13.91 -23.68
N PRO A 496 -34.59 -13.79 -22.48
CA PRO A 496 -35.89 -14.44 -22.21
C PRO A 496 -37.08 -13.78 -22.87
N LEU A 497 -36.93 -12.63 -23.53
CA LEU A 497 -38.07 -11.95 -24.13
C LEU A 497 -38.24 -12.40 -25.57
N GLY A 498 -39.46 -12.78 -25.95
CA GLY A 498 -39.74 -13.12 -27.33
C GLY A 498 -41.15 -12.74 -27.71
N VAL A 499 -41.37 -12.63 -29.02
CA VAL A 499 -42.68 -12.30 -29.58
C VAL A 499 -42.98 -13.23 -30.74
N ALA A 500 -44.17 -13.80 -30.76
CA ALA A 500 -44.54 -14.75 -31.81
C ALA A 500 -45.99 -14.51 -32.23
N PRO A 501 -46.36 -14.87 -33.46
CA PRO A 501 -47.77 -14.76 -33.84
C PRO A 501 -48.59 -15.91 -33.27
N THR A 502 -49.77 -15.57 -32.76
CA THR A 502 -50.74 -16.54 -32.25
C THR A 502 -52.12 -15.91 -32.44
N ARG A 503 -53.13 -16.76 -32.65
CA ARG A 503 -54.50 -16.31 -32.92
C ARG A 503 -55.17 -15.65 -31.73
N CYS A 504 -54.59 -15.74 -30.54
CA CYS A 504 -55.17 -15.14 -29.33
C CYS A 504 -55.19 -13.62 -29.40
N LYS A 505 -56.15 -13.03 -28.68
CA LYS A 505 -56.32 -11.60 -28.57
C LYS A 505 -56.59 -11.25 -27.11
N ARG A 506 -56.08 -10.10 -26.68
CA ARG A 506 -56.31 -9.61 -25.32
C ARG A 506 -57.77 -9.25 -25.09
N LEU B 9 -49.64 -1.95 14.80
CA LEU B 9 -48.82 -2.60 15.81
C LEU B 9 -47.33 -2.47 15.47
N GLY B 10 -47.04 -1.83 14.33
CA GLY B 10 -45.66 -1.63 13.92
C GLY B 10 -45.09 -2.85 13.21
N PHE B 11 -43.80 -2.75 12.93
CA PHE B 11 -43.09 -3.81 12.22
C PHE B 11 -42.95 -5.03 13.11
N LEU B 12 -43.36 -6.19 12.58
CA LEU B 12 -43.38 -7.50 13.25
C LEU B 12 -44.22 -7.53 14.52
N GLY B 13 -45.14 -6.56 14.69
CA GLY B 13 -45.94 -6.47 15.90
C GLY B 13 -46.88 -7.64 16.10
N ALA B 14 -47.41 -8.19 15.01
CA ALA B 14 -48.37 -9.29 15.06
C ALA B 14 -47.69 -10.65 15.03
N ALA B 15 -46.43 -10.73 15.47
CA ALA B 15 -45.70 -12.00 15.46
C ALA B 15 -46.32 -13.02 16.40
N GLY B 16 -46.67 -12.58 17.62
CA GLY B 16 -47.35 -13.47 18.55
C GLY B 16 -48.84 -13.58 18.36
N SER B 17 -49.40 -12.72 17.52
CA SER B 17 -50.81 -12.79 17.18
C SER B 17 -51.09 -14.06 16.38
N THR B 18 -52.37 -14.46 16.37
CA THR B 18 -52.81 -15.57 15.54
C THR B 18 -52.62 -15.27 14.06
N MET B 19 -52.79 -16.31 13.24
CA MET B 19 -52.62 -16.19 11.80
C MET B 19 -53.63 -15.22 11.19
N GLY B 20 -54.89 -15.30 11.63
CA GLY B 20 -55.91 -14.41 11.11
C GLY B 20 -55.67 -12.96 11.48
N ALA B 21 -55.29 -12.71 12.74
CA ALA B 21 -55.03 -11.34 13.17
C ALA B 21 -53.76 -10.78 12.55
N ALA B 22 -52.82 -11.64 12.17
CA ALA B 22 -51.59 -11.19 11.51
C ALA B 22 -51.76 -11.04 10.01
N SER B 23 -52.80 -11.63 9.42
CA SER B 23 -53.10 -11.41 8.01
C SER B 23 -53.63 -10.00 7.73
N MET B 24 -54.03 -9.25 8.75
CA MET B 24 -54.48 -7.88 8.57
C MET B 24 -53.34 -6.86 8.57
N THR B 25 -52.12 -7.28 8.89
CA THR B 25 -50.95 -6.41 8.95
C THR B 25 -49.82 -6.96 8.10
N LEU B 26 -50.15 -7.35 6.87
CA LEU B 26 -49.13 -7.79 5.93
C LEU B 26 -48.34 -6.61 5.36
N THR B 27 -48.97 -5.43 5.29
CA THR B 27 -48.32 -4.25 4.73
C THR B 27 -47.13 -3.80 5.58
N VAL B 28 -47.28 -3.82 6.91
CA VAL B 28 -46.25 -3.29 7.79
C VAL B 28 -44.97 -4.12 7.72
N GLN B 29 -45.08 -5.41 7.39
CA GLN B 29 -43.91 -6.24 7.11
C GLN B 29 -43.46 -6.14 5.66
N ALA B 30 -44.37 -5.82 4.74
CA ALA B 30 -43.98 -5.66 3.35
C ALA B 30 -43.11 -4.42 3.14
N ARG B 31 -43.45 -3.31 3.81
CA ARG B 31 -42.67 -2.08 3.66
C ARG B 31 -41.25 -2.23 4.17
N ASN B 32 -41.06 -2.89 5.31
CA ASN B 32 -39.75 -3.00 5.94
C ASN B 32 -38.83 -4.02 5.29
N LEU B 33 -39.26 -4.64 4.18
CA LEU B 33 -38.40 -5.55 3.43
C LEU B 33 -37.43 -4.82 2.50
N LEU B 34 -37.63 -3.53 2.28
CA LEU B 34 -36.80 -2.79 1.34
C LEU B 34 -36.48 -1.37 1.83
N SER B 35 -36.63 -1.11 3.14
CA SER B 35 -36.40 0.23 3.68
C SER B 35 -34.94 0.66 3.63
N GLY B 36 -34.02 -0.27 3.43
CA GLY B 36 -32.60 0.06 3.37
C GLY B 36 -31.82 -0.86 2.45
N PRO B 55 -11.78 -2.27 -0.58
CA PRO B 55 -12.82 -1.36 -0.10
C PRO B 55 -12.27 0.00 0.28
N GLY B 56 -12.98 1.07 -0.09
CA GLY B 56 -12.57 2.42 0.31
C GLY B 56 -12.61 2.61 1.81
N THR B 57 -13.62 2.05 2.47
CA THR B 57 -13.76 2.08 3.92
C THR B 57 -14.20 0.69 4.38
N VAL B 58 -14.10 0.47 5.69
CA VAL B 58 -14.48 -0.81 6.28
C VAL B 58 -15.96 -1.12 6.05
N TRP B 59 -16.82 -0.10 6.12
CA TRP B 59 -18.24 -0.34 5.99
C TRP B 59 -18.75 -0.34 4.56
N GLY B 60 -17.96 0.14 3.60
CA GLY B 60 -18.44 0.36 2.24
C GLY B 60 -18.88 -0.87 1.47
N ILE B 61 -17.91 -1.72 1.13
CA ILE B 61 -18.13 -2.84 0.22
C ILE B 61 -19.09 -3.87 0.83
N LYS B 62 -18.93 -4.18 2.12
CA LYS B 62 -19.78 -5.17 2.76
C LYS B 62 -21.23 -4.72 2.86
N GLN B 63 -21.47 -3.45 3.19
CA GLN B 63 -22.83 -2.93 3.22
C GLN B 63 -23.44 -2.88 1.83
N LEU B 64 -22.64 -2.52 0.81
CA LEU B 64 -23.13 -2.53 -0.56
C LEU B 64 -23.49 -3.95 -1.00
N GLN B 65 -22.68 -4.94 -0.62
CA GLN B 65 -22.99 -6.34 -0.89
C GLN B 65 -24.27 -6.77 -0.18
N ALA B 66 -24.46 -6.32 1.07
CA ALA B 66 -25.68 -6.62 1.81
C ALA B 66 -26.90 -6.01 1.14
N ARG B 67 -26.77 -4.77 0.64
CA ARG B 67 -27.87 -4.10 -0.06
C ARG B 67 -28.22 -4.83 -1.35
N VAL B 68 -27.20 -5.26 -2.12
CA VAL B 68 -27.43 -6.01 -3.34
C VAL B 68 -28.08 -7.35 -3.03
N LEU B 69 -27.67 -8.00 -1.94
CA LEU B 69 -28.27 -9.26 -1.53
C LEU B 69 -29.73 -9.08 -1.11
N ALA B 70 -30.03 -7.98 -0.41
CA ALA B 70 -31.41 -7.68 -0.03
C ALA B 70 -32.28 -7.44 -1.26
N VAL B 71 -31.76 -6.70 -2.24
CA VAL B 71 -32.48 -6.46 -3.49
C VAL B 71 -32.71 -7.77 -4.24
N GLU B 72 -31.71 -8.64 -4.25
CA GLU B 72 -31.83 -9.95 -4.90
C GLU B 72 -32.87 -10.82 -4.22
N ARG B 73 -32.90 -10.82 -2.89
CA ARG B 73 -33.90 -11.59 -2.15
C ARG B 73 -35.30 -11.07 -2.41
N TYR B 74 -35.48 -9.75 -2.41
CA TYR B 74 -36.78 -9.16 -2.70
C TYR B 74 -37.24 -9.50 -4.12
N LEU B 75 -36.31 -9.44 -5.08
CA LEU B 75 -36.68 -9.75 -6.46
C LEU B 75 -36.97 -11.23 -6.65
N ARG B 76 -36.26 -12.11 -5.92
CA ARG B 76 -36.59 -13.54 -5.95
C ARG B 76 -37.97 -13.80 -5.39
N ASP B 77 -38.32 -13.14 -4.29
CA ASP B 77 -39.67 -13.27 -3.73
C ASP B 77 -40.73 -12.77 -4.69
N GLN B 78 -40.48 -11.61 -5.34
CA GLN B 78 -41.44 -11.05 -6.29
C GLN B 78 -41.58 -11.93 -7.52
N GLN B 79 -40.47 -12.49 -8.01
CA GLN B 79 -40.51 -13.42 -9.14
C GLN B 79 -41.27 -14.69 -8.78
N LEU B 80 -41.09 -15.19 -7.56
CA LEU B 80 -41.84 -16.35 -7.08
C LEU B 80 -43.33 -16.04 -7.03
N LEU B 81 -43.70 -14.85 -6.56
CA LEU B 81 -45.10 -14.44 -6.54
C LEU B 81 -45.67 -14.34 -7.95
N GLY B 82 -44.90 -13.76 -8.87
CA GLY B 82 -45.35 -13.62 -10.25
C GLY B 82 -45.48 -14.94 -10.98
N ILE B 83 -44.60 -15.90 -10.67
CA ILE B 83 -44.63 -17.22 -11.30
C ILE B 83 -45.88 -17.98 -10.88
N TRP B 84 -46.42 -17.71 -9.70
CA TRP B 84 -47.63 -18.36 -9.22
C TRP B 84 -48.89 -17.62 -9.62
N GLY B 85 -48.78 -16.47 -10.30
CA GLY B 85 -49.93 -15.67 -10.66
C GLY B 85 -50.40 -14.71 -9.60
N CYS B 86 -49.75 -14.67 -8.44
CA CYS B 86 -50.12 -13.79 -7.34
C CYS B 86 -49.37 -12.47 -7.36
N SER B 87 -48.96 -11.99 -8.54
CA SER B 87 -48.18 -10.76 -8.65
C SER B 87 -48.99 -9.56 -8.19
N GLY B 88 -48.40 -8.74 -7.33
CA GLY B 88 -49.02 -7.51 -6.87
C GLY B 88 -50.11 -7.71 -5.84
N LYS B 89 -50.27 -8.92 -5.29
CA LYS B 89 -51.31 -9.23 -4.34
C LYS B 89 -50.69 -9.71 -3.04
N LEU B 90 -51.09 -9.10 -1.92
CA LEU B 90 -50.61 -9.58 -0.62
C LEU B 90 -51.30 -10.88 -0.23
N ILE B 91 -52.59 -10.99 -0.51
CA ILE B 91 -53.35 -12.23 -0.30
C ILE B 91 -53.90 -12.68 -1.65
N CYS B 92 -53.59 -13.90 -2.04
CA CYS B 92 -53.95 -14.38 -3.37
C CYS B 92 -54.39 -15.84 -3.28
N CYS B 93 -55.49 -16.16 -3.95
CA CYS B 93 -56.01 -17.51 -3.96
C CYS B 93 -55.47 -18.28 -5.16
N THR B 94 -55.50 -19.62 -5.05
CA THR B 94 -54.97 -20.46 -6.10
C THR B 94 -55.83 -21.73 -6.15
N ASN B 95 -55.74 -22.45 -7.27
CA ASN B 95 -56.54 -23.65 -7.52
C ASN B 95 -55.95 -24.90 -6.88
N VAL B 96 -54.77 -24.82 -6.28
CA VAL B 96 -54.08 -25.99 -5.73
C VAL B 96 -54.87 -26.50 -4.53
N PRO B 97 -55.33 -27.75 -4.55
CA PRO B 97 -55.99 -28.31 -3.37
C PRO B 97 -55.04 -28.53 -2.21
N TRP B 98 -55.57 -28.46 -1.00
CA TRP B 98 -54.78 -28.67 0.21
C TRP B 98 -54.76 -30.16 0.52
N ASN B 99 -53.60 -30.78 0.32
CA ASN B 99 -53.41 -32.18 0.67
C ASN B 99 -53.54 -32.36 2.18
N SER B 100 -54.32 -33.37 2.60
CA SER B 100 -54.53 -33.63 4.01
C SER B 100 -53.26 -34.07 4.72
N SER B 101 -52.32 -34.67 3.98
CA SER B 101 -51.05 -35.10 4.57
C SER B 101 -50.20 -33.92 5.03
N TRP B 102 -50.34 -32.76 4.37
CA TRP B 102 -49.57 -31.57 4.75
C TRP B 102 -49.93 -31.09 6.15
N SER B 103 -51.22 -31.09 6.48
CA SER B 103 -51.69 -30.71 7.81
C SER B 103 -53.11 -31.23 7.97
N ASN B 104 -53.34 -32.04 8.99
CA ASN B 104 -54.66 -32.59 9.26
C ASN B 104 -55.52 -31.65 10.10
N ARG B 105 -54.95 -30.55 10.58
CA ARG B 105 -55.68 -29.59 11.40
C ARG B 105 -56.73 -28.84 10.58
N ASN B 106 -57.83 -28.49 11.24
CA ASN B 106 -58.95 -27.83 10.59
C ASN B 106 -58.75 -26.32 10.57
N LEU B 107 -59.72 -25.61 9.97
CA LEU B 107 -59.61 -24.18 9.73
C LEU B 107 -59.61 -23.38 11.03
N SER B 108 -60.48 -23.76 11.98
CA SER B 108 -60.63 -23.01 13.23
C SER B 108 -59.35 -23.07 14.07
N GLU B 109 -58.75 -24.24 14.20
CA GLU B 109 -57.53 -24.39 14.98
C GLU B 109 -56.27 -23.93 14.25
N ILE B 110 -56.39 -23.45 13.02
CA ILE B 110 -55.28 -22.82 12.31
C ILE B 110 -55.34 -21.30 12.40
N TRP B 111 -56.50 -20.72 12.16
CA TRP B 111 -56.63 -19.26 12.08
C TRP B 111 -57.03 -18.61 13.39
N ASP B 112 -57.29 -19.39 14.44
CA ASP B 112 -57.65 -18.84 15.74
C ASP B 112 -56.80 -19.38 16.88
N ASN B 113 -56.03 -20.44 16.67
CA ASN B 113 -55.20 -21.04 17.70
C ASN B 113 -53.71 -20.79 17.51
N MET B 114 -53.19 -21.06 16.32
CA MET B 114 -51.76 -21.00 16.09
C MET B 114 -51.34 -19.64 15.51
N THR B 115 -50.03 -19.40 15.52
CA THR B 115 -49.42 -18.22 14.94
C THR B 115 -48.69 -18.60 13.66
N TRP B 116 -48.14 -17.58 12.99
CA TRP B 116 -47.46 -17.81 11.71
C TRP B 116 -46.14 -18.53 11.90
N LEU B 117 -45.44 -18.25 13.00
CA LEU B 117 -44.16 -18.92 13.29
C LEU B 117 -44.35 -20.42 13.46
N GLN B 118 -45.35 -20.81 14.26
CA GLN B 118 -45.63 -22.22 14.51
C GLN B 118 -46.06 -22.92 13.23
N TRP B 119 -46.89 -22.25 12.43
CA TRP B 119 -47.38 -22.81 11.18
C TRP B 119 -46.25 -23.02 10.18
N ASP B 120 -45.34 -22.06 10.07
CA ASP B 120 -44.17 -22.22 9.20
C ASP B 120 -43.27 -23.35 9.68
N LYS B 121 -43.09 -23.48 11.00
CA LYS B 121 -42.38 -24.64 11.55
C LYS B 121 -43.07 -25.95 11.23
N GLU B 122 -44.40 -25.96 11.11
CA GLU B 122 -45.12 -27.20 10.84
C GLU B 122 -44.94 -27.67 9.40
N ILE B 123 -45.05 -26.76 8.42
CA ILE B 123 -45.00 -27.14 7.02
C ILE B 123 -43.62 -26.92 6.40
N SER B 124 -42.57 -26.85 7.24
CA SER B 124 -41.21 -26.55 6.78
C SER B 124 -40.67 -27.56 5.77
N ASN B 125 -41.03 -28.85 5.92
CA ASN B 125 -40.65 -29.81 4.90
C ASN B 125 -41.44 -29.60 3.61
N TYR B 126 -42.76 -29.43 3.73
CA TYR B 126 -43.70 -29.47 2.62
C TYR B 126 -43.76 -28.18 1.81
N THR B 127 -42.93 -27.19 2.13
CA THR B 127 -42.96 -25.91 1.43
C THR B 127 -42.59 -26.05 -0.05
N GLN B 128 -41.55 -26.84 -0.36
CA GLN B 128 -41.06 -26.95 -1.73
C GLN B 128 -42.06 -27.65 -2.64
N ILE B 129 -42.73 -28.70 -2.14
CA ILE B 129 -43.73 -29.41 -2.91
C ILE B 129 -44.91 -28.50 -3.23
N ILE B 130 -45.34 -27.70 -2.24
CA ILE B 130 -46.42 -26.75 -2.43
C ILE B 130 -46.05 -25.70 -3.46
N TYR B 131 -44.79 -25.20 -3.40
CA TYR B 131 -44.31 -24.21 -4.37
C TYR B 131 -44.30 -24.79 -5.79
N GLY B 132 -43.85 -26.04 -5.94
CA GLY B 132 -43.88 -26.70 -7.24
C GLY B 132 -45.29 -26.87 -7.77
N LEU B 133 -46.23 -27.25 -6.89
CA LEU B 133 -47.63 -27.40 -7.30
C LEU B 133 -48.23 -26.07 -7.72
N LEU B 134 -47.89 -24.99 -7.02
CA LEU B 134 -48.38 -23.66 -7.40
C LEU B 134 -47.85 -23.24 -8.77
N GLU B 135 -46.56 -23.49 -9.02
CA GLU B 135 -45.98 -23.17 -10.33
C GLU B 135 -46.64 -23.97 -11.45
N GLU B 136 -46.83 -25.28 -11.22
CA GLU B 136 -47.47 -26.14 -12.22
C GLU B 136 -48.91 -25.73 -12.48
N SER B 137 -49.65 -25.40 -11.42
CA SER B 137 -51.05 -24.98 -11.55
C SER B 137 -51.16 -23.67 -12.32
N GLN B 138 -50.27 -22.71 -12.05
CA GLN B 138 -50.34 -21.44 -12.76
C GLN B 138 -49.96 -21.61 -14.23
N ASN B 139 -48.98 -22.48 -14.53
CA ASN B 139 -48.63 -22.76 -15.93
C ASN B 139 -49.80 -23.40 -16.67
N GLN B 140 -50.48 -24.37 -16.02
CA GLN B 140 -51.64 -25.01 -16.61
C GLN B 140 -52.78 -24.01 -16.81
N GLN B 141 -53.00 -23.12 -15.84
CA GLN B 141 -54.04 -22.10 -15.95
C GLN B 141 -53.76 -21.12 -17.07
N GLU B 142 -52.49 -20.70 -17.22
CA GLU B 142 -52.11 -19.81 -18.30
C GLU B 142 -52.30 -20.46 -19.66
N LYS B 143 -51.94 -21.75 -19.78
CA LYS B 143 -52.16 -22.48 -21.02
C LYS B 143 -53.65 -22.59 -21.36
N ASN B 144 -54.48 -22.93 -20.35
CA ASN B 144 -55.91 -23.06 -20.56
C ASN B 144 -56.54 -21.72 -20.96
N GLU B 145 -56.09 -20.64 -20.31
CA GLU B 145 -56.57 -19.30 -20.66
C GLU B 145 -56.17 -18.92 -22.07
N GLN B 146 -54.95 -19.27 -22.49
CA GLN B 146 -54.51 -18.96 -23.85
C GLN B 146 -55.31 -19.72 -24.90
N ASP B 147 -55.55 -21.02 -24.66
CA ASP B 147 -56.38 -21.79 -25.59
C ASP B 147 -57.83 -21.28 -25.62
N LEU B 148 -58.38 -20.92 -24.46
CA LEU B 148 -59.74 -20.39 -24.43
C LEU B 148 -59.85 -19.05 -25.15
N LEU B 149 -58.85 -18.18 -24.98
CA LEU B 149 -58.86 -16.89 -25.68
C LEU B 149 -58.62 -17.06 -27.18
N ALA B 150 -57.87 -18.08 -27.58
CA ALA B 150 -57.61 -18.33 -28.99
C ALA B 150 -58.89 -18.66 -29.75
N LEU B 151 -59.74 -19.51 -29.18
CA LEU B 151 -60.97 -19.92 -29.84
C LEU B 151 -62.11 -19.01 -29.43
N LEU C 9 -41.66 14.71 -27.45
CA LEU C 9 -41.43 15.68 -26.39
C LEU C 9 -40.18 15.32 -25.58
N GLY C 10 -39.83 14.04 -25.57
CA GLY C 10 -38.66 13.57 -24.88
C GLY C 10 -38.87 13.43 -23.38
N PHE C 11 -37.79 13.04 -22.70
CA PHE C 11 -37.82 12.84 -21.26
C PHE C 11 -37.98 14.18 -20.56
N LEU C 12 -38.92 14.24 -19.60
CA LEU C 12 -39.26 15.40 -18.77
C LEU C 12 -39.77 16.59 -19.59
N GLY C 13 -40.13 16.40 -20.86
CA GLY C 13 -40.58 17.49 -21.70
C GLY C 13 -41.89 18.13 -21.27
N ALA C 14 -42.80 17.33 -20.72
CA ALA C 14 -44.11 17.82 -20.31
C ALA C 14 -44.13 18.38 -18.90
N ALA C 15 -42.96 18.76 -18.36
CA ALA C 15 -42.89 19.36 -17.02
C ALA C 15 -43.61 20.70 -16.97
N GLY C 16 -43.59 21.45 -18.06
CA GLY C 16 -44.29 22.72 -18.14
C GLY C 16 -45.69 22.61 -18.70
N SER C 17 -45.95 21.52 -19.43
CA SER C 17 -47.26 21.27 -19.99
C SER C 17 -48.28 21.01 -18.88
N THR C 18 -49.56 21.12 -19.23
CA THR C 18 -50.63 20.88 -18.27
C THR C 18 -50.64 19.42 -17.82
N MET C 19 -51.36 19.17 -16.72
CA MET C 19 -51.40 17.84 -16.13
C MET C 19 -52.06 16.81 -17.05
N GLY C 20 -53.16 17.21 -17.69
CA GLY C 20 -53.80 16.33 -18.68
C GLY C 20 -52.92 16.04 -19.87
N ALA C 21 -52.13 17.03 -20.30
CA ALA C 21 -51.20 16.83 -21.40
C ALA C 21 -50.07 15.88 -21.02
N ALA C 22 -49.67 15.88 -19.76
CA ALA C 22 -48.63 14.99 -19.28
C ALA C 22 -49.14 13.60 -18.91
N SER C 23 -50.46 13.43 -18.73
CA SER C 23 -51.01 12.09 -18.49
C SER C 23 -50.73 11.12 -19.63
N MET C 24 -50.67 11.61 -20.86
CA MET C 24 -50.37 10.75 -22.01
C MET C 24 -48.88 10.57 -22.24
N THR C 25 -48.05 11.40 -21.62
CA THR C 25 -46.61 11.32 -21.77
C THR C 25 -45.87 10.80 -20.54
N LEU C 26 -46.59 10.26 -19.54
CA LEU C 26 -45.98 9.63 -18.35
C LEU C 26 -44.98 8.52 -18.67
N THR C 27 -45.14 7.86 -19.80
CA THR C 27 -44.35 6.68 -20.14
C THR C 27 -42.87 6.99 -20.29
N VAL C 28 -42.53 8.12 -20.94
CA VAL C 28 -41.11 8.43 -21.16
C VAL C 28 -40.40 8.76 -19.83
N GLN C 29 -41.06 9.45 -18.90
CA GLN C 29 -40.47 9.60 -17.56
C GLN C 29 -40.33 8.26 -16.85
N ALA C 30 -41.34 7.39 -17.00
CA ALA C 30 -41.30 6.08 -16.33
C ALA C 30 -40.16 5.22 -16.86
N ARG C 31 -39.89 5.27 -18.17
CA ARG C 31 -38.81 4.48 -18.76
C ARG C 31 -37.43 4.94 -18.26
N ASN C 32 -37.25 6.24 -18.09
CA ASN C 32 -35.96 6.81 -17.69
C ASN C 32 -35.82 6.89 -16.17
N LEU C 33 -36.02 5.74 -15.51
CA LEU C 33 -35.82 5.63 -14.07
C LEU C 33 -34.95 4.43 -13.72
N LEU C 34 -34.56 3.63 -14.70
CA LEU C 34 -33.71 2.47 -14.49
C LEU C 34 -32.38 2.57 -15.21
N SER C 35 -32.41 2.90 -16.52
CA SER C 35 -31.25 2.99 -17.42
C SER C 35 -30.36 1.74 -17.43
N PRO C 55 -11.76 -0.25 -4.60
CA PRO C 55 -12.04 0.66 -5.72
C PRO C 55 -10.95 0.63 -6.78
N GLY C 56 -11.21 -0.10 -7.88
CA GLY C 56 -10.26 -0.15 -8.98
C GLY C 56 -10.06 1.21 -9.63
N THR C 57 -11.14 1.97 -9.80
CA THR C 57 -11.07 3.31 -10.32
C THR C 57 -12.03 4.16 -9.48
N VAL C 58 -11.79 5.48 -9.47
CA VAL C 58 -12.64 6.43 -8.76
C VAL C 58 -14.07 6.40 -9.30
N TRP C 59 -14.23 6.12 -10.60
CA TRP C 59 -15.54 6.07 -11.21
C TRP C 59 -16.29 4.79 -10.87
N GLY C 60 -15.59 3.67 -10.71
CA GLY C 60 -16.18 2.35 -10.57
C GLY C 60 -17.11 2.16 -9.39
N ILE C 61 -16.60 2.33 -8.17
CA ILE C 61 -17.39 2.09 -6.97
C ILE C 61 -18.51 3.13 -6.84
N LYS C 62 -18.23 4.38 -7.25
CA LYS C 62 -19.26 5.42 -7.20
C LYS C 62 -20.38 5.14 -8.18
N GLN C 63 -20.06 4.67 -9.39
CA GLN C 63 -21.07 4.27 -10.36
C GLN C 63 -21.87 3.07 -9.86
N LEU C 64 -21.19 2.12 -9.19
CA LEU C 64 -21.88 0.97 -8.62
C LEU C 64 -22.87 1.40 -7.53
N GLN C 65 -22.45 2.32 -6.65
CA GLN C 65 -23.34 2.82 -5.60
C GLN C 65 -24.50 3.60 -6.19
N ALA C 66 -24.25 4.39 -7.24
CA ALA C 66 -25.32 5.11 -7.91
C ALA C 66 -26.33 4.17 -8.55
N ARG C 67 -25.84 3.10 -9.19
CA ARG C 67 -26.73 2.11 -9.79
C ARG C 67 -27.56 1.39 -8.74
N VAL C 68 -26.95 1.04 -7.61
CA VAL C 68 -27.67 0.39 -6.51
C VAL C 68 -28.73 1.32 -5.94
N LEU C 69 -28.39 2.61 -5.80
CA LEU C 69 -29.36 3.60 -5.32
C LEU C 69 -30.53 3.75 -6.28
N ALA C 70 -30.24 3.80 -7.59
CA ALA C 70 -31.30 3.91 -8.60
C ALA C 70 -32.21 2.69 -8.59
N VAL C 71 -31.62 1.50 -8.48
CA VAL C 71 -32.39 0.25 -8.44
C VAL C 71 -33.27 0.22 -7.19
N GLU C 72 -32.73 0.60 -6.03
CA GLU C 72 -33.49 0.60 -4.79
C GLU C 72 -34.63 1.62 -4.83
N ARG C 73 -34.38 2.81 -5.40
CA ARG C 73 -35.44 3.81 -5.53
C ARG C 73 -36.56 3.33 -6.46
N TYR C 74 -36.18 2.73 -7.60
CA TYR C 74 -37.18 2.21 -8.52
C TYR C 74 -38.01 1.10 -7.90
N LEU C 75 -37.35 0.20 -7.16
CA LEU C 75 -38.08 -0.90 -6.53
C LEU C 75 -38.95 -0.41 -5.38
N ARG C 76 -38.51 0.63 -4.66
CA ARG C 76 -39.36 1.24 -3.63
C ARG C 76 -40.60 1.86 -4.24
N ASP C 77 -40.44 2.56 -5.37
CA ASP C 77 -41.60 3.14 -6.07
C ASP C 77 -42.55 2.05 -6.58
N GLN C 78 -42.00 0.97 -7.15
CA GLN C 78 -42.82 -0.13 -7.63
C GLN C 78 -43.53 -0.85 -6.48
N GLN C 79 -42.84 -1.03 -5.35
CA GLN C 79 -43.46 -1.64 -4.18
C GLN C 79 -44.59 -0.77 -3.63
N LEU C 80 -44.38 0.55 -3.62
CA LEU C 80 -45.43 1.47 -3.19
C LEU C 80 -46.63 1.40 -4.12
N LEU C 81 -46.38 1.30 -5.43
CA LEU C 81 -47.46 1.12 -6.40
C LEU C 81 -48.20 -0.20 -6.17
N GLY C 82 -47.46 -1.28 -5.91
CA GLY C 82 -48.09 -2.58 -5.78
C GLY C 82 -48.86 -2.78 -4.48
N ILE C 83 -48.41 -2.13 -3.40
CA ILE C 83 -49.12 -2.22 -2.13
C ILE C 83 -50.47 -1.50 -2.20
N TRP C 84 -50.60 -0.50 -3.06
CA TRP C 84 -51.85 0.21 -3.21
C TRP C 84 -52.80 -0.44 -4.21
N GLY C 85 -52.39 -1.53 -4.87
CA GLY C 85 -53.20 -2.15 -5.89
C GLY C 85 -52.99 -1.61 -7.29
N CYS C 86 -52.09 -0.64 -7.45
CA CYS C 86 -51.80 -0.04 -8.76
C CYS C 86 -50.58 -0.66 -9.43
N SER C 87 -50.34 -1.95 -9.21
CA SER C 87 -49.15 -2.60 -9.75
C SER C 87 -49.24 -2.69 -11.27
N GLY C 88 -48.15 -2.32 -11.94
CA GLY C 88 -48.05 -2.42 -13.38
C GLY C 88 -48.92 -1.46 -14.16
N LYS C 89 -49.47 -0.43 -13.52
CA LYS C 89 -50.31 0.55 -14.17
C LYS C 89 -49.81 1.95 -13.83
N LEU C 90 -49.69 2.80 -14.86
CA LEU C 90 -49.30 4.18 -14.61
C LEU C 90 -50.43 4.97 -13.98
N ILE C 91 -51.65 4.80 -14.48
CA ILE C 91 -52.83 5.47 -13.95
C ILE C 91 -53.69 4.41 -13.27
N CYS C 92 -54.29 4.75 -12.13
CA CYS C 92 -54.95 3.76 -11.29
C CYS C 92 -55.91 4.45 -10.34
N CYS C 93 -57.19 4.06 -10.39
CA CYS C 93 -58.15 4.53 -9.39
C CYS C 93 -57.90 3.85 -8.04
N THR C 94 -58.34 4.52 -6.98
CA THR C 94 -58.28 3.98 -5.63
C THR C 94 -59.59 4.26 -4.93
N ASN C 95 -59.86 3.48 -3.88
CA ASN C 95 -61.11 3.59 -3.14
C ASN C 95 -61.08 4.70 -2.10
N VAL C 96 -59.91 5.24 -1.78
CA VAL C 96 -59.78 6.26 -0.73
C VAL C 96 -60.47 7.53 -1.18
N PRO C 97 -61.31 8.16 -0.36
CA PRO C 97 -61.92 9.43 -0.77
C PRO C 97 -60.94 10.58 -0.62
N TRP C 98 -61.01 11.53 -1.54
CA TRP C 98 -60.17 12.73 -1.50
C TRP C 98 -60.73 13.66 -0.44
N ASN C 99 -60.20 13.53 0.78
CA ASN C 99 -60.61 14.35 1.91
C ASN C 99 -60.26 15.80 1.64
N SER C 100 -61.22 16.69 1.86
CA SER C 100 -61.08 18.11 1.51
C SER C 100 -60.02 18.82 2.34
N SER C 101 -59.65 18.27 3.51
CA SER C 101 -58.62 18.87 4.35
C SER C 101 -57.26 18.93 3.65
N TRP C 102 -57.00 18.00 2.72
CA TRP C 102 -55.73 18.01 1.99
C TRP C 102 -55.68 19.14 0.98
N SER C 103 -56.81 19.45 0.34
CA SER C 103 -56.87 20.53 -0.64
C SER C 103 -58.32 20.92 -0.86
N ASN C 104 -58.61 22.22 -0.79
CA ASN C 104 -59.91 22.78 -1.12
C ASN C 104 -59.80 23.42 -2.48
N ARG C 105 -59.99 22.63 -3.54
CA ARG C 105 -59.82 23.13 -4.89
C ARG C 105 -60.73 22.37 -5.85
N ASN C 106 -60.99 22.99 -6.99
CA ASN C 106 -61.96 22.51 -7.96
C ASN C 106 -61.21 21.82 -9.11
N LEU C 107 -61.72 20.64 -9.51
CA LEU C 107 -61.08 19.84 -10.56
C LEU C 107 -61.07 20.53 -11.92
N SER C 108 -61.95 21.53 -12.14
CA SER C 108 -62.12 22.14 -13.46
C SER C 108 -60.86 22.86 -13.93
N GLU C 109 -60.11 23.46 -13.01
CA GLU C 109 -58.95 24.27 -13.38
C GLU C 109 -57.63 23.65 -12.95
N ILE C 110 -57.65 22.52 -12.25
CA ILE C 110 -56.40 21.84 -11.89
C ILE C 110 -55.78 21.20 -13.12
N TRP C 111 -56.61 20.60 -13.98
CA TRP C 111 -56.09 19.86 -15.13
C TRP C 111 -55.86 20.74 -16.34
N ASP C 112 -56.14 22.02 -16.25
CA ASP C 112 -55.97 22.94 -17.38
C ASP C 112 -55.02 24.10 -17.06
N ASN C 113 -55.03 24.60 -15.83
CA ASN C 113 -54.25 25.76 -15.45
C ASN C 113 -53.37 25.47 -14.25
N MET C 114 -52.72 24.30 -14.23
CA MET C 114 -51.77 23.98 -13.17
C MET C 114 -50.75 23.00 -13.73
N THR C 115 -49.56 23.00 -13.12
CA THR C 115 -48.49 22.07 -13.43
C THR C 115 -48.17 21.24 -12.20
N TRP C 116 -47.57 20.07 -12.44
CA TRP C 116 -47.39 19.06 -11.41
C TRP C 116 -46.47 19.51 -10.28
N LEU C 117 -45.46 20.35 -10.60
CA LEU C 117 -44.53 20.82 -9.58
C LEU C 117 -45.23 21.65 -8.50
N GLN C 118 -46.12 22.56 -8.91
CA GLN C 118 -46.88 23.36 -7.97
C GLN C 118 -47.79 22.49 -7.12
N TRP C 119 -48.43 21.50 -7.76
CA TRP C 119 -49.32 20.57 -7.07
C TRP C 119 -48.58 19.79 -6.00
N ASP C 120 -47.36 19.34 -6.32
CA ASP C 120 -46.50 18.67 -5.34
C ASP C 120 -46.18 19.62 -4.20
N LYS C 121 -45.91 20.90 -4.52
CA LYS C 121 -45.61 21.89 -3.48
C LYS C 121 -46.78 22.09 -2.52
N GLU C 122 -48.03 22.00 -2.99
CA GLU C 122 -49.15 22.16 -2.05
C GLU C 122 -49.30 20.96 -1.11
N ILE C 123 -49.07 19.74 -1.62
CA ILE C 123 -49.41 18.52 -0.88
C ILE C 123 -48.13 17.73 -0.62
N SER C 124 -47.03 18.43 -0.35
CA SER C 124 -45.85 17.76 0.18
C SER C 124 -45.97 17.37 1.65
N ASN C 125 -47.03 17.80 2.34
CA ASN C 125 -47.09 17.69 3.79
C ASN C 125 -48.07 16.61 4.28
N TYR C 126 -48.96 16.12 3.42
CA TYR C 126 -49.89 15.07 3.82
C TYR C 126 -49.71 13.77 3.03
N THR C 127 -48.54 13.57 2.39
CA THR C 127 -48.33 12.37 1.58
C THR C 127 -48.31 11.10 2.43
N GLN C 128 -47.74 11.17 3.63
CA GLN C 128 -47.56 9.97 4.46
C GLN C 128 -48.90 9.40 4.90
N ILE C 129 -49.81 10.26 5.39
CA ILE C 129 -51.10 9.78 5.86
C ILE C 129 -51.96 9.27 4.70
N ILE C 130 -51.86 9.92 3.53
CA ILE C 130 -52.58 9.45 2.34
C ILE C 130 -52.08 8.08 1.92
N TYR C 131 -50.75 7.89 1.94
CA TYR C 131 -50.18 6.58 1.58
C TYR C 131 -50.59 5.50 2.57
N GLY C 132 -50.61 5.84 3.87
CA GLY C 132 -51.10 4.89 4.87
C GLY C 132 -52.56 4.53 4.68
N LEU C 133 -53.39 5.51 4.33
CA LEU C 133 -54.80 5.26 4.04
C LEU C 133 -54.96 4.35 2.82
N LEU C 134 -54.13 4.56 1.79
CA LEU C 134 -54.16 3.69 0.62
C LEU C 134 -53.77 2.26 0.97
N GLU C 135 -52.74 2.09 1.81
CA GLU C 135 -52.34 0.77 2.30
C GLU C 135 -53.49 0.07 3.02
N GLU C 136 -54.12 0.79 3.97
CA GLU C 136 -55.22 0.22 4.75
C GLU C 136 -56.41 -0.11 3.87
N SER C 137 -56.74 0.76 2.92
CA SER C 137 -57.88 0.52 2.03
C SER C 137 -57.64 -0.68 1.12
N GLN C 138 -56.42 -0.84 0.59
CA GLN C 138 -56.15 -1.99 -0.25
C GLN C 138 -56.12 -3.28 0.57
N ASN C 139 -55.64 -3.21 1.82
CA ASN C 139 -55.69 -4.38 2.70
C ASN C 139 -57.14 -4.78 2.97
N GLN C 140 -58.01 -3.81 3.23
CA GLN C 140 -59.43 -4.09 3.42
C GLN C 140 -60.06 -4.67 2.16
N GLN C 141 -59.70 -4.12 0.99
CA GLN C 141 -60.23 -4.62 -0.27
C GLN C 141 -59.80 -6.05 -0.54
N GLU C 142 -58.52 -6.37 -0.26
CA GLU C 142 -58.02 -7.73 -0.45
C GLU C 142 -58.68 -8.70 0.51
N LYS C 143 -58.90 -8.28 1.77
CA LYS C 143 -59.62 -9.12 2.73
C LYS C 143 -61.05 -9.37 2.27
N ASN C 144 -61.71 -8.32 1.74
CA ASN C 144 -63.09 -8.47 1.25
C ASN C 144 -63.14 -9.39 0.04
N GLU C 145 -62.15 -9.29 -0.86
CA GLU C 145 -62.09 -10.19 -2.01
C GLU C 145 -61.85 -11.63 -1.59
N GLN C 146 -61.00 -11.84 -0.58
CA GLN C 146 -60.76 -13.16 -0.03
C GLN C 146 -62.04 -13.74 0.57
N ASP C 147 -62.78 -12.93 1.33
CA ASP C 147 -64.04 -13.37 1.93
C ASP C 147 -65.09 -13.68 0.87
N LEU C 148 -65.16 -12.86 -0.19
CA LEU C 148 -66.10 -13.10 -1.28
C LEU C 148 -65.76 -14.37 -2.04
N LEU C 149 -64.48 -14.60 -2.33
CA LEU C 149 -64.06 -15.81 -3.02
C LEU C 149 -64.14 -17.05 -2.14
N ALA C 150 -64.22 -16.88 -0.81
CA ALA C 150 -64.38 -18.02 0.08
C ALA C 150 -65.69 -18.76 -0.18
N LEU C 151 -66.78 -18.04 -0.40
CA LEU C 151 -68.07 -18.66 -0.63
C LEU C 151 -68.43 -18.69 -2.13
N PHE D 8 -39.36 -32.90 -16.06
CA PHE D 8 -38.43 -31.82 -15.76
C PHE D 8 -37.18 -31.93 -16.64
N LEU D 9 -37.21 -31.25 -17.78
CA LEU D 9 -36.08 -31.27 -18.70
C LEU D 9 -34.87 -30.55 -18.11
N GLY D 10 -35.10 -29.49 -17.34
CA GLY D 10 -34.04 -28.72 -16.73
C GLY D 10 -33.84 -27.40 -17.44
N PHE D 11 -32.80 -26.68 -17.01
CA PHE D 11 -32.49 -25.36 -17.56
C PHE D 11 -32.03 -25.51 -19.02
N LEU D 12 -32.70 -24.76 -19.91
CA LEU D 12 -32.47 -24.75 -21.36
C LEU D 12 -32.67 -26.11 -22.01
N GLY D 13 -33.36 -27.04 -21.34
CA GLY D 13 -33.53 -28.38 -21.88
C GLY D 13 -34.40 -28.40 -23.12
N ALA D 14 -35.42 -27.56 -23.17
CA ALA D 14 -36.32 -27.48 -24.31
C ALA D 14 -35.84 -26.55 -25.40
N ALA D 15 -34.55 -26.18 -25.39
CA ALA D 15 -34.02 -25.24 -26.39
C ALA D 15 -34.01 -25.83 -27.79
N GLY D 16 -33.84 -27.14 -27.92
CA GLY D 16 -33.82 -27.74 -29.24
C GLY D 16 -35.10 -28.42 -29.66
N SER D 17 -36.06 -28.51 -28.75
CA SER D 17 -37.39 -29.00 -29.11
C SER D 17 -38.18 -27.87 -29.75
N THR D 18 -39.22 -28.24 -30.49
CA THR D 18 -40.12 -27.29 -31.12
C THR D 18 -40.82 -26.43 -30.06
N MET D 19 -41.42 -25.33 -30.52
CA MET D 19 -42.04 -24.35 -29.62
C MET D 19 -43.19 -24.94 -28.81
N GLY D 20 -43.91 -25.92 -29.39
CA GLY D 20 -45.05 -26.52 -28.71
C GLY D 20 -44.68 -27.17 -27.40
N ALA D 21 -43.50 -27.80 -27.35
CA ALA D 21 -42.99 -28.34 -26.10
C ALA D 21 -42.12 -27.33 -25.35
N ALA D 22 -41.65 -26.28 -26.03
CA ALA D 22 -40.79 -25.29 -25.39
C ALA D 22 -41.57 -24.33 -24.50
N SER D 23 -42.80 -23.98 -24.88
CA SER D 23 -43.62 -23.07 -24.08
C SER D 23 -44.10 -23.67 -22.78
N MET D 24 -43.99 -24.99 -22.58
CA MET D 24 -44.34 -25.59 -21.30
C MET D 24 -43.29 -25.30 -20.22
N THR D 25 -42.05 -25.04 -20.61
CA THR D 25 -40.94 -24.92 -19.68
C THR D 25 -40.43 -23.49 -19.56
N LEU D 26 -41.33 -22.51 -19.72
CA LEU D 26 -40.95 -21.10 -19.58
C LEU D 26 -40.49 -20.77 -18.16
N THR D 27 -41.15 -21.36 -17.16
CA THR D 27 -40.80 -21.11 -15.76
C THR D 27 -39.39 -21.58 -15.42
N VAL D 28 -38.91 -22.64 -16.08
CA VAL D 28 -37.58 -23.19 -15.78
C VAL D 28 -36.49 -22.20 -16.16
N GLN D 29 -36.60 -21.59 -17.35
CA GLN D 29 -35.63 -20.57 -17.73
C GLN D 29 -35.91 -19.22 -17.08
N ALA D 30 -37.15 -18.96 -16.65
CA ALA D 30 -37.46 -17.72 -15.97
C ALA D 30 -36.87 -17.69 -14.56
N ARG D 31 -36.87 -18.85 -13.89
CA ARG D 31 -36.34 -18.94 -12.53
C ARG D 31 -34.85 -18.66 -12.47
N ASN D 32 -34.11 -19.14 -13.46
CA ASN D 32 -32.65 -19.07 -13.45
C ASN D 32 -32.09 -17.70 -13.86
N LEU D 33 -32.93 -16.68 -13.97
CA LEU D 33 -32.46 -15.32 -14.23
C LEU D 33 -32.17 -14.55 -12.95
N LEU D 34 -32.39 -15.16 -11.78
CA LEU D 34 -32.15 -14.51 -10.50
C LEU D 34 -31.49 -15.46 -9.50
N SER D 35 -30.68 -16.40 -10.00
CA SER D 35 -30.02 -17.38 -9.14
C SER D 35 -29.03 -16.76 -8.16
N GLY D 36 -28.55 -15.55 -8.44
CA GLY D 36 -27.60 -14.90 -7.56
C GLY D 36 -26.93 -13.70 -8.21
N GLY D 60 -15.68 -9.75 -4.92
CA GLY D 60 -14.94 -8.55 -5.24
C GLY D 60 -15.77 -7.50 -5.96
N ILE D 61 -15.09 -6.51 -6.53
CA ILE D 61 -15.77 -5.46 -7.28
C ILE D 61 -16.43 -6.03 -8.53
N LYS D 62 -15.72 -6.93 -9.23
CA LYS D 62 -16.22 -7.50 -10.48
C LYS D 62 -17.47 -8.35 -10.27
N GLN D 63 -17.48 -9.17 -9.21
CA GLN D 63 -18.64 -10.00 -8.91
C GLN D 63 -19.85 -9.14 -8.53
N LEU D 64 -19.61 -8.09 -7.74
CA LEU D 64 -20.68 -7.16 -7.37
C LEU D 64 -21.24 -6.45 -8.59
N GLN D 65 -20.36 -6.03 -9.51
CA GLN D 65 -20.80 -5.38 -10.75
C GLN D 65 -21.61 -6.35 -11.61
N ALA D 66 -21.19 -7.61 -11.67
CA ALA D 66 -21.92 -8.62 -12.42
C ALA D 66 -23.32 -8.85 -11.83
N ARG D 67 -23.41 -8.92 -10.51
CA ARG D 67 -24.70 -9.11 -9.84
C ARG D 67 -25.61 -7.91 -10.06
N VAL D 68 -25.06 -6.69 -9.95
CA VAL D 68 -25.86 -5.48 -10.17
C VAL D 68 -26.33 -5.42 -11.62
N LEU D 69 -25.48 -5.79 -12.57
CA LEU D 69 -25.87 -5.81 -13.98
C LEU D 69 -26.96 -6.85 -14.24
N ALA D 70 -26.87 -8.02 -13.59
CA ALA D 70 -27.90 -9.04 -13.73
C ALA D 70 -29.24 -8.55 -13.19
N VAL D 71 -29.21 -7.88 -12.02
CA VAL D 71 -30.42 -7.32 -11.43
C VAL D 71 -31.02 -6.26 -12.34
N GLU D 72 -30.17 -5.38 -12.90
CA GLU D 72 -30.64 -4.33 -13.79
C GLU D 72 -31.22 -4.89 -15.09
N ARG D 73 -30.61 -5.97 -15.61
CA ARG D 73 -31.15 -6.61 -16.81
C ARG D 73 -32.51 -7.25 -16.55
N TYR D 74 -32.65 -7.93 -15.39
CA TYR D 74 -33.95 -8.50 -15.02
C TYR D 74 -35.00 -7.41 -14.85
N LEU D 75 -34.62 -6.29 -14.24
CA LEU D 75 -35.56 -5.19 -14.06
C LEU D 75 -35.91 -4.54 -15.39
N ARG D 76 -34.97 -4.49 -16.34
CA ARG D 76 -35.25 -3.99 -17.67
C ARG D 76 -36.28 -4.86 -18.38
N ASP D 77 -36.11 -6.19 -18.29
CA ASP D 77 -37.06 -7.12 -18.89
C ASP D 77 -38.44 -7.01 -18.25
N GLN D 78 -38.50 -6.93 -16.92
CA GLN D 78 -39.78 -6.82 -16.24
C GLN D 78 -40.44 -5.47 -16.48
N GLN D 79 -39.65 -4.40 -16.61
CA GLN D 79 -40.19 -3.10 -16.95
C GLN D 79 -40.75 -3.09 -18.37
N LEU D 80 -40.05 -3.75 -19.31
CA LEU D 80 -40.56 -3.90 -20.66
C LEU D 80 -41.88 -4.67 -20.68
N LEU D 81 -41.98 -5.73 -19.87
CA LEU D 81 -43.23 -6.47 -19.76
C LEU D 81 -44.34 -5.61 -19.18
N GLY D 82 -44.05 -4.88 -18.09
CA GLY D 82 -45.05 -4.05 -17.46
C GLY D 82 -45.51 -2.87 -18.31
N ILE D 83 -44.64 -2.36 -19.18
CA ILE D 83 -45.00 -1.27 -20.07
C ILE D 83 -45.97 -1.75 -21.15
N TRP D 84 -45.93 -3.03 -21.50
CA TRP D 84 -46.86 -3.60 -22.47
C TRP D 84 -48.11 -4.17 -21.82
N GLY D 85 -48.27 -4.04 -20.51
CA GLY D 85 -49.39 -4.60 -19.80
C GLY D 85 -49.30 -6.08 -19.49
N CYS D 86 -48.18 -6.72 -19.85
CA CYS D 86 -47.95 -8.14 -19.60
C CYS D 86 -47.27 -8.41 -18.26
N SER D 87 -47.44 -7.52 -17.28
CA SER D 87 -46.78 -7.66 -15.99
C SER D 87 -47.24 -8.92 -15.26
N GLY D 88 -46.28 -9.68 -14.76
CA GLY D 88 -46.54 -10.92 -14.05
C GLY D 88 -47.26 -11.96 -14.89
N LYS D 89 -46.90 -12.05 -16.17
CA LYS D 89 -47.54 -12.98 -17.10
C LYS D 89 -46.47 -13.48 -18.07
N LEU D 90 -46.16 -14.78 -17.98
CA LEU D 90 -45.19 -15.38 -18.89
C LEU D 90 -45.71 -15.40 -20.31
N ILE D 91 -46.93 -15.90 -20.50
CA ILE D 91 -47.59 -15.89 -21.81
C ILE D 91 -48.66 -14.82 -21.75
N CYS D 92 -48.51 -13.77 -22.56
CA CYS D 92 -49.39 -12.62 -22.51
C CYS D 92 -49.94 -12.33 -23.89
N CYS D 93 -51.26 -12.26 -24.00
CA CYS D 93 -51.90 -11.94 -25.27
C CYS D 93 -52.08 -10.43 -25.37
N THR D 94 -51.86 -9.89 -26.57
CA THR D 94 -51.89 -8.47 -26.82
C THR D 94 -52.76 -8.17 -28.02
N ASN D 95 -53.12 -6.89 -28.17
CA ASN D 95 -54.01 -6.44 -29.24
C ASN D 95 -53.27 -6.06 -30.51
N VAL D 96 -51.94 -6.11 -30.53
CA VAL D 96 -51.13 -5.73 -31.69
C VAL D 96 -51.34 -6.73 -32.81
N PRO D 97 -51.75 -6.30 -34.00
CA PRO D 97 -51.81 -7.22 -35.14
C PRO D 97 -50.43 -7.65 -35.60
N TRP D 98 -50.38 -8.84 -36.18
CA TRP D 98 -49.13 -9.39 -36.71
C TRP D 98 -48.98 -8.95 -38.16
N ASN D 99 -48.03 -8.06 -38.41
CA ASN D 99 -47.73 -7.62 -39.76
C ASN D 99 -47.15 -8.77 -40.56
N SER D 100 -47.69 -9.00 -41.77
CA SER D 100 -47.23 -10.09 -42.62
C SER D 100 -45.82 -9.87 -43.13
N SER D 101 -45.38 -8.61 -43.21
CA SER D 101 -44.03 -8.30 -43.68
C SER D 101 -42.95 -8.81 -42.73
N TRP D 102 -43.28 -8.93 -41.43
CA TRP D 102 -42.33 -9.43 -40.45
C TRP D 102 -41.94 -10.88 -40.74
N SER D 103 -42.92 -11.72 -41.08
CA SER D 103 -42.68 -13.09 -41.48
C SER D 103 -43.86 -13.59 -42.29
N ASN D 104 -43.58 -14.24 -43.41
CA ASN D 104 -44.63 -14.71 -44.32
C ASN D 104 -45.14 -16.10 -43.97
N ARG D 105 -44.54 -16.77 -42.99
CA ARG D 105 -44.89 -18.15 -42.68
C ARG D 105 -46.25 -18.22 -41.98
N ASN D 106 -46.73 -19.45 -41.79
CA ASN D 106 -48.03 -19.73 -41.22
C ASN D 106 -47.85 -20.27 -39.81
N LEU D 107 -48.98 -20.40 -39.09
CA LEU D 107 -48.97 -20.74 -37.68
C LEU D 107 -48.39 -22.13 -37.43
N SER D 108 -48.84 -23.12 -38.21
CA SER D 108 -48.38 -24.50 -38.03
C SER D 108 -46.88 -24.64 -38.28
N GLU D 109 -46.37 -23.97 -39.33
CA GLU D 109 -44.95 -23.99 -39.62
C GLU D 109 -44.14 -23.34 -38.51
N ILE D 110 -44.66 -22.25 -37.93
CA ILE D 110 -43.94 -21.56 -36.87
C ILE D 110 -43.93 -22.39 -35.59
N TRP D 111 -45.06 -23.00 -35.24
CA TRP D 111 -45.19 -23.66 -33.95
C TRP D 111 -44.86 -25.15 -33.98
N ASP D 112 -44.54 -25.72 -35.16
CA ASP D 112 -44.29 -27.16 -35.21
C ASP D 112 -43.12 -27.56 -36.09
N ASN D 113 -42.37 -26.61 -36.65
CA ASN D 113 -41.21 -26.95 -37.48
C ASN D 113 -39.91 -26.37 -36.95
N MET D 114 -39.92 -25.16 -36.40
CA MET D 114 -38.71 -24.51 -35.96
C MET D 114 -38.67 -24.37 -34.45
N THR D 115 -37.45 -24.25 -33.92
CA THR D 115 -37.21 -23.99 -32.53
C THR D 115 -37.29 -22.48 -32.27
N TRP D 116 -37.11 -22.10 -31.00
CA TRP D 116 -37.15 -20.68 -30.65
C TRP D 116 -35.91 -19.95 -31.15
N LEU D 117 -34.76 -20.63 -31.21
CA LEU D 117 -33.52 -20.01 -31.67
C LEU D 117 -33.60 -19.61 -33.15
N GLN D 118 -34.11 -20.50 -33.99
CA GLN D 118 -34.26 -20.21 -35.41
C GLN D 118 -35.23 -19.04 -35.63
N TRP D 119 -36.33 -19.02 -34.89
CA TRP D 119 -37.30 -17.93 -34.99
C TRP D 119 -36.69 -16.61 -34.52
N ASP D 120 -35.88 -16.66 -33.46
CA ASP D 120 -35.18 -15.46 -33.00
C ASP D 120 -34.22 -14.95 -34.06
N LYS D 121 -33.51 -15.85 -34.73
CA LYS D 121 -32.71 -15.48 -35.90
C LYS D 121 -33.58 -14.91 -37.02
N GLU D 122 -34.83 -15.33 -37.11
CA GLU D 122 -35.73 -14.91 -38.17
C GLU D 122 -36.48 -13.61 -37.89
N ILE D 123 -36.46 -13.09 -36.65
CA ILE D 123 -37.06 -11.79 -36.40
C ILE D 123 -36.08 -10.85 -35.70
N SER D 124 -34.79 -11.01 -36.01
CA SER D 124 -33.75 -10.20 -35.35
C SER D 124 -33.91 -8.71 -35.61
N ASN D 125 -34.21 -8.31 -36.84
CA ASN D 125 -34.25 -6.88 -37.16
C ASN D 125 -35.62 -6.24 -36.95
N TYR D 126 -36.66 -7.02 -36.66
CA TYR D 126 -38.01 -6.50 -36.49
C TYR D 126 -38.41 -6.33 -35.04
N THR D 127 -37.48 -6.49 -34.10
CA THR D 127 -37.83 -6.56 -32.68
C THR D 127 -38.26 -5.21 -32.12
N GLN D 128 -37.52 -4.15 -32.46
CA GLN D 128 -37.76 -2.82 -31.89
C GLN D 128 -39.11 -2.25 -32.32
N ILE D 129 -39.48 -2.50 -33.58
CA ILE D 129 -40.76 -2.02 -34.10
C ILE D 129 -41.92 -2.68 -33.37
N ILE D 130 -41.82 -4.00 -33.14
CA ILE D 130 -42.86 -4.74 -32.42
C ILE D 130 -42.94 -4.24 -30.97
N TYR D 131 -41.79 -3.97 -30.34
CA TYR D 131 -41.78 -3.45 -28.97
C TYR D 131 -42.45 -2.08 -28.89
N GLY D 132 -42.15 -1.20 -29.85
CA GLY D 132 -42.79 0.11 -29.88
C GLY D 132 -44.29 0.03 -30.10
N LEU D 133 -44.72 -0.86 -31.00
CA LEU D 133 -46.16 -1.06 -31.24
C LEU D 133 -46.87 -1.58 -30.00
N LEU D 134 -46.23 -2.51 -29.27
CA LEU D 134 -46.80 -2.99 -28.01
C LEU D 134 -46.94 -1.87 -26.99
N GLU D 135 -45.92 -1.01 -26.89
CA GLU D 135 -45.96 0.13 -25.97
C GLU D 135 -47.11 1.07 -26.33
N GLU D 136 -47.26 1.41 -27.62
CA GLU D 136 -48.32 2.30 -28.06
C GLU D 136 -49.70 1.68 -27.84
N SER D 137 -49.85 0.39 -28.12
CA SER D 137 -51.13 -0.29 -27.95
C SER D 137 -51.54 -0.33 -26.48
N GLN D 138 -50.59 -0.63 -25.57
CA GLN D 138 -50.93 -0.64 -24.16
C GLN D 138 -51.26 0.79 -23.67
N ASN D 139 -50.56 1.80 -24.21
CA ASN D 139 -50.87 3.19 -23.89
C ASN D 139 -52.31 3.53 -24.27
N GLN D 140 -52.70 3.18 -25.50
CA GLN D 140 -54.08 3.37 -25.95
C GLN D 140 -55.07 2.62 -25.07
N GLN D 141 -54.71 1.40 -24.65
CA GLN D 141 -55.57 0.61 -23.78
C GLN D 141 -55.78 1.28 -22.42
N GLU D 142 -54.72 1.83 -21.82
CA GLU D 142 -54.88 2.42 -20.50
C GLU D 142 -55.67 3.73 -20.57
N LYS D 143 -55.43 4.56 -21.61
CA LYS D 143 -56.24 5.80 -21.68
C LYS D 143 -57.70 5.47 -21.97
N ASN D 144 -57.96 4.43 -22.79
CA ASN D 144 -59.33 3.98 -23.02
C ASN D 144 -59.98 3.49 -21.74
N GLU D 145 -59.23 2.74 -20.92
CA GLU D 145 -59.74 2.24 -19.64
C GLU D 145 -60.07 3.40 -18.70
N GLN D 146 -59.19 4.41 -18.66
CA GLN D 146 -59.44 5.57 -17.79
C GLN D 146 -60.65 6.38 -18.26
N ASP D 147 -60.82 6.52 -19.58
CA ASP D 147 -62.01 7.20 -20.10
C ASP D 147 -63.28 6.41 -19.77
N LEU D 148 -63.22 5.08 -19.87
CA LEU D 148 -64.39 4.25 -19.59
C LEU D 148 -64.76 4.28 -18.11
N LEU D 149 -63.78 4.10 -17.22
CA LEU D 149 -64.06 4.02 -15.79
C LEU D 149 -64.49 5.35 -15.18
N ALA D 150 -64.14 6.48 -15.81
CA ALA D 150 -64.45 7.80 -15.26
C ALA D 150 -65.60 8.47 -15.99
N LEU D 151 -66.62 7.71 -16.38
CA LEU D 151 -67.78 8.24 -17.09
C LEU D 151 -68.62 9.17 -16.21
N GLU E 37 -64.10 -30.74 3.24
CA GLU E 37 -63.01 -29.80 3.51
C GLU E 37 -62.93 -28.74 2.42
N ASN E 38 -62.44 -29.16 1.24
CA ASN E 38 -62.30 -28.31 0.04
C ASN E 38 -61.46 -27.07 0.32
N LEU E 39 -60.37 -27.24 1.06
CA LEU E 39 -59.45 -26.15 1.31
C LEU E 39 -58.47 -26.00 0.15
N TRP E 40 -57.99 -24.77 -0.06
CA TRP E 40 -57.08 -24.48 -1.15
C TRP E 40 -55.93 -23.63 -0.64
N VAL E 41 -54.81 -23.71 -1.35
CA VAL E 41 -53.59 -22.99 -0.97
C VAL E 41 -53.76 -21.51 -1.30
N THR E 42 -53.52 -20.67 -0.30
CA THR E 42 -53.51 -19.22 -0.42
C THR E 42 -52.15 -18.67 -0.02
N VAL E 43 -51.59 -17.84 -0.88
CA VAL E 43 -50.27 -17.28 -0.67
C VAL E 43 -50.39 -15.93 0.02
N TYR E 44 -49.70 -15.78 1.14
CA TYR E 44 -49.64 -14.54 1.90
C TYR E 44 -48.22 -14.02 1.86
N TYR E 45 -48.07 -12.76 1.47
CA TYR E 45 -46.77 -12.11 1.37
C TYR E 45 -46.65 -11.06 2.47
N GLY E 46 -45.62 -11.19 3.30
CA GLY E 46 -45.39 -10.26 4.38
C GLY E 46 -45.94 -10.74 5.72
N VAL E 47 -45.85 -12.04 6.00
CA VAL E 47 -46.31 -12.58 7.28
C VAL E 47 -45.19 -12.46 8.31
N PRO E 48 -45.51 -12.33 9.62
CA PRO E 48 -44.43 -12.18 10.61
C PRO E 48 -43.80 -13.49 11.07
N VAL E 49 -42.87 -13.99 10.27
CA VAL E 49 -42.12 -15.20 10.57
C VAL E 49 -40.65 -14.94 10.23
N TRP E 50 -39.74 -15.52 11.00
CA TRP E 50 -38.32 -15.29 10.83
C TRP E 50 -37.54 -16.56 11.10
N LYS E 51 -36.28 -16.55 10.67
CA LYS E 51 -35.34 -17.64 10.93
C LYS E 51 -33.97 -17.06 11.22
N ASP E 52 -33.13 -17.86 11.86
CA ASP E 52 -31.76 -17.43 12.17
C ASP E 52 -30.96 -17.20 10.90
N ALA E 53 -30.24 -16.09 10.85
CA ALA E 53 -29.43 -15.75 9.69
C ALA E 53 -28.27 -14.85 10.09
N GLU E 54 -27.26 -14.83 9.22
CA GLU E 54 -26.07 -14.01 9.40
C GLU E 54 -25.98 -13.00 8.27
N THR E 55 -25.72 -11.74 8.62
CA THR E 55 -25.66 -10.68 7.62
C THR E 55 -24.69 -9.62 8.12
N THR E 56 -24.15 -8.84 7.18
CA THR E 56 -23.24 -7.75 7.52
C THR E 56 -24.04 -6.51 7.92
N LEU E 57 -24.26 -6.38 9.23
CA LEU E 57 -24.90 -5.20 9.77
C LEU E 57 -24.04 -3.97 9.55
N PHE E 58 -24.70 -2.83 9.34
CA PHE E 58 -24.00 -1.57 9.19
C PHE E 58 -24.00 -0.79 10.51
N CYS E 59 -23.20 0.28 10.52
CA CYS E 59 -22.92 1.05 11.72
C CYS E 59 -23.56 2.43 11.62
N ALA E 60 -24.27 2.83 12.65
CA ALA E 60 -24.82 4.18 12.79
C ALA E 60 -24.28 4.81 14.06
N SER E 61 -23.71 6.01 13.93
CA SER E 61 -23.13 6.71 15.06
C SER E 61 -23.70 8.12 15.13
N ASP E 62 -23.98 8.56 16.34
CA ASP E 62 -24.55 9.89 16.59
C ASP E 62 -23.60 11.02 16.18
N HIS E 71 -11.73 11.47 12.89
CA HIS E 71 -11.00 11.94 14.07
C HIS E 71 -10.76 10.78 15.04
N ASN E 72 -11.77 9.94 15.20
CA ASN E 72 -11.69 8.78 16.08
C ASN E 72 -11.09 7.59 15.35
N VAL E 73 -10.64 6.61 16.13
CA VAL E 73 -10.21 5.33 15.56
C VAL E 73 -11.39 4.64 14.90
N TRP E 74 -12.58 4.79 15.49
CA TRP E 74 -13.80 4.19 14.96
C TRP E 74 -14.56 5.31 14.26
N ALA E 75 -14.47 5.33 12.93
CA ALA E 75 -14.86 6.46 12.08
C ALA E 75 -16.33 6.85 12.23
N THR E 76 -16.58 8.03 12.80
CA THR E 76 -17.92 8.57 12.88
C THR E 76 -18.42 9.04 11.52
N HIS E 77 -17.52 9.62 10.72
CA HIS E 77 -17.88 10.08 9.37
C HIS E 77 -18.32 8.93 8.48
N ALA E 78 -17.62 7.80 8.54
CA ALA E 78 -17.92 6.68 7.65
C ALA E 78 -19.26 6.03 7.98
N CYS E 79 -19.67 6.07 9.24
CA CYS E 79 -20.94 5.49 9.67
C CYS E 79 -22.08 6.48 9.41
N VAL E 80 -23.24 5.94 9.10
CA VAL E 80 -24.42 6.73 8.75
C VAL E 80 -24.93 7.44 10.00
N PRO E 81 -25.66 8.56 9.88
CA PRO E 81 -26.29 9.16 11.06
C PRO E 81 -27.33 8.23 11.68
N THR E 82 -27.40 8.23 13.00
CA THR E 82 -28.37 7.39 13.69
C THR E 82 -29.75 8.05 13.68
N ASP E 83 -30.78 7.23 13.87
CA ASP E 83 -32.13 7.74 13.96
C ASP E 83 -32.29 8.58 15.22
N PRO E 84 -32.96 9.74 15.15
CA PRO E 84 -33.15 10.57 16.35
C PRO E 84 -33.97 9.90 17.45
N ASN E 85 -34.95 9.07 17.10
CA ASN E 85 -35.80 8.39 18.06
C ASN E 85 -35.95 6.94 17.64
N PRO E 86 -35.19 6.02 18.24
CA PRO E 86 -35.30 4.60 17.86
C PRO E 86 -36.66 4.01 18.21
N GLN E 87 -37.06 3.02 17.43
CA GLN E 87 -38.34 2.34 17.62
C GLN E 87 -38.09 0.96 18.23
N GLU E 88 -38.83 0.66 19.30
CA GLU E 88 -38.73 -0.60 20.03
C GLU E 88 -40.11 -1.23 20.02
N ILE E 89 -40.36 -2.13 19.07
CA ILE E 89 -41.67 -2.75 18.93
C ILE E 89 -41.69 -4.01 19.79
N HIS E 90 -42.53 -4.01 20.83
CA HIS E 90 -42.59 -5.14 21.76
C HIS E 90 -43.45 -6.24 21.14
N LEU E 91 -42.86 -7.42 20.95
CA LEU E 91 -43.56 -8.55 20.36
C LEU E 91 -44.21 -9.36 21.48
N GLU E 92 -45.49 -9.11 21.72
CA GLU E 92 -46.24 -9.86 22.72
C GLU E 92 -46.42 -11.30 22.26
N ASN E 93 -46.47 -12.22 23.24
CA ASN E 93 -46.73 -13.65 23.03
C ASN E 93 -45.65 -14.33 22.18
N VAL E 94 -44.43 -13.81 22.22
CA VAL E 94 -43.31 -14.37 21.45
C VAL E 94 -42.24 -14.86 22.41
N THR E 95 -41.85 -16.11 22.25
CA THR E 95 -40.75 -16.70 22.98
C THR E 95 -39.65 -17.05 21.98
N GLU E 96 -38.44 -16.59 22.24
CA GLU E 96 -37.35 -16.74 21.28
C GLU E 96 -36.16 -17.39 21.97
N GLU E 97 -35.49 -18.29 21.24
CA GLU E 97 -34.37 -19.05 21.78
C GLU E 97 -33.06 -18.31 21.48
N PHE E 98 -32.58 -17.53 22.44
CA PHE E 98 -31.35 -16.78 22.23
C PHE E 98 -30.13 -17.64 22.56
N ASN E 99 -28.97 -17.16 22.13
CA ASN E 99 -27.69 -17.79 22.43
C ASN E 99 -26.60 -16.73 22.38
N MET E 100 -25.90 -16.56 23.50
CA MET E 100 -24.85 -15.55 23.59
C MET E 100 -23.58 -15.96 22.84
N TRP E 101 -23.23 -17.24 22.92
CA TRP E 101 -21.92 -17.72 22.50
C TRP E 101 -21.84 -18.10 21.03
N LYS E 102 -22.96 -18.42 20.39
CA LYS E 102 -22.99 -18.62 18.96
C LYS E 102 -23.54 -17.40 18.23
N ASN E 103 -23.63 -16.26 18.91
CA ASN E 103 -24.05 -15.02 18.26
C ASN E 103 -22.97 -14.56 17.29
N ASN E 104 -23.35 -14.30 16.04
CA ASN E 104 -22.41 -13.87 15.02
C ASN E 104 -22.23 -12.35 14.99
N MET E 105 -23.03 -11.61 15.75
CA MET E 105 -22.80 -10.18 15.89
C MET E 105 -21.49 -9.91 16.62
N VAL E 106 -21.10 -10.81 17.52
CA VAL E 106 -19.84 -10.66 18.25
C VAL E 106 -18.66 -10.79 17.30
N GLU E 107 -18.70 -11.82 16.43
CA GLU E 107 -17.61 -12.05 15.47
C GLU E 107 -17.53 -10.92 14.45
N GLN E 108 -18.68 -10.48 13.93
CA GLN E 108 -18.71 -9.36 12.99
C GLN E 108 -18.22 -8.07 13.64
N MET E 109 -18.63 -7.82 14.90
CA MET E 109 -18.16 -6.65 15.63
C MET E 109 -16.66 -6.67 15.82
N HIS E 110 -16.11 -7.83 16.19
CA HIS E 110 -14.66 -7.96 16.39
C HIS E 110 -13.90 -7.72 15.10
N THR E 111 -14.39 -8.29 13.99
CA THR E 111 -13.75 -8.10 12.70
C THR E 111 -13.81 -6.63 12.27
N ASP E 112 -14.96 -5.97 12.48
CA ASP E 112 -15.11 -4.56 12.14
C ASP E 112 -14.18 -3.67 12.98
N ILE E 113 -14.06 -3.97 14.27
CA ILE E 113 -13.20 -3.19 15.17
C ILE E 113 -11.73 -3.33 14.78
N ILE E 114 -11.29 -4.57 14.48
CA ILE E 114 -9.91 -4.80 14.05
C ILE E 114 -9.63 -4.09 12.73
N SER E 115 -10.58 -4.15 11.80
CA SER E 115 -10.41 -3.49 10.51
C SER E 115 -10.38 -1.96 10.65
N LEU E 116 -11.17 -1.41 11.57
CA LEU E 116 -11.11 0.03 11.87
C LEU E 116 -9.75 0.42 12.43
N TRP E 117 -9.21 -0.41 13.33
CA TRP E 117 -7.89 -0.18 13.89
C TRP E 117 -6.82 -0.16 12.80
N ASP E 118 -6.88 -1.15 11.89
CA ASP E 118 -5.92 -1.22 10.80
C ASP E 118 -6.05 -0.03 9.85
N GLN E 119 -7.30 0.35 9.52
CA GLN E 119 -7.53 1.47 8.62
C GLN E 119 -7.06 2.78 9.22
N SER E 120 -7.20 2.93 10.55
CA SER E 120 -6.68 4.12 11.21
C SER E 120 -5.15 4.11 11.25
N LEU E 121 -4.54 2.93 11.38
CA LEU E 121 -3.09 2.86 11.45
C LEU E 121 -2.41 2.90 10.08
N LYS E 122 -3.16 2.72 8.99
CA LYS E 122 -2.56 2.71 7.66
C LYS E 122 -1.89 4.04 7.24
N PRO E 123 -2.54 5.22 7.28
CA PRO E 123 -1.86 6.40 6.71
C PRO E 123 -0.74 6.98 7.56
N CYS E 124 -0.57 6.54 8.79
CA CYS E 124 0.39 7.12 9.71
C CYS E 124 1.81 6.63 9.41
N VAL E 125 2.79 7.27 10.05
CA VAL E 125 4.19 7.06 9.69
C VAL E 125 4.70 5.74 10.25
N LYS E 126 5.79 5.26 9.65
CA LYS E 126 6.46 4.02 10.04
C LYS E 126 7.75 4.34 10.77
N LEU E 127 7.96 3.67 11.90
CA LEU E 127 9.14 3.90 12.76
C LEU E 127 10.19 2.81 12.60
N THR E 128 10.40 2.33 11.38
CA THR E 128 11.53 1.44 11.11
C THR E 128 12.93 2.01 11.43
N PRO E 129 13.25 3.31 11.25
CA PRO E 129 14.57 3.77 11.73
C PRO E 129 14.78 3.65 13.23
N LEU E 130 13.71 3.67 14.03
CA LEU E 130 13.83 3.69 15.49
C LEU E 130 14.39 2.39 16.07
N CYS E 131 14.40 1.30 15.30
CA CYS E 131 14.97 0.03 15.76
C CYS E 131 16.48 0.09 15.56
N VAL E 132 17.15 0.73 16.51
CA VAL E 132 18.60 0.94 16.51
C VAL E 132 19.12 0.66 17.92
N THR E 133 20.43 0.81 18.08
CA THR E 133 21.06 0.63 19.38
C THR E 133 20.93 1.92 20.17
N LEU E 134 20.44 1.81 21.40
CA LEU E 134 20.14 2.95 22.26
C LEU E 134 20.99 2.90 23.52
N GLN E 135 21.65 4.01 23.86
CA GLN E 135 22.37 4.10 25.12
C GLN E 135 21.42 4.64 26.17
N CYS E 136 21.03 3.81 27.13
CA CYS E 136 19.99 4.17 28.08
C CYS E 136 20.59 4.30 29.46
N THR E 137 20.36 5.45 30.09
CA THR E 137 20.69 5.67 31.49
C THR E 137 19.39 5.82 32.28
N ASN E 138 19.53 6.03 33.58
CA ASN E 138 18.39 6.25 34.45
C ASN E 138 18.02 7.72 34.41
N VAL E 139 16.72 8.00 34.28
CA VAL E 139 16.23 9.35 34.48
C VAL E 139 16.48 9.76 35.93
N THR E 140 16.87 11.02 36.14
CA THR E 140 17.27 11.51 37.45
C THR E 140 16.11 11.47 38.45
N ASN E 141 16.12 10.50 39.35
CA ASN E 141 14.95 10.25 40.19
C ASN E 141 15.41 9.80 41.60
N ASN E 142 16.51 10.41 42.10
CA ASN E 142 17.16 10.05 43.39
C ASN E 142 17.54 8.57 43.30
N ILE E 143 17.11 7.71 44.22
CA ILE E 143 17.22 6.25 44.14
C ILE E 143 15.94 5.78 44.81
N THR E 144 14.98 5.36 44.01
CA THR E 144 13.71 4.84 44.51
C THR E 144 13.75 3.35 44.84
N ASP E 145 14.94 2.74 44.87
CA ASP E 145 15.15 1.28 45.02
C ASP E 145 14.41 0.69 43.82
N ASP E 146 13.63 -0.39 43.98
CA ASP E 146 12.70 -0.90 42.95
C ASP E 146 11.91 0.21 42.24
N MET E 147 11.45 -0.06 41.00
CA MET E 147 10.72 0.84 40.11
C MET E 147 11.55 2.04 39.66
N ARG E 148 12.87 2.01 39.84
CA ARG E 148 13.74 3.09 39.39
C ARG E 148 13.88 3.12 37.87
N GLY E 149 13.94 1.95 37.25
CA GLY E 149 14.15 1.87 35.83
C GLY E 149 12.92 1.95 34.97
N GLU E 150 11.78 2.34 35.54
CA GLU E 150 10.53 2.41 34.79
C GLU E 150 10.57 3.44 33.67
N LEU E 151 11.39 4.47 33.81
CA LEU E 151 11.68 5.40 32.73
C LEU E 151 13.19 5.42 32.47
N LYS E 152 13.56 5.24 31.21
CA LYS E 152 14.96 5.16 30.79
C LYS E 152 15.23 6.27 29.79
N ASN E 153 16.26 7.06 30.07
CA ASN E 153 16.69 8.17 29.21
C ASN E 153 17.63 7.57 28.18
N CYS E 154 17.14 7.36 26.96
CA CYS E 154 17.86 6.64 25.93
C CYS E 154 18.25 7.57 24.78
N SER E 155 19.52 7.55 24.42
CA SER E 155 20.07 8.35 23.32
C SER E 155 20.38 7.45 22.13
N PHE E 156 20.07 7.94 20.93
CA PHE E 156 20.25 7.16 19.71
C PHE E 156 20.53 8.11 18.55
N ASN E 157 21.16 7.56 17.51
CA ASN E 157 21.28 8.26 16.24
C ASN E 157 20.03 8.05 15.42
N MET E 158 19.47 9.12 14.89
CA MET E 158 18.30 9.06 14.04
C MET E 158 18.60 9.71 12.70
N THR E 159 17.94 9.22 11.66
CA THR E 159 17.98 9.84 10.35
C THR E 159 17.29 11.21 10.37
N THR E 160 17.66 12.05 9.40
CA THR E 160 17.14 13.40 9.24
C THR E 160 16.38 13.50 7.93
N GLU E 161 15.98 14.73 7.59
CA GLU E 161 15.41 15.01 6.27
C GLU E 161 16.39 14.68 5.15
N LEU E 162 17.69 14.76 5.41
CA LEU E 162 18.72 14.41 4.45
C LEU E 162 19.20 12.99 4.75
N ARG E 163 19.22 12.13 3.74
CA ARG E 163 19.58 10.73 3.95
C ARG E 163 21.03 10.58 4.41
N ASP E 164 21.92 11.45 3.93
CA ASP E 164 23.34 11.35 4.24
C ASP E 164 23.70 11.78 5.65
N LYS E 165 22.78 12.39 6.40
CA LYS E 165 23.09 12.90 7.73
C LYS E 165 22.34 12.14 8.82
N LYS E 166 22.91 12.16 10.02
CA LYS E 166 22.31 11.59 11.21
C LYS E 166 22.35 12.62 12.33
N GLN E 167 21.57 12.38 13.39
CA GLN E 167 21.52 13.29 14.52
C GLN E 167 21.46 12.49 15.82
N LYS E 168 22.26 12.89 16.81
CA LYS E 168 22.20 12.28 18.12
C LYS E 168 21.06 12.93 18.88
N VAL E 169 20.03 12.15 19.23
CA VAL E 169 18.85 12.67 19.91
C VAL E 169 18.62 11.73 21.10
N TYR E 170 17.71 12.09 22.01
CA TYR E 170 17.39 11.31 23.19
C TYR E 170 15.87 11.30 23.36
N SER E 171 15.39 10.37 24.18
CA SER E 171 13.98 10.17 24.42
C SER E 171 13.81 9.32 25.67
N LEU E 172 12.68 9.47 26.35
CA LEU E 172 12.38 8.69 27.54
C LEU E 172 11.50 7.52 27.15
N PHE E 173 12.04 6.31 27.26
CA PHE E 173 11.33 5.07 26.96
C PHE E 173 11.03 4.32 28.23
N TYR E 174 9.86 3.70 28.29
CA TYR E 174 9.52 2.89 29.44
C TYR E 174 10.35 1.60 29.46
N ARG E 175 10.41 0.98 30.66
CA ARG E 175 11.16 -0.26 30.82
C ARG E 175 10.55 -1.38 29.99
N LEU E 176 9.22 -1.46 29.95
CA LEU E 176 8.52 -2.46 29.15
C LEU E 176 8.73 -2.25 27.64
N ASP E 177 9.10 -1.04 27.23
CA ASP E 177 9.31 -0.74 25.82
C ASP E 177 10.68 -1.14 25.31
N VAL E 178 11.61 -1.48 26.19
CA VAL E 178 13.00 -1.73 25.81
C VAL E 178 13.47 -3.04 26.44
N VAL E 179 14.54 -3.58 25.87
CA VAL E 179 15.17 -4.81 26.33
C VAL E 179 16.67 -4.66 26.12
N GLN E 180 17.45 -5.13 27.09
CA GLN E 180 18.90 -5.00 27.03
C GLN E 180 19.47 -5.92 25.96
N ILE E 181 20.55 -5.47 25.34
CA ILE E 181 21.21 -6.24 24.29
C ILE E 181 22.22 -7.20 24.90
N ASN E 193 26.08 -3.01 29.13
CA ASN E 193 25.54 -2.50 30.38
C ASN E 193 24.54 -1.36 30.14
N LYS E 194 24.74 -0.63 29.04
CA LYS E 194 23.87 0.49 28.69
C LYS E 194 23.21 0.32 27.33
N GLU E 195 23.54 -0.73 26.58
CA GLU E 195 22.97 -0.92 25.25
C GLU E 195 21.59 -1.58 25.37
N TYR E 196 20.59 -0.95 24.78
CA TYR E 196 19.22 -1.45 24.76
C TYR E 196 18.68 -1.35 23.34
N ARG E 197 17.52 -1.97 23.13
CA ARG E 197 16.78 -1.84 21.89
C ARG E 197 15.31 -2.00 22.22
N LEU E 198 14.45 -1.45 21.35
CA LEU E 198 13.01 -1.59 21.53
C LEU E 198 12.61 -3.07 21.45
N ILE E 199 11.66 -3.46 22.30
CA ILE E 199 11.33 -4.87 22.53
C ILE E 199 10.78 -5.54 21.28
N ASN E 200 10.26 -4.77 20.33
CA ASN E 200 9.64 -5.31 19.14
C ASN E 200 10.62 -5.58 18.01
N CYS E 201 11.90 -5.22 18.16
CA CYS E 201 12.80 -5.12 17.01
C CYS E 201 13.15 -6.46 16.39
N ASN E 202 12.84 -7.57 17.07
CA ASN E 202 13.03 -8.90 16.51
C ASN E 202 11.72 -9.55 16.10
N THR E 203 10.58 -9.13 16.66
CA THR E 203 9.32 -9.81 16.44
C THR E 203 8.47 -9.18 15.33
N SER E 204 8.52 -7.87 15.17
CA SER E 204 7.56 -7.16 14.32
C SER E 204 8.09 -5.76 14.05
N ALA E 205 7.35 -4.98 13.27
CA ALA E 205 7.66 -3.58 13.03
C ALA E 205 6.56 -2.71 13.60
N ILE E 206 6.93 -1.51 14.06
CA ILE E 206 5.99 -0.58 14.68
C ILE E 206 5.55 0.47 13.68
N THR E 207 4.27 0.81 13.76
CA THR E 207 3.70 1.98 13.11
C THR E 207 3.26 2.94 14.21
N GLN E 208 3.71 4.18 14.13
CA GLN E 208 3.33 5.16 15.14
C GLN E 208 1.90 5.61 14.87
N ALA E 209 1.06 5.56 15.89
CA ALA E 209 -0.31 6.03 15.77
C ALA E 209 -0.35 7.54 15.54
N CYS E 210 -1.29 7.98 14.71
CA CYS E 210 -1.39 9.40 14.37
C CYS E 210 -1.77 10.22 15.59
N PRO E 211 -1.03 11.29 15.89
CA PRO E 211 -1.33 12.08 17.12
C PRO E 211 -2.71 12.73 17.13
N LYS E 212 -3.20 13.17 15.97
CA LYS E 212 -4.52 13.79 15.92
C LYS E 212 -5.63 12.76 16.14
N VAL E 213 -5.40 11.53 15.72
CA VAL E 213 -6.36 10.45 15.92
C VAL E 213 -6.46 10.13 17.40
N SER E 214 -7.68 10.09 17.93
CA SER E 214 -7.94 9.83 19.33
C SER E 214 -8.51 8.42 19.51
N PHE E 215 -8.12 7.77 20.60
CA PHE E 215 -8.53 6.40 20.88
C PHE E 215 -9.81 6.32 21.70
N GLU E 216 -10.51 7.44 21.85
CA GLU E 216 -11.72 7.47 22.68
C GLU E 216 -12.81 6.61 22.05
N PRO E 217 -13.45 5.72 22.80
CA PRO E 217 -14.62 5.01 22.28
C PRO E 217 -15.77 5.96 21.97
N ILE E 218 -16.50 5.64 20.91
CA ILE E 218 -17.69 6.39 20.54
C ILE E 218 -18.81 5.35 20.48
N PRO E 219 -20.02 5.66 20.93
CA PRO E 219 -21.11 4.67 20.87
C PRO E 219 -21.52 4.40 19.42
N ILE E 220 -21.33 3.15 18.99
CA ILE E 220 -21.70 2.71 17.66
C ILE E 220 -22.91 1.78 17.78
N HIS E 221 -23.93 2.03 16.97
CA HIS E 221 -25.14 1.24 16.95
C HIS E 221 -25.12 0.33 15.73
N TYR E 222 -25.33 -0.96 15.94
CA TYR E 222 -25.28 -1.95 14.87
C TYR E 222 -26.70 -2.17 14.36
N CYS E 223 -26.96 -1.69 13.15
CA CYS E 223 -28.29 -1.79 12.54
C CYS E 223 -28.26 -2.85 11.45
N ALA E 224 -29.27 -3.70 11.44
CA ALA E 224 -29.39 -4.73 10.43
C ALA E 224 -29.96 -4.15 9.13
N PRO E 225 -29.64 -4.72 7.97
CA PRO E 225 -30.14 -4.16 6.71
C PRO E 225 -31.62 -4.52 6.49
N ALA E 226 -32.12 -4.12 5.33
CA ALA E 226 -33.50 -4.42 4.96
C ALA E 226 -33.69 -5.93 4.81
N GLY E 227 -34.87 -6.41 5.19
CA GLY E 227 -35.15 -7.83 5.18
C GLY E 227 -34.63 -8.57 6.40
N PHE E 228 -34.05 -7.88 7.38
CA PHE E 228 -33.57 -8.49 8.60
C PHE E 228 -34.08 -7.69 9.79
N ALA E 229 -34.17 -8.36 10.93
CA ALA E 229 -34.65 -7.76 12.17
C ALA E 229 -33.70 -8.12 13.31
N ILE E 230 -33.63 -7.22 14.29
CA ILE E 230 -32.81 -7.42 15.48
C ILE E 230 -33.75 -7.59 16.67
N LEU E 231 -33.78 -8.78 17.24
CA LEU E 231 -34.63 -9.07 18.39
C LEU E 231 -33.82 -8.87 19.67
N LYS E 232 -34.31 -8.00 20.54
CA LYS E 232 -33.74 -7.76 21.85
C LYS E 232 -34.54 -8.53 22.88
N CYS E 233 -33.83 -9.19 23.80
CA CYS E 233 -34.46 -9.91 24.91
C CYS E 233 -34.55 -8.98 26.09
N LYS E 234 -35.72 -8.33 26.24
CA LYS E 234 -36.00 -7.41 27.33
C LYS E 234 -36.09 -8.08 28.69
N ASP E 235 -36.15 -9.41 28.74
CA ASP E 235 -36.27 -10.15 29.99
C ASP E 235 -35.06 -9.91 30.88
N LYS E 236 -35.32 -9.54 32.14
CA LYS E 236 -34.29 -9.44 33.15
C LYS E 236 -34.13 -10.78 33.87
N LYS E 237 -32.91 -11.02 34.38
CA LYS E 237 -32.41 -12.29 34.91
C LYS E 237 -32.31 -13.36 33.82
N PHE E 238 -32.26 -12.94 32.56
CA PHE E 238 -32.01 -13.85 31.45
C PHE E 238 -30.52 -14.12 31.36
N ASN E 239 -30.11 -15.39 31.52
CA ASN E 239 -28.69 -15.66 31.73
C ASN E 239 -27.87 -15.40 30.47
N GLY E 240 -27.91 -16.30 29.49
CA GLY E 240 -27.42 -15.92 28.18
C GLY E 240 -27.98 -16.74 27.04
N THR E 241 -28.86 -17.69 27.34
CA THR E 241 -29.14 -18.79 26.43
C THR E 241 -30.55 -19.27 26.71
N GLY E 242 -31.14 -19.93 25.71
CA GLY E 242 -32.44 -20.55 25.89
C GLY E 242 -33.59 -19.61 25.67
N PRO E 243 -34.76 -19.96 26.20
CA PRO E 243 -35.97 -19.19 25.91
C PRO E 243 -35.96 -17.80 26.53
N CYS E 244 -36.66 -16.89 25.87
CA CYS E 244 -36.87 -15.53 26.33
C CYS E 244 -38.28 -15.11 25.93
N PRO E 245 -39.19 -14.97 26.89
CA PRO E 245 -40.57 -14.63 26.55
C PRO E 245 -40.85 -13.14 26.35
N SER E 246 -39.93 -12.26 26.73
CA SER E 246 -40.09 -10.83 26.53
C SER E 246 -39.13 -10.42 25.41
N VAL E 247 -39.66 -10.24 24.20
CA VAL E 247 -38.85 -9.94 23.03
C VAL E 247 -39.36 -8.65 22.42
N SER E 248 -38.46 -7.91 21.76
CA SER E 248 -38.86 -6.68 21.10
C SER E 248 -37.89 -6.41 19.95
N THR E 249 -38.43 -6.13 18.78
CA THR E 249 -37.58 -5.85 17.63
C THR E 249 -37.17 -4.38 17.62
N VAL E 250 -35.93 -4.13 17.18
CA VAL E 250 -35.36 -2.80 17.15
C VAL E 250 -34.75 -2.57 15.78
N GLN E 251 -34.54 -1.29 15.46
CA GLN E 251 -33.85 -0.95 14.22
C GLN E 251 -32.35 -1.06 14.39
N CYS E 252 -31.83 -0.57 15.51
CA CYS E 252 -30.41 -0.61 15.83
C CYS E 252 -30.24 -0.97 17.29
N THR E 253 -29.10 -1.57 17.60
CA THR E 253 -28.74 -1.85 18.99
C THR E 253 -28.39 -0.55 19.71
N HIS E 254 -28.34 -0.62 21.04
CA HIS E 254 -27.96 0.53 21.85
C HIS E 254 -26.49 0.90 21.60
N GLY E 255 -26.11 2.06 22.12
CA GLY E 255 -24.74 2.53 21.98
C GLY E 255 -23.72 1.65 22.66
N ILE E 256 -22.97 0.90 21.86
CA ILE E 256 -21.97 -0.04 22.36
C ILE E 256 -20.61 0.62 22.20
N LYS E 257 -20.06 1.11 23.29
CA LYS E 257 -18.74 1.71 23.26
C LYS E 257 -17.71 0.60 23.11
N PRO E 258 -16.85 0.63 22.10
CA PRO E 258 -15.77 -0.37 22.05
C PRO E 258 -14.71 -0.04 23.06
N VAL E 259 -14.68 -0.77 24.17
CA VAL E 259 -13.75 -0.54 25.26
C VAL E 259 -12.84 -1.76 25.34
N VAL E 260 -11.56 -1.55 25.11
CA VAL E 260 -10.57 -2.61 25.12
C VAL E 260 -10.07 -2.74 26.56
N SER E 261 -10.48 -3.80 27.24
CA SER E 261 -10.09 -3.97 28.62
C SER E 261 -10.03 -5.45 28.98
N THR E 262 -9.27 -5.73 30.02
CA THR E 262 -9.03 -7.08 30.53
C THR E 262 -9.24 -7.04 32.03
N GLN E 263 -9.86 -8.10 32.58
CA GLN E 263 -10.18 -8.35 33.99
C GLN E 263 -11.30 -7.49 34.54
N LEU E 264 -11.73 -6.47 33.80
CA LEU E 264 -12.74 -5.53 34.28
C LEU E 264 -13.35 -4.87 33.05
N LEU E 265 -14.64 -5.07 32.84
CA LEU E 265 -15.33 -4.39 31.75
C LEU E 265 -15.65 -2.96 32.17
N LEU E 266 -15.27 -2.00 31.33
CA LEU E 266 -15.43 -0.59 31.64
C LEU E 266 -16.43 0.04 30.68
N ASN E 267 -17.23 0.98 31.21
CA ASN E 267 -18.18 1.79 30.44
C ASN E 267 -19.19 0.93 29.67
N GLY E 268 -19.70 -0.10 30.33
CA GLY E 268 -20.70 -0.99 29.77
C GLY E 268 -22.08 -0.77 30.34
N SER E 269 -23.00 -1.62 29.89
CA SER E 269 -24.37 -1.59 30.41
C SER E 269 -24.39 -2.11 31.85
N LEU E 270 -25.30 -1.56 32.64
CA LEU E 270 -25.27 -1.72 34.10
C LEU E 270 -26.30 -2.71 34.63
N ALA E 271 -26.81 -3.62 33.78
CA ALA E 271 -27.88 -4.58 34.11
C ALA E 271 -29.16 -3.86 34.56
N GLU E 272 -30.12 -4.63 35.07
CA GLU E 272 -31.37 -4.03 35.52
C GLU E 272 -31.68 -4.33 36.97
N GLU E 273 -31.61 -5.60 37.39
CA GLU E 273 -32.11 -6.02 38.69
C GLU E 273 -31.01 -6.48 39.63
N GLU E 274 -30.21 -7.46 39.22
CA GLU E 274 -29.20 -8.04 40.09
C GLU E 274 -27.93 -8.32 39.29
N VAL E 275 -26.86 -8.62 40.01
CA VAL E 275 -25.60 -9.02 39.38
C VAL E 275 -25.82 -10.33 38.63
N MET E 276 -25.39 -10.37 37.37
CA MET E 276 -25.69 -11.50 36.50
C MET E 276 -24.40 -12.17 36.07
N ILE E 277 -24.33 -13.48 36.26
CA ILE E 277 -23.18 -14.29 35.90
C ILE E 277 -23.54 -15.17 34.72
N ARG E 278 -22.69 -15.16 33.70
CA ARG E 278 -22.95 -15.86 32.45
C ARG E 278 -21.66 -16.54 32.01
N SER E 279 -21.75 -17.85 31.79
CA SER E 279 -20.64 -18.63 31.26
C SER E 279 -21.22 -19.68 30.33
N GLU E 280 -20.42 -20.12 29.36
CA GLU E 280 -20.90 -21.05 28.35
C GLU E 280 -21.32 -22.36 29.01
N ASN E 281 -20.45 -22.88 29.87
CA ASN E 281 -20.85 -23.94 30.79
C ASN E 281 -20.18 -23.60 32.11
N ILE E 282 -20.94 -23.62 33.21
CA ILE E 282 -20.36 -23.38 34.53
C ILE E 282 -19.38 -24.48 34.90
N THR E 283 -19.67 -25.74 34.52
CA THR E 283 -18.82 -26.86 34.87
C THR E 283 -17.43 -26.77 34.25
N ASN E 284 -17.35 -26.32 33.00
CA ASN E 284 -16.08 -26.15 32.31
C ASN E 284 -15.28 -25.02 32.96
N ASN E 285 -13.97 -25.22 33.07
CA ASN E 285 -13.07 -24.18 33.58
C ASN E 285 -12.59 -23.24 32.49
N ALA E 286 -12.26 -23.80 31.31
CA ALA E 286 -11.76 -23.06 30.16
C ALA E 286 -12.66 -21.93 29.70
N LYS E 287 -13.95 -21.95 30.05
CA LYS E 287 -14.89 -20.93 29.64
C LYS E 287 -14.84 -19.78 30.63
N ASN E 288 -14.56 -18.58 30.13
CA ASN E 288 -14.51 -17.40 30.98
C ASN E 288 -15.91 -17.04 31.48
N ILE E 289 -15.97 -16.61 32.74
CA ILE E 289 -17.22 -16.20 33.37
C ILE E 289 -17.35 -14.68 33.23
N LEU E 290 -18.43 -14.23 32.62
CA LEU E 290 -18.72 -12.81 32.49
C LEU E 290 -19.68 -12.41 33.59
N VAL E 291 -19.27 -11.45 34.42
CA VAL E 291 -20.08 -10.94 35.51
C VAL E 291 -20.48 -9.52 35.15
N GLN E 292 -21.78 -9.22 35.25
CA GLN E 292 -22.30 -7.89 34.99
C GLN E 292 -22.89 -7.33 36.28
N PHE E 293 -22.39 -6.17 36.70
CA PHE E 293 -22.82 -5.54 37.93
C PHE E 293 -24.14 -4.82 37.75
N ASN E 294 -24.94 -4.79 38.82
CA ASN E 294 -26.17 -3.99 38.83
C ASN E 294 -25.94 -2.55 39.27
N THR E 295 -24.76 -2.22 39.80
CA THR E 295 -24.36 -0.86 40.17
C THR E 295 -22.89 -0.72 39.79
N PRO E 296 -22.46 0.44 39.30
CA PRO E 296 -21.07 0.59 38.87
C PRO E 296 -20.12 0.68 40.06
N VAL E 297 -18.85 0.39 39.80
CA VAL E 297 -17.77 0.67 40.73
C VAL E 297 -16.88 1.71 40.08
N GLN E 298 -16.85 2.91 40.63
CA GLN E 298 -16.07 3.98 40.04
C GLN E 298 -14.58 3.74 40.21
N ILE E 299 -13.81 4.00 39.15
CA ILE E 299 -12.37 3.86 39.16
C ILE E 299 -11.75 5.13 38.60
N ASN E 300 -10.82 5.72 39.37
CA ASN E 300 -10.13 6.96 39.04
C ASN E 300 -8.69 6.64 38.66
N CYS E 301 -8.37 6.72 37.38
CA CYS E 301 -7.05 6.36 36.91
C CYS E 301 -6.28 7.60 36.48
N THR E 302 -5.00 7.64 36.83
CA THR E 302 -4.20 8.83 36.57
C THR E 302 -2.76 8.45 36.25
N ARG E 303 -2.16 9.26 35.37
CA ARG E 303 -0.74 9.21 35.05
C ARG E 303 -0.17 10.55 35.47
N PRO E 304 0.30 10.69 36.72
CA PRO E 304 0.63 12.01 37.26
C PRO E 304 1.93 12.63 36.76
N ASN E 305 2.58 12.05 35.76
CA ASN E 305 3.77 12.63 35.15
C ASN E 305 3.32 13.59 34.06
N ASN E 306 3.97 14.75 33.99
CA ASN E 306 3.61 15.76 32.99
C ASN E 306 3.88 15.26 31.57
N ASN E 307 5.06 14.67 31.34
CA ASN E 307 5.42 13.97 30.10
C ASN E 307 5.31 14.87 28.87
N THR E 308 6.22 15.85 28.83
CA THR E 308 6.33 16.74 27.67
C THR E 308 6.68 15.94 26.41
N ARG E 309 6.13 16.36 25.27
CA ARG E 309 6.30 15.69 23.99
C ARG E 309 7.18 16.54 23.08
N LYS E 310 7.98 15.86 22.24
CA LYS E 310 8.94 16.49 21.36
C LYS E 310 8.78 15.87 19.98
N SER E 311 9.14 16.60 18.93
CA SER E 311 9.05 16.13 17.55
C SER E 311 10.45 15.93 16.99
N ILE E 312 10.69 14.74 16.44
CA ILE E 312 11.98 14.36 15.89
C ILE E 312 11.77 14.00 14.43
N ARG E 313 12.33 14.79 13.52
CA ARG E 313 12.18 14.53 12.09
C ARG E 313 12.99 13.29 11.71
N ILE E 314 12.30 12.20 11.36
CA ILE E 314 12.98 10.97 10.96
C ILE E 314 13.16 10.89 9.46
N GLY E 315 12.48 11.73 8.69
CA GLY E 315 12.53 11.66 7.25
C GLY E 315 11.73 12.78 6.65
N PRO E 316 11.61 12.80 5.32
CA PRO E 316 10.87 13.88 4.66
C PRO E 316 9.37 13.81 4.91
N GLY E 317 8.86 14.74 5.70
CA GLY E 317 7.45 14.77 6.05
C GLY E 317 7.03 13.77 7.11
N GLN E 318 7.98 13.12 7.77
CA GLN E 318 7.68 12.13 8.79
C GLN E 318 8.27 12.57 10.12
N ALA E 319 7.47 12.46 11.19
CA ALA E 319 7.87 12.89 12.52
C ALA E 319 7.71 11.73 13.49
N PHE E 320 8.48 11.78 14.58
CA PHE E 320 8.46 10.77 15.62
C PHE E 320 8.29 11.49 16.95
N TYR E 321 7.12 11.35 17.56
CA TYR E 321 6.79 12.04 18.80
C TYR E 321 7.34 11.23 19.98
N ALA E 322 8.24 11.86 20.74
CA ALA E 322 9.03 11.19 21.76
C ALA E 322 9.02 12.02 23.03
N THR E 323 8.88 11.36 24.18
CA THR E 323 8.90 12.06 25.47
C THR E 323 10.25 12.73 25.69
N GLY E 324 10.21 14.03 25.95
CA GLY E 324 11.43 14.80 26.12
C GLY E 324 11.84 14.98 27.57
N ASP E 325 10.88 15.35 28.42
CA ASP E 325 11.18 15.70 29.80
C ASP E 325 9.90 15.59 30.62
N ILE E 326 10.02 15.07 31.83
CA ILE E 326 8.94 15.10 32.81
C ILE E 326 9.09 16.38 33.62
N ILE E 327 8.14 17.29 33.50
CA ILE E 327 8.19 18.55 34.23
C ILE E 327 7.52 18.30 35.58
N GLY E 328 8.34 18.15 36.61
CA GLY E 328 7.88 17.90 37.95
C GLY E 328 8.40 16.58 38.47
N ASP E 329 7.96 16.25 39.69
CA ASP E 329 8.34 15.00 40.35
C ASP E 329 7.91 13.78 39.53
N ILE E 330 8.78 12.78 39.48
CA ILE E 330 8.49 11.53 38.79
C ILE E 330 7.67 10.66 39.71
N ARG E 331 6.41 10.44 39.36
CA ARG E 331 5.47 9.69 40.15
C ARG E 331 5.05 8.43 39.40
N GLN E 332 4.14 7.68 40.01
CA GLN E 332 3.68 6.41 39.46
C GLN E 332 2.21 6.53 39.06
N ALA E 333 1.87 6.05 37.87
CA ALA E 333 0.48 5.94 37.46
C ALA E 333 -0.24 4.95 38.36
N HIS E 334 -1.55 5.14 38.51
CA HIS E 334 -2.32 4.26 39.39
C HIS E 334 -3.81 4.42 39.11
N CYS E 335 -4.60 3.59 39.78
CA CYS E 335 -6.05 3.64 39.73
C CYS E 335 -6.62 3.45 41.13
N ASN E 336 -7.56 4.30 41.50
CA ASN E 336 -8.23 4.21 42.79
C ASN E 336 -9.60 3.61 42.62
N VAL E 337 -9.92 2.62 43.46
CA VAL E 337 -11.25 2.03 43.54
C VAL E 337 -11.73 2.20 44.98
N SER E 338 -13.00 2.59 45.15
CA SER E 338 -13.56 2.69 46.49
C SER E 338 -13.57 1.31 47.16
N LYS E 339 -13.20 1.28 48.44
CA LYS E 339 -13.11 -0.01 49.13
C LYS E 339 -14.48 -0.46 49.62
N ALA E 340 -15.25 0.47 50.20
CA ALA E 340 -16.58 0.17 50.70
C ALA E 340 -17.57 -0.19 49.59
N THR E 341 -17.27 0.17 48.35
CA THR E 341 -18.09 -0.23 47.20
C THR E 341 -17.65 -1.57 46.63
N TRP E 342 -16.34 -1.72 46.40
CA TRP E 342 -15.78 -2.95 45.82
C TRP E 342 -16.03 -4.15 46.73
N ASN E 343 -15.79 -4.00 48.03
CA ASN E 343 -16.44 -4.93 48.94
C ASN E 343 -17.91 -4.54 49.01
N GLU E 344 -18.77 -5.56 49.06
CA GLU E 344 -20.22 -5.75 48.88
C GLU E 344 -20.59 -5.73 47.40
N THR E 345 -19.74 -5.20 46.52
CA THR E 345 -19.88 -5.57 45.11
C THR E 345 -19.41 -7.01 44.91
N LEU E 346 -18.25 -7.34 45.49
CA LEU E 346 -17.83 -8.73 45.57
C LEU E 346 -18.80 -9.56 46.41
N GLY E 347 -19.48 -8.94 47.37
CA GLY E 347 -20.49 -9.65 48.15
C GLY E 347 -21.67 -10.09 47.29
N LYS E 348 -22.17 -9.19 46.45
CA LYS E 348 -23.21 -9.54 45.48
C LYS E 348 -22.73 -10.61 44.50
N VAL E 349 -21.49 -10.48 44.02
CA VAL E 349 -20.93 -11.46 43.08
C VAL E 349 -20.83 -12.84 43.74
N VAL E 350 -20.45 -12.89 45.02
CA VAL E 350 -20.34 -14.17 45.73
C VAL E 350 -21.72 -14.77 45.98
N LYS E 351 -22.68 -13.92 46.36
CA LYS E 351 -24.06 -14.37 46.56
C LYS E 351 -24.65 -14.95 45.28
N GLN E 352 -24.29 -14.39 44.13
CA GLN E 352 -24.81 -14.92 42.86
C GLN E 352 -24.01 -16.11 42.35
N LEU E 353 -22.73 -16.23 42.73
CA LEU E 353 -21.95 -17.42 42.36
C LEU E 353 -22.35 -18.63 43.18
N ARG E 354 -22.74 -18.42 44.44
CA ARG E 354 -23.16 -19.53 45.30
C ARG E 354 -24.44 -20.21 44.81
N LYS E 355 -25.25 -19.52 44.00
CA LYS E 355 -26.38 -20.19 43.35
C LYS E 355 -25.90 -21.30 42.42
N HIS E 356 -24.87 -21.02 41.64
CA HIS E 356 -24.34 -22.03 40.72
C HIS E 356 -23.55 -23.10 41.46
N PHE E 357 -22.72 -22.71 42.43
CA PHE E 357 -21.72 -23.63 42.96
C PHE E 357 -22.07 -24.22 44.32
N GLY E 358 -23.25 -23.96 44.86
CA GLY E 358 -23.64 -24.54 46.12
C GLY E 358 -23.64 -23.51 47.24
N ASN E 359 -24.37 -23.85 48.31
CA ASN E 359 -24.63 -22.90 49.38
C ASN E 359 -23.55 -22.85 50.44
N ASN E 360 -22.85 -23.95 50.71
CA ASN E 360 -21.83 -23.99 51.74
C ASN E 360 -20.42 -23.80 51.21
N THR E 361 -20.28 -23.42 49.94
CA THR E 361 -18.96 -23.28 49.34
C THR E 361 -18.27 -22.01 49.84
N ILE E 362 -16.95 -22.07 49.92
CA ILE E 362 -16.11 -20.94 50.32
C ILE E 362 -15.57 -20.31 49.04
N ILE E 363 -16.11 -19.16 48.66
CA ILE E 363 -15.75 -18.51 47.40
C ILE E 363 -14.53 -17.64 47.64
N ARG E 364 -13.39 -18.07 47.12
CA ARG E 364 -12.13 -17.35 47.27
C ARG E 364 -11.87 -16.57 45.99
N PHE E 365 -11.28 -15.38 46.13
CA PHE E 365 -10.84 -14.57 45.00
C PHE E 365 -9.35 -14.39 45.11
N ALA E 366 -8.64 -14.72 44.03
CA ALA E 366 -7.19 -14.58 43.98
C ALA E 366 -6.81 -13.82 42.70
N ASN E 367 -5.58 -13.32 42.67
CA ASN E 367 -5.11 -12.55 41.53
C ASN E 367 -4.73 -13.48 40.37
N SER E 368 -4.29 -12.89 39.26
CA SER E 368 -4.04 -13.64 38.04
C SER E 368 -2.89 -14.62 38.21
N SER E 369 -3.05 -15.82 37.64
CA SER E 369 -2.04 -16.86 37.77
C SER E 369 -0.78 -16.55 36.98
N GLY E 370 -0.93 -16.07 35.76
CA GLY E 370 0.22 -15.75 34.93
C GLY E 370 -0.20 -15.42 33.52
N GLY E 371 0.80 -15.32 32.65
CA GLY E 371 0.54 -15.07 31.24
C GLY E 371 1.22 -13.82 30.72
N ASP E 372 0.72 -13.29 29.61
CA ASP E 372 1.23 -12.05 29.04
C ASP E 372 0.94 -10.87 29.98
N LEU E 373 1.51 -9.71 29.66
CA LEU E 373 1.23 -8.52 30.45
C LEU E 373 -0.20 -8.06 30.30
N GLU E 374 -0.81 -8.29 29.13
CA GLU E 374 -2.20 -7.86 28.90
C GLU E 374 -3.19 -8.63 29.75
N VAL E 375 -2.80 -9.78 30.30
CA VAL E 375 -3.70 -10.66 31.02
C VAL E 375 -3.40 -10.71 32.52
N THR E 376 -2.12 -10.62 32.91
CA THR E 376 -1.78 -10.54 34.34
C THR E 376 -2.21 -9.22 34.96
N THR E 377 -2.42 -8.19 34.17
CA THR E 377 -2.75 -6.86 34.63
C THR E 377 -3.95 -6.35 33.85
N HIS E 378 -4.82 -5.61 34.54
CA HIS E 378 -5.95 -4.93 33.91
C HIS E 378 -5.41 -3.91 32.92
N SER E 379 -5.50 -4.23 31.64
CA SER E 379 -4.99 -3.37 30.59
C SER E 379 -6.15 -2.52 30.08
N PHE E 380 -5.87 -1.27 29.76
CA PHE E 380 -6.85 -0.40 29.14
C PHE E 380 -6.14 0.81 28.56
N ASN E 381 -6.91 1.72 28.00
CA ASN E 381 -6.42 2.94 27.37
C ASN E 381 -7.15 4.12 27.98
N CYS E 382 -6.40 5.05 28.57
CA CYS E 382 -6.99 6.20 29.26
C CYS E 382 -6.43 7.48 28.64
N GLY E 383 -7.23 8.13 27.80
CA GLY E 383 -6.83 9.36 27.17
C GLY E 383 -5.82 9.22 26.07
N GLY E 384 -5.46 8.00 25.68
CA GLY E 384 -4.47 7.73 24.66
C GLY E 384 -3.28 6.92 25.14
N GLU E 385 -2.98 6.93 26.44
CA GLU E 385 -1.90 6.13 27.01
C GLU E 385 -2.44 4.80 27.54
N PHE E 386 -1.65 3.75 27.36
CA PHE E 386 -2.10 2.38 27.65
C PHE E 386 -1.59 1.96 29.02
N PHE E 387 -2.54 1.86 29.96
CA PHE E 387 -2.28 1.49 31.34
C PHE E 387 -2.36 -0.03 31.50
N TYR E 388 -1.56 -0.53 32.46
CA TYR E 388 -1.55 -1.95 32.83
C TYR E 388 -1.48 -2.00 34.35
N CYS E 389 -2.62 -2.22 35.01
CA CYS E 389 -2.73 -2.08 36.45
C CYS E 389 -2.72 -3.44 37.14
N ASN E 390 -2.07 -3.50 38.31
CA ASN E 390 -1.81 -4.77 39.00
C ASN E 390 -3.10 -5.49 39.40
N THR E 391 -4.01 -4.80 40.11
CA THR E 391 -5.29 -5.33 40.60
C THR E 391 -5.15 -6.62 41.42
N SER E 392 -4.03 -6.77 42.12
CA SER E 392 -3.90 -7.87 43.06
C SER E 392 -4.52 -7.51 44.41
N GLY E 393 -4.75 -6.21 44.66
CA GLY E 393 -5.48 -5.83 45.86
C GLY E 393 -6.97 -5.95 45.70
N LEU E 394 -7.48 -5.86 44.47
CA LEU E 394 -8.89 -6.07 44.23
C LEU E 394 -9.28 -7.52 44.48
N PHE E 395 -8.59 -8.44 43.80
CA PHE E 395 -8.92 -9.86 43.87
C PHE E 395 -8.03 -10.56 44.90
N ASN E 396 -8.31 -10.26 46.16
CA ASN E 396 -7.75 -11.02 47.28
C ASN E 396 -8.83 -11.07 48.35
N SER E 397 -9.59 -12.16 48.39
CA SER E 397 -10.69 -12.28 49.36
C SER E 397 -10.99 -13.74 49.60
N THR E 398 -11.71 -13.99 50.69
CA THR E 398 -12.21 -15.32 51.00
C THR E 398 -13.57 -15.17 51.67
N TRP E 399 -14.62 -15.67 51.03
CA TRP E 399 -15.98 -15.50 51.52
C TRP E 399 -16.53 -16.84 51.99
N ILE E 400 -16.81 -16.92 53.29
CA ILE E 400 -17.38 -18.10 53.91
C ILE E 400 -18.88 -17.84 54.08
N SER E 401 -19.69 -18.86 53.80
CA SER E 401 -21.13 -18.75 53.95
C SER E 401 -21.52 -18.51 55.40
N ASN E 402 -22.12 -17.34 55.65
CA ASN E 402 -22.51 -16.95 57.00
C ASN E 402 -23.68 -15.99 56.96
N ASN E 414 -13.98 6.57 53.27
CA ASN E 414 -13.30 7.15 52.13
C ASN E 414 -11.91 6.55 51.96
N ASP E 415 -11.82 5.23 52.08
CA ASP E 415 -10.58 4.50 51.90
C ASP E 415 -10.57 3.89 50.50
N SER E 416 -9.45 4.04 49.81
CA SER E 416 -9.32 3.62 48.42
C SER E 416 -8.31 2.49 48.30
N ILE E 417 -8.63 1.54 47.43
CA ILE E 417 -7.66 0.55 46.96
C ILE E 417 -6.89 1.18 45.80
N THR E 418 -5.59 1.34 45.97
CA THR E 418 -4.72 1.92 44.95
C THR E 418 -4.01 0.81 44.19
N LEU E 419 -4.23 0.76 42.88
CA LEU E 419 -3.66 -0.24 42.00
C LEU E 419 -2.55 0.39 41.18
N PRO E 420 -1.31 -0.06 41.31
CA PRO E 420 -0.20 0.53 40.54
C PRO E 420 -0.26 0.09 39.09
N CYS E 421 -0.19 1.06 38.18
CA CYS E 421 -0.28 0.81 36.75
C CYS E 421 1.04 1.16 36.06
N ARG E 422 1.49 0.26 35.19
CA ARG E 422 2.63 0.51 34.32
C ARG E 422 2.13 0.99 32.97
N ILE E 423 2.69 2.06 32.49
CA ILE E 423 2.31 2.61 31.19
C ILE E 423 3.15 1.92 30.13
N LYS E 424 2.57 1.72 28.94
CA LYS E 424 3.31 1.14 27.83
C LYS E 424 3.04 1.93 26.57
N GLN E 425 3.97 1.84 25.62
CA GLN E 425 3.86 2.52 24.35
C GLN E 425 3.85 1.58 23.15
N ILE E 426 4.57 0.46 23.21
CA ILE E 426 4.61 -0.51 22.12
C ILE E 426 3.52 -1.54 22.39
N ILE E 427 2.41 -1.42 21.68
CA ILE E 427 1.19 -2.20 21.95
C ILE E 427 0.93 -3.15 20.79
N ASN E 428 0.69 -4.42 21.11
CA ASN E 428 0.36 -5.44 20.13
C ASN E 428 -1.10 -5.82 20.34
N MET E 429 -1.99 -5.07 19.70
CA MET E 429 -3.42 -5.18 19.97
C MET E 429 -4.04 -6.35 19.24
N TRP E 430 -5.21 -6.77 19.75
CA TRP E 430 -6.06 -7.82 19.18
C TRP E 430 -5.36 -9.16 19.08
N GLN E 431 -4.42 -9.40 20.02
CA GLN E 431 -3.61 -10.62 20.17
C GLN E 431 -2.73 -10.91 18.96
N ARG E 432 -2.62 -9.97 18.02
CA ARG E 432 -1.92 -10.20 16.77
C ARG E 432 -0.42 -9.99 16.94
N ILE E 433 0.36 -10.82 16.28
CA ILE E 433 1.82 -10.72 16.29
C ILE E 433 2.30 -10.56 14.86
N GLY E 434 3.06 -9.50 14.61
CA GLY E 434 3.53 -9.17 13.29
C GLY E 434 3.22 -7.74 12.90
N GLN E 435 2.53 -7.02 13.79
CA GLN E 435 2.20 -5.61 13.54
C GLN E 435 1.94 -4.93 14.88
N ALA E 436 2.84 -4.04 15.26
CA ALA E 436 2.81 -3.36 16.54
C ALA E 436 2.57 -1.87 16.32
N MET E 437 2.07 -1.21 17.36
CA MET E 437 1.77 0.21 17.32
C MET E 437 2.64 0.92 18.34
N TYR E 438 2.95 2.19 18.09
CA TYR E 438 3.67 3.03 19.04
C TYR E 438 2.78 4.22 19.36
N ALA E 439 2.08 4.17 20.49
CA ALA E 439 1.28 5.27 20.96
C ALA E 439 2.16 6.48 21.28
N PRO E 440 1.87 7.65 20.73
CA PRO E 440 2.67 8.85 21.04
C PRO E 440 2.53 9.27 22.49
N PRO E 441 3.49 10.01 23.02
CA PRO E 441 3.31 10.61 24.35
C PRO E 441 2.24 11.68 24.34
N ILE E 442 1.76 12.01 25.54
CA ILE E 442 0.67 12.96 25.73
C ILE E 442 1.14 14.05 26.68
N GLN E 443 1.00 15.31 26.26
CA GLN E 443 1.41 16.42 27.10
C GLN E 443 0.45 16.56 28.28
N GLY E 444 0.98 17.02 29.40
CA GLY E 444 0.19 17.26 30.59
C GLY E 444 -0.19 15.98 31.32
N VAL E 445 -0.74 16.17 32.51
CA VAL E 445 -1.23 15.05 33.30
C VAL E 445 -2.55 14.56 32.70
N ILE E 446 -2.75 13.24 32.70
CA ILE E 446 -3.98 12.65 32.20
C ILE E 446 -4.67 11.88 33.32
N ARG E 447 -5.96 12.13 33.47
CA ARG E 447 -6.82 11.55 34.49
C ARG E 447 -8.15 11.19 33.87
N CYS E 448 -8.66 10.01 34.20
CA CYS E 448 -9.91 9.53 33.65
C CYS E 448 -10.74 8.89 34.75
N VAL E 449 -12.05 9.05 34.63
CA VAL E 449 -13.02 8.44 35.55
C VAL E 449 -13.85 7.44 34.75
N SER E 450 -13.58 6.16 34.93
CA SER E 450 -14.41 5.15 34.28
C SER E 450 -15.23 4.43 35.34
N ASN E 451 -16.18 3.62 34.88
CA ASN E 451 -17.09 2.91 35.77
C ASN E 451 -17.09 1.43 35.43
N ILE E 452 -16.53 0.62 36.34
CA ILE E 452 -16.51 -0.83 36.22
C ILE E 452 -17.94 -1.36 36.27
N THR E 453 -18.37 -2.00 35.17
CA THR E 453 -19.68 -2.62 35.07
C THR E 453 -19.61 -4.14 34.96
N GLY E 454 -18.47 -4.75 35.23
CA GLY E 454 -18.39 -6.19 35.11
C GLY E 454 -16.97 -6.70 35.25
N LEU E 455 -16.88 -8.02 35.24
CA LEU E 455 -15.62 -8.73 35.34
C LEU E 455 -15.59 -9.88 34.34
N ILE E 456 -14.37 -10.27 33.98
CA ILE E 456 -14.10 -11.55 33.34
C ILE E 456 -13.35 -12.38 34.36
N LEU E 457 -13.74 -13.65 34.51
CA LEU E 457 -13.20 -14.50 35.56
C LEU E 457 -12.91 -15.88 35.00
N THR E 458 -12.14 -16.64 35.78
CA THR E 458 -11.81 -18.02 35.46
C THR E 458 -11.71 -18.78 36.79
N ARG E 459 -12.38 -19.92 36.85
CA ARG E 459 -12.33 -20.77 38.03
C ARG E 459 -11.04 -21.59 38.03
N ASP E 460 -10.65 -22.05 39.22
CA ASP E 460 -9.42 -22.83 39.34
C ASP E 460 -9.61 -24.25 38.84
N GLY E 461 -10.81 -24.81 38.97
CA GLY E 461 -11.05 -26.17 38.52
C GLY E 461 -10.30 -27.19 39.36
N GLY E 462 -9.86 -28.26 38.70
CA GLY E 462 -9.19 -29.33 39.42
C GLY E 462 -10.16 -30.05 40.34
N SER E 463 -9.65 -30.46 41.50
CA SER E 463 -10.45 -31.16 42.52
C SER E 463 -11.31 -30.14 43.26
N THR E 464 -12.47 -29.84 42.68
CA THR E 464 -13.43 -28.92 43.26
C THR E 464 -14.42 -29.62 44.20
N ASN E 465 -14.22 -30.92 44.46
CA ASN E 465 -15.04 -31.66 45.42
C ASN E 465 -14.97 -31.05 46.82
N SER E 466 -13.85 -30.44 47.18
CA SER E 466 -13.71 -29.73 48.43
C SER E 466 -14.60 -28.48 48.45
N THR E 467 -14.79 -27.93 49.64
CA THR E 467 -15.63 -26.74 49.82
C THR E 467 -14.81 -25.46 49.65
N THR E 468 -14.24 -25.31 48.46
CA THR E 468 -13.48 -24.12 48.10
C THR E 468 -13.66 -23.90 46.61
N GLU E 469 -13.60 -22.63 46.18
CA GLU E 469 -13.79 -22.27 44.79
C GLU E 469 -13.00 -20.98 44.54
N THR E 470 -11.81 -21.13 43.96
CA THR E 470 -10.92 -20.00 43.71
C THR E 470 -11.22 -19.39 42.34
N PHE E 471 -11.48 -18.09 42.32
CA PHE E 471 -11.77 -17.35 41.10
C PHE E 471 -10.68 -16.32 40.87
N ARG E 472 -10.07 -16.37 39.69
CA ARG E 472 -9.03 -15.45 39.29
C ARG E 472 -9.52 -14.64 38.10
N PRO E 473 -9.00 -13.43 37.89
CA PRO E 473 -9.43 -12.65 36.72
C PRO E 473 -9.03 -13.29 35.40
N GLY E 474 -9.85 -13.06 34.38
CA GLY E 474 -9.72 -13.77 33.13
C GLY E 474 -8.99 -12.98 32.05
N GLY E 475 -8.56 -13.71 31.04
CA GLY E 475 -7.78 -13.13 29.96
C GLY E 475 -8.60 -12.31 28.99
N GLY E 476 -7.87 -11.54 28.18
CA GLY E 476 -8.51 -10.66 27.21
C GLY E 476 -8.55 -11.27 25.82
N ASP E 477 -9.71 -11.84 25.48
CA ASP E 477 -9.98 -12.28 24.11
C ASP E 477 -10.57 -11.16 23.27
N MET E 478 -11.32 -10.27 23.92
CA MET E 478 -12.05 -9.09 23.45
C MET E 478 -13.34 -9.48 22.76
N ARG E 479 -13.58 -10.77 22.51
CA ARG E 479 -14.91 -11.22 22.14
C ARG E 479 -15.81 -11.35 23.36
N ASP E 480 -15.23 -11.59 24.54
CA ASP E 480 -16.01 -11.53 25.76
C ASP E 480 -16.42 -10.11 26.10
N ASN E 481 -15.61 -9.13 25.72
CA ASN E 481 -15.96 -7.73 25.92
C ASN E 481 -17.17 -7.34 25.06
N TRP E 482 -17.23 -7.84 23.83
CA TRP E 482 -18.37 -7.55 22.98
C TRP E 482 -19.58 -8.41 23.32
N ARG E 483 -19.35 -9.59 23.90
CA ARG E 483 -20.44 -10.48 24.29
C ARG E 483 -21.28 -9.88 25.41
N SER E 484 -20.65 -9.18 26.35
CA SER E 484 -21.36 -8.58 27.46
C SER E 484 -22.30 -7.46 27.03
N GLU E 485 -22.09 -6.89 25.85
CA GLU E 485 -22.92 -5.82 25.32
C GLU E 485 -23.96 -6.31 24.33
N LEU E 486 -23.63 -7.32 23.54
CA LEU E 486 -24.51 -7.87 22.52
C LEU E 486 -25.21 -9.14 22.98
N TYR E 487 -25.39 -9.31 24.28
CA TYR E 487 -25.98 -10.55 24.80
C TYR E 487 -27.48 -10.62 24.50
N LYS E 488 -28.16 -9.48 24.60
CA LYS E 488 -29.60 -9.43 24.38
C LYS E 488 -29.99 -9.45 22.91
N TYR E 489 -29.09 -9.07 22.01
CA TYR E 489 -29.43 -8.87 20.60
C TYR E 489 -29.20 -10.13 19.78
N LYS E 490 -30.17 -10.43 18.91
CA LYS E 490 -30.05 -11.52 17.95
C LYS E 490 -30.50 -10.99 16.59
N VAL E 491 -29.93 -11.53 15.51
CA VAL E 491 -30.27 -11.13 14.15
C VAL E 491 -31.08 -12.26 13.54
N VAL E 492 -32.21 -11.91 12.89
CA VAL E 492 -33.07 -12.86 12.21
C VAL E 492 -33.44 -12.31 10.84
N LYS E 493 -33.80 -13.21 9.94
CA LYS E 493 -34.23 -12.91 8.59
C LYS E 493 -35.72 -13.19 8.48
N ILE E 494 -36.48 -12.23 7.97
CA ILE E 494 -37.91 -12.40 7.83
C ILE E 494 -38.20 -13.05 6.49
N GLU E 495 -38.94 -14.15 6.51
CA GLU E 495 -39.31 -14.89 5.32
C GLU E 495 -40.76 -14.61 4.96
N PRO E 496 -41.03 -13.57 4.17
CA PRO E 496 -42.41 -13.07 4.00
C PRO E 496 -43.36 -14.05 3.33
N LEU E 497 -42.87 -14.96 2.50
CA LEU E 497 -43.75 -15.84 1.75
C LEU E 497 -44.34 -16.91 2.67
N GLY E 498 -45.64 -17.12 2.57
CA GLY E 498 -46.28 -18.20 3.32
C GLY E 498 -47.46 -18.75 2.54
N VAL E 499 -47.79 -20.01 2.80
CA VAL E 499 -48.89 -20.69 2.12
C VAL E 499 -49.79 -21.33 3.18
N ALA E 500 -51.07 -21.00 3.14
CA ALA E 500 -52.00 -21.46 4.16
C ALA E 500 -53.25 -22.03 3.51
N PRO E 501 -54.04 -22.87 4.22
CA PRO E 501 -55.29 -23.35 3.63
C PRO E 501 -56.52 -22.52 3.96
N THR E 502 -57.29 -22.11 2.93
CA THR E 502 -58.52 -21.34 3.11
C THR E 502 -59.51 -21.77 2.06
N ARG E 503 -60.78 -21.47 2.31
CA ARG E 503 -61.89 -21.92 1.49
C ARG E 503 -61.87 -21.30 0.08
N CYS E 504 -61.11 -20.23 -0.14
CA CYS E 504 -61.19 -19.45 -1.37
C CYS E 504 -60.52 -20.16 -2.54
N LYS E 505 -60.98 -19.80 -3.74
CA LYS E 505 -60.45 -20.30 -5.00
C LYS E 505 -60.37 -19.10 -5.96
N ARG E 506 -59.54 -19.22 -6.99
CA ARG E 506 -59.37 -18.20 -8.03
C ARG E 506 -60.68 -17.80 -8.71
N GLU F 37 -69.37 16.28 -6.23
CA GLU F 37 -68.56 15.44 -7.11
C GLU F 37 -68.07 14.19 -6.37
N ASN F 38 -67.53 14.42 -5.17
CA ASN F 38 -66.93 13.39 -4.31
C ASN F 38 -65.82 12.64 -5.04
N LEU F 39 -64.77 13.38 -5.40
CA LEU F 39 -63.64 12.81 -6.10
C LEU F 39 -62.82 11.91 -5.20
N TRP F 40 -62.11 10.97 -5.81
CA TRP F 40 -61.28 10.02 -5.08
C TRP F 40 -59.83 10.18 -5.52
N VAL F 41 -58.94 9.63 -4.69
CA VAL F 41 -57.51 9.65 -4.98
C VAL F 41 -57.22 8.84 -6.23
N THR F 42 -56.38 9.39 -7.11
CA THR F 42 -55.91 8.69 -8.30
C THR F 42 -54.39 8.80 -8.29
N VAL F 43 -53.72 7.69 -8.55
CA VAL F 43 -52.27 7.60 -8.46
C VAL F 43 -51.70 7.63 -9.87
N TYR F 44 -50.74 8.53 -10.09
CA TYR F 44 -50.04 8.67 -11.35
C TYR F 44 -48.57 8.37 -11.15
N TYR F 45 -48.01 7.52 -12.00
CA TYR F 45 -46.60 7.16 -11.99
C TYR F 45 -45.97 7.65 -13.28
N GLY F 46 -44.74 8.15 -13.18
CA GLY F 46 -44.14 8.88 -14.28
C GLY F 46 -44.42 10.36 -14.31
N VAL F 47 -44.82 10.94 -13.18
CA VAL F 47 -45.12 12.38 -13.09
C VAL F 47 -43.84 13.18 -13.32
N PRO F 48 -43.87 14.24 -14.13
CA PRO F 48 -42.67 15.10 -14.29
C PRO F 48 -42.55 16.15 -13.18
N VAL F 49 -42.04 15.71 -12.03
CA VAL F 49 -41.76 16.58 -10.89
C VAL F 49 -40.42 16.13 -10.32
N TRP F 50 -39.75 17.04 -9.59
CA TRP F 50 -38.45 16.77 -9.05
C TRP F 50 -38.24 17.58 -7.78
N LYS F 51 -37.23 17.19 -7.01
CA LYS F 51 -36.81 17.92 -5.82
C LYS F 51 -35.29 17.97 -5.79
N ASP F 52 -34.76 18.96 -5.07
CA ASP F 52 -33.31 19.12 -4.97
C ASP F 52 -32.69 17.97 -4.18
N ALA F 53 -31.62 17.39 -4.72
CA ALA F 53 -30.92 16.31 -4.04
C ALA F 53 -29.49 16.25 -4.55
N GLU F 54 -28.64 15.61 -3.76
CA GLU F 54 -27.22 15.42 -4.08
C GLU F 54 -26.94 13.95 -4.32
N THR F 55 -26.32 13.64 -5.46
CA THR F 55 -25.97 12.28 -5.80
C THR F 55 -24.60 12.27 -6.45
N THR F 56 -24.02 11.08 -6.58
CA THR F 56 -22.70 10.91 -7.19
C THR F 56 -22.86 10.76 -8.71
N LEU F 57 -22.42 11.77 -9.45
CA LEU F 57 -22.44 11.72 -10.90
C LEU F 57 -21.29 10.86 -11.40
N PHE F 58 -21.48 10.26 -12.57
CA PHE F 58 -20.47 9.42 -13.19
C PHE F 58 -19.96 10.08 -14.47
N CYS F 59 -18.68 9.85 -14.76
CA CYS F 59 -18.05 10.50 -15.90
C CYS F 59 -18.31 9.74 -17.19
N ALA F 60 -18.57 10.49 -18.25
CA ALA F 60 -18.65 9.96 -19.60
C ALA F 60 -17.88 10.90 -20.52
N SER F 61 -17.03 10.33 -21.37
CA SER F 61 -16.22 11.12 -22.29
C SER F 61 -16.02 10.34 -23.58
N ASP F 62 -15.78 11.08 -24.66
CA ASP F 62 -15.57 10.49 -25.97
C ASP F 62 -14.25 9.74 -26.05
N HIS F 71 -3.82 6.35 -19.98
CA HIS F 71 -2.82 7.32 -20.41
C HIS F 71 -2.67 8.46 -19.41
N ASN F 72 -3.56 9.44 -19.51
CA ASN F 72 -3.43 10.69 -18.77
C ASN F 72 -3.88 10.52 -17.31
N VAL F 73 -3.75 11.59 -16.52
CA VAL F 73 -4.10 11.56 -15.09
C VAL F 73 -5.58 11.28 -14.88
N TRP F 74 -6.45 11.94 -15.63
CA TRP F 74 -7.88 11.81 -15.42
C TRP F 74 -8.40 10.67 -16.29
N ALA F 75 -8.51 9.48 -15.69
CA ALA F 75 -8.70 8.22 -16.40
C ALA F 75 -10.07 8.13 -17.07
N THR F 76 -10.11 8.49 -18.35
CA THR F 76 -11.30 8.38 -19.17
C THR F 76 -11.45 7.02 -19.83
N HIS F 77 -10.42 6.18 -19.81
CA HIS F 77 -10.55 4.81 -20.30
C HIS F 77 -11.58 4.03 -19.48
N ALA F 78 -11.60 4.25 -18.17
CA ALA F 78 -12.62 3.66 -17.30
C ALA F 78 -13.79 4.62 -17.10
N CYS F 79 -14.34 5.10 -18.21
CA CYS F 79 -15.50 5.97 -18.18
C CYS F 79 -16.44 5.52 -19.30
N VAL F 80 -17.71 5.88 -19.15
CA VAL F 80 -18.74 5.49 -20.12
C VAL F 80 -18.46 6.16 -21.46
N PRO F 81 -18.43 5.43 -22.58
CA PRO F 81 -18.35 6.10 -23.88
C PRO F 81 -19.61 6.91 -24.15
N THR F 82 -19.46 8.24 -24.20
CA THR F 82 -20.61 9.13 -24.31
C THR F 82 -21.35 8.95 -25.64
N ASP F 83 -22.66 9.09 -25.57
CA ASP F 83 -23.50 8.95 -26.76
C ASP F 83 -23.23 10.10 -27.73
N PRO F 84 -23.24 9.84 -29.04
CA PRO F 84 -22.91 10.90 -30.01
C PRO F 84 -23.89 12.06 -30.05
N ASN F 85 -25.18 11.82 -29.77
CA ASN F 85 -26.20 12.86 -29.89
C ASN F 85 -26.73 13.20 -28.50
N PRO F 86 -26.29 14.30 -27.90
CA PRO F 86 -26.84 14.71 -26.59
C PRO F 86 -28.32 15.02 -26.67
N GLN F 87 -29.05 14.67 -25.61
CA GLN F 87 -30.49 14.88 -25.53
C GLN F 87 -30.75 16.12 -24.68
N GLU F 88 -31.08 17.22 -25.35
CA GLU F 88 -31.36 18.50 -24.70
C GLU F 88 -32.84 18.82 -24.89
N ILE F 89 -33.58 18.86 -23.78
CA ILE F 89 -35.02 19.07 -23.81
C ILE F 89 -35.31 20.42 -23.15
N HIS F 90 -35.82 21.37 -23.93
CA HIS F 90 -36.14 22.70 -23.40
C HIS F 90 -37.42 22.59 -22.60
N LEU F 91 -37.34 22.80 -21.29
CA LEU F 91 -38.52 22.76 -20.43
C LEU F 91 -39.14 24.15 -20.40
N GLU F 92 -40.27 24.31 -21.05
CA GLU F 92 -40.91 25.62 -21.13
C GLU F 92 -41.77 25.86 -19.89
N ASN F 93 -41.97 27.14 -19.57
CA ASN F 93 -42.70 27.66 -18.41
C ASN F 93 -42.10 27.22 -17.07
N VAL F 94 -40.87 26.74 -17.02
CA VAL F 94 -40.23 26.27 -15.80
C VAL F 94 -39.19 27.28 -15.36
N THR F 95 -39.26 27.72 -14.11
CA THR F 95 -38.28 28.60 -13.52
C THR F 95 -37.66 27.91 -12.31
N GLU F 96 -36.33 27.86 -12.27
CA GLU F 96 -35.63 27.09 -11.25
C GLU F 96 -34.69 28.00 -10.44
N GLU F 97 -34.71 27.84 -9.13
CA GLU F 97 -33.91 28.68 -8.23
C GLU F 97 -32.50 28.11 -8.14
N PHE F 98 -31.63 28.56 -9.05
CA PHE F 98 -30.25 28.11 -9.05
C PHE F 98 -29.44 28.81 -7.97
N ASN F 99 -28.42 28.11 -7.47
CA ASN F 99 -27.45 28.67 -6.54
C ASN F 99 -26.11 28.00 -6.80
N MET F 100 -25.25 28.65 -7.59
CA MET F 100 -23.99 28.02 -7.99
C MET F 100 -23.00 27.95 -6.84
N TRP F 101 -23.13 28.83 -5.84
CA TRP F 101 -22.14 28.94 -4.80
C TRP F 101 -22.30 27.89 -3.70
N LYS F 102 -23.41 27.14 -3.71
CA LYS F 102 -23.59 25.99 -2.85
C LYS F 102 -23.86 24.73 -3.67
N ASN F 103 -23.32 24.67 -4.89
CA ASN F 103 -23.48 23.49 -5.74
C ASN F 103 -22.67 22.33 -5.17
N ASN F 104 -23.31 21.17 -5.03
CA ASN F 104 -22.60 19.96 -4.63
C ASN F 104 -21.85 19.32 -5.80
N MET F 105 -22.21 19.68 -7.04
CA MET F 105 -21.49 19.20 -8.21
C MET F 105 -20.04 19.66 -8.18
N VAL F 106 -19.81 20.90 -7.74
CA VAL F 106 -18.47 21.47 -7.66
C VAL F 106 -17.63 20.71 -6.63
N GLU F 107 -18.21 20.43 -5.46
CA GLU F 107 -17.51 19.69 -4.41
C GLU F 107 -17.19 18.27 -4.85
N GLN F 108 -18.17 17.61 -5.50
CA GLN F 108 -17.94 16.25 -6.00
C GLN F 108 -16.87 16.23 -7.09
N MET F 109 -16.89 17.23 -7.98
CA MET F 109 -15.88 17.31 -9.03
C MET F 109 -14.49 17.55 -8.43
N HIS F 110 -14.39 18.42 -7.43
CA HIS F 110 -13.10 18.69 -6.79
C HIS F 110 -12.56 17.44 -6.11
N THR F 111 -13.43 16.73 -5.38
CA THR F 111 -13.04 15.49 -4.72
C THR F 111 -12.60 14.44 -5.74
N ASP F 112 -13.33 14.34 -6.85
CA ASP F 112 -13.00 13.37 -7.89
C ASP F 112 -11.69 13.68 -8.57
N ILE F 113 -11.42 14.97 -8.85
CA ILE F 113 -10.17 15.38 -9.48
C ILE F 113 -8.98 15.10 -8.56
N ILE F 114 -9.11 15.42 -7.27
CA ILE F 114 -8.06 15.14 -6.29
C ILE F 114 -7.80 13.63 -6.20
N SER F 115 -8.87 12.84 -6.13
CA SER F 115 -8.75 11.38 -6.03
C SER F 115 -8.09 10.79 -7.27
N LEU F 116 -8.45 11.32 -8.45
CA LEU F 116 -7.82 10.87 -9.70
C LEU F 116 -6.34 11.20 -9.75
N TRP F 117 -5.98 12.41 -9.27
CA TRP F 117 -4.58 12.80 -9.18
C TRP F 117 -3.79 11.86 -8.28
N ASP F 118 -4.34 11.56 -7.10
CA ASP F 118 -3.69 10.62 -6.17
C ASP F 118 -3.57 9.23 -6.78
N GLN F 119 -4.65 8.78 -7.44
CA GLN F 119 -4.68 7.45 -8.05
C GLN F 119 -3.63 7.34 -9.16
N SER F 120 -3.44 8.41 -9.94
CA SER F 120 -2.44 8.38 -11.00
C SER F 120 -1.03 8.46 -10.43
N LEU F 121 -0.82 9.19 -9.33
CA LEU F 121 0.52 9.28 -8.77
C LEU F 121 0.91 8.06 -7.96
N LYS F 122 -0.05 7.21 -7.57
CA LYS F 122 0.27 6.10 -6.66
C LYS F 122 1.17 5.02 -7.27
N PRO F 123 0.81 4.37 -8.43
CA PRO F 123 1.51 3.10 -8.75
C PRO F 123 2.73 3.28 -9.65
N CYS F 124 3.69 4.09 -9.19
CA CYS F 124 4.99 4.31 -9.82
C CYS F 124 5.89 5.10 -8.87
N VAL F 125 7.11 5.37 -9.36
CA VAL F 125 8.31 5.64 -8.54
C VAL F 125 8.14 6.79 -7.56
N LYS F 126 8.70 6.62 -6.36
CA LYS F 126 8.76 7.65 -5.33
C LYS F 126 10.21 8.05 -5.12
N LEU F 127 10.47 9.35 -5.10
CA LEU F 127 11.83 9.88 -5.05
C LEU F 127 12.28 10.19 -3.63
N THR F 128 12.24 9.18 -2.79
CA THR F 128 12.79 9.36 -1.44
C THR F 128 14.32 9.48 -1.30
N PRO F 129 15.21 8.87 -2.12
CA PRO F 129 16.64 9.11 -1.88
C PRO F 129 17.15 10.48 -2.31
N LEU F 130 16.37 11.29 -3.04
CA LEU F 130 16.91 12.56 -3.55
C LEU F 130 17.21 13.57 -2.46
N CYS F 131 16.49 13.52 -1.34
CA CYS F 131 16.64 14.54 -0.28
C CYS F 131 17.96 14.25 0.43
N VAL F 132 19.03 14.88 -0.06
CA VAL F 132 20.39 14.87 0.46
C VAL F 132 21.03 16.23 0.18
N THR F 133 22.26 16.40 0.64
CA THR F 133 23.01 17.62 0.38
C THR F 133 23.36 17.68 -1.10
N LEU F 134 23.09 18.83 -1.73
CA LEU F 134 23.35 19.03 -3.15
C LEU F 134 24.39 20.14 -3.29
N GLN F 135 25.61 19.80 -3.70
CA GLN F 135 26.59 20.83 -4.02
C GLN F 135 26.27 21.42 -5.38
N CYS F 136 25.75 22.65 -5.40
CA CYS F 136 25.19 23.24 -6.60
C CYS F 136 26.04 24.40 -7.09
N THR F 137 26.70 24.20 -8.24
CA THR F 137 27.39 25.28 -8.91
C THR F 137 26.42 26.06 -9.77
N ASN F 138 26.82 27.28 -10.13
CA ASN F 138 26.00 28.06 -11.05
C ASN F 138 26.12 27.47 -12.45
N VAL F 139 25.10 27.71 -13.27
CA VAL F 139 25.11 27.16 -14.62
C VAL F 139 26.11 27.96 -15.46
N THR F 140 26.51 27.40 -16.61
CA THR F 140 27.60 27.96 -17.42
C THR F 140 27.28 29.34 -17.98
N ASN F 141 25.99 29.69 -18.10
CA ASN F 141 25.53 30.88 -18.82
C ASN F 141 26.14 32.18 -18.27
N ASN F 142 26.52 33.06 -19.19
CA ASN F 142 27.15 34.34 -18.84
C ASN F 142 26.08 35.38 -18.54
N ILE F 143 25.77 35.57 -17.26
CA ILE F 143 24.89 36.64 -16.80
C ILE F 143 25.52 37.30 -15.60
N MET F 147 17.77 34.16 -15.60
CA MET F 147 17.86 35.31 -14.70
C MET F 147 18.57 34.95 -13.41
N ARG F 148 19.72 35.61 -13.17
CA ARG F 148 20.61 35.40 -12.03
C ARG F 148 21.03 33.94 -11.90
N GLY F 149 20.44 33.23 -10.94
CA GLY F 149 20.74 31.83 -10.70
C GLY F 149 19.55 30.93 -10.86
N GLU F 150 18.74 31.17 -11.89
CA GLU F 150 17.50 30.43 -12.12
C GLU F 150 17.73 28.94 -12.39
N LEU F 151 18.93 28.55 -12.81
CA LEU F 151 19.26 27.15 -13.03
C LEU F 151 20.54 26.81 -12.26
N LYS F 152 20.46 25.81 -11.40
CA LYS F 152 21.60 25.31 -10.65
C LYS F 152 21.97 23.92 -11.17
N ASN F 153 23.26 23.58 -11.08
CA ASN F 153 23.75 22.34 -11.69
C ASN F 153 23.67 21.15 -10.75
N CYS F 154 24.07 21.31 -9.48
CA CYS F 154 23.72 20.41 -8.38
C CYS F 154 24.19 18.96 -8.54
N SER F 155 25.45 18.69 -8.24
CA SER F 155 25.97 17.32 -8.28
C SER F 155 25.78 16.69 -6.90
N PHE F 156 25.27 15.46 -6.88
CA PHE F 156 24.98 14.77 -5.64
C PHE F 156 25.35 13.30 -5.74
N ASN F 157 25.80 12.73 -4.62
CA ASN F 157 25.96 11.29 -4.58
C ASN F 157 24.56 10.71 -4.54
N MET F 158 24.34 9.60 -5.23
CA MET F 158 23.00 9.04 -5.25
C MET F 158 23.10 7.54 -5.08
N THR F 159 21.99 6.90 -4.74
CA THR F 159 21.97 5.46 -4.62
C THR F 159 22.01 4.82 -6.00
N THR F 160 22.37 3.55 -6.02
CA THR F 160 22.48 2.76 -7.24
C THR F 160 21.79 1.43 -6.97
N GLU F 161 21.73 0.57 -7.99
CA GLU F 161 21.00 -0.69 -7.91
C GLU F 161 21.53 -1.57 -6.78
N LEU F 162 22.84 -1.58 -6.55
CA LEU F 162 23.43 -2.27 -5.41
C LEU F 162 23.42 -1.34 -4.20
N ARG F 163 22.84 -1.82 -3.09
CA ARG F 163 22.67 -0.98 -1.90
C ARG F 163 24.01 -0.54 -1.33
N ASP F 164 25.02 -1.43 -1.34
CA ASP F 164 26.32 -1.16 -0.75
C ASP F 164 27.17 -0.18 -1.56
N LYS F 165 26.68 0.28 -2.71
CA LYS F 165 27.44 1.13 -3.62
C LYS F 165 26.70 2.45 -3.81
N LYS F 166 27.48 3.51 -4.02
CA LYS F 166 26.93 4.85 -4.25
C LYS F 166 27.56 5.45 -5.49
N GLN F 167 26.73 6.04 -6.35
CA GLN F 167 27.21 6.67 -7.56
C GLN F 167 27.39 8.17 -7.32
N LYS F 168 27.62 8.92 -8.40
CA LYS F 168 27.74 10.37 -8.31
C LYS F 168 27.15 10.96 -9.58
N VAL F 169 25.97 11.56 -9.47
CA VAL F 169 25.27 12.09 -10.63
C VAL F 169 25.08 13.59 -10.47
N TYR F 170 24.43 14.22 -11.45
CA TYR F 170 24.10 15.64 -11.39
C TYR F 170 22.79 15.84 -12.11
N SER F 171 22.14 16.97 -11.81
CA SER F 171 20.80 17.24 -12.33
C SER F 171 20.53 18.73 -12.28
N LEU F 172 20.22 19.33 -13.42
CA LEU F 172 19.94 20.76 -13.49
C LEU F 172 18.61 21.09 -12.83
N PHE F 173 18.64 21.44 -11.54
CA PHE F 173 17.45 21.84 -10.84
C PHE F 173 17.17 23.32 -11.10
N TYR F 174 16.00 23.76 -10.66
CA TYR F 174 15.61 25.16 -10.75
C TYR F 174 15.88 25.83 -9.41
N ARG F 175 15.93 27.16 -9.44
CA ARG F 175 16.21 27.94 -8.24
C ARG F 175 15.10 27.77 -7.21
N LEU F 176 13.85 27.67 -7.67
CA LEU F 176 12.71 27.51 -6.78
C LEU F 176 12.64 26.13 -6.14
N ASP F 177 13.26 25.13 -6.74
CA ASP F 177 13.20 23.77 -6.24
C ASP F 177 14.31 23.45 -5.24
N VAL F 178 15.24 24.36 -4.99
CA VAL F 178 16.35 24.13 -4.08
C VAL F 178 16.47 25.31 -3.13
N VAL F 179 16.72 25.01 -1.87
CA VAL F 179 16.94 26.01 -0.83
C VAL F 179 18.28 25.71 -0.17
N GLN F 180 19.01 26.77 0.16
CA GLN F 180 20.35 26.62 0.70
C GLN F 180 20.31 26.09 2.14
N ILE F 181 21.44 25.52 2.56
CA ILE F 181 21.60 25.03 3.93
C ILE F 181 23.03 25.30 4.39
N ASN F 193 27.98 27.66 1.47
CA ASN F 193 27.93 28.57 0.32
C ASN F 193 27.47 27.83 -0.93
N LYS F 194 27.74 26.52 -0.96
CA LYS F 194 27.39 25.68 -2.09
C LYS F 194 26.43 24.56 -1.75
N GLU F 195 26.15 24.31 -0.47
CA GLU F 195 25.28 23.21 -0.09
C GLU F 195 23.82 23.64 -0.20
N TYR F 196 23.01 22.80 -0.83
CA TYR F 196 21.59 23.02 -1.05
C TYR F 196 20.82 21.76 -0.67
N ARG F 197 19.50 21.85 -0.75
CA ARG F 197 18.63 20.69 -0.62
C ARG F 197 17.31 21.01 -1.30
N LEU F 198 16.59 19.96 -1.68
CA LEU F 198 15.27 20.13 -2.30
C LEU F 198 14.32 20.79 -1.30
N ILE F 199 13.47 21.68 -1.82
CA ILE F 199 12.60 22.50 -0.98
C ILE F 199 11.62 21.64 -0.18
N ASN F 200 11.25 20.47 -0.69
CA ASN F 200 10.24 19.63 -0.09
C ASN F 200 10.75 18.82 1.11
N CYS F 201 12.06 18.86 1.41
CA CYS F 201 12.66 17.88 2.31
C CYS F 201 12.11 18.00 3.73
N ASN F 202 11.96 19.21 4.24
CA ASN F 202 11.56 19.40 5.62
C ASN F 202 10.06 19.50 5.81
N THR F 203 9.26 19.31 4.75
CA THR F 203 7.81 19.48 4.84
C THR F 203 6.99 18.37 4.20
N SER F 204 7.54 17.55 3.30
CA SER F 204 6.71 16.68 2.47
C SER F 204 7.53 15.50 1.98
N ALA F 205 6.83 14.44 1.61
CA ALA F 205 7.41 13.27 0.96
C ALA F 205 7.12 13.36 -0.53
N ILE F 206 8.18 13.34 -1.34
CA ILE F 206 8.09 13.61 -2.77
C ILE F 206 8.00 12.28 -3.52
N THR F 207 7.14 12.26 -4.53
CA THR F 207 6.99 11.14 -5.44
C THR F 207 7.06 11.70 -6.86
N GLN F 208 7.56 10.89 -7.79
CA GLN F 208 7.75 11.37 -9.13
C GLN F 208 6.45 11.30 -9.90
N ALA F 209 6.08 12.43 -10.53
CA ALA F 209 5.00 12.43 -11.50
C ALA F 209 5.29 11.42 -12.60
N CYS F 210 4.28 10.73 -13.00
CA CYS F 210 4.54 9.40 -13.52
C CYS F 210 4.78 9.51 -15.02
N PRO F 211 5.84 8.87 -15.54
CA PRO F 211 6.48 9.36 -16.80
C PRO F 211 5.62 9.28 -18.04
N LYS F 212 5.03 8.12 -18.34
CA LYS F 212 4.20 7.97 -19.52
C LYS F 212 2.88 8.73 -19.42
N VAL F 213 2.48 9.08 -18.21
CA VAL F 213 1.20 9.74 -17.96
C VAL F 213 1.30 11.20 -18.37
N SER F 214 0.31 11.67 -19.13
CA SER F 214 0.24 13.05 -19.59
C SER F 214 -0.67 13.88 -18.69
N PHE F 215 -0.35 15.16 -18.57
CA PHE F 215 -1.17 16.08 -17.79
C PHE F 215 -2.15 16.88 -18.63
N GLU F 216 -2.25 16.59 -19.93
CA GLU F 216 -3.09 17.37 -20.84
C GLU F 216 -4.56 17.16 -20.51
N PRO F 217 -5.32 18.22 -20.20
CA PRO F 217 -6.77 18.06 -20.00
C PRO F 217 -7.49 17.64 -21.26
N ILE F 218 -8.48 16.78 -21.09
CA ILE F 218 -9.42 16.43 -22.16
C ILE F 218 -10.81 16.54 -21.52
N PRO F 219 -11.87 16.82 -22.29
CA PRO F 219 -13.18 17.04 -21.67
C PRO F 219 -13.75 15.79 -21.00
N ILE F 220 -14.47 16.01 -19.90
CA ILE F 220 -15.19 14.98 -19.18
C ILE F 220 -16.59 15.51 -18.87
N HIS F 221 -17.59 14.67 -19.10
CA HIS F 221 -18.98 15.04 -18.89
C HIS F 221 -19.48 14.36 -17.62
N TYR F 222 -20.19 15.11 -16.78
CA TYR F 222 -20.63 14.62 -15.47
C TYR F 222 -22.11 14.27 -15.57
N CYS F 223 -22.38 13.01 -15.86
CA CYS F 223 -23.74 12.52 -16.10
C CYS F 223 -24.39 12.03 -14.83
N ALA F 224 -25.64 12.40 -14.64
CA ALA F 224 -26.36 12.00 -13.44
C ALA F 224 -26.90 10.58 -13.61
N PRO F 225 -27.09 9.83 -12.52
CA PRO F 225 -27.61 8.45 -12.66
C PRO F 225 -29.09 8.41 -12.99
N ALA F 226 -29.63 7.21 -13.13
CA ALA F 226 -31.06 7.04 -13.38
C ALA F 226 -31.88 7.52 -12.21
N GLY F 227 -33.03 8.12 -12.51
CA GLY F 227 -33.85 8.71 -11.48
C GLY F 227 -33.41 10.10 -11.07
N PHE F 228 -32.40 10.65 -11.73
CA PHE F 228 -31.94 12.00 -11.50
C PHE F 228 -31.86 12.72 -12.85
N ALA F 229 -31.93 14.04 -12.80
CA ALA F 229 -31.87 14.86 -14.00
C ALA F 229 -30.94 16.04 -13.76
N ILE F 230 -30.34 16.53 -14.84
CA ILE F 230 -29.49 17.72 -14.80
C ILE F 230 -30.19 18.84 -15.54
N LEU F 231 -30.39 19.96 -14.84
CA LEU F 231 -31.03 21.14 -15.38
C LEU F 231 -29.96 22.16 -15.73
N LYS F 232 -29.84 22.46 -17.02
CA LYS F 232 -28.98 23.52 -17.52
C LYS F 232 -29.79 24.80 -17.64
N CYS F 233 -29.19 25.92 -17.29
CA CYS F 233 -29.84 27.23 -17.37
C CYS F 233 -29.36 27.90 -18.65
N LYS F 234 -30.17 27.78 -19.71
CA LYS F 234 -29.86 28.35 -21.01
C LYS F 234 -29.96 29.88 -21.05
N ASP F 235 -30.50 30.50 -20.01
CA ASP F 235 -30.67 31.95 -19.96
C ASP F 235 -29.33 32.68 -20.02
N LYS F 236 -29.23 33.64 -20.93
CA LYS F 236 -28.06 34.50 -21.01
C LYS F 236 -28.20 35.67 -20.04
N LYS F 237 -27.07 36.30 -19.72
CA LYS F 237 -26.96 37.34 -18.68
C LYS F 237 -27.50 36.85 -17.35
N PHE F 238 -27.15 35.60 -17.02
CA PHE F 238 -27.65 34.90 -15.85
C PHE F 238 -26.57 34.91 -14.78
N ASN F 239 -26.77 35.69 -13.72
CA ASN F 239 -25.85 35.62 -12.61
C ASN F 239 -26.09 34.34 -11.82
N GLY F 240 -25.13 34.01 -10.94
CA GLY F 240 -25.07 32.67 -10.36
C GLY F 240 -26.28 32.26 -9.54
N THR F 241 -26.86 33.18 -8.80
CA THR F 241 -27.98 32.87 -7.93
C THR F 241 -29.29 33.38 -8.52
N GLY F 242 -30.39 32.81 -8.04
CA GLY F 242 -31.69 33.32 -8.39
C GLY F 242 -32.49 32.43 -9.33
N PRO F 243 -33.69 32.90 -9.73
CA PRO F 243 -34.55 32.10 -10.61
C PRO F 243 -34.17 32.22 -12.08
N CYS F 244 -33.67 31.13 -12.64
CA CYS F 244 -33.47 31.03 -14.08
C CYS F 244 -34.79 30.69 -14.77
N PRO F 245 -35.26 31.51 -15.71
CA PRO F 245 -36.52 31.19 -16.41
C PRO F 245 -36.37 30.26 -17.60
N SER F 246 -35.19 30.16 -18.21
CA SER F 246 -34.99 29.28 -19.36
C SER F 246 -34.21 28.06 -18.89
N VAL F 247 -34.89 26.94 -18.74
CA VAL F 247 -34.32 25.73 -18.17
C VAL F 247 -34.43 24.61 -19.19
N SER F 248 -33.42 23.75 -19.23
CA SER F 248 -33.40 22.58 -20.08
C SER F 248 -32.93 21.38 -19.27
N THR F 249 -33.39 20.20 -19.66
CA THR F 249 -32.94 18.95 -19.08
C THR F 249 -31.94 18.34 -20.05
N VAL F 250 -30.80 17.87 -19.54
CA VAL F 250 -29.81 17.29 -20.42
C VAL F 250 -29.36 15.93 -19.88
N GLN F 251 -28.99 15.05 -20.82
CA GLN F 251 -28.42 13.76 -20.50
C GLN F 251 -27.09 13.89 -19.76
N CYS F 252 -26.26 14.85 -20.16
CA CYS F 252 -24.98 15.07 -19.50
C CYS F 252 -24.52 16.48 -19.81
N THR F 253 -23.54 16.95 -19.03
CA THR F 253 -23.03 18.31 -19.11
C THR F 253 -22.30 18.54 -20.44
N HIS F 254 -21.81 19.76 -20.65
CA HIS F 254 -20.98 20.02 -21.82
C HIS F 254 -19.58 19.41 -21.62
N GLY F 255 -18.70 19.64 -22.59
CA GLY F 255 -17.34 19.17 -22.44
C GLY F 255 -16.57 20.04 -21.47
N ILE F 256 -16.27 19.52 -20.29
CA ILE F 256 -15.61 20.28 -19.23
C ILE F 256 -14.18 19.79 -19.12
N LYS F 257 -13.22 20.64 -19.47
CA LYS F 257 -11.81 20.29 -19.35
C LYS F 257 -11.33 20.68 -17.96
N PRO F 258 -10.82 19.75 -17.15
CA PRO F 258 -10.23 20.16 -15.88
C PRO F 258 -8.91 20.87 -16.11
N VAL F 259 -8.91 22.18 -16.01
CA VAL F 259 -7.73 23.00 -16.23
C VAL F 259 -7.39 23.66 -14.91
N VAL F 260 -6.31 23.23 -14.29
CA VAL F 260 -5.85 23.87 -13.07
C VAL F 260 -5.11 25.15 -13.45
N SER F 261 -5.52 26.25 -12.82
CA SER F 261 -4.93 27.56 -13.06
C SER F 261 -5.38 28.50 -11.95
N THR F 262 -4.57 29.53 -11.75
CA THR F 262 -4.84 30.61 -10.79
C THR F 262 -4.67 31.92 -11.52
N GLN F 263 -5.51 32.91 -11.15
CA GLN F 263 -5.55 34.29 -11.63
C GLN F 263 -6.12 34.45 -13.04
N LEU F 264 -6.33 33.36 -13.76
CA LEU F 264 -6.77 33.40 -15.15
C LEU F 264 -7.36 32.04 -15.45
N LEU F 265 -8.65 31.98 -15.78
CA LEU F 265 -9.29 30.73 -16.13
C LEU F 265 -9.00 30.42 -17.60
N LEU F 266 -8.20 29.39 -17.83
CA LEU F 266 -7.76 29.04 -19.18
C LEU F 266 -8.69 28.00 -19.78
N ASN F 267 -8.80 28.04 -21.11
CA ASN F 267 -9.72 27.24 -21.93
C ASN F 267 -11.14 27.33 -21.40
N GLY F 268 -11.88 26.23 -21.34
CA GLY F 268 -13.21 26.30 -20.78
C GLY F 268 -14.21 27.01 -21.69
N SER F 269 -15.39 27.26 -21.12
CA SER F 269 -16.48 27.90 -21.87
C SER F 269 -16.19 29.40 -22.03
N LEU F 270 -17.06 30.07 -22.78
CA LEU F 270 -16.75 31.41 -23.26
C LEU F 270 -17.92 32.39 -23.21
N ALA F 271 -18.90 32.15 -22.34
CA ALA F 271 -20.12 32.95 -22.18
C ALA F 271 -20.95 33.04 -23.47
N GLU F 272 -22.01 33.84 -23.44
CA GLU F 272 -22.90 33.92 -24.58
C GLU F 272 -23.04 35.33 -25.14
N GLU F 273 -23.33 36.32 -24.29
CA GLU F 273 -23.69 37.65 -24.75
C GLU F 273 -22.71 38.72 -24.29
N GLU F 274 -22.44 38.81 -22.99
CA GLU F 274 -21.60 39.86 -22.44
C GLU F 274 -20.71 39.26 -21.36
N VAL F 275 -19.70 40.04 -20.95
CA VAL F 275 -18.85 39.67 -19.84
C VAL F 275 -19.70 39.54 -18.58
N MET F 276 -19.48 38.46 -17.82
CA MET F 276 -20.31 38.14 -16.68
C MET F 276 -19.48 38.13 -15.41
N ILE F 277 -19.83 38.99 -14.46
CA ILE F 277 -19.20 39.04 -13.15
C ILE F 277 -20.11 38.29 -12.20
N ARG F 278 -19.55 37.31 -11.47
CA ARG F 278 -20.31 36.51 -10.53
C ARG F 278 -19.53 36.39 -9.24
N SER F 279 -20.14 36.80 -8.14
CA SER F 279 -19.55 36.68 -6.83
C SER F 279 -20.60 36.15 -5.87
N GLU F 280 -20.14 35.39 -4.86
CA GLU F 280 -21.05 34.90 -3.83
C GLU F 280 -21.70 36.06 -3.08
N ASN F 281 -20.93 37.10 -2.79
CA ASN F 281 -21.47 38.36 -2.32
C ASN F 281 -20.50 39.46 -2.71
N ILE F 282 -20.98 40.41 -3.53
CA ILE F 282 -20.13 41.46 -4.06
C ILE F 282 -19.71 42.49 -3.01
N THR F 283 -20.38 42.52 -1.86
CA THR F 283 -19.99 43.39 -0.77
C THR F 283 -19.00 42.75 0.18
N ASN F 284 -18.58 41.52 -0.10
CA ASN F 284 -17.68 40.75 0.74
C ASN F 284 -16.33 40.65 0.04
N ASN F 285 -15.25 40.99 0.76
CA ASN F 285 -13.92 40.90 0.18
C ASN F 285 -13.43 39.46 0.16
N ALA F 286 -13.79 38.67 1.18
CA ALA F 286 -13.35 37.29 1.30
C ALA F 286 -13.87 36.39 0.17
N LYS F 287 -14.90 36.81 -0.54
CA LYS F 287 -15.45 36.06 -1.65
C LYS F 287 -14.82 36.52 -2.96
N ASN F 288 -14.28 35.58 -3.72
CA ASN F 288 -13.67 35.91 -4.99
C ASN F 288 -14.73 36.25 -6.03
N ILE F 289 -14.30 37.03 -7.02
CA ILE F 289 -15.15 37.43 -8.14
C ILE F 289 -14.70 36.68 -9.38
N LEU F 290 -15.60 35.90 -9.97
CA LEU F 290 -15.31 35.16 -11.19
C LEU F 290 -15.82 35.96 -12.37
N VAL F 291 -14.92 36.32 -13.28
CA VAL F 291 -15.24 37.07 -14.49
C VAL F 291 -15.16 36.09 -15.65
N GLN F 292 -16.20 36.08 -16.48
CA GLN F 292 -16.26 35.24 -17.67
C GLN F 292 -16.33 36.15 -18.89
N PHE F 293 -15.43 35.94 -19.83
CA PHE F 293 -15.34 36.78 -21.02
C PHE F 293 -16.30 36.29 -22.08
N ASN F 294 -16.76 37.22 -22.92
CA ASN F 294 -17.54 36.90 -24.09
C ASN F 294 -16.69 36.67 -25.33
N THR F 295 -15.39 36.92 -25.25
CA THR F 295 -14.46 36.81 -26.37
C THR F 295 -13.12 36.41 -25.75
N PRO F 296 -12.50 35.32 -26.23
CA PRO F 296 -11.28 34.84 -25.58
C PRO F 296 -10.09 35.74 -25.87
N VAL F 297 -9.11 35.70 -24.98
CA VAL F 297 -7.84 36.37 -25.19
C VAL F 297 -6.78 35.31 -25.42
N GLN F 298 -6.14 35.34 -26.58
CA GLN F 298 -5.15 34.33 -26.91
C GLN F 298 -3.87 34.58 -26.13
N ILE F 299 -3.39 33.55 -25.43
CA ILE F 299 -2.14 33.62 -24.68
C ILE F 299 -1.20 32.56 -25.23
N ASN F 300 -0.01 32.99 -25.67
CA ASN F 300 0.96 32.10 -26.27
C ASN F 300 2.11 31.93 -25.29
N CYS F 301 2.23 30.74 -24.72
CA CYS F 301 3.24 30.48 -23.71
C CYS F 301 4.34 29.61 -24.28
N THR F 302 5.55 29.79 -23.78
CA THR F 302 6.67 29.01 -24.29
C THR F 302 7.75 28.87 -23.24
N ARG F 303 8.26 27.64 -23.14
CA ARG F 303 9.58 27.41 -22.60
C ARG F 303 10.52 27.20 -23.76
N PRO F 304 11.52 28.06 -23.92
CA PRO F 304 12.40 28.01 -25.07
C PRO F 304 13.67 27.18 -24.88
N ASN F 305 14.06 26.87 -23.64
CA ASN F 305 15.24 26.05 -23.43
C ASN F 305 14.96 24.66 -23.97
N ASN F 306 15.94 24.07 -24.63
CA ASN F 306 15.82 22.73 -25.14
C ASN F 306 16.50 21.87 -24.08
N ASN F 307 15.77 20.90 -23.54
CA ASN F 307 16.23 20.15 -22.39
C ASN F 307 16.47 18.70 -22.75
N THR F 308 17.43 18.09 -22.05
CA THR F 308 17.78 16.70 -22.27
C THR F 308 17.41 15.94 -21.00
N ARG F 309 16.74 14.81 -21.16
CA ARG F 309 16.32 14.00 -20.02
C ARG F 309 17.24 12.78 -19.91
N LYS F 310 17.87 12.62 -18.75
CA LYS F 310 18.74 11.48 -18.50
C LYS F 310 18.06 10.55 -17.51
N SER F 311 18.17 9.25 -17.75
CA SER F 311 17.67 8.26 -16.81
C SER F 311 18.76 7.91 -15.83
N ILE F 312 18.42 7.91 -14.54
CA ILE F 312 19.33 7.52 -13.48
C ILE F 312 18.68 6.35 -12.74
N ARG F 313 19.50 5.38 -12.32
CA ARG F 313 19.00 4.21 -11.60
C ARG F 313 19.18 4.46 -10.11
N ILE F 314 18.09 4.85 -9.44
CA ILE F 314 18.13 5.05 -7.99
C ILE F 314 17.98 3.74 -7.24
N GLY F 315 17.57 2.68 -7.91
CA GLY F 315 17.35 1.40 -7.28
C GLY F 315 16.88 0.38 -8.27
N PRO F 316 16.54 -0.82 -7.80
CA PRO F 316 16.07 -1.87 -8.72
C PRO F 316 14.71 -1.56 -9.33
N GLY F 317 14.69 -1.30 -10.63
CA GLY F 317 13.47 -1.02 -11.36
C GLY F 317 12.94 0.39 -11.22
N GLN F 318 13.64 1.26 -10.50
CA GLN F 318 13.20 2.63 -10.27
C GLN F 318 14.11 3.58 -11.04
N ALA F 319 13.51 4.56 -11.73
CA ALA F 319 14.23 5.50 -12.56
C ALA F 319 13.88 6.93 -12.16
N PHE F 320 14.89 7.78 -12.07
CA PHE F 320 14.72 9.21 -11.80
C PHE F 320 15.17 9.99 -13.03
N TYR F 321 14.30 10.87 -13.52
CA TYR F 321 14.55 11.61 -14.75
C TYR F 321 15.06 13.00 -14.39
N ALA F 322 16.26 13.31 -14.87
CA ALA F 322 16.98 14.52 -14.54
C ALA F 322 17.22 15.38 -15.79
N THR F 323 17.32 16.69 -15.58
CA THR F 323 17.64 17.62 -16.66
C THR F 323 19.15 17.56 -16.86
N GLY F 324 19.59 16.60 -17.68
CA GLY F 324 21.02 16.38 -17.89
C GLY F 324 21.75 17.57 -18.48
N ASP F 325 21.16 18.21 -19.49
CA ASP F 325 21.83 19.30 -20.17
C ASP F 325 20.78 20.17 -20.86
N ILE F 326 21.24 21.35 -21.30
CA ILE F 326 20.42 22.27 -22.08
C ILE F 326 21.11 22.38 -23.43
N ILE F 327 20.56 21.71 -24.44
CA ILE F 327 21.17 21.66 -25.77
C ILE F 327 20.66 22.91 -26.49
N GLY F 328 21.34 24.02 -26.30
CA GLY F 328 20.87 25.24 -26.92
C GLY F 328 21.29 26.46 -26.10
N ASP F 329 20.36 27.39 -25.96
CA ASP F 329 20.66 28.66 -25.32
C ASP F 329 19.70 28.93 -24.17
N ILE F 330 20.24 29.42 -23.06
CA ILE F 330 19.48 29.60 -21.83
C ILE F 330 18.73 30.91 -21.92
N ARG F 331 17.42 30.83 -22.13
CA ARG F 331 16.51 31.95 -22.18
C ARG F 331 15.45 31.78 -21.09
N GLN F 332 14.69 32.84 -20.87
CA GLN F 332 13.63 32.84 -19.87
C GLN F 332 12.30 32.49 -20.52
N ALA F 333 11.58 31.55 -19.93
CA ALA F 333 10.23 31.21 -20.40
C ALA F 333 9.29 32.40 -20.21
N HIS F 334 8.21 32.41 -21.00
CA HIS F 334 7.30 33.55 -20.93
C HIS F 334 5.95 33.20 -21.54
N CYS F 335 5.02 34.15 -21.42
CA CYS F 335 3.71 34.08 -22.04
C CYS F 335 3.36 35.43 -22.65
N ASN F 336 3.03 35.44 -23.93
CA ASN F 336 2.61 36.65 -24.61
C ASN F 336 1.09 36.76 -24.59
N VAL F 337 0.59 37.95 -24.27
CA VAL F 337 -0.82 38.29 -24.38
C VAL F 337 -0.90 39.51 -25.27
N SER F 338 -1.85 39.51 -26.22
CA SER F 338 -2.03 40.64 -27.12
C SER F 338 -2.41 41.88 -26.32
N LYS F 339 -1.80 43.02 -26.66
CA LYS F 339 -2.00 44.24 -25.88
C LYS F 339 -3.38 44.83 -26.11
N ALA F 340 -3.76 45.03 -27.38
CA ALA F 340 -5.04 45.65 -27.71
C ALA F 340 -6.22 44.78 -27.29
N THR F 341 -6.10 43.46 -27.49
CA THR F 341 -7.17 42.54 -27.12
C THR F 341 -7.39 42.52 -25.62
N TRP F 342 -6.31 42.46 -24.84
CA TRP F 342 -6.42 42.50 -23.39
C TRP F 342 -6.96 43.85 -22.91
N ASN F 343 -6.57 44.94 -23.58
CA ASN F 343 -7.06 46.27 -23.23
C ASN F 343 -8.58 46.38 -23.44
N GLU F 344 -9.07 45.90 -24.60
CA GLU F 344 -10.51 45.89 -24.85
C GLU F 344 -11.25 44.96 -23.89
N THR F 345 -10.65 43.81 -23.58
CA THR F 345 -11.25 42.87 -22.64
C THR F 345 -11.40 43.49 -21.25
N LEU F 346 -10.34 44.16 -20.78
CA LEU F 346 -10.42 44.86 -19.51
C LEU F 346 -11.40 46.02 -19.55
N GLY F 347 -11.57 46.65 -20.73
CA GLY F 347 -12.62 47.65 -20.89
C GLY F 347 -14.01 47.09 -20.66
N LYS F 348 -14.28 45.91 -21.23
CA LYS F 348 -15.57 45.25 -20.99
C LYS F 348 -15.72 44.87 -19.51
N VAL F 349 -14.64 44.37 -18.90
CA VAL F 349 -14.67 43.98 -17.49
C VAL F 349 -14.94 45.17 -16.58
N VAL F 350 -14.28 46.32 -16.83
CA VAL F 350 -14.50 47.49 -15.99
C VAL F 350 -15.91 48.05 -16.21
N LYS F 351 -16.46 47.93 -17.42
CA LYS F 351 -17.85 48.31 -17.66
C LYS F 351 -18.80 47.48 -16.80
N GLN F 352 -18.63 46.14 -16.83
CA GLN F 352 -19.51 45.27 -16.06
C GLN F 352 -19.28 45.39 -14.55
N LEU F 353 -18.09 45.81 -14.12
CA LEU F 353 -17.85 46.03 -12.71
C LEU F 353 -18.43 47.37 -12.24
N ARG F 354 -18.36 48.39 -13.10
CA ARG F 354 -18.99 49.67 -12.81
C ARG F 354 -20.51 49.53 -12.75
N LYS F 355 -21.06 48.55 -13.46
CA LYS F 355 -22.47 48.20 -13.27
C LYS F 355 -22.76 47.84 -11.82
N HIS F 356 -21.89 47.04 -11.21
CA HIS F 356 -22.08 46.62 -9.82
C HIS F 356 -21.80 47.77 -8.83
N PHE F 357 -20.70 48.49 -9.03
CA PHE F 357 -20.20 49.41 -8.02
C PHE F 357 -20.53 50.87 -8.29
N GLY F 358 -21.43 51.16 -9.21
CA GLY F 358 -21.78 52.53 -9.51
C GLY F 358 -20.98 53.11 -10.66
N ASN F 359 -21.51 54.19 -11.22
CA ASN F 359 -20.98 54.77 -12.45
C ASN F 359 -19.89 55.81 -12.22
N ASN F 360 -19.46 56.01 -10.97
CA ASN F 360 -18.51 57.06 -10.67
C ASN F 360 -17.39 56.55 -9.78
N THR F 361 -16.95 55.32 -10.00
CA THR F 361 -15.85 54.72 -9.26
C THR F 361 -14.65 54.56 -10.18
N ILE F 362 -13.48 54.87 -9.64
CA ILE F 362 -12.23 54.79 -10.41
C ILE F 362 -11.70 53.37 -10.22
N ILE F 363 -12.22 52.46 -11.03
CA ILE F 363 -11.90 51.04 -10.91
C ILE F 363 -10.51 50.80 -11.47
N ARG F 364 -9.56 50.48 -10.61
CA ARG F 364 -8.18 50.20 -10.98
C ARG F 364 -7.83 48.76 -10.65
N PHE F 365 -6.98 48.17 -11.51
CA PHE F 365 -6.48 46.82 -11.29
C PHE F 365 -5.02 46.90 -10.88
N ALA F 366 -4.59 45.97 -10.04
CA ALA F 366 -3.23 45.97 -9.53
C ALA F 366 -2.77 44.54 -9.38
N ASN F 367 -1.45 44.34 -9.34
CA ASN F 367 -0.93 42.97 -9.31
C ASN F 367 -1.15 42.37 -7.93
N SER F 368 -1.12 41.04 -7.88
CA SER F 368 -1.43 40.29 -6.66
C SER F 368 -0.51 40.60 -5.49
N SER F 369 -1.13 40.71 -4.32
CA SER F 369 -0.42 40.80 -3.04
C SER F 369 0.17 39.43 -2.71
N GLY F 370 1.03 39.39 -1.69
CA GLY F 370 1.92 38.26 -1.50
C GLY F 370 1.23 36.96 -1.14
N GLY F 371 2.00 35.88 -1.17
CA GLY F 371 1.46 34.60 -0.80
C GLY F 371 2.44 33.54 -1.24
N ASP F 372 1.97 32.29 -1.24
CA ASP F 372 2.70 31.22 -1.90
C ASP F 372 2.93 31.58 -3.38
N LEU F 373 3.86 30.86 -4.02
CA LEU F 373 4.10 31.12 -5.44
C LEU F 373 2.94 30.66 -6.32
N GLU F 374 2.12 29.73 -5.84
CA GLU F 374 0.97 29.26 -6.60
C GLU F 374 -0.13 30.29 -6.74
N VAL F 375 -0.09 31.39 -6.00
CA VAL F 375 -1.18 32.36 -5.95
C VAL F 375 -0.76 33.73 -6.48
N THR F 376 0.45 34.18 -6.15
CA THR F 376 0.94 35.49 -6.59
C THR F 376 1.14 35.57 -8.09
N THR F 377 1.34 34.44 -8.75
CA THR F 377 1.61 34.38 -10.17
C THR F 377 0.61 33.41 -10.81
N HIS F 378 0.32 33.65 -12.08
CA HIS F 378 -0.59 32.79 -12.85
C HIS F 378 0.08 31.44 -13.01
N SER F 379 -0.36 30.47 -12.21
CA SER F 379 0.20 29.14 -12.23
C SER F 379 -0.63 28.32 -13.20
N PHE F 380 0.03 27.43 -13.93
CA PHE F 380 -0.66 26.46 -14.78
C PHE F 380 0.34 25.41 -15.23
N ASN F 381 -0.12 24.49 -16.06
CA ASN F 381 0.69 23.42 -16.61
C ASN F 381 0.60 23.47 -18.12
N CYS F 382 1.75 23.43 -18.79
CA CYS F 382 1.81 23.49 -20.25
C CYS F 382 2.78 22.41 -20.73
N GLY F 383 2.24 21.36 -21.35
CA GLY F 383 3.05 20.28 -21.87
C GLY F 383 3.79 19.49 -20.82
N GLY F 384 3.32 19.52 -19.59
CA GLY F 384 3.94 18.81 -18.51
C GLY F 384 4.81 19.69 -17.63
N GLU F 385 5.18 20.87 -18.11
CA GLU F 385 6.00 21.79 -17.31
C GLU F 385 5.12 22.83 -16.63
N PHE F 386 5.35 23.03 -15.33
CA PHE F 386 4.49 23.87 -14.51
C PHE F 386 5.02 25.30 -14.51
N PHE F 387 4.27 26.20 -15.12
CA PHE F 387 4.61 27.61 -15.27
C PHE F 387 4.00 28.43 -14.14
N TYR F 388 4.72 29.47 -13.74
CA TYR F 388 4.27 30.46 -12.76
C TYR F 388 4.60 31.82 -13.35
N CYS F 389 3.61 32.49 -13.91
CA CYS F 389 3.81 33.68 -14.72
C CYS F 389 3.50 34.95 -13.95
N ASN F 390 4.48 35.83 -13.86
CA ASN F 390 4.33 37.14 -13.21
C ASN F 390 3.42 38.00 -14.08
N THR F 391 2.17 38.17 -13.66
CA THR F 391 1.16 38.92 -14.40
C THR F 391 1.10 40.38 -14.00
N SER F 392 2.21 40.98 -13.56
CA SER F 392 2.21 42.39 -13.19
C SER F 392 1.92 43.28 -14.39
N GLY F 393 2.29 42.84 -15.59
CA GLY F 393 1.98 43.62 -16.78
C GLY F 393 0.53 43.54 -17.18
N LEU F 394 -0.12 42.40 -16.94
CA LEU F 394 -1.54 42.25 -17.26
C LEU F 394 -2.38 43.11 -16.33
N PHE F 395 -2.24 42.91 -15.03
CA PHE F 395 -3.09 43.57 -14.04
C PHE F 395 -2.41 44.87 -13.64
N ASN F 396 -2.78 45.93 -14.34
CA ASN F 396 -2.23 47.26 -14.17
C ASN F 396 -3.36 48.23 -14.49
N SER F 397 -3.00 49.49 -14.78
CA SER F 397 -3.84 50.57 -15.31
C SER F 397 -4.91 51.04 -14.33
N THR F 398 -5.42 52.25 -14.56
CA THR F 398 -6.39 52.87 -13.65
C THR F 398 -7.49 53.47 -14.51
N TRP F 399 -8.62 52.76 -14.60
CA TRP F 399 -9.75 53.18 -15.40
C TRP F 399 -10.59 54.23 -14.67
N ILE F 400 -10.92 55.30 -15.37
CA ILE F 400 -11.71 56.39 -14.81
C ILE F 400 -13.06 56.43 -15.51
N SER F 401 -13.99 57.16 -14.92
CA SER F 401 -15.34 57.28 -15.45
C SER F 401 -15.33 58.23 -16.63
N ASN F 402 -15.38 57.67 -17.84
CA ASN F 402 -15.36 58.47 -19.06
C ASN F 402 -16.78 58.88 -19.45
N ASN F 414 0.19 45.20 -32.92
CA ASN F 414 0.67 43.82 -32.86
C ASN F 414 1.61 43.63 -31.67
N ASP F 415 1.82 44.71 -30.90
CA ASP F 415 2.66 44.65 -29.72
C ASP F 415 2.03 43.75 -28.66
N SER F 416 2.89 43.04 -27.91
CA SER F 416 2.45 42.04 -26.95
C SER F 416 2.98 42.37 -25.56
N ILE F 417 2.24 41.93 -24.55
CA ILE F 417 2.69 41.97 -23.16
C ILE F 417 3.31 40.61 -22.87
N THR F 418 4.62 40.60 -22.62
CA THR F 418 5.33 39.38 -22.29
C THR F 418 5.45 39.24 -20.78
N LEU F 419 4.93 38.14 -20.26
CA LEU F 419 4.95 37.86 -18.83
C LEU F 419 6.07 36.87 -18.56
N PRO F 420 7.08 37.23 -17.77
CA PRO F 420 8.19 36.31 -17.49
C PRO F 420 7.75 35.23 -16.50
N CYS F 421 7.76 33.99 -16.97
CA CYS F 421 7.28 32.87 -16.18
C CYS F 421 8.44 32.07 -15.64
N ARG F 422 8.46 31.89 -14.32
CA ARG F 422 9.34 30.88 -13.75
C ARG F 422 8.70 29.51 -13.95
N ILE F 423 9.49 28.45 -13.77
CA ILE F 423 9.04 27.08 -13.99
C ILE F 423 9.48 26.26 -12.78
N LYS F 424 8.61 25.36 -12.33
CA LYS F 424 8.90 24.55 -11.15
C LYS F 424 8.72 23.08 -11.45
N GLN F 425 9.49 22.25 -10.75
CA GLN F 425 9.35 20.81 -10.84
C GLN F 425 8.76 20.18 -9.58
N ILE F 426 9.02 20.73 -8.40
CA ILE F 426 8.44 20.23 -7.16
C ILE F 426 7.16 21.00 -6.90
N ILE F 427 6.04 20.29 -6.79
CA ILE F 427 4.70 20.88 -6.84
C ILE F 427 3.88 20.32 -5.69
N ASN F 428 3.14 21.20 -5.03
CA ASN F 428 2.20 20.82 -3.98
C ASN F 428 0.81 21.20 -4.47
N MET F 429 0.04 20.21 -4.90
CA MET F 429 -1.25 20.45 -5.53
C MET F 429 -2.38 20.36 -4.51
N TRP F 430 -3.51 20.98 -4.88
CA TRP F 430 -4.80 20.93 -4.17
C TRP F 430 -4.69 21.44 -2.72
N GLN F 431 -3.75 22.35 -2.48
CA GLN F 431 -3.52 23.01 -1.19
C GLN F 431 -3.22 21.97 -0.10
N ARG F 432 -2.19 21.17 -0.34
CA ARG F 432 -1.81 20.08 0.53
C ARG F 432 -0.30 20.09 0.73
N ILE F 433 0.13 19.56 1.87
CA ILE F 433 1.53 19.26 2.12
C ILE F 433 1.62 17.83 2.66
N GLY F 434 2.81 17.26 2.50
CA GLY F 434 3.03 15.85 2.76
C GLY F 434 2.96 14.96 1.54
N GLN F 435 2.39 15.46 0.44
CA GLN F 435 2.32 14.74 -0.83
C GLN F 435 2.89 15.66 -1.90
N ALA F 436 4.22 15.61 -2.09
CA ALA F 436 4.88 16.46 -3.06
C ALA F 436 5.15 15.68 -4.34
N MET F 437 5.10 16.37 -5.46
CA MET F 437 5.16 15.74 -6.78
C MET F 437 6.31 16.32 -7.57
N TYR F 438 7.06 15.47 -8.27
CA TYR F 438 8.21 15.91 -9.05
C TYR F 438 7.90 15.66 -10.53
N ALA F 439 7.44 16.69 -11.21
CA ALA F 439 7.25 16.66 -12.66
C ALA F 439 8.58 16.38 -13.36
N PRO F 440 8.68 15.34 -14.18
CA PRO F 440 9.92 15.07 -14.91
C PRO F 440 10.20 16.15 -15.93
N PRO F 441 11.46 16.34 -16.32
CA PRO F 441 11.78 17.32 -17.37
C PRO F 441 11.18 16.91 -18.70
N ILE F 442 10.76 17.90 -19.47
CA ILE F 442 10.17 17.67 -20.78
C ILE F 442 11.22 17.97 -21.84
N GLN F 443 11.45 17.01 -22.73
CA GLN F 443 12.44 17.16 -23.78
C GLN F 443 11.98 18.16 -24.83
N GLY F 444 12.93 18.90 -25.38
CA GLY F 444 12.65 19.89 -26.40
C GLY F 444 11.99 21.16 -25.90
N VAL F 445 11.90 22.17 -26.76
CA VAL F 445 11.13 23.36 -26.44
C VAL F 445 9.64 23.00 -26.37
N ILE F 446 8.89 23.82 -25.63
CA ILE F 446 7.45 23.59 -25.55
C ILE F 446 6.71 24.91 -25.74
N ARG F 447 5.58 24.84 -26.42
CA ARG F 447 4.76 25.99 -26.75
C ARG F 447 3.31 25.61 -26.49
N CYS F 448 2.53 26.58 -26.02
CA CYS F 448 1.11 26.40 -25.76
C CYS F 448 0.38 27.61 -26.31
N VAL F 449 -0.85 27.40 -26.75
CA VAL F 449 -1.75 28.49 -27.14
C VAL F 449 -3.06 28.24 -26.42
N SER F 450 -3.42 29.13 -25.49
CA SER F 450 -4.60 28.95 -24.66
C SER F 450 -5.51 30.17 -24.77
N ASN F 451 -6.72 30.00 -24.27
CA ASN F 451 -7.75 31.04 -24.26
C ASN F 451 -7.96 31.51 -22.84
N ILE F 452 -7.53 32.74 -22.53
CA ILE F 452 -8.00 33.37 -21.31
C ILE F 452 -9.47 33.72 -21.52
N THR F 453 -10.35 33.01 -20.80
CA THR F 453 -11.79 33.24 -20.88
C THR F 453 -12.36 33.68 -19.54
N GLY F 454 -11.54 34.26 -18.68
CA GLY F 454 -12.06 34.70 -17.40
C GLY F 454 -10.93 34.98 -16.43
N LEU F 455 -11.34 35.52 -15.29
CA LEU F 455 -10.43 35.91 -14.22
C LEU F 455 -11.03 35.52 -12.89
N ILE F 456 -10.16 35.38 -11.91
CA ILE F 456 -10.53 35.39 -10.50
C ILE F 456 -9.96 36.67 -9.91
N LEU F 457 -10.77 37.40 -9.15
CA LEU F 457 -10.35 38.67 -8.61
C LEU F 457 -10.75 38.77 -7.15
N THR F 458 -10.05 39.62 -6.42
CA THR F 458 -10.38 39.99 -5.04
C THR F 458 -10.31 41.51 -4.92
N ARG F 459 -11.30 42.07 -4.25
CA ARG F 459 -11.42 43.51 -4.09
C ARG F 459 -10.87 43.93 -2.74
N ASP F 460 -9.99 44.93 -2.75
CA ASP F 460 -9.45 45.47 -1.51
C ASP F 460 -10.56 46.08 -0.65
N GLY F 461 -10.56 45.73 0.63
CA GLY F 461 -11.58 46.19 1.55
C GLY F 461 -11.31 47.60 2.04
N GLY F 462 -12.18 48.04 2.94
CA GLY F 462 -12.05 49.37 3.54
C GLY F 462 -12.23 50.50 2.54
N SER F 463 -13.22 50.38 1.65
CA SER F 463 -13.47 51.42 0.65
C SER F 463 -13.94 52.72 1.29
N THR F 464 -14.75 52.62 2.36
CA THR F 464 -15.33 53.76 3.11
C THR F 464 -16.09 54.73 2.20
N ASN F 465 -16.79 54.14 1.21
CA ASN F 465 -17.52 54.80 0.11
C ASN F 465 -16.75 56.00 -0.47
N SER F 466 -15.46 55.77 -0.72
CA SER F 466 -14.55 56.78 -1.24
C SER F 466 -14.08 56.45 -2.66
N THR F 467 -14.84 55.63 -3.39
CA THR F 467 -14.58 55.14 -4.75
C THR F 467 -13.22 54.43 -4.78
N THR F 468 -12.56 54.44 -5.94
CA THR F 468 -11.24 53.85 -6.25
C THR F 468 -11.10 52.41 -5.71
N GLU F 469 -12.02 51.55 -6.17
CA GLU F 469 -11.95 50.14 -5.85
C GLU F 469 -10.80 49.47 -6.58
N THR F 470 -10.00 48.70 -5.86
CA THR F 470 -8.85 48.00 -6.42
C THR F 470 -9.16 46.52 -6.53
N PHE F 471 -8.82 45.92 -7.67
CA PHE F 471 -9.07 44.50 -7.92
C PHE F 471 -7.77 43.81 -8.25
N ARG F 472 -7.35 42.91 -7.40
CA ARG F 472 -6.14 42.14 -7.58
C ARG F 472 -6.49 40.71 -8.01
N PRO F 473 -5.62 39.99 -8.72
CA PRO F 473 -5.95 38.63 -9.14
C PRO F 473 -6.08 37.66 -7.97
N GLY F 474 -6.72 36.53 -8.25
CA GLY F 474 -7.25 35.66 -7.22
C GLY F 474 -6.33 34.55 -6.81
N GLY F 475 -6.88 33.64 -6.02
CA GLY F 475 -6.11 32.59 -5.37
C GLY F 475 -6.29 31.23 -6.01
N GLY F 476 -5.74 30.22 -5.33
CA GLY F 476 -5.69 28.86 -5.82
C GLY F 476 -6.61 27.90 -5.12
N ASP F 477 -7.85 28.33 -4.87
CA ASP F 477 -8.85 27.47 -4.24
C ASP F 477 -9.14 26.25 -5.10
N MET F 478 -9.26 26.44 -6.41
CA MET F 478 -9.49 25.46 -7.48
C MET F 478 -10.90 24.91 -7.50
N ARG F 479 -11.75 25.30 -6.54
CA ARG F 479 -13.18 25.09 -6.65
C ARG F 479 -13.87 26.23 -7.37
N ASP F 480 -13.30 27.43 -7.30
CA ASP F 480 -13.73 28.53 -8.17
C ASP F 480 -13.48 28.22 -9.64
N ASN F 481 -12.43 27.44 -9.93
CA ASN F 481 -12.17 27.01 -11.30
C ASN F 481 -13.25 26.08 -11.83
N TRP F 482 -13.80 25.23 -10.96
CA TRP F 482 -14.89 24.35 -11.37
C TRP F 482 -16.23 25.09 -11.38
N ARG F 483 -16.36 26.13 -10.54
CA ARG F 483 -17.60 26.90 -10.49
C ARG F 483 -17.82 27.73 -11.75
N SER F 484 -16.78 27.97 -12.54
CA SER F 484 -16.95 28.70 -13.79
C SER F 484 -17.44 27.80 -14.92
N GLU F 485 -17.53 26.50 -14.67
CA GLU F 485 -18.06 25.55 -15.63
C GLU F 485 -19.40 24.97 -15.22
N LEU F 486 -19.58 24.66 -13.94
CA LEU F 486 -20.82 24.12 -13.40
C LEU F 486 -21.75 25.18 -12.84
N TYR F 487 -21.61 26.43 -13.27
CA TYR F 487 -22.50 27.48 -12.76
C TYR F 487 -23.93 27.28 -13.22
N LYS F 488 -24.12 26.82 -14.45
CA LYS F 488 -25.44 26.70 -15.05
C LYS F 488 -26.13 25.38 -14.75
N TYR F 489 -25.45 24.43 -14.11
CA TYR F 489 -25.98 23.08 -13.95
C TYR F 489 -26.50 22.85 -12.54
N LYS F 490 -27.63 22.17 -12.44
CA LYS F 490 -28.20 21.75 -11.17
C LYS F 490 -28.60 20.28 -11.28
N VAL F 491 -28.54 19.56 -10.16
CA VAL F 491 -28.91 18.15 -10.11
C VAL F 491 -30.18 18.02 -9.30
N VAL F 492 -31.19 17.34 -9.86
CA VAL F 492 -32.47 17.15 -9.21
C VAL F 492 -32.84 15.68 -9.26
N LYS F 493 -33.70 15.27 -8.34
CA LYS F 493 -34.14 13.90 -8.21
C LYS F 493 -35.62 13.83 -8.58
N ILE F 494 -35.96 12.90 -9.48
CA ILE F 494 -37.34 12.75 -9.92
C ILE F 494 -38.13 12.07 -8.83
N GLU F 495 -39.39 12.45 -8.67
CA GLU F 495 -40.31 11.86 -7.70
C GLU F 495 -41.58 11.44 -8.43
N PRO F 496 -41.50 10.35 -9.23
CA PRO F 496 -42.58 10.03 -10.18
C PRO F 496 -43.94 9.72 -9.55
N LEU F 497 -43.98 9.30 -8.29
CA LEU F 497 -45.26 8.98 -7.66
C LEU F 497 -46.03 10.27 -7.35
N GLY F 498 -47.30 10.29 -7.73
CA GLY F 498 -48.14 11.43 -7.46
C GLY F 498 -49.57 11.02 -7.19
N VAL F 499 -50.26 11.79 -6.35
CA VAL F 499 -51.64 11.52 -5.97
C VAL F 499 -52.46 12.77 -6.27
N ALA F 500 -53.62 12.58 -6.91
CA ALA F 500 -54.44 13.72 -7.30
C ALA F 500 -55.92 13.38 -7.11
N PRO F 501 -56.85 14.35 -7.16
CA PRO F 501 -58.27 13.97 -7.14
C PRO F 501 -58.85 13.83 -8.54
N THR F 502 -59.64 12.76 -8.73
CA THR F 502 -60.34 12.55 -10.00
C THR F 502 -61.59 11.73 -9.68
N ARG F 503 -62.59 11.78 -10.57
CA ARG F 503 -63.80 10.98 -10.46
C ARG F 503 -63.59 9.50 -10.74
N CYS F 504 -62.36 9.11 -11.14
CA CYS F 504 -61.90 7.73 -11.21
C CYS F 504 -62.28 6.98 -9.94
N LYS F 505 -62.75 5.74 -10.08
CA LYS F 505 -63.04 4.86 -8.96
C LYS F 505 -63.10 3.42 -9.48
N ARG F 506 -62.53 2.50 -8.70
CA ARG F 506 -62.49 1.09 -9.05
C ARG F 506 -63.89 0.46 -8.95
N GLN G 1 4.61 7.37 -33.79
CA GLN G 1 5.84 7.35 -34.57
C GLN G 1 6.44 5.95 -34.51
N VAL G 2 5.85 5.04 -35.27
CA VAL G 2 6.34 3.66 -35.35
C VAL G 2 7.64 3.67 -36.14
N GLN G 3 8.75 3.34 -35.49
CA GLN G 3 10.06 3.38 -36.10
C GLN G 3 10.74 2.03 -35.97
N LEU G 4 11.41 1.62 -37.04
CA LEU G 4 12.13 0.35 -37.17
C LEU G 4 13.53 0.61 -37.70
N LEU G 5 14.26 1.52 -37.03
CA LEU G 5 15.54 2.01 -37.53
C LEU G 5 16.60 0.92 -37.60
N GLN G 6 17.15 0.71 -38.78
CA GLN G 6 18.15 -0.34 -38.99
C GLN G 6 19.56 0.22 -38.85
N SER G 7 20.55 -0.66 -38.93
CA SER G 7 21.94 -0.28 -38.83
C SER G 7 22.52 -0.05 -40.23
N GLY G 8 23.80 0.32 -40.29
CA GLY G 8 24.45 0.58 -41.55
C GLY G 8 24.85 -0.69 -42.28
N ALA G 9 25.16 -0.51 -43.58
CA ALA G 9 25.59 -1.62 -44.41
C ALA G 9 26.95 -2.16 -43.94
N ALA G 10 27.14 -3.46 -44.12
CA ALA G 10 28.36 -4.13 -43.71
C ALA G 10 28.90 -4.99 -44.83
N VAL G 11 30.23 -5.07 -44.94
CA VAL G 11 30.90 -5.93 -45.90
C VAL G 11 31.71 -6.95 -45.11
N THR G 12 31.55 -8.22 -45.44
CA THR G 12 32.10 -9.31 -44.64
C THR G 12 32.65 -10.37 -45.57
N LYS G 13 33.76 -11.00 -45.17
CA LYS G 13 34.40 -12.04 -45.97
C LYS G 13 33.63 -13.36 -45.82
N PRO G 14 33.76 -14.27 -46.79
CA PRO G 14 33.17 -15.61 -46.61
C PRO G 14 33.76 -16.35 -45.42
N GLY G 15 32.92 -17.10 -44.72
CA GLY G 15 33.32 -17.85 -43.56
C GLY G 15 33.23 -17.08 -42.25
N ALA G 16 33.00 -15.78 -42.29
CA ALA G 16 32.83 -14.98 -41.10
C ALA G 16 31.35 -14.79 -40.79
N SER G 17 31.06 -14.03 -39.74
CA SER G 17 29.71 -13.84 -39.25
C SER G 17 29.34 -12.36 -39.27
N VAL G 18 28.03 -12.08 -39.37
CA VAL G 18 27.56 -10.70 -39.38
C VAL G 18 26.35 -10.57 -38.47
N ARG G 19 26.07 -9.34 -38.04
CA ARG G 19 24.92 -9.00 -37.20
C ARG G 19 24.24 -7.77 -37.78
N VAL G 20 22.90 -7.82 -37.83
CA VAL G 20 22.08 -6.73 -38.35
C VAL G 20 21.12 -6.30 -37.24
N SER G 21 21.11 -5.00 -36.94
CA SER G 21 20.28 -4.45 -35.87
C SER G 21 19.05 -3.75 -36.44
N CYS G 22 17.95 -3.83 -35.70
CA CYS G 22 16.64 -3.34 -36.14
C CYS G 22 15.94 -2.62 -34.99
N GLU G 23 16.62 -1.62 -34.40
CA GLU G 23 16.14 -0.85 -33.26
C GLU G 23 14.72 -0.31 -33.44
N ALA G 24 13.78 -0.80 -32.62
CA ALA G 24 12.36 -0.57 -32.80
C ALA G 24 11.81 0.23 -31.64
N SER G 25 10.90 1.15 -31.96
CA SER G 25 10.28 1.99 -30.93
C SER G 25 9.01 2.62 -31.49
N GLY G 26 8.19 3.14 -30.57
CA GLY G 26 7.02 3.90 -30.92
C GLY G 26 5.69 3.19 -30.80
N TYR G 27 5.65 2.01 -30.21
CA TYR G 27 4.43 1.20 -30.12
C TYR G 27 4.64 0.11 -29.10
N ASN G 28 3.62 -0.73 -28.93
CA ASN G 28 3.72 -1.94 -28.10
C ASN G 28 4.47 -2.99 -28.91
N ILE G 29 5.78 -3.07 -28.69
CA ILE G 29 6.63 -3.97 -29.46
C ILE G 29 6.27 -5.43 -29.18
N ARG G 30 5.91 -5.74 -27.93
CA ARG G 30 5.61 -7.11 -27.54
C ARG G 30 4.37 -7.69 -28.22
N ASP G 31 3.46 -6.83 -28.70
CA ASP G 31 2.21 -7.33 -29.24
C ASP G 31 2.37 -7.96 -30.62
N TYR G 32 3.32 -7.48 -31.42
CA TYR G 32 3.43 -7.86 -32.82
C TYR G 32 4.79 -8.49 -33.06
N PHE G 33 4.81 -9.57 -33.84
CA PHE G 33 6.05 -10.26 -34.20
C PHE G 33 6.91 -9.38 -35.09
N ILE G 34 8.19 -9.75 -35.21
CA ILE G 34 9.12 -9.07 -36.12
C ILE G 34 9.65 -10.12 -37.09
N HIS G 35 9.40 -9.91 -38.38
CA HIS G 35 9.76 -10.86 -39.42
C HIS G 35 10.93 -10.32 -40.22
N TRP G 36 12.04 -11.03 -40.20
CA TRP G 36 13.19 -10.69 -41.02
C TRP G 36 13.02 -11.30 -42.41
N TRP G 37 13.20 -10.45 -43.42
CA TRP G 37 13.19 -10.83 -44.83
C TRP G 37 14.52 -10.44 -45.45
N ARG G 38 14.95 -11.20 -46.45
CA ARG G 38 16.12 -10.85 -47.25
C ARG G 38 15.73 -10.79 -48.73
N GLN G 39 16.31 -9.85 -49.46
CA GLN G 39 16.07 -9.72 -50.88
C GLN G 39 17.41 -9.68 -51.60
N ALA G 40 17.64 -10.66 -52.47
CA ALA G 40 18.87 -10.74 -53.24
C ALA G 40 18.86 -9.64 -54.31
N PRO G 41 20.07 -9.28 -54.86
CA PRO G 41 20.10 -8.28 -55.94
C PRO G 41 19.33 -8.69 -57.19
N GLY G 42 18.26 -7.96 -57.47
CA GLY G 42 17.42 -8.18 -58.64
C GLY G 42 16.30 -9.18 -58.45
N GLN G 43 16.53 -10.22 -57.65
CA GLN G 43 15.54 -11.26 -57.45
C GLN G 43 14.48 -10.82 -56.45
N GLY G 44 13.46 -11.65 -56.28
CA GLY G 44 12.37 -11.36 -55.38
C GLY G 44 12.74 -11.59 -53.92
N LEU G 45 11.81 -11.24 -53.05
CA LEU G 45 12.02 -11.35 -51.61
C LEU G 45 12.07 -12.82 -51.18
N GLN G 46 12.54 -13.03 -49.95
CA GLN G 46 12.72 -14.34 -49.37
C GLN G 46 12.57 -14.19 -47.86
N TRP G 47 12.17 -15.27 -47.19
CA TRP G 47 11.80 -15.23 -45.78
C TRP G 47 12.94 -15.77 -44.92
N VAL G 48 13.49 -14.91 -44.08
CA VAL G 48 14.51 -15.34 -43.12
C VAL G 48 13.87 -15.88 -41.85
N GLY G 49 12.87 -15.21 -41.30
CA GLY G 49 12.14 -15.81 -40.20
C GLY G 49 11.61 -14.78 -39.22
N TRP G 50 10.65 -15.20 -38.41
CA TRP G 50 10.05 -14.31 -37.42
C TRP G 50 10.60 -14.55 -36.03
N ILE G 51 10.51 -13.51 -35.21
CA ILE G 51 10.85 -13.57 -33.80
C ILE G 51 9.69 -12.97 -32.99
N ASN G 52 9.30 -13.67 -31.92
CA ASN G 52 8.33 -13.16 -30.96
C ASN G 52 9.04 -12.26 -29.98
N PRO G 53 8.66 -10.98 -29.86
CA PRO G 53 9.37 -10.09 -28.93
C PRO G 53 9.12 -10.36 -27.47
N LYS G 54 8.09 -11.14 -27.11
CA LYS G 54 7.86 -11.44 -25.70
C LYS G 54 8.81 -12.52 -25.20
N THR G 55 8.81 -13.67 -25.87
CA THR G 55 9.56 -14.83 -25.45
C THR G 55 10.90 -15.01 -26.16
N GLY G 56 11.24 -14.12 -27.08
CA GLY G 56 12.44 -14.24 -27.91
C GLY G 56 12.51 -15.45 -28.83
N GLN G 57 11.39 -16.14 -29.03
CA GLN G 57 11.37 -17.40 -29.76
C GLN G 57 11.45 -17.15 -31.26
N PRO G 58 12.47 -17.65 -31.95
CA PRO G 58 12.58 -17.48 -33.39
C PRO G 58 11.91 -18.63 -34.14
N ASN G 59 11.86 -18.49 -35.47
CA ASN G 59 11.27 -19.52 -36.32
C ASN G 59 11.88 -19.31 -37.70
N ASN G 60 12.85 -20.15 -38.05
CA ASN G 60 13.49 -20.03 -39.34
C ASN G 60 13.21 -21.25 -40.20
N PRO G 61 13.20 -21.12 -41.55
CA PRO G 61 12.94 -22.29 -42.39
C PRO G 61 14.08 -23.30 -42.39
N ARG G 62 13.91 -24.40 -43.13
CA ARG G 62 14.96 -25.42 -43.19
C ARG G 62 16.23 -24.90 -43.87
N GLN G 63 16.08 -24.02 -44.86
CA GLN G 63 17.24 -23.49 -45.58
C GLN G 63 18.13 -22.65 -44.67
N PHE G 64 17.53 -21.82 -43.83
CA PHE G 64 18.29 -20.93 -42.95
C PHE G 64 18.53 -21.54 -41.58
N GLN G 65 18.10 -22.77 -41.34
CA GLN G 65 18.23 -23.40 -40.03
C GLN G 65 19.68 -23.72 -39.70
N GLY G 66 20.09 -23.38 -38.48
CA GLY G 66 21.44 -23.62 -38.02
C GLY G 66 22.44 -22.56 -38.39
N ARG G 67 22.03 -21.54 -39.15
CA ARG G 67 22.93 -20.47 -39.57
C ARG G 67 22.38 -19.08 -39.28
N VAL G 68 21.16 -18.96 -38.78
CA VAL G 68 20.56 -17.66 -38.44
C VAL G 68 20.15 -17.71 -36.97
N SER G 69 20.58 -16.68 -36.22
CA SER G 69 20.22 -16.52 -34.82
C SER G 69 19.47 -15.19 -34.69
N LEU G 70 18.17 -15.27 -34.46
CA LEU G 70 17.35 -14.08 -34.24
C LEU G 70 17.22 -13.86 -32.74
N THR G 71 17.65 -12.70 -32.27
CA THR G 71 17.62 -12.35 -30.86
C THR G 71 16.96 -10.99 -30.72
N ARG G 72 16.53 -10.69 -29.49
CA ARG G 72 15.95 -9.40 -29.17
C ARG G 72 16.50 -8.94 -27.84
N HIS G 73 16.72 -7.63 -27.71
CA HIS G 73 17.16 -7.04 -26.46
C HIS G 73 16.18 -5.93 -26.09
N ALA G 74 15.64 -6.00 -24.88
CA ALA G 74 14.65 -5.05 -24.40
C ALA G 74 15.33 -4.03 -23.50
N SER G 75 15.18 -2.75 -23.85
CA SER G 75 15.74 -1.68 -23.04
C SER G 75 14.96 -1.53 -21.74
N TRP G 76 15.51 -0.73 -20.84
CA TRP G 76 14.88 -0.43 -19.55
C TRP G 76 13.56 0.32 -19.79
N ASP G 77 12.51 -0.11 -19.09
CA ASP G 77 11.14 0.41 -19.13
C ASP G 77 10.45 0.19 -20.47
N PHE G 78 11.02 -0.66 -21.34
CA PHE G 78 10.41 -1.11 -22.61
C PHE G 78 10.15 0.05 -23.56
N ASP G 79 11.14 0.94 -23.69
CA ASP G 79 11.02 2.06 -24.61
C ASP G 79 11.51 1.69 -26.01
N THR G 80 12.60 0.92 -26.09
CA THR G 80 13.19 0.51 -27.35
C THR G 80 13.42 -1.00 -27.31
N TYR G 81 13.58 -1.58 -28.50
CA TYR G 81 13.72 -3.04 -28.64
C TYR G 81 14.69 -3.29 -29.80
N SER G 82 15.93 -3.62 -29.47
CA SER G 82 16.95 -3.86 -30.48
C SER G 82 16.83 -5.31 -30.94
N PHE G 83 16.41 -5.51 -32.18
CA PHE G 83 16.28 -6.84 -32.76
C PHE G 83 17.52 -7.16 -33.58
N TYR G 84 18.24 -8.20 -33.21
CA TYR G 84 19.47 -8.58 -33.89
C TYR G 84 19.25 -9.85 -34.70
N MET G 85 19.81 -9.87 -35.89
CA MET G 85 19.86 -11.04 -36.74
C MET G 85 21.31 -11.37 -37.02
N ASP G 86 21.76 -12.54 -36.56
CA ASP G 86 23.15 -12.98 -36.74
C ASP G 86 23.21 -14.07 -37.78
N LEU G 87 24.07 -13.89 -38.77
CA LEU G 87 24.38 -14.93 -39.75
C LEU G 87 25.75 -15.49 -39.44
N LYS G 88 25.83 -16.82 -39.33
CA LYS G 88 27.03 -17.49 -38.83
C LYS G 88 28.06 -17.70 -39.93
N ALA G 89 27.72 -18.48 -40.95
CA ALA G 89 28.64 -18.85 -42.01
C ALA G 89 28.13 -18.26 -43.32
N LEU G 90 28.51 -17.00 -43.58
CA LEU G 90 28.10 -16.34 -44.81
C LEU G 90 28.81 -16.92 -46.02
N ARG G 91 28.15 -16.81 -47.17
CA ARG G 91 28.64 -17.34 -48.44
C ARG G 91 28.39 -16.28 -49.51
N SER G 92 28.74 -16.64 -50.75
CA SER G 92 28.53 -15.74 -51.89
C SER G 92 27.04 -15.50 -52.15
N ASP G 93 26.19 -16.49 -51.86
CA ASP G 93 24.76 -16.38 -52.06
C ASP G 93 24.07 -15.55 -50.99
N ASP G 94 24.76 -15.17 -49.93
CA ASP G 94 24.15 -14.45 -48.82
C ASP G 94 24.09 -12.94 -49.01
N THR G 95 24.68 -12.41 -50.08
CA THR G 95 24.58 -10.98 -50.34
C THR G 95 23.11 -10.62 -50.64
N ALA G 96 22.61 -9.60 -49.94
CA ALA G 96 21.18 -9.23 -49.99
C ALA G 96 20.94 -7.98 -49.17
N VAL G 97 19.76 -7.41 -49.36
CA VAL G 97 19.22 -6.35 -48.51
C VAL G 97 18.34 -7.02 -47.48
N TYR G 98 18.63 -6.80 -46.20
CA TYR G 98 17.89 -7.42 -45.12
C TYR G 98 16.94 -6.39 -44.51
N PHE G 99 15.65 -6.68 -44.59
CA PHE G 99 14.59 -5.89 -43.98
C PHE G 99 14.03 -6.62 -42.76
N CYS G 100 13.42 -5.85 -41.86
CA CYS G 100 12.81 -6.38 -40.65
C CYS G 100 11.43 -5.73 -40.50
N ALA G 101 10.40 -6.41 -40.96
CA ALA G 101 9.06 -5.87 -40.88
C ALA G 101 8.38 -6.30 -39.58
N ARG G 102 7.20 -5.74 -39.32
CA ARG G 102 6.37 -6.15 -38.20
C ARG G 102 5.08 -6.77 -38.70
N GLN G 103 4.65 -7.83 -38.04
CA GLN G 103 3.41 -8.52 -38.39
C GLN G 103 2.28 -7.94 -37.56
N ARG G 104 1.49 -7.03 -38.14
CA ARG G 104 0.49 -6.30 -37.36
C ARG G 104 -0.63 -7.22 -36.88
N SER G 105 -1.09 -8.14 -37.72
CA SER G 105 -2.21 -8.99 -37.37
C SER G 105 -2.03 -10.35 -38.05
N ASP G 106 -3.06 -11.19 -37.93
CA ASP G 106 -3.01 -12.58 -38.40
C ASP G 106 -3.02 -12.71 -39.92
N TYR G 107 -3.23 -11.63 -40.66
CA TYR G 107 -3.16 -11.64 -42.11
C TYR G 107 -1.73 -11.65 -42.64
N TRP G 108 -0.72 -11.55 -41.77
CA TRP G 108 0.68 -11.31 -42.12
C TRP G 108 0.82 -10.06 -42.99
N ASP G 109 0.24 -8.98 -42.49
CA ASP G 109 0.25 -7.69 -43.18
C ASP G 109 1.37 -6.83 -42.63
N PHE G 110 2.46 -6.75 -43.38
CA PHE G 110 3.65 -6.05 -42.94
C PHE G 110 3.49 -4.59 -43.32
N ASP G 111 3.11 -3.76 -42.34
CA ASP G 111 2.82 -2.36 -42.60
C ASP G 111 4.00 -1.42 -42.35
N VAL G 112 4.94 -1.81 -41.49
CA VAL G 112 6.14 -1.02 -41.22
C VAL G 112 7.33 -1.90 -41.53
N TRP G 113 8.30 -1.35 -42.27
CA TRP G 113 9.52 -2.06 -42.62
C TRP G 113 10.73 -1.22 -42.25
N GLY G 114 11.83 -1.89 -41.98
CA GLY G 114 13.08 -1.20 -41.77
C GLY G 114 13.64 -0.65 -43.08
N SER G 115 14.61 0.25 -42.94
CA SER G 115 15.24 0.86 -44.11
C SER G 115 16.00 -0.15 -44.96
N GLY G 116 16.48 -1.23 -44.36
CA GLY G 116 17.20 -2.25 -45.09
C GLY G 116 18.69 -2.13 -44.93
N THR G 117 19.36 -3.26 -44.69
CA THR G 117 20.81 -3.30 -44.53
C THR G 117 21.39 -4.12 -45.68
N GLN G 118 22.31 -3.52 -46.42
CA GLN G 118 22.96 -4.21 -47.54
C GLN G 118 24.14 -5.00 -47.00
N VAL G 119 24.05 -6.33 -47.06
CA VAL G 119 25.15 -7.20 -46.70
C VAL G 119 25.75 -7.74 -47.99
N THR G 120 27.05 -7.53 -48.16
CA THR G 120 27.80 -7.95 -49.33
C THR G 120 28.93 -8.87 -48.90
N VAL G 121 29.15 -9.93 -49.68
CA VAL G 121 30.17 -10.92 -49.36
C VAL G 121 31.00 -11.22 -50.59
N ASP H 1 -0.31 -26.87 -47.87
CA ASP H 1 0.50 -26.77 -49.08
C ASP H 1 0.04 -25.57 -49.92
N ILE H 2 0.77 -24.47 -49.79
CA ILE H 2 0.41 -23.21 -50.43
C ILE H 2 1.02 -23.18 -51.82
N GLN H 3 0.20 -22.94 -52.83
CA GLN H 3 0.65 -22.71 -54.19
C GLN H 3 0.30 -21.27 -54.57
N MET H 4 1.18 -20.63 -55.35
CA MET H 4 1.05 -19.21 -55.62
C MET H 4 1.65 -18.88 -56.98
N THR H 5 0.89 -18.15 -57.80
CA THR H 5 1.29 -17.82 -59.17
C THR H 5 1.05 -16.33 -59.41
N GLN H 6 1.73 -15.82 -60.45
CA GLN H 6 1.71 -14.41 -60.83
C GLN H 6 1.82 -14.29 -62.34
N SER H 7 1.12 -13.30 -62.90
CA SER H 7 1.20 -12.97 -64.32
C SER H 7 0.67 -11.56 -64.51
N PRO H 8 1.24 -10.77 -65.43
CA PRO H 8 2.43 -11.03 -66.26
C PRO H 8 3.73 -10.67 -65.55
N SER H 9 4.87 -11.19 -66.00
CA SER H 9 6.15 -10.86 -65.38
C SER H 9 6.52 -9.39 -65.60
N SER H 10 6.37 -8.91 -66.83
CA SER H 10 6.67 -7.52 -67.16
C SER H 10 5.48 -6.92 -67.90
N LEU H 11 5.06 -5.72 -67.49
CA LEU H 11 3.92 -5.06 -68.11
C LEU H 11 4.25 -3.59 -68.32
N SER H 12 3.83 -3.05 -69.46
CA SER H 12 3.99 -1.64 -69.78
C SER H 12 2.62 -0.99 -69.85
N ALA H 13 2.45 0.12 -69.12
CA ALA H 13 1.19 0.84 -69.08
C ALA H 13 1.45 2.34 -69.14
N SER H 14 0.48 3.06 -69.70
CA SER H 14 0.57 4.51 -69.84
C SER H 14 -0.10 5.20 -68.65
N VAL H 15 0.07 6.52 -68.60
CA VAL H 15 -0.45 7.34 -67.51
C VAL H 15 -1.95 7.54 -67.68
N GLY H 16 -2.70 7.36 -66.59
CA GLY H 16 -4.13 7.61 -66.56
C GLY H 16 -5.02 6.43 -66.90
N ASP H 17 -4.45 5.31 -67.34
CA ASP H 17 -5.24 4.16 -67.74
C ASP H 17 -5.41 3.22 -66.55
N THR H 18 -5.95 2.03 -66.80
CA THR H 18 -6.19 1.02 -65.78
C THR H 18 -5.23 -0.14 -65.98
N VAL H 19 -5.02 -0.90 -64.90
CA VAL H 19 -4.09 -2.02 -64.91
C VAL H 19 -4.56 -3.04 -63.89
N THR H 20 -4.39 -4.33 -64.21
CA THR H 20 -4.75 -5.44 -63.34
C THR H 20 -3.69 -6.53 -63.46
N ILE H 21 -3.15 -6.95 -62.33
CA ILE H 21 -2.11 -7.97 -62.24
C ILE H 21 -2.71 -9.20 -61.57
N THR H 22 -2.57 -10.36 -62.21
CA THR H 22 -3.22 -11.57 -61.73
C THR H 22 -2.27 -12.33 -60.80
N CYS H 23 -2.77 -12.68 -59.62
CA CYS H 23 -2.05 -13.50 -58.66
C CYS H 23 -3.02 -14.53 -58.11
N GLN H 24 -2.70 -15.81 -58.30
CA GLN H 24 -3.53 -16.90 -57.80
C GLN H 24 -2.92 -17.50 -56.54
N ALA H 25 -3.72 -17.56 -55.47
CA ALA H 25 -3.25 -18.03 -54.18
C ALA H 25 -4.41 -18.51 -53.32
N ASN H 26 -4.12 -19.49 -52.47
CA ASN H 26 -5.06 -20.01 -51.48
C ASN H 26 -4.59 -19.61 -50.08
N GLY H 27 -4.96 -18.39 -49.68
CA GLY H 27 -4.58 -17.89 -48.38
C GLY H 27 -4.76 -16.39 -48.30
N TYR H 28 -4.52 -15.86 -47.10
CA TYR H 28 -4.59 -14.42 -46.85
C TYR H 28 -3.56 -13.69 -47.70
N LEU H 29 -4.04 -12.91 -48.66
CA LEU H 29 -3.19 -12.24 -49.63
C LEU H 29 -2.99 -10.77 -49.33
N ASN H 30 -1.77 -10.30 -49.56
CA ASN H 30 -1.39 -8.92 -49.32
C ASN H 30 -0.60 -8.40 -50.52
N TRP H 31 -0.88 -7.17 -50.90
CA TRP H 31 -0.23 -6.51 -52.04
C TRP H 31 0.66 -5.40 -51.53
N TYR H 32 1.93 -5.43 -51.95
CA TYR H 32 2.94 -4.46 -51.54
C TYR H 32 3.56 -3.79 -52.76
N GLN H 33 4.18 -2.65 -52.52
CA GLN H 33 4.82 -1.86 -53.56
C GLN H 33 6.23 -1.49 -53.10
N GLN H 34 7.24 -1.96 -53.83
CA GLN H 34 8.63 -1.64 -53.55
C GLN H 34 9.13 -0.65 -54.60
N ARG H 35 9.72 0.45 -54.13
CA ARG H 35 10.17 1.52 -55.02
C ARG H 35 11.62 1.32 -55.46
N ARG H 36 11.91 0.10 -55.96
CA ARG H 36 13.16 -0.27 -56.65
C ARG H 36 14.41 0.02 -55.82
N GLY H 37 14.37 -0.30 -54.53
CA GLY H 37 15.54 -0.11 -53.69
C GLY H 37 15.20 0.30 -52.27
N LYS H 38 13.98 0.76 -52.08
CA LYS H 38 13.50 1.22 -50.78
C LYS H 38 12.66 0.13 -50.14
N ALA H 39 12.20 0.38 -48.92
CA ALA H 39 11.42 -0.62 -48.21
C ALA H 39 10.04 -0.76 -48.84
N PRO H 40 9.49 -1.98 -48.88
CA PRO H 40 8.12 -2.15 -49.40
C PRO H 40 7.09 -1.45 -48.53
N LYS H 41 5.98 -1.08 -49.16
CA LYS H 41 4.87 -0.39 -48.50
C LYS H 41 3.60 -1.18 -48.75
N LEU H 42 2.92 -1.54 -47.67
CA LEU H 42 1.71 -2.37 -47.76
C LEU H 42 0.59 -1.54 -48.40
N LEU H 43 0.28 -1.83 -49.65
CA LEU H 43 -0.91 -1.24 -50.27
C LEU H 43 -2.19 -1.84 -49.72
N ILE H 44 -2.35 -3.16 -49.84
CA ILE H 44 -3.60 -3.82 -49.51
C ILE H 44 -3.34 -5.04 -48.64
N TYR H 45 -4.15 -5.21 -47.59
CA TYR H 45 -4.17 -6.43 -46.80
C TYR H 45 -5.55 -7.07 -46.93
N ASP H 46 -5.56 -8.41 -46.89
CA ASP H 46 -6.70 -9.28 -47.21
C ASP H 46 -7.09 -9.08 -48.67
N GLY H 47 -8.23 -9.63 -49.09
CA GLY H 47 -8.60 -9.56 -50.49
C GLY H 47 -8.90 -8.13 -50.95
N SER H 48 -9.64 -7.37 -50.15
CA SER H 48 -10.05 -6.02 -50.55
C SER H 48 -10.16 -5.19 -49.27
N LYS H 49 -9.08 -4.50 -48.92
CA LYS H 49 -9.05 -3.56 -47.80
C LYS H 49 -7.86 -2.63 -47.97
N LEU H 50 -8.07 -1.36 -47.64
CA LEU H 50 -7.09 -0.31 -47.88
C LEU H 50 -6.35 0.04 -46.59
N GLU H 51 -5.03 0.14 -46.67
CA GLU H 51 -4.24 0.58 -45.52
C GLU H 51 -4.48 2.06 -45.29
N ARG H 52 -4.34 2.49 -44.03
CA ARG H 52 -4.35 3.91 -43.72
C ARG H 52 -3.16 4.61 -44.38
N GLY H 53 -3.42 5.76 -44.98
CA GLY H 53 -2.41 6.53 -45.65
C GLY H 53 -2.24 6.24 -47.13
N VAL H 54 -2.76 5.10 -47.60
CA VAL H 54 -2.69 4.73 -49.01
C VAL H 54 -3.80 5.50 -49.71
N PRO H 55 -3.58 6.05 -50.90
CA PRO H 55 -4.66 6.73 -51.62
C PRO H 55 -5.74 5.77 -52.09
N SER H 56 -6.93 6.32 -52.30
CA SER H 56 -8.09 5.55 -52.79
C SER H 56 -7.97 5.13 -54.25
N ARG H 57 -6.93 5.57 -54.96
CA ARG H 57 -6.68 5.13 -56.33
C ARG H 57 -6.56 3.61 -56.43
N PHE H 58 -5.86 2.99 -55.49
CA PHE H 58 -5.70 1.54 -55.49
C PHE H 58 -6.96 0.89 -54.94
N SER H 59 -7.21 -0.36 -55.38
CA SER H 59 -8.39 -1.10 -54.94
C SER H 59 -8.16 -2.58 -55.20
N GLY H 60 -8.85 -3.41 -54.42
CA GLY H 60 -8.73 -4.84 -54.53
C GLY H 60 -10.09 -5.49 -54.73
N ARG H 61 -10.05 -6.75 -55.16
CA ARG H 61 -11.26 -7.50 -55.47
C ARG H 61 -10.87 -8.97 -55.64
N ARG H 62 -11.72 -9.87 -55.12
CA ARG H 62 -11.44 -11.29 -55.11
C ARG H 62 -12.66 -12.05 -55.64
N TRP H 63 -12.39 -13.15 -56.35
CA TRP H 63 -13.44 -14.09 -56.76
C TRP H 63 -12.86 -15.49 -56.68
N GLY H 64 -13.04 -16.14 -55.52
CA GLY H 64 -12.60 -17.51 -55.33
C GLY H 64 -11.13 -17.61 -54.99
N GLN H 65 -10.28 -17.42 -55.99
CA GLN H 65 -8.84 -17.47 -55.81
C GLN H 65 -8.09 -16.41 -56.61
N GLU H 66 -8.80 -15.60 -57.40
CA GLU H 66 -8.17 -14.63 -58.28
C GLU H 66 -8.26 -13.24 -57.67
N TYR H 67 -7.11 -12.58 -57.54
CA TYR H 67 -6.97 -11.22 -57.05
C TYR H 67 -6.37 -10.37 -58.15
N ASN H 68 -6.83 -9.12 -58.27
CA ASN H 68 -6.46 -8.32 -59.43
C ASN H 68 -5.66 -7.07 -59.13
N LEU H 69 -5.95 -6.38 -58.02
CA LEU H 69 -5.36 -5.06 -57.69
C LEU H 69 -5.66 -4.06 -58.82
N THR H 70 -6.94 -3.75 -58.94
CA THR H 70 -7.37 -2.75 -59.92
C THR H 70 -6.86 -1.37 -59.51
N ILE H 71 -6.25 -0.66 -60.46
CA ILE H 71 -5.76 0.69 -60.23
C ILE H 71 -6.46 1.61 -61.23
N ASN H 72 -7.00 2.72 -60.74
CA ASN H 72 -7.68 3.70 -61.57
C ASN H 72 -7.00 5.06 -61.40
N ASN H 73 -6.94 5.82 -62.50
CA ASN H 73 -6.29 7.13 -62.60
C ASN H 73 -4.80 7.01 -62.22
N LEU H 74 -4.09 6.28 -63.09
CA LEU H 74 -2.66 6.02 -62.90
C LEU H 74 -1.87 7.33 -62.90
N GLN H 75 -0.81 7.35 -62.10
CA GLN H 75 0.04 8.52 -61.87
C GLN H 75 1.49 8.18 -62.21
N PRO H 76 2.33 9.20 -62.47
CA PRO H 76 3.75 8.90 -62.77
C PRO H 76 4.53 8.23 -61.66
N GLU H 77 4.27 8.56 -60.39
CA GLU H 77 5.08 8.01 -59.30
C GLU H 77 4.77 6.54 -59.00
N ASP H 78 3.74 5.96 -59.62
CA ASP H 78 3.36 4.58 -59.37
C ASP H 78 4.31 3.56 -59.99
N ILE H 79 5.28 3.99 -60.80
CA ILE H 79 6.24 3.08 -61.43
C ILE H 79 7.10 2.45 -60.33
N ALA H 80 6.90 1.15 -60.09
CA ALA H 80 7.54 0.43 -58.99
C ALA H 80 7.28 -1.06 -59.17
N THR H 81 7.94 -1.86 -58.34
CA THR H 81 7.75 -3.31 -58.32
C THR H 81 6.58 -3.64 -57.39
N TYR H 82 5.81 -4.66 -57.74
CA TYR H 82 4.49 -4.90 -57.15
C TYR H 82 4.42 -6.35 -56.64
N PHE H 83 4.59 -6.54 -55.34
CA PHE H 83 4.63 -7.86 -54.73
C PHE H 83 3.26 -8.39 -54.33
N CYS H 84 3.09 -9.70 -54.48
CA CYS H 84 1.93 -10.45 -54.05
C CYS H 84 2.39 -11.51 -53.06
N GLN H 85 1.89 -11.46 -51.83
CA GLN H 85 2.44 -12.31 -50.77
C GLN H 85 1.32 -12.93 -49.95
N VAL H 86 1.42 -14.24 -49.71
CA VAL H 86 0.60 -14.94 -48.72
C VAL H 86 1.57 -15.63 -47.75
N TYR H 87 1.42 -15.29 -46.46
CA TYR H 87 2.24 -15.77 -45.35
C TYR H 87 3.74 -15.65 -45.60
N GLU H 88 4.45 -16.78 -45.61
CA GLU H 88 5.90 -16.76 -45.71
C GLU H 88 6.37 -16.81 -47.15
N PHE H 89 5.45 -17.02 -48.10
CA PHE H 89 5.79 -17.16 -49.51
C PHE H 89 5.52 -15.85 -50.22
N VAL H 90 6.43 -15.46 -51.09
CA VAL H 90 6.28 -14.27 -51.91
C VAL H 90 6.73 -14.60 -53.34
N VAL H 91 6.13 -13.95 -54.31
CA VAL H 91 6.44 -14.16 -55.72
C VAL H 91 7.33 -13.00 -56.16
N PRO H 92 8.20 -13.18 -57.16
CA PRO H 92 8.86 -12.00 -57.77
C PRO H 92 7.83 -11.06 -58.36
N GLY H 93 7.96 -9.78 -57.98
CA GLY H 93 6.95 -8.79 -58.30
C GLY H 93 6.84 -8.43 -59.76
N THR H 94 5.81 -7.65 -60.05
CA THR H 94 5.51 -7.16 -61.39
C THR H 94 6.04 -5.73 -61.51
N ARG H 95 6.91 -5.49 -62.48
CA ARG H 95 7.53 -4.19 -62.66
C ARG H 95 6.73 -3.35 -63.65
N LEU H 96 6.41 -2.12 -63.25
CA LEU H 96 5.70 -1.20 -64.12
C LEU H 96 6.68 -0.55 -65.08
N ASP H 97 6.33 -0.52 -66.36
CA ASP H 97 7.19 0.00 -67.41
C ASP H 97 6.54 1.22 -68.05
N LEU H 98 7.34 2.27 -68.25
CA LEU H 98 6.86 3.49 -68.89
C LEU H 98 8.02 4.27 -69.50
N GLN I 1 50.41 -65.91 -8.21
CA GLN I 1 50.99 -64.97 -7.26
C GLN I 1 51.69 -63.83 -7.97
N VAL I 2 51.82 -62.69 -7.29
CA VAL I 2 52.40 -61.48 -7.85
C VAL I 2 53.50 -61.02 -6.91
N HIS I 3 54.72 -60.94 -7.42
CA HIS I 3 55.89 -60.54 -6.63
C HIS I 3 56.45 -59.25 -7.20
N LEU I 4 56.70 -58.28 -6.33
CA LEU I 4 57.26 -56.98 -6.70
C LEU I 4 58.59 -56.80 -5.98
N GLN I 5 59.63 -56.49 -6.75
CA GLN I 5 60.96 -56.26 -6.19
C GLN I 5 61.49 -54.93 -6.68
N GLU I 6 61.85 -54.04 -5.75
CA GLU I 6 62.30 -52.70 -6.08
C GLU I 6 63.78 -52.56 -5.75
N SER I 7 64.55 -52.00 -6.68
CA SER I 7 65.97 -51.75 -6.50
C SER I 7 66.30 -50.32 -6.88
N GLY I 8 67.13 -49.68 -6.07
CA GLY I 8 67.50 -48.30 -6.27
C GLY I 8 68.92 -48.02 -5.86
N PRO I 9 69.34 -46.75 -5.99
CA PRO I 9 70.69 -46.36 -5.57
C PRO I 9 70.98 -46.56 -4.10
N GLY I 10 69.99 -46.36 -3.23
CA GLY I 10 70.18 -46.44 -1.79
C GLY I 10 70.56 -45.13 -1.13
N LEU I 11 71.42 -44.34 -1.76
CA LEU I 11 71.80 -43.03 -1.24
C LEU I 11 72.06 -42.10 -2.42
N VAL I 12 71.33 -40.97 -2.43
CA VAL I 12 71.40 -40.02 -3.53
C VAL I 12 71.56 -38.62 -2.97
N LYS I 13 72.37 -37.81 -3.64
CA LYS I 13 72.63 -36.44 -3.24
C LYS I 13 71.41 -35.57 -3.60
N PRO I 14 71.25 -34.42 -2.93
CA PRO I 14 70.21 -33.47 -3.37
C PRO I 14 70.48 -32.92 -4.75
N SER I 15 69.39 -32.52 -5.43
CA SER I 15 69.35 -31.97 -6.80
C SER I 15 69.91 -32.94 -7.83
N GLU I 16 69.87 -34.24 -7.53
CA GLU I 16 70.31 -35.29 -8.44
C GLU I 16 69.18 -36.29 -8.59
N THR I 17 68.88 -36.68 -9.83
CA THR I 17 67.74 -37.53 -10.14
C THR I 17 67.90 -38.92 -9.53
N LEU I 18 66.81 -39.41 -8.95
CA LEU I 18 66.76 -40.74 -8.33
C LEU I 18 65.97 -41.69 -9.21
N SER I 19 66.54 -42.87 -9.46
CA SER I 19 65.93 -43.86 -10.34
C SER I 19 65.62 -45.11 -9.53
N LEU I 20 64.34 -45.32 -9.24
CA LEU I 20 63.89 -46.51 -8.51
C LEU I 20 63.19 -47.45 -9.50
N THR I 21 63.65 -48.69 -9.60
CA THR I 21 63.20 -49.59 -10.64
C THR I 21 62.56 -50.83 -10.02
N CYS I 22 61.35 -51.17 -10.48
CA CYS I 22 60.53 -52.24 -9.90
C CYS I 22 60.28 -53.32 -10.93
N ASN I 23 60.55 -54.56 -10.55
CA ASN I 23 60.34 -55.73 -11.39
C ASN I 23 59.13 -56.49 -10.84
N VAL I 24 58.22 -56.87 -11.74
CA VAL I 24 57.02 -57.61 -11.41
C VAL I 24 57.15 -59.01 -11.98
N SER I 25 56.79 -60.01 -11.18
CA SER I 25 56.77 -61.40 -11.63
C SER I 25 55.40 -61.98 -11.29
N GLY I 26 54.76 -62.57 -12.30
CA GLY I 26 53.47 -63.20 -12.10
C GLY I 26 52.41 -62.79 -13.11
N THR I 27 52.41 -61.51 -13.50
CA THR I 27 51.48 -60.99 -14.50
C THR I 27 52.22 -60.00 -15.40
N LEU I 28 51.70 -59.84 -16.61
CA LEU I 28 52.26 -58.91 -17.58
C LEU I 28 52.02 -57.47 -17.14
N VAL I 29 52.95 -56.59 -17.53
CA VAL I 29 52.87 -55.18 -17.13
C VAL I 29 51.68 -54.49 -17.80
N ARG I 30 51.37 -54.86 -19.04
CA ARG I 30 50.32 -54.17 -19.78
C ARG I 30 48.92 -54.45 -19.24
N ASP I 31 48.75 -55.48 -18.41
CA ASP I 31 47.43 -55.92 -17.99
C ASP I 31 46.99 -55.35 -16.65
N ASN I 32 47.82 -54.55 -15.97
CA ASN I 32 47.49 -54.08 -14.63
C ASN I 32 47.92 -52.62 -14.47
N TYR I 33 47.26 -51.96 -13.52
CA TYR I 33 47.58 -50.60 -13.11
C TYR I 33 48.67 -50.63 -12.04
N TRP I 34 49.74 -49.87 -12.26
CA TRP I 34 50.89 -49.88 -11.37
C TRP I 34 50.96 -48.60 -10.56
N SER I 35 51.17 -48.72 -9.24
CA SER I 35 51.15 -47.61 -8.31
C SER I 35 52.44 -47.54 -7.51
N TRP I 36 52.78 -46.33 -7.07
CA TRP I 36 53.93 -46.07 -6.23
C TRP I 36 53.46 -45.35 -4.97
N ILE I 37 53.89 -45.82 -3.80
CA ILE I 37 53.54 -45.17 -2.55
C ILE I 37 54.79 -44.91 -1.73
N ARG I 38 54.95 -43.67 -1.27
CA ARG I 38 56.09 -43.25 -0.47
C ARG I 38 55.61 -42.98 0.96
N GLN I 39 56.19 -43.69 1.92
CA GLN I 39 55.82 -43.56 3.32
C GLN I 39 56.97 -42.93 4.09
N PRO I 40 56.85 -41.67 4.52
CA PRO I 40 57.83 -41.11 5.47
C PRO I 40 57.81 -41.87 6.79
N LEU I 41 58.96 -41.91 7.45
CA LEU I 41 59.12 -42.68 8.68
C LEU I 41 58.26 -42.08 9.79
N GLY I 42 57.42 -42.91 10.42
CA GLY I 42 56.56 -42.48 11.49
C GLY I 42 55.32 -41.74 11.04
N LYS I 43 55.06 -41.64 9.75
CA LYS I 43 53.93 -40.92 9.20
C LYS I 43 53.09 -41.86 8.33
N GLN I 44 52.03 -41.30 7.74
CA GLN I 44 51.16 -42.05 6.87
C GLN I 44 51.82 -42.29 5.51
N PRO I 45 51.34 -43.25 4.72
CA PRO I 45 51.77 -43.33 3.32
C PRO I 45 51.28 -42.12 2.51
N GLU I 46 51.87 -41.98 1.32
CA GLU I 46 51.49 -40.91 0.41
C GLU I 46 51.56 -41.46 -1.01
N TRP I 47 50.42 -41.46 -1.68
CA TRP I 47 50.33 -41.91 -3.05
C TRP I 47 50.94 -40.86 -3.97
N ILE I 48 51.83 -41.29 -4.87
CA ILE I 48 52.58 -40.35 -5.71
C ILE I 48 52.32 -40.61 -7.19
N GLY I 49 51.15 -41.14 -7.52
CA GLY I 49 50.76 -41.28 -8.90
C GLY I 49 50.75 -42.74 -9.34
N TYR I 50 50.07 -42.98 -10.46
CA TYR I 50 50.02 -44.31 -11.04
C TYR I 50 50.19 -44.20 -12.55
N VAL I 51 50.59 -45.31 -13.17
CA VAL I 51 50.96 -45.34 -14.58
C VAL I 51 50.27 -46.54 -15.23
N HIS I 52 50.06 -46.44 -16.54
CA HIS I 52 49.41 -47.47 -17.34
C HIS I 52 49.77 -47.22 -18.80
N ASP I 53 49.21 -48.05 -19.68
CA ASP I 53 49.26 -47.79 -21.11
C ASP I 53 48.18 -46.77 -21.47
N SER I 54 48.17 -46.36 -22.74
CA SER I 54 47.23 -45.38 -23.34
C SER I 54 47.17 -44.07 -22.55
N GLY I 55 48.28 -43.68 -21.93
CA GLY I 55 48.43 -42.40 -21.26
C GLY I 55 47.47 -42.15 -20.11
N ASP I 56 47.19 -43.16 -19.31
CA ASP I 56 46.30 -43.02 -18.15
C ASP I 56 47.18 -42.86 -16.91
N THR I 57 47.64 -41.62 -16.68
CA THR I 57 48.51 -41.29 -15.55
C THR I 57 48.02 -39.99 -14.95
N ASN I 58 47.90 -39.96 -13.61
CA ASN I 58 47.71 -38.74 -12.85
C ASN I 58 48.65 -38.78 -11.66
N TYR I 59 49.56 -37.83 -11.60
CA TYR I 59 50.53 -37.74 -10.51
C TYR I 59 50.02 -36.79 -9.42
N ASN I 60 50.72 -36.82 -8.29
CA ASN I 60 50.43 -35.94 -7.17
C ASN I 60 50.64 -34.49 -7.62
N PRO I 61 49.71 -33.57 -7.32
CA PRO I 61 49.96 -32.15 -7.64
C PRO I 61 51.17 -31.54 -6.97
N SER I 62 51.54 -32.00 -5.77
CA SER I 62 52.77 -31.54 -5.14
C SER I 62 54.00 -31.99 -5.92
N LEU I 63 54.07 -33.28 -6.24
CA LEU I 63 55.13 -33.84 -7.08
C LEU I 63 54.67 -33.94 -8.53
N LYS I 64 54.31 -32.79 -9.10
CA LYS I 64 53.75 -32.78 -10.45
C LYS I 64 54.84 -33.02 -11.49
N SER I 65 55.83 -32.13 -11.55
CA SER I 65 56.90 -32.24 -12.53
C SER I 65 58.13 -32.95 -11.99
N ARG I 66 58.11 -33.41 -10.74
CA ARG I 66 59.28 -34.04 -10.15
C ARG I 66 59.35 -35.54 -10.44
N VAL I 67 58.32 -36.29 -10.08
CA VAL I 67 58.28 -37.73 -10.31
C VAL I 67 57.73 -38.01 -11.70
N HIS I 68 58.39 -38.91 -12.42
CA HIS I 68 57.90 -39.39 -13.71
C HIS I 68 58.01 -40.90 -13.73
N LEU I 69 56.97 -41.55 -14.27
CA LEU I 69 56.89 -43.00 -14.31
C LEU I 69 56.96 -43.48 -15.75
N SER I 70 57.68 -44.57 -15.98
CA SER I 70 57.80 -45.15 -17.31
C SER I 70 57.69 -46.66 -17.21
N LEU I 71 57.30 -47.29 -18.31
CA LEU I 71 57.06 -48.73 -18.35
C LEU I 71 57.93 -49.36 -19.43
N ASP I 72 58.34 -50.61 -19.19
CA ASP I 72 59.13 -51.39 -20.14
C ASP I 72 58.43 -52.74 -20.29
N LYS I 73 57.76 -52.92 -21.43
CA LYS I 73 56.96 -54.13 -21.66
C LYS I 73 57.83 -55.34 -21.94
N SER I 74 58.89 -55.17 -22.75
CA SER I 74 59.77 -56.29 -23.10
C SER I 74 60.50 -56.84 -21.88
N LYS I 75 61.00 -55.97 -21.02
CA LYS I 75 61.73 -56.40 -19.85
C LYS I 75 60.83 -56.71 -18.65
N ASN I 76 59.55 -56.31 -18.70
CA ASN I 76 58.58 -56.45 -17.61
C ASN I 76 59.04 -55.64 -16.39
N LEU I 77 59.33 -54.35 -16.64
CA LEU I 77 59.90 -53.47 -15.61
C LEU I 77 59.13 -52.16 -15.58
N VAL I 78 59.16 -51.48 -14.43
CA VAL I 78 58.60 -50.13 -14.31
C VAL I 78 59.60 -49.23 -13.59
N SER I 79 59.91 -48.08 -14.20
CA SER I 79 60.93 -47.17 -13.72
C SER I 79 60.32 -45.88 -13.19
N LEU I 80 60.93 -45.33 -12.14
CA LEU I 80 60.54 -44.06 -11.54
C LEU I 80 61.76 -43.15 -11.50
N ARG I 81 61.62 -41.95 -12.06
CA ARG I 81 62.68 -40.95 -11.98
C ARG I 81 62.14 -39.75 -11.21
N LEU I 82 62.76 -39.46 -10.08
CA LEU I 82 62.36 -38.35 -9.21
C LEU I 82 63.46 -37.30 -9.27
N THR I 83 63.12 -36.11 -9.74
CA THR I 83 64.10 -35.05 -9.93
C THR I 83 64.04 -34.07 -8.76
N GLY I 84 65.18 -33.46 -8.45
CA GLY I 84 65.29 -32.44 -7.43
C GLY I 84 64.96 -32.89 -6.03
N VAL I 85 65.52 -34.05 -5.62
CA VAL I 85 65.23 -34.61 -4.30
C VAL I 85 65.77 -33.71 -3.19
N THR I 86 65.10 -33.77 -2.04
CA THR I 86 65.46 -33.00 -0.85
C THR I 86 65.56 -33.95 0.34
N ALA I 87 65.85 -33.39 1.52
CA ALA I 87 65.97 -34.18 2.73
C ALA I 87 64.63 -34.78 3.16
N ALA I 88 63.52 -34.15 2.82
CA ALA I 88 62.19 -34.66 3.15
C ALA I 88 61.81 -35.88 2.32
N ASP I 89 62.53 -36.18 1.24
CA ASP I 89 62.23 -37.31 0.37
C ASP I 89 62.74 -38.63 0.94
N SER I 90 63.58 -38.61 1.98
CA SER I 90 64.09 -39.83 2.60
C SER I 90 62.95 -40.59 3.25
N ALA I 91 62.55 -41.70 2.64
CA ALA I 91 61.35 -42.41 3.03
C ALA I 91 61.37 -43.83 2.47
N ILE I 92 60.50 -44.67 3.05
CA ILE I 92 60.30 -46.02 2.53
C ILE I 92 59.44 -45.92 1.28
N TYR I 93 59.77 -46.71 0.27
CA TYR I 93 59.03 -46.73 -0.98
C TYR I 93 58.48 -48.12 -1.22
N TYR I 94 57.22 -48.20 -1.69
CA TYR I 94 56.62 -49.46 -2.08
C TYR I 94 56.03 -49.33 -3.48
N CYS I 95 56.16 -50.41 -4.24
CA CYS I 95 55.67 -50.56 -5.60
C CYS I 95 54.48 -51.52 -5.58
N ALA I 96 53.27 -51.00 -5.71
CA ALA I 96 52.05 -51.77 -5.50
C ALA I 96 51.19 -51.77 -6.77
N THR I 97 50.06 -52.48 -6.70
CA THR I 97 49.19 -52.72 -7.84
C THR I 97 47.77 -52.26 -7.50
N THR I 98 47.15 -51.49 -8.38
CA THR I 98 45.82 -50.95 -8.12
C THR I 98 44.79 -51.62 -9.02
N LYS I 99 43.65 -51.96 -8.43
CA LYS I 99 42.47 -52.40 -9.16
C LYS I 99 41.40 -51.34 -8.95
N HIS I 100 40.95 -50.74 -10.05
CA HIS I 100 40.05 -49.59 -9.98
C HIS I 100 38.61 -50.04 -9.75
N GLY I 101 37.72 -49.06 -9.72
CA GLY I 101 36.31 -49.31 -9.53
C GLY I 101 35.51 -48.12 -9.98
N ARG I 102 34.25 -48.08 -9.57
CA ARG I 102 33.37 -46.98 -9.92
C ARG I 102 32.29 -46.87 -8.85
N ARG I 103 32.44 -45.88 -7.97
CA ARG I 103 31.44 -45.62 -6.93
C ARG I 103 30.40 -44.70 -7.55
N ILE I 104 29.37 -45.32 -8.12
CA ILE I 104 28.28 -44.59 -8.75
C ILE I 104 27.34 -44.07 -7.66
N TYR I 105 26.87 -42.83 -7.82
CA TYR I 105 25.90 -42.28 -6.88
C TYR I 105 24.80 -41.49 -7.59
N GLY I 106 24.73 -41.54 -8.91
CA GLY I 106 23.77 -40.75 -9.66
C GLY I 106 23.39 -41.33 -11.00
N VAL I 107 23.08 -40.44 -11.94
CA VAL I 107 22.37 -40.79 -13.17
C VAL I 107 23.28 -41.48 -14.20
N VAL I 108 24.61 -41.36 -14.05
CA VAL I 108 25.69 -41.97 -14.83
C VAL I 108 25.90 -41.23 -16.16
N ALA I 109 24.80 -40.95 -16.88
CA ALA I 109 24.88 -40.13 -18.08
C ALA I 109 25.30 -38.70 -17.78
N PHE I 110 25.07 -38.21 -16.57
CA PHE I 110 25.52 -36.90 -16.15
C PHE I 110 26.89 -36.93 -15.49
N LYS I 111 27.63 -38.04 -15.63
CA LYS I 111 28.96 -38.26 -15.05
C LYS I 111 28.95 -38.11 -13.52
N GLU I 112 27.89 -38.62 -12.89
CA GLU I 112 27.77 -38.60 -11.44
C GLU I 112 28.36 -39.88 -10.82
N TRP I 113 29.66 -40.07 -11.06
CA TRP I 113 30.42 -41.17 -10.49
C TRP I 113 31.88 -40.77 -10.41
N PHE I 114 32.64 -41.53 -9.62
CA PHE I 114 34.09 -41.35 -9.57
C PHE I 114 34.76 -42.71 -9.46
N THR I 115 35.98 -42.79 -9.98
CA THR I 115 36.74 -44.04 -10.00
C THR I 115 37.72 -44.04 -8.83
N TYR I 116 37.69 -45.12 -8.05
CA TYR I 116 38.51 -45.25 -6.86
C TYR I 116 39.49 -46.41 -7.02
N PHE I 117 40.70 -46.23 -6.51
CA PHE I 117 41.77 -47.20 -6.61
C PHE I 117 42.13 -47.74 -5.24
N TYR I 118 42.65 -48.97 -5.20
CA TYR I 118 43.06 -49.59 -3.94
C TYR I 118 44.18 -50.59 -4.21
N MET I 119 45.07 -50.72 -3.22
CA MET I 119 46.28 -51.53 -3.36
C MET I 119 45.91 -52.98 -3.10
N ASP I 120 45.67 -53.74 -4.17
CA ASP I 120 45.30 -55.15 -4.03
C ASP I 120 46.41 -55.97 -3.38
N VAL I 121 47.63 -55.88 -3.88
CA VAL I 121 48.77 -56.56 -3.28
C VAL I 121 49.88 -55.53 -3.14
N TRP I 122 50.89 -55.86 -2.33
CA TRP I 122 51.91 -54.91 -1.93
C TRP I 122 53.28 -55.37 -2.37
N GLY I 123 54.25 -54.46 -2.24
CA GLY I 123 55.64 -54.73 -2.53
C GLY I 123 56.39 -55.21 -1.31
N LYS I 124 57.68 -54.90 -1.27
CA LYS I 124 58.54 -55.27 -0.17
C LYS I 124 59.01 -54.08 0.65
N GLY I 125 59.58 -53.07 0.01
CA GLY I 125 60.03 -51.90 0.74
C GLY I 125 61.43 -51.47 0.37
N THR I 126 61.65 -50.16 0.23
CA THR I 126 62.98 -49.63 -0.11
C THR I 126 63.10 -48.27 0.57
N SER I 127 63.82 -48.22 1.69
CA SER I 127 63.96 -47.00 2.48
C SER I 127 65.10 -46.19 1.86
N VAL I 128 64.74 -45.46 0.80
CA VAL I 128 65.72 -44.56 0.16
C VAL I 128 65.94 -43.34 1.03
N THR I 129 67.20 -43.04 1.32
CA THR I 129 67.57 -41.91 2.15
C THR I 129 68.34 -40.89 1.33
N VAL I 130 68.35 -39.65 1.82
CA VAL I 130 69.02 -38.54 1.17
C VAL I 130 70.06 -37.96 2.12
N SER I 131 71.31 -37.91 1.69
CA SER I 131 72.40 -37.35 2.46
C SER I 131 73.00 -36.18 1.70
N SER I 132 73.09 -35.03 2.37
CA SER I 132 73.63 -33.83 1.74
C SER I 132 75.15 -33.74 1.94
N THR J 1 47.22 -41.35 16.90
CA THR J 1 46.36 -41.80 17.99
C THR J 1 46.70 -43.23 18.39
N PHE J 2 46.32 -43.61 19.62
CA PHE J 2 46.57 -44.94 20.14
C PHE J 2 45.28 -45.52 20.68
N VAL J 3 45.01 -46.78 20.36
CA VAL J 3 43.85 -47.50 20.87
C VAL J 3 44.31 -48.87 21.37
N SER J 4 43.86 -49.25 22.56
CA SER J 4 44.19 -50.52 23.17
C SER J 4 42.90 -51.23 23.56
N VAL J 5 42.79 -52.50 23.18
CA VAL J 5 41.60 -53.31 23.42
C VAL J 5 42.06 -54.73 23.70
N ALA J 6 41.39 -55.40 24.65
CA ALA J 6 41.75 -56.76 25.03
C ALA J 6 41.31 -57.74 23.94
N PRO J 7 41.87 -58.97 23.92
CA PRO J 7 41.39 -59.97 22.96
C PRO J 7 39.92 -60.33 23.16
N GLY J 8 39.25 -60.63 22.05
CA GLY J 8 37.88 -61.05 22.09
C GLY J 8 36.88 -59.95 22.28
N GLN J 9 37.26 -58.70 22.01
CA GLN J 9 36.40 -57.54 22.21
C GLN J 9 36.46 -56.64 20.97
N THR J 10 35.36 -55.90 20.75
CA THR J 10 35.25 -55.02 19.60
C THR J 10 36.14 -53.80 19.75
N ALA J 11 36.75 -53.38 18.64
CA ALA J 11 37.57 -52.18 18.60
C ALA J 11 37.12 -51.30 17.45
N ARG J 12 36.84 -50.04 17.75
CA ARG J 12 36.34 -49.08 16.76
C ARG J 12 37.43 -48.06 16.46
N ILE J 13 37.78 -47.92 15.19
CA ILE J 13 38.83 -47.02 14.73
C ILE J 13 38.21 -45.95 13.85
N THR J 14 38.42 -44.69 14.22
CA THR J 14 37.96 -43.55 13.43
C THR J 14 39.15 -42.90 12.75
N CYS J 15 39.07 -42.72 11.44
CA CYS J 15 40.15 -42.15 10.66
C CYS J 15 39.58 -41.20 9.62
N GLY J 16 40.19 -40.02 9.51
CA GLY J 16 39.78 -39.04 8.53
C GLY J 16 38.75 -38.05 9.05
N GLU J 17 38.31 -37.19 8.14
CA GLU J 17 37.38 -36.12 8.47
C GLU J 17 35.94 -36.63 8.40
N GLU J 18 34.99 -35.72 8.63
CA GLU J 18 33.59 -36.07 8.52
C GLU J 18 33.20 -36.23 7.06
N SER J 19 32.20 -37.08 6.82
CA SER J 19 31.70 -37.31 5.47
C SER J 19 31.02 -36.07 4.91
N LEU J 20 31.12 -35.90 3.60
CA LEU J 20 30.44 -34.82 2.91
C LEU J 20 29.70 -35.26 1.66
N GLY J 21 29.99 -36.45 1.13
CA GLY J 21 29.31 -36.96 -0.05
C GLY J 21 29.35 -38.48 -0.07
N SER J 22 29.08 -39.07 -1.23
CA SER J 22 29.15 -40.52 -1.38
C SER J 22 30.61 -40.94 -1.28
N ARG J 23 30.95 -41.54 -0.15
CA ARG J 23 32.34 -41.71 0.26
C ARG J 23 32.72 -43.17 0.12
N SER J 24 33.93 -43.42 -0.36
CA SER J 24 34.50 -44.76 -0.47
C SER J 24 35.80 -44.78 0.32
N VAL J 25 35.81 -45.52 1.43
CA VAL J 25 36.97 -45.61 2.31
C VAL J 25 37.62 -46.96 2.10
N ILE J 26 38.92 -46.95 1.87
CA ILE J 26 39.73 -48.16 1.72
C ILE J 26 40.60 -48.25 2.96
N TRP J 27 40.34 -49.26 3.77
CA TRP J 27 41.08 -49.48 5.01
C TRP J 27 42.23 -50.45 4.76
N TYR J 28 43.45 -49.97 5.00
CA TYR J 28 44.67 -50.75 4.92
C TYR J 28 45.08 -51.20 6.32
N GLN J 29 46.25 -51.83 6.42
CA GLN J 29 46.78 -52.33 7.68
C GLN J 29 48.26 -52.57 7.50
N GLN J 30 49.10 -51.83 8.23
CA GLN J 30 50.55 -51.96 8.14
C GLN J 30 51.08 -52.59 9.41
N ARG J 31 51.60 -53.82 9.29
CA ARG J 31 52.24 -54.46 10.43
C ARG J 31 53.60 -53.83 10.68
N PRO J 32 54.14 -53.92 11.89
CA PRO J 32 55.49 -53.40 12.15
C PRO J 32 56.54 -54.14 11.34
N GLY J 33 57.39 -53.37 10.66
CA GLY J 33 58.41 -53.92 9.78
C GLY J 33 57.83 -54.71 8.63
N GLN J 34 56.72 -54.24 8.06
CA GLN J 34 56.04 -54.92 6.97
C GLN J 34 55.35 -53.87 6.10
N ALA J 35 55.06 -54.26 4.86
CA ALA J 35 54.38 -53.38 3.93
C ALA J 35 52.90 -53.27 4.30
N PRO J 36 52.20 -52.22 3.83
CA PRO J 36 50.75 -52.17 4.05
C PRO J 36 50.02 -53.30 3.34
N SER J 37 48.80 -53.56 3.80
CA SER J 37 48.02 -54.68 3.27
C SER J 37 46.54 -54.33 3.29
N LEU J 38 45.87 -54.59 2.18
CA LEU J 38 44.46 -54.28 2.05
C LEU J 38 43.62 -55.16 2.97
N ILE J 39 42.71 -54.56 3.72
CA ILE J 39 41.76 -55.36 4.48
C ILE J 39 40.31 -55.02 4.11
N ILE J 40 40.04 -53.79 3.67
CA ILE J 40 38.68 -53.41 3.24
C ILE J 40 38.79 -52.41 2.09
N TYR J 41 37.93 -52.56 1.08
CA TYR J 41 37.73 -51.56 0.05
C TYR J 41 36.23 -51.42 -0.19
N ASN J 42 35.82 -50.21 -0.59
CA ASN J 42 34.41 -49.85 -0.87
C ASN J 42 33.54 -49.95 0.39
N ASN J 43 34.17 -49.79 1.56
CA ASN J 43 33.60 -49.66 2.91
C ASN J 43 33.05 -50.96 3.49
N ASN J 44 32.87 -52.00 2.67
CA ASN J 44 32.51 -53.31 3.23
C ASN J 44 33.12 -54.50 2.49
N ASP J 45 33.62 -54.32 1.28
CA ASP J 45 33.98 -55.45 0.41
C ASP J 45 35.41 -55.85 0.73
N ARG J 46 35.57 -56.90 1.53
CA ARG J 46 36.88 -57.45 1.80
C ARG J 46 37.44 -58.10 0.54
N PRO J 47 38.75 -58.08 0.35
CA PRO J 47 39.37 -58.81 -0.77
C PRO J 47 39.42 -60.30 -0.47
N SER J 48 39.90 -61.06 -1.44
CA SER J 48 40.00 -62.51 -1.30
C SER J 48 41.07 -62.89 -0.28
N GLY J 49 40.70 -63.76 0.65
CA GLY J 49 41.61 -64.28 1.65
C GLY J 49 41.64 -63.53 2.96
N ILE J 50 41.18 -62.28 2.97
CA ILE J 50 41.14 -61.48 4.21
C ILE J 50 40.03 -62.02 5.11
N PRO J 51 40.21 -62.04 6.43
CA PRO J 51 39.12 -62.48 7.33
C PRO J 51 37.88 -61.61 7.24
N ASP J 52 36.72 -62.25 7.42
CA ASP J 52 35.43 -61.58 7.40
C ASP J 52 35.08 -60.88 8.72
N ARG J 53 35.98 -60.92 9.72
CA ARG J 53 35.71 -60.28 11.01
C ARG J 53 35.60 -58.76 10.87
N PHE J 54 36.39 -58.17 9.98
CA PHE J 54 36.41 -56.71 9.84
C PHE J 54 35.15 -56.23 9.14
N SER J 55 34.73 -55.01 9.50
CA SER J 55 33.60 -54.38 8.81
C SER J 55 33.79 -52.88 8.86
N GLY J 56 33.09 -52.18 7.98
CA GLY J 56 33.21 -50.73 7.91
C GLY J 56 31.85 -50.08 7.76
N SER J 57 31.77 -48.85 8.26
CA SER J 57 30.54 -48.09 8.16
C SER J 57 30.28 -47.70 6.71
N PRO J 58 29.03 -47.77 6.25
CA PRO J 58 28.75 -47.46 4.84
C PRO J 58 28.98 -46.01 4.49
N GLY J 59 29.37 -45.78 3.23
CA GLY J 59 29.57 -44.44 2.72
C GLY J 59 28.31 -43.70 2.33
N SER J 60 27.15 -44.37 2.36
CA SER J 60 25.88 -43.71 2.05
C SER J 60 25.48 -42.67 3.08
N THR J 61 26.06 -42.72 4.28
CA THR J 61 25.74 -41.75 5.33
C THR J 61 26.62 -40.52 5.19
N PHE J 62 26.04 -39.35 5.45
CA PHE J 62 26.70 -38.08 5.29
C PHE J 62 26.88 -37.38 6.64
N GLY J 63 28.06 -36.81 6.85
CA GLY J 63 28.38 -36.13 8.09
C GLY J 63 28.90 -37.01 9.19
N THR J 64 29.29 -38.25 8.90
CA THR J 64 29.78 -39.19 9.90
C THR J 64 31.18 -39.64 9.51
N THR J 65 32.08 -39.67 10.49
CA THR J 65 33.45 -40.10 10.25
C THR J 65 33.49 -41.59 9.95
N ALA J 66 34.46 -41.99 9.12
CA ALA J 66 34.66 -43.39 8.77
C ALA J 66 35.02 -44.21 10.00
N THR J 67 34.40 -45.37 10.14
CA THR J 67 34.57 -46.22 11.31
C THR J 67 34.86 -47.65 10.85
N LEU J 68 35.93 -48.23 11.39
CA LEU J 68 36.30 -49.61 11.14
C LEU J 68 36.03 -50.42 12.41
N THR J 69 35.16 -51.42 12.28
CA THR J 69 34.86 -52.33 13.38
C THR J 69 35.72 -53.58 13.21
N ILE J 70 36.38 -53.98 14.30
CA ILE J 70 37.19 -55.19 14.35
C ILE J 70 36.65 -56.00 15.52
N THR J 71 35.78 -56.96 15.23
CA THR J 71 35.21 -57.81 16.27
C THR J 71 36.07 -59.04 16.47
N SER J 72 36.14 -59.50 17.73
CA SER J 72 36.96 -60.62 18.20
C SER J 72 38.42 -60.51 17.74
N VAL J 73 39.05 -59.41 18.18
CA VAL J 73 40.42 -59.09 17.79
C VAL J 73 41.38 -60.14 18.37
N GLU J 74 42.45 -60.41 17.63
CA GLU J 74 43.49 -61.36 18.02
C GLU J 74 44.86 -60.69 17.86
N ALA J 75 45.91 -61.47 18.13
CA ALA J 75 47.28 -60.96 18.16
C ALA J 75 47.73 -60.44 16.80
N GLY J 76 47.22 -61.02 15.71
CA GLY J 76 47.62 -60.61 14.38
C GLY J 76 47.26 -59.17 14.02
N ASP J 77 46.18 -58.67 14.60
CA ASP J 77 45.66 -57.35 14.24
C ASP J 77 46.36 -56.20 14.97
N GLU J 78 47.37 -56.50 15.80
CA GLU J 78 48.15 -55.49 16.50
C GLU J 78 49.06 -54.77 15.51
N ALA J 79 48.61 -53.63 14.97
CA ALA J 79 49.27 -52.98 13.84
C ALA J 79 48.65 -51.61 13.60
N ASP J 80 49.21 -50.90 12.63
CA ASP J 80 48.72 -49.59 12.23
C ASP J 80 47.57 -49.72 11.23
N TYR J 81 46.83 -48.62 11.07
CA TYR J 81 45.65 -48.60 10.22
C TYR J 81 45.53 -47.22 9.56
N TYR J 82 45.72 -47.18 8.25
CA TYR J 82 45.58 -45.96 7.46
C TYR J 82 44.41 -46.11 6.49
N CYS J 83 43.51 -45.14 6.50
CA CYS J 83 42.31 -45.17 5.67
C CYS J 83 42.45 -44.17 4.54
N HIS J 84 42.21 -44.64 3.31
CA HIS J 84 42.27 -43.79 2.13
C HIS J 84 40.84 -43.44 1.73
N ILE J 85 40.54 -42.15 1.62
CA ILE J 85 39.17 -41.67 1.53
C ILE J 85 38.95 -41.10 0.13
N TRP J 86 37.78 -41.42 -0.45
CA TRP J 86 37.40 -40.95 -1.78
C TRP J 86 36.00 -40.35 -1.64
N ASP J 87 35.94 -39.05 -1.40
CA ASP J 87 34.69 -38.32 -1.28
C ASP J 87 34.34 -37.66 -2.60
N SER J 88 33.06 -37.73 -2.98
CA SER J 88 32.60 -37.14 -4.24
C SER J 88 32.68 -35.62 -4.21
N ARG J 89 32.47 -35.00 -3.05
CA ARG J 89 32.49 -33.55 -2.91
C ARG J 89 33.81 -33.04 -2.34
N ARG J 90 34.91 -33.72 -2.67
CA ARG J 90 36.23 -33.38 -2.22
C ARG J 90 37.21 -33.86 -3.27
N PRO J 91 38.27 -33.10 -3.59
CA PRO J 91 39.25 -33.57 -4.57
C PRO J 91 40.02 -34.77 -4.03
N THR J 92 40.72 -35.45 -4.94
CA THR J 92 41.45 -36.66 -4.59
C THR J 92 42.54 -36.37 -3.56
N ASN J 93 42.58 -37.19 -2.51
CA ASN J 93 43.56 -37.06 -1.44
C ASN J 93 44.71 -38.00 -1.75
N TRP J 94 45.83 -37.41 -2.17
CA TRP J 94 47.03 -38.17 -2.50
C TRP J 94 47.90 -38.45 -1.28
N VAL J 95 47.40 -38.19 -0.08
CA VAL J 95 48.05 -38.55 1.16
C VAL J 95 47.05 -39.35 2.00
N PHE J 96 47.51 -40.48 2.54
CA PHE J 96 46.63 -41.37 3.30
C PHE J 96 46.18 -40.71 4.60
N GLY J 97 45.24 -41.36 5.27
CA GLY J 97 44.65 -40.81 6.46
C GLY J 97 45.54 -40.94 7.67
N GLU J 98 45.18 -40.19 8.73
CA GLU J 98 45.88 -40.28 10.00
C GLU J 98 45.75 -41.68 10.59
N GLY J 99 46.89 -42.35 10.73
CA GLY J 99 46.88 -43.75 11.14
C GLY J 99 46.48 -43.92 12.59
N THR J 100 45.93 -45.09 12.89
CA THR J 100 45.59 -45.47 14.25
C THR J 100 46.26 -46.79 14.58
N THR J 101 46.83 -46.89 15.78
CA THR J 101 47.62 -48.05 16.17
C THR J 101 46.78 -48.95 17.08
N LEU J 102 46.32 -50.07 16.54
CA LEU J 102 45.59 -51.05 17.34
C LEU J 102 46.60 -51.91 18.08
N ILE J 103 46.50 -51.91 19.40
CA ILE J 103 47.41 -52.63 20.29
C ILE J 103 46.59 -53.65 21.08
N VAL J 104 46.99 -54.90 21.02
CA VAL J 104 46.37 -55.97 21.77
C VAL J 104 47.11 -56.13 23.09
N LEU J 105 46.34 -56.37 24.17
CA LEU J 105 46.93 -56.45 25.52
C LEU J 105 47.88 -57.63 25.67
N SER J 106 47.67 -58.70 24.91
CA SER J 106 48.54 -59.87 24.96
C SER J 106 49.89 -59.58 24.32
N GLN K 1 -0.37 -34.48 10.74
CA GLN K 1 1.00 -34.00 10.90
C GLN K 1 1.18 -33.26 12.22
N VAL K 2 0.09 -33.17 12.98
CA VAL K 2 0.13 -32.66 14.35
C VAL K 2 1.10 -33.50 15.19
N GLN K 3 1.98 -32.82 15.92
CA GLN K 3 3.07 -33.50 16.60
C GLN K 3 3.44 -32.75 17.86
N LEU K 4 3.39 -33.45 18.99
CA LEU K 4 3.71 -32.89 20.32
C LEU K 4 4.88 -33.67 20.91
N LEU K 5 6.10 -33.25 20.59
CA LEU K 5 7.29 -33.87 21.18
C LEU K 5 7.42 -33.47 22.64
N GLN K 6 8.13 -34.30 23.41
CA GLN K 6 8.42 -34.02 24.80
C GLN K 6 9.88 -34.30 25.09
N SER K 7 10.40 -33.63 26.12
CA SER K 7 11.80 -33.76 26.51
C SER K 7 12.06 -35.12 27.13
N GLY K 8 13.34 -35.45 27.24
CA GLY K 8 13.73 -36.71 27.85
C GLY K 8 13.48 -36.73 29.35
N ALA K 9 13.46 -37.95 29.90
CA ALA K 9 13.24 -38.14 31.32
C ALA K 9 14.36 -37.51 32.15
N ALA K 10 13.99 -36.96 33.30
CA ALA K 10 14.91 -36.21 34.14
C ALA K 10 14.94 -36.78 35.55
N VAL K 11 16.09 -36.66 36.20
CA VAL K 11 16.29 -37.11 37.57
C VAL K 11 16.83 -35.92 38.35
N THR K 12 16.23 -35.64 39.51
CA THR K 12 16.64 -34.52 40.34
C THR K 12 16.28 -34.80 41.78
N LYS K 13 17.01 -34.17 42.70
CA LYS K 13 16.79 -34.31 44.12
C LYS K 13 15.58 -33.45 44.52
N PRO K 14 14.97 -33.70 45.70
CA PRO K 14 13.84 -32.87 46.14
C PRO K 14 14.21 -31.41 46.35
N GLY K 15 13.26 -30.53 46.05
CA GLY K 15 13.44 -29.10 46.22
C GLY K 15 14.14 -28.39 45.09
N ALA K 16 14.51 -29.08 44.03
CA ALA K 16 15.17 -28.50 42.87
C ALA K 16 14.22 -28.54 41.68
N SER K 17 14.10 -27.42 40.98
CA SER K 17 13.08 -27.26 39.96
C SER K 17 13.40 -28.11 38.73
N VAL K 18 12.35 -28.46 37.98
CA VAL K 18 12.51 -29.10 36.68
C VAL K 18 12.08 -28.15 35.57
N ARG K 19 12.19 -28.61 34.33
CA ARG K 19 11.74 -27.85 33.16
C ARG K 19 11.30 -28.89 32.13
N VAL K 20 10.03 -29.28 32.19
CA VAL K 20 9.47 -30.22 31.23
C VAL K 20 9.00 -29.45 30.00
N SER K 21 9.52 -29.82 28.85
CA SER K 21 9.23 -29.12 27.60
C SER K 21 8.30 -29.97 26.73
N CYS K 22 7.44 -29.29 25.98
CA CYS K 22 6.50 -29.92 25.06
C CYS K 22 6.45 -29.08 23.80
N GLU K 23 7.00 -29.59 22.71
CA GLU K 23 7.08 -28.85 21.46
C GLU K 23 5.92 -29.27 20.55
N ALA K 24 5.04 -28.32 20.25
CA ALA K 24 3.86 -28.56 19.43
C ALA K 24 4.09 -27.95 18.06
N SER K 25 3.78 -28.73 17.02
CA SER K 25 3.94 -28.25 15.65
C SER K 25 2.99 -29.03 14.74
N GLY K 26 2.86 -28.55 13.51
CA GLY K 26 2.05 -29.19 12.50
C GLY K 26 0.60 -28.76 12.45
N TYR K 27 0.17 -27.90 13.38
CA TYR K 27 -1.21 -27.46 13.44
C TYR K 27 -1.22 -26.02 13.93
N ASN K 28 -2.39 -25.38 13.83
CA ASN K 28 -2.57 -24.03 14.36
C ASN K 28 -2.59 -24.11 15.88
N ILE K 29 -1.48 -23.74 16.53
CA ILE K 29 -1.31 -24.01 17.96
C ILE K 29 -2.20 -23.09 18.80
N ARG K 30 -2.64 -21.97 18.24
CA ARG K 30 -3.22 -20.89 19.03
C ARG K 30 -4.64 -21.19 19.46
N ASP K 31 -5.42 -21.91 18.64
CA ASP K 31 -6.84 -22.07 18.91
C ASP K 31 -7.14 -23.18 19.92
N TYR K 32 -6.18 -24.06 20.20
CA TYR K 32 -6.42 -25.24 21.02
C TYR K 32 -5.60 -25.16 22.30
N PHE K 33 -6.28 -25.31 23.44
CA PHE K 33 -5.61 -25.33 24.74
C PHE K 33 -4.72 -26.55 24.89
N ILE K 34 -3.57 -26.37 25.52
CA ILE K 34 -2.65 -27.45 25.82
C ILE K 34 -2.70 -27.72 27.32
N HIS K 35 -3.12 -28.92 27.69
CA HIS K 35 -3.26 -29.33 29.08
C HIS K 35 -2.09 -30.23 29.47
N TRP K 36 -1.94 -30.42 30.79
CA TRP K 36 -0.88 -31.24 31.34
C TRP K 36 -1.50 -32.29 32.24
N TRP K 37 -1.01 -33.53 32.12
CA TRP K 37 -1.50 -34.64 32.92
C TRP K 37 -0.33 -35.35 33.59
N ARG K 38 -0.61 -35.94 34.75
CA ARG K 38 0.39 -36.52 35.63
C ARG K 38 -0.07 -37.91 36.05
N GLN K 39 0.73 -38.92 35.75
CA GLN K 39 0.38 -40.31 36.06
C GLN K 39 1.42 -40.90 37.01
N ALA K 40 1.02 -41.13 38.25
CA ALA K 40 1.83 -41.93 39.16
C ALA K 40 1.82 -43.39 38.68
N PRO K 41 2.93 -44.11 38.85
CA PRO K 41 2.95 -45.52 38.44
C PRO K 41 1.96 -46.37 39.23
N GLY K 42 1.15 -47.13 38.52
CA GLY K 42 0.10 -47.91 39.14
C GLY K 42 -1.06 -47.09 39.64
N GLN K 43 -1.28 -45.91 39.08
CA GLN K 43 -2.36 -45.02 39.50
C GLN K 43 -2.96 -44.32 38.29
N GLY K 44 -4.20 -43.87 38.45
CA GLY K 44 -4.89 -43.19 37.38
C GLY K 44 -4.34 -41.80 37.11
N LEU K 45 -4.74 -41.25 35.96
CA LEU K 45 -4.29 -39.93 35.54
C LEU K 45 -4.81 -38.84 36.47
N GLN K 46 -4.04 -37.76 36.57
CA GLN K 46 -4.39 -36.61 37.37
C GLN K 46 -4.11 -35.36 36.54
N TRP K 47 -4.83 -34.28 36.83
CA TRP K 47 -4.76 -33.07 36.01
C TRP K 47 -3.83 -32.06 36.65
N VAL K 48 -2.93 -31.49 35.85
CA VAL K 48 -1.97 -30.51 36.33
C VAL K 48 -2.39 -29.09 35.97
N GLY K 49 -2.91 -28.89 34.77
CA GLY K 49 -3.39 -27.58 34.40
C GLY K 49 -3.33 -27.33 32.91
N TRP K 50 -4.13 -26.36 32.46
CA TRP K 50 -4.11 -25.94 31.07
C TRP K 50 -3.46 -24.57 30.94
N ILE K 51 -3.00 -24.28 29.73
CA ILE K 51 -2.44 -22.99 29.40
C ILE K 51 -3.01 -22.55 28.05
N ASN K 52 -3.62 -21.37 28.01
CA ASN K 52 -4.05 -20.78 26.75
C ASN K 52 -2.82 -20.44 25.92
N PRO K 53 -2.74 -20.86 24.66
CA PRO K 53 -1.59 -20.45 23.85
C PRO K 53 -1.63 -18.99 23.43
N LYS K 54 -2.82 -18.42 23.23
CA LYS K 54 -2.92 -17.06 22.72
C LYS K 54 -2.49 -16.05 23.77
N THR K 55 -2.98 -16.20 25.01
CA THR K 55 -2.73 -15.23 26.07
C THR K 55 -1.71 -15.68 27.10
N GLY K 56 -1.38 -16.97 27.14
CA GLY K 56 -0.39 -17.48 28.06
C GLY K 56 -0.92 -17.78 29.44
N GLN K 57 -2.23 -17.64 29.66
CA GLN K 57 -2.84 -17.80 30.99
C GLN K 57 -2.81 -19.24 31.49
N PRO K 58 -2.22 -19.50 32.65
CA PRO K 58 -2.34 -20.83 33.26
C PRO K 58 -3.57 -20.91 34.14
N ASN K 59 -4.03 -22.15 34.32
CA ASN K 59 -5.07 -22.46 35.29
C ASN K 59 -4.68 -23.78 35.93
N ASN K 60 -4.54 -23.81 37.25
CA ASN K 60 -4.09 -25.00 37.96
C ASN K 60 -4.98 -25.28 39.16
N PRO K 61 -5.05 -26.53 39.63
CA PRO K 61 -5.80 -26.82 40.85
C PRO K 61 -5.14 -26.22 42.08
N ARG K 62 -5.91 -26.19 43.18
CA ARG K 62 -5.39 -25.71 44.45
C ARG K 62 -4.28 -26.60 45.00
N GLN K 63 -4.30 -27.88 44.65
CA GLN K 63 -3.23 -28.80 45.06
C GLN K 63 -1.88 -28.39 44.47
N PHE K 64 -1.85 -27.99 43.21
CA PHE K 64 -0.62 -27.62 42.52
C PHE K 64 -0.38 -26.11 42.48
N GLN K 65 -1.22 -25.31 43.12
CA GLN K 65 -1.01 -23.86 43.08
C GLN K 65 0.15 -23.45 43.96
N GLY K 66 0.95 -22.51 43.46
CA GLY K 66 2.14 -22.07 44.14
C GLY K 66 3.39 -22.86 43.83
N ARG K 67 3.24 -24.04 43.22
CA ARG K 67 4.36 -24.88 42.83
C ARG K 67 4.54 -24.96 41.33
N VAL K 68 3.47 -25.28 40.60
CA VAL K 68 3.55 -25.49 39.16
C VAL K 68 3.39 -24.16 38.42
N SER K 69 4.21 -23.98 37.39
CA SER K 69 4.11 -22.83 36.49
C SER K 69 4.07 -23.34 35.06
N LEU K 70 3.03 -22.96 34.34
CA LEU K 70 2.88 -23.30 32.93
C LEU K 70 3.20 -22.07 32.09
N THR K 71 4.20 -22.19 31.21
CA THR K 71 4.61 -21.09 30.35
C THR K 71 4.63 -21.60 28.90
N ARG K 72 4.74 -20.66 27.96
CA ARG K 72 4.81 -21.01 26.56
C ARG K 72 5.69 -20.02 25.83
N HIS K 73 6.41 -20.50 24.83
CA HIS K 73 7.28 -19.67 24.02
C HIS K 73 7.03 -19.93 22.54
N ALA K 74 7.16 -18.87 21.74
CA ALA K 74 6.85 -18.90 20.32
C ALA K 74 8.12 -18.58 19.54
N SER K 75 8.40 -19.38 18.52
CA SER K 75 9.49 -19.12 17.59
C SER K 75 9.05 -18.10 16.55
N TRP K 76 9.91 -17.87 15.55
CA TRP K 76 9.54 -17.02 14.43
C TRP K 76 8.55 -17.77 13.55
N ASP K 77 7.48 -17.08 13.14
CA ASP K 77 6.34 -17.50 12.33
C ASP K 77 5.35 -18.36 13.11
N PHE K 78 5.64 -18.70 14.38
CA PHE K 78 4.73 -19.39 15.30
C PHE K 78 4.33 -20.80 14.81
N ASP K 79 5.19 -21.44 14.02
CA ASP K 79 4.89 -22.81 13.62
C ASP K 79 5.21 -23.82 14.72
N THR K 80 6.21 -23.53 15.56
CA THR K 80 6.58 -24.38 16.68
C THR K 80 6.35 -23.63 17.97
N TYR K 81 5.73 -24.29 18.94
CA TYR K 81 5.41 -23.68 20.22
C TYR K 81 5.92 -24.58 21.35
N SER K 82 6.70 -24.00 22.25
CA SER K 82 7.32 -24.76 23.34
C SER K 82 6.58 -24.45 24.63
N PHE K 83 5.82 -25.42 25.13
CA PHE K 83 5.09 -25.30 26.39
C PHE K 83 5.91 -25.92 27.50
N TYR K 84 6.22 -25.13 28.53
CA TYR K 84 7.07 -25.57 29.62
C TYR K 84 6.23 -25.70 30.89
N MET K 85 6.44 -26.80 31.60
CA MET K 85 5.87 -27.00 32.93
C MET K 85 7.02 -27.10 33.93
N ASP K 86 7.00 -26.21 34.94
CA ASP K 86 8.05 -26.14 35.95
C ASP K 86 7.44 -26.35 37.34
N LEU K 87 7.90 -27.39 38.04
CA LEU K 87 7.51 -27.61 39.42
C LEU K 87 8.59 -27.08 40.34
N LYS K 88 8.20 -26.24 41.31
CA LYS K 88 9.17 -25.56 42.15
C LYS K 88 9.63 -26.43 43.32
N ALA K 89 8.71 -26.77 44.22
CA ALA K 89 9.04 -27.53 45.41
C ALA K 89 8.73 -29.00 45.17
N LEU K 90 9.77 -29.80 44.97
CA LEU K 90 9.61 -31.21 44.64
C LEU K 90 9.58 -32.05 45.90
N ARG K 91 9.08 -33.27 45.75
CA ARG K 91 8.78 -34.13 46.89
C ARG K 91 8.69 -35.56 46.37
N SER K 92 8.84 -36.53 47.28
CA SER K 92 8.86 -37.95 46.93
C SER K 92 7.54 -38.40 46.31
N ASP K 93 6.42 -37.79 46.71
CA ASP K 93 5.12 -38.10 46.11
C ASP K 93 5.11 -37.78 44.62
N ASP K 94 5.72 -36.67 44.23
CA ASP K 94 5.90 -36.31 42.82
C ASP K 94 7.02 -37.19 42.28
N THR K 95 6.64 -38.33 41.70
CA THR K 95 7.57 -39.26 41.10
C THR K 95 6.96 -39.78 39.79
N ALA K 96 6.06 -38.99 39.20
CA ALA K 96 5.14 -39.43 38.17
C ALA K 96 5.68 -39.13 36.76
N VAL K 97 4.89 -39.52 35.75
CA VAL K 97 5.19 -39.22 34.35
C VAL K 97 4.22 -38.16 33.85
N TYR K 98 4.74 -37.21 33.06
CA TYR K 98 3.99 -36.04 32.64
C TYR K 98 3.72 -36.05 31.14
N PHE K 99 2.46 -35.88 30.78
CA PHE K 99 2.00 -35.83 29.39
C PHE K 99 1.46 -34.44 29.09
N CYS K 100 1.67 -33.98 27.85
CA CYS K 100 1.04 -32.75 27.37
C CYS K 100 0.02 -33.11 26.30
N ALA K 101 -1.23 -32.72 26.53
CA ALA K 101 -2.34 -33.14 25.69
C ALA K 101 -2.98 -31.92 25.06
N ARG K 102 -3.67 -32.15 23.94
CA ARG K 102 -4.29 -31.05 23.20
C ARG K 102 -5.81 -31.18 23.24
N GLN K 103 -6.46 -30.35 24.07
CA GLN K 103 -7.90 -30.17 23.97
C GLN K 103 -8.25 -29.58 22.61
N ARG K 104 -9.26 -30.14 21.95
CA ARG K 104 -9.67 -29.66 20.64
C ARG K 104 -11.01 -28.93 20.64
N SER K 105 -11.85 -29.12 21.65
CA SER K 105 -13.20 -28.58 21.63
C SER K 105 -13.73 -28.44 23.04
N ASP K 106 -14.99 -28.01 23.15
CA ASP K 106 -15.71 -27.91 24.43
C ASP K 106 -15.83 -29.29 25.09
N TYR K 107 -15.83 -30.36 24.28
CA TYR K 107 -15.90 -31.74 24.77
C TYR K 107 -14.74 -32.13 25.69
N TRP K 108 -13.63 -31.37 25.64
CA TRP K 108 -12.33 -31.74 26.20
C TRP K 108 -11.84 -33.08 25.66
N ASP K 109 -12.00 -33.27 24.36
CA ASP K 109 -11.38 -34.39 23.68
C ASP K 109 -9.90 -34.10 23.46
N PHE K 110 -9.05 -34.90 24.08
CA PHE K 110 -7.61 -34.73 23.98
C PHE K 110 -7.12 -35.62 22.86
N ASP K 111 -7.18 -35.07 21.64
CA ASP K 111 -6.87 -35.83 20.43
C ASP K 111 -5.41 -36.29 20.40
N VAL K 112 -4.48 -35.43 20.80
CA VAL K 112 -3.05 -35.70 20.65
C VAL K 112 -2.39 -35.54 22.02
N TRP K 113 -1.74 -36.60 22.47
CA TRP K 113 -0.93 -36.59 23.68
C TRP K 113 0.55 -36.67 23.33
N GLY K 114 1.38 -36.22 24.28
CA GLY K 114 2.82 -36.29 24.12
C GLY K 114 3.37 -37.64 24.54
N SER K 115 4.63 -37.87 24.19
CA SER K 115 5.28 -39.14 24.49
C SER K 115 5.41 -39.38 25.98
N GLY K 116 5.81 -38.35 26.73
CA GLY K 116 5.98 -38.47 28.16
C GLY K 116 7.32 -37.99 28.65
N THR K 117 7.41 -37.69 29.94
CA THR K 117 8.67 -37.24 30.54
C THR K 117 8.69 -37.74 31.98
N GLN K 118 9.37 -38.87 32.20
CA GLN K 118 9.43 -39.49 33.52
C GLN K 118 10.25 -38.60 34.46
N VAL K 119 9.58 -37.98 35.42
CA VAL K 119 10.25 -37.19 36.45
C VAL K 119 10.37 -38.06 37.69
N THR K 120 11.61 -38.34 38.08
CA THR K 120 11.91 -39.25 39.19
C THR K 120 12.54 -38.47 40.33
N VAL K 121 12.02 -38.68 41.54
CA VAL K 121 12.48 -37.97 42.72
C VAL K 121 12.67 -38.98 43.86
N ASP L 1 -20.70 -30.55 40.75
CA ASP L 1 -20.40 -31.75 41.54
C ASP L 1 -20.27 -32.97 40.64
N ILE L 2 -19.13 -33.08 39.97
CA ILE L 2 -18.85 -34.23 39.11
C ILE L 2 -18.62 -35.47 39.97
N GLN L 3 -19.21 -36.59 39.56
CA GLN L 3 -18.95 -37.89 40.16
C GLN L 3 -18.65 -38.89 39.06
N MET L 4 -17.78 -39.86 39.37
CA MET L 4 -17.40 -40.91 38.44
C MET L 4 -17.44 -42.25 39.17
N THR L 5 -17.86 -43.30 38.46
CA THR L 5 -17.87 -44.65 39.02
C THR L 5 -17.68 -45.65 37.90
N GLN L 6 -16.60 -46.42 37.96
CA GLN L 6 -16.33 -47.46 36.98
C GLN L 6 -16.48 -48.82 37.64
N SER L 7 -17.30 -49.69 37.05
CA SER L 7 -17.68 -50.93 37.72
C SER L 7 -16.59 -52.01 37.67
N PRO L 8 -16.02 -52.42 36.52
CA PRO L 8 -15.01 -53.49 36.61
C PRO L 8 -13.67 -52.92 37.09
N SER L 9 -13.21 -53.41 38.24
CA SER L 9 -11.86 -53.08 38.68
C SER L 9 -10.83 -53.92 37.92
N SER L 10 -11.14 -55.19 37.66
CA SER L 10 -10.29 -56.09 36.90
C SER L 10 -11.14 -56.81 35.88
N LEU L 11 -10.53 -57.14 34.73
CA LEU L 11 -11.30 -57.59 33.59
C LEU L 11 -10.51 -58.58 32.76
N SER L 12 -11.09 -59.75 32.51
CA SER L 12 -10.46 -60.80 31.72
C SER L 12 -11.48 -61.35 30.75
N ALA L 13 -11.14 -61.41 29.46
CA ALA L 13 -12.06 -61.89 28.45
C ALA L 13 -11.29 -62.60 27.35
N SER L 14 -11.97 -63.53 26.68
CA SER L 14 -11.39 -64.27 25.57
C SER L 14 -11.51 -63.47 24.27
N VAL L 15 -10.62 -63.80 23.33
CA VAL L 15 -10.64 -63.19 22.00
C VAL L 15 -11.93 -63.58 21.29
N GLY L 16 -12.61 -62.59 20.71
CA GLY L 16 -13.88 -62.83 20.05
C GLY L 16 -15.10 -62.71 20.94
N ASP L 17 -14.96 -62.11 22.12
CA ASP L 17 -16.04 -61.98 23.09
C ASP L 17 -16.35 -60.48 23.24
N THR L 18 -17.63 -60.14 23.23
CA THR L 18 -18.04 -58.75 23.39
C THR L 18 -17.93 -58.36 24.86
N VAL L 19 -17.32 -57.20 25.11
CA VAL L 19 -17.06 -56.70 26.46
C VAL L 19 -17.77 -55.37 26.62
N THR L 20 -18.20 -55.08 27.86
CA THR L 20 -18.90 -53.85 28.19
C THR L 20 -18.30 -53.30 29.48
N ILE L 21 -17.76 -52.08 29.39
CA ILE L 21 -17.09 -51.42 30.51
C ILE L 21 -17.95 -50.23 30.91
N THR L 22 -18.55 -50.29 32.09
CA THR L 22 -19.53 -49.28 32.49
C THR L 22 -18.85 -48.18 33.29
N CYS L 23 -19.03 -46.94 32.85
CA CYS L 23 -18.60 -45.76 33.60
C CYS L 23 -19.80 -44.83 33.76
N GLN L 24 -20.24 -44.63 34.99
CA GLN L 24 -21.34 -43.74 35.31
C GLN L 24 -20.79 -42.38 35.72
N ALA L 25 -21.30 -41.33 35.09
CA ALA L 25 -20.83 -39.97 35.36
C ALA L 25 -21.88 -38.97 34.91
N ASN L 26 -21.68 -37.72 35.33
CA ASN L 26 -22.47 -36.58 34.91
C ASN L 26 -21.60 -35.64 34.08
N GLY L 27 -22.03 -35.36 32.86
CA GLY L 27 -21.33 -34.43 31.99
C GLY L 27 -20.69 -35.12 30.80
N TYR L 28 -19.87 -34.34 30.08
CA TYR L 28 -19.27 -34.77 28.83
C TYR L 28 -18.20 -35.82 29.08
N LEU L 29 -18.49 -37.07 28.75
CA LEU L 29 -17.57 -38.18 28.99
C LEU L 29 -16.89 -38.62 27.71
N ASN L 30 -15.58 -38.86 27.80
CA ASN L 30 -14.76 -39.34 26.70
C ASN L 30 -14.02 -40.60 27.12
N TRP L 31 -13.86 -41.53 26.19
CA TRP L 31 -13.18 -42.80 26.45
C TRP L 31 -11.82 -42.83 25.80
N TYR L 32 -10.83 -43.32 26.57
CA TYR L 32 -9.43 -43.37 26.15
C TYR L 32 -8.86 -44.74 26.46
N GLN L 33 -7.73 -45.04 25.81
CA GLN L 33 -6.99 -46.29 25.96
C GLN L 33 -5.52 -46.02 26.25
N GLN L 34 -5.02 -46.60 27.34
CA GLN L 34 -3.62 -46.48 27.72
C GLN L 34 -3.00 -47.87 27.72
N ARG L 35 -1.86 -48.03 27.06
CA ARG L 35 -1.13 -49.30 27.07
C ARG L 35 0.21 -49.18 27.79
N ARG L 36 0.36 -49.93 28.90
CA ARG L 36 1.62 -50.11 29.66
C ARG L 36 2.30 -48.77 29.96
N GLY L 37 1.50 -47.81 30.43
CA GLY L 37 1.99 -46.52 30.86
C GLY L 37 2.49 -45.61 29.75
N LYS L 38 2.47 -46.07 28.51
CA LYS L 38 2.76 -45.25 27.33
C LYS L 38 1.56 -44.35 27.10
N ALA L 39 1.79 -43.23 26.37
CA ALA L 39 0.82 -42.18 26.02
C ALA L 39 -0.56 -42.72 25.65
N PRO L 40 -1.63 -42.16 26.25
CA PRO L 40 -3.00 -42.47 25.81
C PRO L 40 -3.34 -42.12 24.36
N LYS L 41 -4.57 -42.46 24.00
CA LYS L 41 -5.11 -42.16 22.68
C LYS L 41 -6.62 -42.03 22.86
N LEU L 42 -7.25 -41.22 22.02
CA LEU L 42 -8.67 -40.93 22.13
C LEU L 42 -9.45 -41.95 21.30
N LEU L 43 -10.19 -42.82 21.99
CA LEU L 43 -11.13 -43.68 21.31
C LEU L 43 -12.42 -42.94 20.97
N ILE L 44 -13.13 -42.48 21.99
CA ILE L 44 -14.46 -41.91 21.80
C ILE L 44 -14.49 -40.51 22.40
N TYR L 45 -14.88 -39.54 21.58
CA TYR L 45 -15.19 -38.20 22.06
C TYR L 45 -16.70 -38.05 22.11
N ASP L 46 -17.19 -37.46 23.21
CA ASP L 46 -18.59 -37.35 23.60
C ASP L 46 -19.11 -38.76 23.90
N GLY L 47 -20.42 -38.93 23.98
CA GLY L 47 -20.98 -40.22 24.36
C GLY L 47 -20.72 -41.33 23.36
N SER L 48 -20.86 -41.02 22.07
CA SER L 48 -20.87 -42.08 21.06
C SER L 48 -19.94 -41.83 19.89
N LYS L 49 -19.63 -40.57 19.61
CA LYS L 49 -18.93 -40.20 18.37
C LYS L 49 -17.50 -40.73 18.34
N LEU L 50 -17.14 -41.37 17.23
CA LEU L 50 -15.86 -42.05 17.08
C LEU L 50 -14.84 -41.14 16.41
N GLU L 51 -13.62 -41.15 16.91
CA GLU L 51 -12.54 -40.38 16.31
C GLU L 51 -12.09 -41.04 15.01
N ARG L 52 -11.52 -40.22 14.12
CA ARG L 52 -10.98 -40.71 12.86
C ARG L 52 -9.80 -41.65 13.11
N GLY L 53 -9.72 -42.72 12.31
CA GLY L 53 -8.63 -43.66 12.39
C GLY L 53 -8.79 -44.75 13.44
N VAL L 54 -9.73 -44.60 14.35
CA VAL L 54 -9.97 -45.62 15.38
C VAL L 54 -10.61 -46.84 14.74
N PRO L 55 -10.28 -48.06 15.17
CA PRO L 55 -11.01 -49.24 14.70
C PRO L 55 -12.50 -49.19 15.04
N SER L 56 -13.31 -49.76 14.15
CA SER L 56 -14.75 -49.87 14.34
C SER L 56 -15.17 -50.90 15.39
N ARG L 57 -14.21 -51.62 16.00
CA ARG L 57 -14.53 -52.53 17.09
C ARG L 57 -15.16 -51.81 18.27
N PHE L 58 -14.65 -50.63 18.60
CA PHE L 58 -15.13 -49.85 19.73
C PHE L 58 -16.29 -48.98 19.30
N SER L 59 -17.31 -48.90 20.14
CA SER L 59 -18.41 -47.97 19.96
C SER L 59 -19.02 -47.65 21.32
N GLY L 60 -19.79 -46.57 21.37
CA GLY L 60 -20.37 -46.11 22.61
C GLY L 60 -21.84 -45.80 22.44
N ARG L 61 -22.57 -45.92 23.54
CA ARG L 61 -23.99 -45.58 23.57
C ARG L 61 -24.28 -44.82 24.85
N ARG L 62 -25.31 -43.97 24.80
CA ARG L 62 -25.65 -43.12 25.92
C ARG L 62 -27.09 -43.39 26.34
N TRP L 63 -27.29 -43.64 27.63
CA TRP L 63 -28.63 -43.69 28.21
C TRP L 63 -28.53 -43.27 29.67
N GLY L 64 -29.15 -42.13 29.98
CA GLY L 64 -29.06 -41.57 31.33
C GLY L 64 -27.63 -41.22 31.69
N GLN L 65 -27.21 -41.65 32.87
CA GLN L 65 -25.85 -41.35 33.32
C GLN L 65 -24.83 -42.34 32.77
N GLU L 66 -25.27 -43.53 32.37
CA GLU L 66 -24.37 -44.64 32.09
C GLU L 66 -23.92 -44.64 30.62
N TYR L 67 -22.69 -45.12 30.42
CA TYR L 67 -22.12 -45.35 29.11
C TYR L 67 -21.47 -46.73 29.11
N ASN L 68 -21.57 -47.44 27.98
CA ASN L 68 -21.32 -48.88 27.97
C ASN L 68 -19.96 -49.28 27.39
N LEU L 69 -19.47 -48.58 26.36
CA LEU L 69 -18.28 -48.97 25.59
C LEU L 69 -18.41 -50.41 25.05
N THR L 70 -19.38 -50.57 24.16
CA THR L 70 -19.57 -51.89 23.56
C THR L 70 -18.45 -52.13 22.55
N ILE L 71 -17.45 -52.91 22.97
CA ILE L 71 -16.40 -53.38 22.08
C ILE L 71 -16.76 -54.80 21.63
N ASN L 72 -16.65 -55.07 20.33
CA ASN L 72 -16.95 -56.38 19.79
C ASN L 72 -15.77 -56.89 19.00
N ASN L 73 -15.58 -58.22 19.04
CA ASN L 73 -14.51 -58.96 18.38
C ASN L 73 -13.14 -58.48 18.85
N LEU L 74 -12.89 -58.76 20.14
CA LEU L 74 -11.60 -58.49 20.78
C LEU L 74 -10.47 -59.16 19.99
N GLN L 75 -9.34 -58.46 19.90
CA GLN L 75 -8.18 -58.89 19.14
C GLN L 75 -6.95 -58.70 20.00
N PRO L 76 -5.75 -59.15 19.54
CA PRO L 76 -4.54 -58.96 20.37
C PRO L 76 -4.19 -57.51 20.69
N GLU L 77 -4.61 -56.56 19.85
CA GLU L 77 -4.30 -55.16 20.15
C GLU L 77 -5.19 -54.60 21.25
N ASP L 78 -6.42 -55.10 21.38
CA ASP L 78 -7.40 -54.48 22.27
C ASP L 78 -7.10 -54.69 23.75
N ILE L 79 -6.19 -55.60 24.11
CA ILE L 79 -5.83 -55.81 25.50
C ILE L 79 -4.98 -54.64 25.98
N ALA L 80 -5.58 -53.76 26.78
CA ALA L 80 -4.94 -52.56 27.31
C ALA L 80 -5.83 -51.96 28.39
N THR L 81 -5.33 -50.90 29.02
CA THR L 81 -6.09 -50.12 29.99
C THR L 81 -7.10 -49.23 29.27
N TYR L 82 -8.28 -49.05 29.87
CA TYR L 82 -9.35 -48.26 29.30
C TYR L 82 -9.94 -47.38 30.39
N PHE L 83 -10.04 -46.07 30.14
CA PHE L 83 -10.58 -45.20 31.18
C PHE L 83 -11.48 -44.13 30.58
N CYS L 84 -12.29 -43.53 31.46
CA CYS L 84 -13.27 -42.53 31.11
C CYS L 84 -12.89 -41.20 31.76
N GLN L 85 -13.24 -40.11 31.09
CA GLN L 85 -12.86 -38.77 31.52
C GLN L 85 -14.03 -37.82 31.36
N VAL L 86 -14.33 -37.05 32.42
CA VAL L 86 -15.23 -35.91 32.34
C VAL L 86 -14.39 -34.72 32.80
N TYR L 87 -14.07 -33.83 31.86
CA TYR L 87 -13.30 -32.58 32.09
C TYR L 87 -11.95 -32.92 32.72
N GLU L 88 -11.67 -32.50 33.94
CA GLU L 88 -10.35 -32.64 34.54
C GLU L 88 -10.22 -33.93 35.35
N PHE L 89 -11.31 -34.64 35.60
CA PHE L 89 -11.31 -35.81 36.47
C PHE L 89 -11.18 -37.08 35.65
N VAL L 90 -10.26 -37.95 36.04
CA VAL L 90 -10.07 -39.26 35.42
C VAL L 90 -10.01 -40.30 36.54
N VAL L 91 -10.88 -41.30 36.46
CA VAL L 91 -10.92 -42.38 37.43
C VAL L 91 -9.83 -43.36 36.99
N PRO L 92 -9.17 -44.08 37.89
CA PRO L 92 -8.33 -45.20 37.46
C PRO L 92 -9.15 -46.27 36.75
N GLY L 93 -8.64 -46.74 35.61
CA GLY L 93 -9.41 -47.57 34.70
C GLY L 93 -9.15 -49.05 34.89
N THR L 94 -10.01 -49.84 34.26
CA THR L 94 -9.86 -51.29 34.23
C THR L 94 -8.65 -51.70 33.40
N ARG L 95 -8.35 -52.99 33.40
CA ARG L 95 -7.25 -53.54 32.61
C ARG L 95 -7.71 -54.86 31.99
N LEU L 96 -7.92 -54.86 30.68
CA LEU L 96 -8.25 -56.08 29.95
C LEU L 96 -7.10 -57.09 30.04
N ASP L 97 -7.48 -58.37 30.06
CA ASP L 97 -6.52 -59.47 30.14
C ASP L 97 -7.07 -60.64 29.33
N LEU L 98 -6.29 -61.72 29.27
CA LEU L 98 -6.68 -62.93 28.56
C LEU L 98 -6.74 -64.12 29.49
N GLN M 1 17.43 26.97 77.42
CA GLN M 1 16.81 25.68 77.17
C GLN M 1 17.83 24.62 76.76
N VAL M 2 18.24 24.65 75.49
CA VAL M 2 19.19 23.69 74.93
C VAL M 2 20.52 24.41 74.73
N HIS M 3 21.59 23.83 75.26
CA HIS M 3 22.92 24.40 75.11
C HIS M 3 23.87 23.35 74.54
N LEU M 4 24.56 23.70 73.47
CA LEU M 4 25.57 22.84 72.86
C LEU M 4 26.93 23.46 73.14
N GLN M 5 27.82 22.70 73.80
CA GLN M 5 29.18 23.16 74.05
C GLN M 5 30.17 22.08 73.66
N GLU M 6 31.06 22.38 72.73
CA GLU M 6 31.97 21.39 72.18
C GLU M 6 33.38 21.54 72.72
N SER M 7 34.03 20.41 72.95
CA SER M 7 35.44 20.38 73.33
C SER M 7 36.20 19.73 72.18
N GLY M 8 37.26 20.41 71.74
CA GLY M 8 38.14 19.92 70.70
C GLY M 8 39.59 20.18 71.02
N PRO M 9 40.50 19.48 70.32
CA PRO M 9 41.94 19.71 70.56
C PRO M 9 42.40 21.12 70.24
N GLY M 10 41.82 21.73 69.21
CA GLY M 10 42.25 23.01 68.69
C GLY M 10 43.36 22.94 67.65
N LEU M 11 44.05 21.81 67.55
CA LEU M 11 45.11 21.56 66.56
C LEU M 11 45.29 20.07 66.42
N VAL M 12 45.53 19.61 65.20
CA VAL M 12 45.69 18.18 64.93
C VAL M 12 46.71 18.03 63.80
N LYS M 13 47.53 16.99 63.91
CA LYS M 13 48.55 16.72 62.92
C LYS M 13 47.93 16.07 61.69
N PRO M 14 48.61 16.11 60.54
CA PRO M 14 48.17 15.27 59.41
C PRO M 14 48.31 13.79 59.74
N SER M 15 47.38 13.00 59.18
CA SER M 15 47.29 11.55 59.35
C SER M 15 47.16 11.15 60.83
N GLU M 16 46.50 11.99 61.60
CA GLU M 16 46.26 11.78 63.02
C GLU M 16 44.75 11.78 63.26
N THR M 17 44.30 10.93 64.19
CA THR M 17 42.89 10.86 64.53
C THR M 17 42.45 12.12 65.26
N LEU M 18 41.37 12.73 64.76
CA LEU M 18 40.75 13.89 65.38
C LEU M 18 39.49 13.46 66.16
N SER M 19 39.34 13.98 67.37
CA SER M 19 38.19 13.64 68.20
C SER M 19 37.57 14.91 68.76
N LEU M 20 36.26 15.07 68.57
CA LEU M 20 35.52 16.20 69.11
C LEU M 20 34.31 15.71 69.89
N THR M 21 34.03 16.35 71.03
CA THR M 21 32.99 15.89 71.94
C THR M 21 31.99 17.02 72.18
N CYS M 22 30.71 16.74 71.91
CA CYS M 22 29.62 17.70 72.06
C CYS M 22 28.92 17.44 73.38
N ASN M 23 29.04 18.38 74.31
CA ASN M 23 28.27 18.43 75.54
C ASN M 23 26.89 19.00 75.26
N VAL M 24 25.85 18.26 75.60
CA VAL M 24 24.48 18.71 75.46
C VAL M 24 23.95 19.06 76.85
N SER M 25 23.20 20.17 76.93
CA SER M 25 22.54 20.55 78.17
C SER M 25 21.07 20.86 77.88
N GLY M 26 20.19 20.25 78.67
CA GLY M 26 18.76 20.42 78.57
C GLY M 26 18.05 19.38 77.74
N THR M 27 18.77 18.52 77.03
CA THR M 27 18.18 17.46 76.22
C THR M 27 18.97 16.17 76.36
N LEU M 28 18.25 15.07 76.45
CA LEU M 28 18.85 13.75 76.38
C LEU M 28 19.28 13.43 74.96
N VAL M 29 20.46 12.80 74.83
CA VAL M 29 20.94 12.35 73.51
C VAL M 29 20.02 11.30 72.90
N ARG M 30 19.31 10.54 73.74
CA ARG M 30 18.43 9.47 73.26
C ARG M 30 17.28 10.02 72.42
N ASP M 31 16.88 11.27 72.65
CA ASP M 31 15.65 11.80 72.05
C ASP M 31 15.87 12.30 70.63
N ASN M 32 16.87 13.16 70.42
CA ASN M 32 16.99 13.93 69.19
C ASN M 32 18.14 13.42 68.32
N TYR M 33 18.01 13.72 67.02
CA TYR M 33 19.10 13.52 66.08
C TYR M 33 20.20 14.56 66.32
N TRP M 34 21.44 14.17 66.06
CA TRP M 34 22.59 15.06 66.27
C TRP M 34 23.41 15.14 64.99
N SER M 35 23.50 16.34 64.43
CA SER M 35 24.24 16.54 63.19
C SER M 35 25.55 17.27 63.46
N TRP M 36 26.64 16.69 62.99
CA TRP M 36 27.93 17.34 62.99
C TRP M 36 28.12 17.96 61.61
N ILE M 37 28.56 19.24 61.59
CA ILE M 37 28.69 20.04 60.38
C ILE M 37 30.02 20.81 60.49
N ARG M 38 30.70 20.99 59.36
CA ARG M 38 31.87 21.85 59.32
C ARG M 38 31.58 23.05 58.42
N GLN M 39 32.38 24.10 58.60
CA GLN M 39 32.37 25.25 57.70
C GLN M 39 33.81 25.67 57.42
N PRO M 40 34.35 25.31 56.25
CA PRO M 40 35.59 25.94 55.78
C PRO M 40 35.42 27.44 55.64
N LEU M 41 36.47 28.19 56.01
CA LEU M 41 36.36 29.62 56.24
C LEU M 41 36.05 30.36 54.94
N GLY M 42 35.03 31.22 54.99
CA GLY M 42 34.57 31.97 53.83
C GLY M 42 34.05 31.10 52.72
N LYS M 43 33.46 29.94 53.04
CA LYS M 43 32.92 29.01 52.06
C LYS M 43 31.59 28.48 52.56
N GLN M 44 30.94 27.69 51.71
CA GLN M 44 29.69 27.03 52.06
C GLN M 44 29.93 26.00 53.16
N PRO M 45 28.98 25.82 54.09
CA PRO M 45 29.08 24.72 55.04
C PRO M 45 28.96 23.36 54.36
N GLU M 46 29.55 22.34 54.99
CA GLU M 46 29.44 20.96 54.55
C GLU M 46 28.94 20.15 55.73
N TRP M 47 27.81 19.47 55.54
CA TRP M 47 27.14 18.72 56.59
C TRP M 47 27.74 17.32 56.66
N ILE M 48 28.58 17.09 57.69
CA ILE M 48 29.32 15.84 57.81
C ILE M 48 28.37 14.66 58.01
N GLY M 49 27.38 14.82 58.87
CA GLY M 49 26.47 13.71 59.07
C GLY M 49 25.56 13.90 60.26
N TYR M 50 24.64 12.95 60.41
CA TYR M 50 23.70 12.93 61.53
C TYR M 50 23.68 11.54 62.15
N VAL M 51 23.50 11.51 63.46
CA VAL M 51 23.59 10.28 64.24
C VAL M 51 22.43 10.26 65.24
N HIS M 52 21.82 9.07 65.38
CA HIS M 52 20.65 8.89 66.23
C HIS M 52 20.61 7.43 66.63
N ASP M 53 20.32 7.17 67.92
CA ASP M 53 19.98 5.83 68.39
C ASP M 53 18.81 5.27 67.58
N SER M 54 18.75 3.92 67.53
CA SER M 54 18.00 3.01 66.62
C SER M 54 18.74 2.89 65.30
N GLY M 55 19.95 3.43 65.20
CA GLY M 55 20.77 3.22 64.03
C GLY M 55 20.40 4.05 62.81
N ASP M 56 19.67 5.15 63.02
CA ASP M 56 19.32 6.05 61.91
C ASP M 56 20.47 7.03 61.72
N THR M 57 21.55 6.52 61.14
CA THR M 57 22.78 7.27 60.92
C THR M 57 23.15 7.23 59.44
N ASN M 58 23.40 8.40 58.86
CA ASN M 58 23.98 8.51 57.53
C ASN M 58 25.08 9.55 57.56
N TYR M 59 26.05 9.38 56.67
CA TYR M 59 27.22 10.24 56.59
C TYR M 59 27.34 10.78 55.17
N ASN M 60 28.31 11.67 54.99
CA ASN M 60 28.56 12.26 53.69
C ASN M 60 29.25 11.19 52.85
N PRO M 61 28.78 10.91 51.62
CA PRO M 61 29.36 9.81 50.82
C PRO M 61 30.84 9.97 50.49
N SER M 62 31.33 11.20 50.39
CA SER M 62 32.75 11.44 50.18
C SER M 62 33.56 11.11 51.43
N LEU M 63 33.04 11.47 52.60
CA LEU M 63 33.75 11.36 53.88
C LEU M 63 33.23 10.18 54.72
N LYS M 64 32.61 9.18 54.07
CA LYS M 64 31.88 8.14 54.80
C LYS M 64 32.79 7.20 55.55
N SER M 65 33.85 6.71 54.90
CA SER M 65 34.76 5.75 55.52
C SER M 65 35.53 6.36 56.69
N ARG M 66 35.97 7.61 56.55
CA ARG M 66 36.83 8.21 57.56
C ARG M 66 36.07 8.58 58.84
N VAL M 67 34.85 9.09 58.72
CA VAL M 67 34.15 9.66 59.87
C VAL M 67 33.35 8.58 60.59
N HIS M 68 33.34 8.65 61.91
CA HIS M 68 32.51 7.79 62.75
C HIS M 68 31.85 8.65 63.82
N LEU M 69 30.53 8.53 63.94
CA LEU M 69 29.75 9.34 64.85
C LEU M 69 29.03 8.42 65.85
N SER M 70 28.99 8.83 67.12
CA SER M 70 28.26 8.06 68.11
C SER M 70 27.78 9.00 69.21
N LEU M 71 26.90 8.48 70.05
CA LEU M 71 26.41 9.20 71.21
C LEU M 71 26.44 8.27 72.42
N ASP M 72 27.09 8.73 73.48
CA ASP M 72 27.21 7.97 74.73
C ASP M 72 26.22 8.52 75.75
N LYS M 73 25.32 7.67 76.23
CA LYS M 73 24.24 8.12 77.11
C LYS M 73 24.67 8.21 78.57
N SER M 74 25.69 7.44 78.96
CA SER M 74 26.12 7.40 80.35
C SER M 74 26.69 8.74 80.80
N LYS M 75 27.53 9.35 80.00
CA LYS M 75 28.10 10.67 80.29
C LYS M 75 27.37 11.80 79.60
N ASN M 76 26.34 11.49 78.81
CA ASN M 76 25.56 12.42 77.99
C ASN M 76 26.47 13.23 77.05
N LEU M 77 27.07 12.50 76.10
CA LEU M 77 28.06 13.05 75.18
C LEU M 77 27.72 12.65 73.74
N VAL M 78 28.16 13.47 72.78
CA VAL M 78 28.08 13.10 71.35
C VAL M 78 29.48 13.19 70.78
N SER M 79 30.06 12.07 70.38
CA SER M 79 31.45 11.99 69.95
C SER M 79 31.56 11.85 68.43
N LEU M 80 32.38 12.70 67.81
CA LEU M 80 32.80 12.55 66.43
C LEU M 80 34.27 12.17 66.38
N ARG M 81 34.59 11.13 65.62
CA ARG M 81 35.96 10.69 65.39
C ARG M 81 36.23 10.73 63.90
N LEU M 82 37.37 11.30 63.51
CA LEU M 82 37.75 11.42 62.11
C LEU M 82 39.17 10.91 61.91
N THR M 83 39.31 9.84 61.15
CA THR M 83 40.60 9.25 60.86
C THR M 83 41.16 9.80 59.55
N GLY M 84 42.49 9.88 59.48
CA GLY M 84 43.17 10.31 58.27
C GLY M 84 42.90 11.74 57.81
N VAL M 85 42.94 12.70 58.73
CA VAL M 85 42.67 14.10 58.40
C VAL M 85 43.75 14.64 57.45
N THR M 86 43.39 15.71 56.73
CA THR M 86 44.25 16.33 55.74
C THR M 86 44.12 17.84 55.91
N ALA M 87 44.86 18.60 55.09
CA ALA M 87 44.90 20.06 55.20
C ALA M 87 43.54 20.69 54.95
N ALA M 88 42.74 20.10 54.06
CA ALA M 88 41.43 20.64 53.71
C ALA M 88 40.42 20.53 54.85
N ASP M 89 40.68 19.66 55.84
CA ASP M 89 39.74 19.41 56.93
C ASP M 89 39.57 20.61 57.86
N SER M 90 40.50 21.57 57.83
CA SER M 90 40.47 22.71 58.75
C SER M 90 39.21 23.53 58.50
N ALA M 91 38.42 23.73 59.57
CA ALA M 91 37.09 24.34 59.48
C ALA M 91 36.52 24.52 60.88
N ILE M 92 35.52 25.40 60.97
CA ILE M 92 34.75 25.52 62.20
C ILE M 92 33.79 24.34 62.30
N TYR M 93 33.81 23.62 63.41
CA TYR M 93 33.00 22.43 63.59
C TYR M 93 31.83 22.74 64.51
N TYR M 94 30.63 22.77 63.94
CA TYR M 94 29.39 22.96 64.68
C TYR M 94 28.71 21.62 64.96
N CYS M 95 27.98 21.57 66.08
CA CYS M 95 27.20 20.41 66.50
C CYS M 95 25.78 20.88 66.78
N ALA M 96 24.79 20.31 66.10
CA ALA M 96 23.44 20.84 66.13
C ALA M 96 22.43 19.73 66.40
N THR M 97 21.29 20.09 66.98
CA THR M 97 20.17 19.17 67.08
C THR M 97 19.33 19.23 65.81
N THR M 98 18.91 18.07 65.34
CA THR M 98 18.27 17.94 64.04
C THR M 98 16.85 17.39 64.20
N LYS M 99 15.92 17.92 63.40
CA LYS M 99 14.51 17.55 63.47
C LYS M 99 14.10 16.94 62.14
N HIS M 100 13.55 15.73 62.19
CA HIS M 100 13.10 15.05 60.99
C HIS M 100 11.81 15.68 60.46
N GLY M 101 11.55 15.44 59.18
CA GLY M 101 10.33 15.85 58.54
C GLY M 101 9.97 14.87 57.46
N ARG M 102 8.87 15.17 56.74
CA ARG M 102 8.47 14.33 55.62
C ARG M 102 7.75 15.22 54.60
N ARG M 103 8.36 15.37 53.43
CA ARG M 103 7.71 16.00 52.29
C ARG M 103 7.01 14.93 51.46
N ILE M 104 5.70 15.03 51.34
CA ILE M 104 4.88 14.08 50.59
C ILE M 104 4.42 14.78 49.31
N TYR M 105 4.67 14.15 48.16
CA TYR M 105 4.23 14.66 46.87
C TYR M 105 3.40 13.66 46.09
N GLY M 106 3.13 12.49 46.67
CA GLY M 106 2.49 11.41 45.95
C GLY M 106 2.04 10.38 46.96
N VAL M 107 1.53 9.26 46.44
CA VAL M 107 0.95 8.20 47.26
C VAL M 107 1.99 7.68 48.25
N VAL M 108 1.58 7.61 49.53
CA VAL M 108 2.47 7.13 50.59
C VAL M 108 2.79 5.66 50.41
N ALA M 109 1.81 4.87 49.93
CA ALA M 109 2.00 3.44 49.75
C ALA M 109 3.08 3.11 48.73
N PHE M 110 3.21 3.94 47.69
CA PHE M 110 4.24 3.81 46.67
C PHE M 110 5.55 4.47 47.07
N LYS M 111 5.65 4.93 48.32
CA LYS M 111 6.83 5.56 48.91
C LYS M 111 7.26 6.80 48.14
N GLU M 112 6.28 7.58 47.67
CA GLU M 112 6.53 8.84 46.97
C GLU M 112 6.69 10.00 47.94
N TRP M 113 7.63 9.84 48.88
CA TRP M 113 7.92 10.86 49.88
C TRP M 113 9.41 10.78 50.22
N PHE M 114 9.92 11.85 50.80
CA PHE M 114 11.29 11.85 51.28
C PHE M 114 11.37 12.57 52.61
N THR M 115 12.43 12.26 53.36
CA THR M 115 12.66 12.81 54.70
C THR M 115 13.67 13.94 54.60
N TYR M 116 13.29 15.12 55.09
CA TYR M 116 14.15 16.29 55.08
C TYR M 116 14.55 16.65 56.50
N PHE M 117 15.81 16.99 56.70
CA PHE M 117 16.36 17.29 58.01
C PHE M 117 16.71 18.77 58.09
N TYR M 118 16.33 19.41 59.19
CA TYR M 118 16.66 20.81 59.45
C TYR M 118 17.18 20.96 60.87
N MET M 119 18.31 21.66 61.01
CA MET M 119 18.99 21.84 62.29
C MET M 119 18.37 23.03 63.02
N ASP M 120 17.68 22.78 64.13
CA ASP M 120 16.97 23.86 64.81
C ASP M 120 17.89 24.66 65.72
N VAL M 121 18.68 23.99 66.56
CA VAL M 121 19.53 24.66 67.54
C VAL M 121 20.97 24.24 67.27
N TRP M 122 21.87 25.22 67.20
CA TRP M 122 23.27 25.02 66.87
C TRP M 122 24.16 25.39 68.04
N GLY M 123 25.33 24.75 68.09
CA GLY M 123 26.39 25.17 68.97
C GLY M 123 27.24 26.27 68.36
N LYS M 124 28.15 26.80 69.17
CA LYS M 124 29.00 27.89 68.70
C LYS M 124 30.02 27.40 67.69
N GLY M 125 30.70 26.30 68.02
CA GLY M 125 31.61 25.66 67.09
C GLY M 125 33.05 25.87 67.52
N THR M 126 33.91 24.91 67.16
CA THR M 126 35.33 25.00 67.48
C THR M 126 36.13 25.03 66.18
N SER M 127 37.07 25.97 66.09
CA SER M 127 37.96 26.05 64.94
C SER M 127 38.98 24.92 65.00
N VAL M 128 39.02 24.06 63.98
CA VAL M 128 39.97 22.97 63.91
C VAL M 128 40.91 23.26 62.75
N THR M 129 42.22 23.23 63.03
CA THR M 129 43.24 23.46 62.02
C THR M 129 44.14 22.24 61.94
N VAL M 130 44.48 21.85 60.71
CA VAL M 130 45.35 20.69 60.46
C VAL M 130 46.66 21.21 59.89
N SER M 131 47.74 21.00 60.63
CA SER M 131 49.06 21.49 60.23
C SER M 131 50.17 20.62 60.81
N THR N 1 27.79 35.79 45.63
CA THR N 1 26.74 36.76 45.32
C THR N 1 26.66 37.80 46.44
N PHE N 2 26.47 39.06 46.05
CA PHE N 2 26.36 40.16 47.01
C PHE N 2 25.08 40.94 46.71
N VAL N 3 24.26 41.14 47.75
CA VAL N 3 23.03 41.91 47.65
C VAL N 3 23.01 42.91 48.79
N SER N 4 22.86 44.19 48.46
CA SER N 4 22.82 45.28 49.44
C SER N 4 21.46 45.95 49.36
N VAL N 5 20.83 46.15 50.51
CA VAL N 5 19.48 46.70 50.57
C VAL N 5 19.46 47.80 51.64
N ALA N 6 18.62 48.80 51.41
CA ALA N 6 18.39 49.86 52.38
C ALA N 6 17.40 49.39 53.44
N PRO N 7 17.43 49.96 54.64
CA PRO N 7 16.42 49.59 55.65
C PRO N 7 15.03 50.01 55.24
N GLY N 8 14.05 49.18 55.58
CA GLY N 8 12.67 49.40 55.20
C GLY N 8 12.31 48.92 53.82
N GLN N 9 13.29 48.56 52.99
CA GLN N 9 13.06 48.03 51.66
C GLN N 9 12.86 46.51 51.71
N THR N 10 12.74 45.89 50.54
CA THR N 10 12.54 44.46 50.41
C THR N 10 13.77 43.85 49.75
N ALA N 11 14.24 42.72 50.27
CA ALA N 11 15.43 42.05 49.78
C ALA N 11 15.06 40.67 49.26
N ARG N 12 15.66 40.29 48.13
CA ARG N 12 15.46 38.98 47.53
C ARG N 12 16.79 38.24 47.51
N ILE N 13 16.80 37.02 48.04
CA ILE N 13 17.97 36.17 48.05
C ILE N 13 17.68 34.95 47.18
N THR N 14 18.42 34.80 46.09
CA THR N 14 18.25 33.68 45.18
C THR N 14 19.37 32.68 45.41
N CYS N 15 19.01 31.42 45.63
CA CYS N 15 19.96 30.38 45.97
C CYS N 15 19.60 29.10 45.22
N GLY N 16 20.64 28.35 44.86
CA GLY N 16 20.46 27.01 44.35
C GLY N 16 20.29 26.94 42.85
N GLU N 17 20.11 25.71 42.39
CA GLU N 17 19.87 25.42 40.99
C GLU N 17 18.37 25.34 40.74
N GLU N 18 18.01 25.25 39.46
CA GLU N 18 16.60 25.20 39.07
C GLU N 18 15.94 23.93 39.60
N SER N 19 14.71 24.08 40.07
CA SER N 19 13.96 22.98 40.65
C SER N 19 13.64 21.91 39.60
N LEU N 20 13.62 20.65 40.06
CA LEU N 20 13.24 19.53 39.21
C LEU N 20 11.94 18.90 39.66
N GLY N 21 11.86 18.48 40.92
CA GLY N 21 10.66 17.88 41.47
C GLY N 21 10.15 18.67 42.66
N SER N 22 9.36 18.02 43.52
CA SER N 22 8.88 18.68 44.73
C SER N 22 10.05 18.97 45.65
N ARG N 23 10.12 20.20 46.13
CA ARG N 23 11.31 20.72 46.78
C ARG N 23 11.00 21.13 48.21
N SER N 24 12.03 21.03 49.06
CA SER N 24 11.97 21.50 50.44
C SER N 24 13.28 22.22 50.70
N VAL N 25 13.22 23.55 50.78
CA VAL N 25 14.41 24.37 50.97
C VAL N 25 14.43 24.85 52.42
N ILE N 26 15.58 24.72 53.05
CA ILE N 26 15.77 25.10 54.45
C ILE N 26 16.82 26.20 54.49
N TRP N 27 16.40 27.40 54.89
CA TRP N 27 17.30 28.55 54.90
C TRP N 27 18.00 28.70 56.24
N TYR N 28 19.07 29.47 56.24
CA TYR N 28 19.92 29.64 57.42
C TYR N 28 20.41 31.08 57.47
N GLN N 29 21.06 31.43 58.58
CA GLN N 29 21.50 32.80 58.82
C GLN N 29 22.78 32.74 59.65
N GLN N 30 23.91 33.04 59.02
CA GLN N 30 25.19 33.13 59.73
C GLN N 30 25.54 34.61 59.81
N ARG N 31 25.28 35.22 60.96
CA ARG N 31 25.65 36.60 61.21
C ARG N 31 27.18 36.72 61.28
N PRO N 32 27.74 37.93 61.10
CA PRO N 32 29.21 38.10 61.20
C PRO N 32 29.75 37.69 62.57
N GLY N 33 30.66 36.72 62.54
CA GLY N 33 31.22 36.14 63.76
C GLY N 33 30.18 35.42 64.61
N GLN N 34 29.27 34.69 63.97
CA GLN N 34 28.22 33.96 64.65
C GLN N 34 28.02 32.61 63.98
N ALA N 35 27.39 31.70 64.71
CA ALA N 35 27.05 30.39 64.18
C ALA N 35 25.78 30.49 63.32
N PRO N 36 25.55 29.55 62.41
CA PRO N 36 24.29 29.52 61.66
C PRO N 36 23.09 29.30 62.57
N SER N 37 21.95 29.84 62.14
CA SER N 37 20.70 29.73 62.87
C SER N 37 19.58 29.53 61.87
N LEU N 38 18.67 28.62 62.21
CA LEU N 38 17.56 28.27 61.32
C LEU N 38 16.61 29.45 61.15
N ILE N 39 16.11 29.63 59.93
CA ILE N 39 15.18 30.70 59.59
C ILE N 39 13.87 30.14 59.04
N ILE N 40 13.95 29.30 58.02
CA ILE N 40 12.78 28.73 57.37
C ILE N 40 13.06 27.26 57.08
N TYR N 41 12.06 26.40 57.33
CA TYR N 41 12.08 25.01 56.91
C TYR N 41 10.76 24.69 56.23
N ASN N 42 10.80 23.75 55.27
CA ASN N 42 9.65 23.34 54.44
C ASN N 42 9.12 24.50 53.59
N ASN N 43 10.02 25.44 53.27
CA ASN N 43 9.89 26.61 52.38
C ASN N 43 9.01 27.73 52.92
N ASN N 44 8.18 27.50 53.94
CA ASN N 44 7.46 28.60 54.56
C ASN N 44 7.17 28.40 56.05
N ASP N 45 7.56 27.29 56.65
CA ASP N 45 7.20 27.01 58.05
C ASP N 45 8.33 27.49 58.94
N ARG N 46 8.21 28.71 59.46
CA ARG N 46 9.25 29.25 60.32
C ARG N 46 9.17 28.63 61.71
N PRO N 47 10.31 28.47 62.38
CA PRO N 47 10.29 28.12 63.80
C PRO N 47 9.73 29.25 64.65
N SER N 48 9.27 28.88 65.85
CA SER N 48 8.75 29.85 66.80
C SER N 48 9.86 30.82 67.20
N GLY N 49 9.52 32.11 67.22
CA GLY N 49 10.45 33.16 67.54
C GLY N 49 11.05 33.85 66.34
N ILE N 50 10.95 33.24 65.16
CA ILE N 50 11.45 33.85 63.94
C ILE N 50 10.39 34.84 63.43
N PRO N 51 10.78 36.06 63.03
CA PRO N 51 9.79 37.02 62.53
C PRO N 51 9.14 36.56 61.23
N ASP N 52 7.90 37.01 61.03
CA ASP N 52 7.12 36.62 59.86
C ASP N 52 7.48 37.38 58.59
N ARG N 53 8.37 38.37 58.66
CA ARG N 53 8.78 39.09 57.46
C ARG N 53 9.68 38.27 56.54
N PHE N 54 10.17 37.12 56.99
CA PHE N 54 10.87 36.19 56.11
C PHE N 54 9.85 35.30 55.42
N SER N 55 9.97 35.19 54.10
CA SER N 55 9.08 34.31 53.34
C SER N 55 9.89 33.63 52.26
N GLY N 56 9.42 32.47 51.82
CA GLY N 56 10.14 31.68 50.83
C GLY N 56 9.20 31.17 49.76
N SER N 57 9.77 30.95 48.59
CA SER N 57 9.01 30.46 47.46
C SER N 57 8.53 29.03 47.72
N PRO N 58 7.34 28.67 47.24
CA PRO N 58 6.83 27.32 47.47
C PRO N 58 7.65 26.26 46.74
N GLY N 59 7.65 25.06 47.34
CA GLY N 59 8.27 23.90 46.72
C GLY N 59 7.43 23.24 45.65
N SER N 60 6.15 23.60 45.57
CA SER N 60 5.24 23.02 44.58
C SER N 60 5.67 23.35 43.15
N THR N 61 6.04 24.60 42.89
CA THR N 61 6.42 25.03 41.55
C THR N 61 7.71 24.35 41.10
N PHE N 62 7.82 24.12 39.79
CA PHE N 62 8.94 23.43 39.20
C PHE N 62 9.71 24.36 38.27
N GLY N 63 11.01 24.11 38.16
CA GLY N 63 11.88 24.96 37.36
C GLY N 63 12.03 26.37 37.88
N THR N 64 12.21 26.53 39.19
CA THR N 64 12.42 27.83 39.82
C THR N 64 13.50 27.70 40.88
N THR N 65 14.41 28.67 40.91
CA THR N 65 15.44 28.73 41.91
C THR N 65 14.84 29.10 43.27
N ALA N 66 15.54 28.73 44.34
CA ALA N 66 15.05 29.01 45.68
C ALA N 66 15.14 30.51 45.96
N THR N 67 14.08 31.06 46.55
CA THR N 67 13.99 32.50 46.79
C THR N 67 13.61 32.73 48.24
N LEU N 68 14.31 33.66 48.90
CA LEU N 68 14.01 34.11 50.25
C LEU N 68 13.78 35.61 50.20
N THR N 69 12.53 36.03 50.41
CA THR N 69 12.17 37.43 50.39
C THR N 69 12.01 37.95 51.81
N ILE N 70 12.49 39.18 52.03
CA ILE N 70 12.44 39.84 53.33
C ILE N 70 11.81 41.21 53.12
N THR N 71 10.73 41.47 53.83
CA THR N 71 10.05 42.76 53.80
C THR N 71 10.47 43.55 55.03
N SER N 72 10.68 44.86 54.83
CA SER N 72 11.11 45.82 55.85
C SER N 72 12.36 45.34 56.60
N VAL N 73 13.45 45.27 55.82
CA VAL N 73 14.72 44.74 56.31
C VAL N 73 15.26 45.62 57.42
N GLU N 74 15.60 44.99 58.55
CA GLU N 74 16.18 45.66 59.70
C GLU N 74 17.70 45.46 59.68
N ALA N 75 18.37 46.08 60.66
CA ALA N 75 19.83 46.04 60.72
C ALA N 75 20.36 44.64 61.02
N GLY N 76 19.59 43.82 61.73
CA GLY N 76 20.07 42.51 62.14
C GLY N 76 20.17 41.49 61.02
N ASP N 77 19.51 41.74 59.88
CA ASP N 77 19.47 40.77 58.80
C ASP N 77 20.75 40.70 57.99
N GLU N 78 21.72 41.58 58.25
CA GLU N 78 23.02 41.54 57.56
C GLU N 78 23.72 40.25 57.93
N ALA N 79 23.79 39.29 57.00
CA ALA N 79 24.31 37.95 57.27
C ALA N 79 24.48 37.19 55.97
N ASP N 80 25.09 36.02 56.09
CA ASP N 80 25.27 35.08 54.98
C ASP N 80 24.09 34.10 54.99
N TYR N 81 23.24 34.19 53.97
CA TYR N 81 22.03 33.39 53.90
C TYR N 81 22.28 32.20 52.98
N TYR N 82 22.46 31.03 53.57
CA TYR N 82 22.59 29.79 52.81
C TYR N 82 21.23 29.13 52.64
N CYS N 83 21.20 28.06 51.84
CA CYS N 83 19.97 27.31 51.61
C CYS N 83 20.32 25.86 51.33
N HIS N 84 19.73 24.96 52.11
CA HIS N 84 19.90 23.53 51.97
C HIS N 84 18.68 22.99 51.23
N ILE N 85 18.90 22.46 50.03
CA ILE N 85 17.82 22.09 49.13
C ILE N 85 17.66 20.58 49.17
N TRP N 86 16.42 20.13 49.40
CA TRP N 86 16.06 18.73 49.24
C TRP N 86 15.13 18.64 48.04
N ASP N 87 15.53 17.87 47.04
CA ASP N 87 14.76 17.70 45.82
C ASP N 87 14.42 16.23 45.66
N SER N 88 13.18 15.96 45.25
CA SER N 88 12.73 14.59 45.07
C SER N 88 13.51 13.91 43.94
N ARG N 89 13.77 14.62 42.86
CA ARG N 89 14.51 14.08 41.72
C ARG N 89 15.99 14.47 41.77
N ARG N 90 16.62 14.28 42.93
CA ARG N 90 18.06 14.52 43.12
C ARG N 90 18.51 13.70 44.31
N PRO N 91 19.80 13.34 44.38
CA PRO N 91 20.32 12.71 45.60
C PRO N 91 20.35 13.69 46.76
N THR N 92 20.68 13.15 47.94
CA THR N 92 20.77 13.95 49.15
C THR N 92 21.84 15.01 49.04
N ASN N 93 21.44 16.28 49.18
CA ASN N 93 22.43 17.34 49.29
C ASN N 93 23.19 17.19 50.59
N TRP N 94 24.51 17.28 50.52
CA TRP N 94 25.35 17.19 51.69
C TRP N 94 26.22 18.41 51.88
N VAL N 95 26.25 19.33 50.92
CA VAL N 95 26.91 20.62 51.04
C VAL N 95 25.85 21.70 50.90
N PHE N 96 25.84 22.63 51.84
CA PHE N 96 24.91 23.74 51.82
C PHE N 96 25.12 24.58 50.56
N GLY N 97 24.02 25.07 49.99
CA GLY N 97 24.11 25.95 48.85
C GLY N 97 24.84 27.24 49.18
N GLU N 98 25.52 27.79 48.17
CA GLU N 98 26.29 29.02 48.31
C GLU N 98 25.37 30.19 48.65
N GLY N 99 25.50 30.71 49.87
CA GLY N 99 24.60 31.74 50.33
C GLY N 99 24.95 33.11 49.81
N THR N 100 23.99 34.01 49.98
CA THR N 100 24.12 35.40 49.55
C THR N 100 24.43 36.26 50.78
N THR N 101 25.35 37.21 50.62
CA THR N 101 25.77 38.07 51.72
C THR N 101 24.90 39.32 51.71
N LEU N 102 23.88 39.33 52.56
CA LEU N 102 23.04 40.51 52.70
C LEU N 102 23.71 41.50 53.64
N ILE N 103 23.80 42.75 53.20
CA ILE N 103 24.39 43.84 53.97
C ILE N 103 23.46 45.03 53.90
N VAL N 104 23.02 45.50 55.07
CA VAL N 104 22.11 46.64 55.17
C VAL N 104 22.94 47.91 55.25
N LEU N 105 22.46 48.96 54.57
CA LEU N 105 23.18 50.22 54.51
C LEU N 105 23.31 50.88 55.89
N SER N 106 22.24 50.85 56.68
CA SER N 106 22.25 51.42 58.02
C SER N 106 23.16 50.64 58.96
N GLN O 1 -8.20 23.92 23.56
CA GLN O 1 -9.26 24.67 22.90
C GLN O 1 -8.67 25.72 21.95
N VAL O 2 -9.55 26.48 21.31
CA VAL O 2 -9.14 27.51 20.35
C VAL O 2 -8.43 28.62 21.10
N GLN O 3 -7.26 29.02 20.59
CA GLN O 3 -6.47 30.05 21.23
C GLN O 3 -5.61 30.77 20.19
N LEU O 4 -5.43 32.07 20.39
CA LEU O 4 -4.63 32.93 19.50
C LEU O 4 -3.76 33.80 20.40
N LEU O 5 -2.55 33.30 20.70
CA LEU O 5 -1.66 33.99 21.62
C LEU O 5 -0.85 35.05 20.88
N GLN O 6 -0.90 36.27 21.38
CA GLN O 6 -0.15 37.36 20.78
C GLN O 6 1.24 37.46 21.43
N SER O 7 2.05 38.38 20.92
CA SER O 7 3.38 38.64 21.45
C SER O 7 3.34 39.79 22.44
N GLY O 8 4.50 40.10 23.00
CA GLY O 8 4.60 41.20 23.94
C GLY O 8 4.57 42.55 23.26
N ALA O 9 4.40 43.59 24.09
CA ALA O 9 4.37 44.95 23.59
C ALA O 9 5.72 45.34 23.00
N ALA O 10 5.68 46.14 21.93
CA ALA O 10 6.88 46.56 21.23
C ALA O 10 7.01 48.07 21.25
N VAL O 11 8.24 48.55 21.31
CA VAL O 11 8.56 49.96 21.22
C VAL O 11 9.57 50.13 20.09
N THR O 12 9.26 50.99 19.13
CA THR O 12 10.08 51.20 17.95
C THR O 12 10.23 52.68 17.68
N LYS O 13 11.30 53.04 16.97
CA LYS O 13 11.52 54.42 16.59
C LYS O 13 10.66 54.75 15.37
N PRO O 14 10.37 56.04 15.14
CA PRO O 14 9.69 56.41 13.88
C PRO O 14 10.54 56.08 12.67
N GLY O 15 9.87 55.61 11.61
CA GLY O 15 10.55 55.19 10.41
C GLY O 15 11.13 53.80 10.44
N ALA O 16 11.06 53.11 11.58
CA ALA O 16 11.57 51.75 11.70
C ALA O 16 10.49 50.76 11.24
N SER O 17 10.77 49.47 11.41
CA SER O 17 9.85 48.41 11.03
C SER O 17 9.51 47.57 12.25
N VAL O 18 8.21 47.37 12.48
CA VAL O 18 7.74 46.58 13.62
C VAL O 18 7.05 45.32 13.09
N ARG O 19 7.13 44.25 13.88
CA ARG O 19 6.49 42.99 13.57
C ARG O 19 5.71 42.54 14.79
N VAL O 20 4.44 42.19 14.59
CA VAL O 20 3.61 41.61 15.64
C VAL O 20 3.21 40.19 15.22
N SER O 21 3.27 39.26 16.16
CA SER O 21 3.06 37.85 15.90
C SER O 21 1.79 37.37 16.59
N CYS O 22 1.18 36.33 16.02
CA CYS O 22 -0.05 35.76 16.57
C CYS O 22 -0.03 34.27 16.31
N GLU O 23 0.23 33.48 17.34
CA GLU O 23 0.27 32.02 17.23
C GLU O 23 -1.13 31.48 17.44
N ALA O 24 -1.69 30.87 16.39
CA ALA O 24 -3.03 30.30 16.43
C ALA O 24 -2.93 28.80 16.59
N SER O 25 -3.72 28.24 17.51
CA SER O 25 -3.71 26.80 17.73
C SER O 25 -5.05 26.38 18.32
N GLY O 26 -5.31 25.08 18.25
CA GLY O 26 -6.48 24.49 18.87
C GLY O 26 -7.64 24.20 17.94
N TYR O 27 -7.48 24.39 16.64
CA TYR O 27 -8.56 24.17 15.67
C TYR O 27 -7.94 24.01 14.29
N ASN O 28 -8.81 23.79 13.31
CA ASN O 28 -8.41 23.70 11.90
C ASN O 28 -8.17 25.12 11.40
N ILE O 29 -6.91 25.56 11.48
CA ILE O 29 -6.57 26.95 11.16
C ILE O 29 -6.76 27.24 9.67
N ARG O 30 -6.61 26.22 8.81
CA ARG O 30 -6.64 26.44 7.36
C ARG O 30 -8.00 26.84 6.82
N ASP O 31 -9.08 26.66 7.59
CA ASP O 31 -10.41 26.87 7.05
C ASP O 31 -10.95 28.28 7.29
N TYR O 32 -10.41 29.01 8.26
CA TYR O 32 -10.96 30.30 8.68
C TYR O 32 -9.93 31.39 8.43
N PHE O 33 -10.37 32.46 7.76
CA PHE O 33 -9.53 33.62 7.52
C PHE O 33 -9.13 34.28 8.84
N ILE O 34 -7.92 34.82 8.90
CA ILE O 34 -7.41 35.46 10.10
C ILE O 34 -7.27 36.96 9.83
N HIS O 35 -8.18 37.74 10.38
CA HIS O 35 -8.19 39.18 10.14
C HIS O 35 -7.36 39.87 11.21
N TRP O 36 -6.82 41.02 10.85
CA TRP O 36 -6.03 41.86 11.75
C TRP O 36 -6.76 43.17 11.92
N TRP O 37 -6.98 43.57 13.17
CA TRP O 37 -7.63 44.82 13.53
C TRP O 37 -6.67 45.66 14.37
N ARG O 38 -6.93 46.97 14.38
CA ARG O 38 -6.04 47.95 15.00
C ARG O 38 -6.88 48.95 15.77
N GLN O 39 -6.84 48.86 17.10
CA GLN O 39 -7.55 49.79 17.95
C GLN O 39 -6.61 50.91 18.38
N ALA O 40 -6.92 52.14 17.96
CA ALA O 40 -6.21 53.31 18.43
C ALA O 40 -6.65 53.61 19.87
N PRO O 41 -5.84 54.37 20.68
CA PRO O 41 -6.23 54.57 22.08
C PRO O 41 -7.44 55.50 22.23
N GLY O 42 -8.57 54.90 22.59
CA GLY O 42 -9.80 55.63 22.80
C GLY O 42 -10.71 55.72 21.59
N GLN O 43 -10.17 55.49 20.40
CA GLN O 43 -10.96 55.55 19.17
C GLN O 43 -11.51 54.16 18.84
N GLY O 44 -12.27 54.08 17.75
CA GLY O 44 -12.87 52.84 17.32
C GLY O 44 -11.87 51.93 16.62
N LEU O 45 -12.34 50.72 16.33
CA LEU O 45 -11.50 49.73 15.66
C LEU O 45 -11.29 50.10 14.19
N GLN O 46 -10.13 49.73 13.66
CA GLN O 46 -9.79 49.87 12.26
C GLN O 46 -9.42 48.51 11.70
N TRP O 47 -9.53 48.37 10.39
CA TRP O 47 -9.34 47.09 9.72
C TRP O 47 -7.99 47.08 9.02
N VAL O 48 -7.00 46.44 9.65
CA VAL O 48 -5.70 46.28 9.00
C VAL O 48 -5.80 45.36 7.80
N GLY O 49 -6.44 44.21 7.96
CA GLY O 49 -6.68 43.38 6.79
C GLY O 49 -6.67 41.91 7.12
N TRP O 50 -7.17 41.12 6.18
CA TRP O 50 -7.27 39.68 6.40
C TRP O 50 -6.19 38.92 5.66
N ILE O 51 -5.90 37.70 6.14
CA ILE O 51 -4.98 36.80 5.46
C ILE O 51 -5.61 35.41 5.46
N ASN O 52 -5.56 34.76 4.29
CA ASN O 52 -5.93 33.37 4.12
C ASN O 52 -4.81 32.49 4.66
N PRO O 53 -5.10 31.52 5.53
CA PRO O 53 -4.04 30.61 5.99
C PRO O 53 -3.72 29.51 4.99
N LYS O 54 -4.58 29.25 4.01
CA LYS O 54 -4.29 28.22 3.03
C LYS O 54 -3.34 28.71 1.96
N THR O 55 -3.54 29.93 1.46
CA THR O 55 -2.78 30.47 0.34
C THR O 55 -1.84 31.62 0.71
N GLY O 56 -1.99 32.20 1.89
CA GLY O 56 -1.18 33.32 2.33
C GLY O 56 -1.53 34.66 1.72
N GLN O 57 -2.59 34.74 0.94
CA GLN O 57 -2.98 35.98 0.26
C GLN O 57 -3.59 36.98 1.24
N PRO O 58 -3.01 38.16 1.42
CA PRO O 58 -3.61 39.16 2.30
C PRO O 58 -4.47 40.14 1.52
N ASN O 59 -5.26 40.90 2.26
CA ASN O 59 -6.13 41.91 1.70
C ASN O 59 -6.16 43.05 2.71
N ASN O 60 -5.69 44.21 2.29
CA ASN O 60 -5.54 45.40 3.11
C ASN O 60 -6.15 46.58 2.38
N PRO O 61 -6.58 47.63 3.11
CA PRO O 61 -7.16 48.81 2.45
C PRO O 61 -6.14 49.63 1.65
N ARG O 62 -6.62 50.71 1.04
CA ARG O 62 -5.74 51.65 0.36
C ARG O 62 -4.82 52.36 1.35
N GLN O 63 -5.32 52.63 2.56
CA GLN O 63 -4.55 53.34 3.57
C GLN O 63 -3.30 52.54 3.98
N PHE O 64 -3.46 51.24 4.22
CA PHE O 64 -2.36 50.41 4.67
C PHE O 64 -1.59 49.76 3.52
N GLN O 65 -1.96 50.05 2.27
CA GLN O 65 -1.26 49.46 1.13
C GLN O 65 0.13 50.06 0.98
N GLY O 66 1.13 49.20 0.82
CA GLY O 66 2.50 49.60 0.67
C GLY O 66 3.32 49.59 1.94
N ARG O 67 2.67 49.57 3.10
CA ARG O 67 3.37 49.53 4.39
C ARG O 67 3.14 48.22 5.12
N VAL O 68 1.88 47.84 5.36
CA VAL O 68 1.59 46.61 6.09
C VAL O 68 1.91 45.41 5.21
N SER O 69 2.21 44.29 5.86
CA SER O 69 2.46 43.02 5.16
C SER O 69 2.03 41.89 6.08
N LEU O 70 1.02 41.15 5.68
CA LEU O 70 0.51 40.01 6.45
C LEU O 70 1.10 38.74 5.87
N THR O 71 1.86 38.01 6.68
CA THR O 71 2.42 36.73 6.31
C THR O 71 1.93 35.67 7.26
N ARG O 72 2.03 34.41 6.84
CA ARG O 72 1.66 33.29 7.68
C ARG O 72 2.72 32.21 7.53
N HIS O 73 3.03 31.55 8.63
CA HIS O 73 3.97 30.45 8.64
C HIS O 73 3.32 29.27 9.34
N ALA O 74 3.21 28.15 8.64
CA ALA O 74 2.69 26.92 9.23
C ALA O 74 3.87 26.09 9.67
N SER O 75 4.07 26.00 10.99
CA SER O 75 5.13 25.20 11.55
C SER O 75 4.92 23.72 11.22
N TRP O 76 6.02 23.02 10.96
CA TRP O 76 5.97 21.60 10.63
C TRP O 76 5.46 20.82 11.85
N ASP O 77 4.89 19.64 11.56
CA ASP O 77 3.97 18.76 12.30
C ASP O 77 2.53 19.26 12.20
N PHE O 78 2.29 20.44 11.60
CA PHE O 78 0.96 21.08 11.47
C PHE O 78 0.31 21.24 12.85
N ASP O 79 1.12 21.62 13.84
CA ASP O 79 0.62 21.73 15.20
C ASP O 79 0.15 23.14 15.55
N THR O 80 0.72 24.17 14.92
CA THR O 80 0.39 25.57 15.20
C THR O 80 0.54 26.37 13.92
N TYR O 81 -0.04 27.57 13.93
CA TYR O 81 0.17 28.56 12.88
C TYR O 81 0.73 29.82 13.52
N SER O 82 1.46 30.61 12.73
CA SER O 82 2.00 31.87 13.21
C SER O 82 1.73 32.93 12.16
N PHE O 83 0.83 33.86 12.46
CA PHE O 83 0.47 34.95 11.57
C PHE O 83 1.23 36.19 11.99
N TYR O 84 1.99 36.76 11.07
CA TYR O 84 2.82 37.93 11.35
C TYR O 84 2.28 39.13 10.58
N MET O 85 2.28 40.28 11.24
CA MET O 85 1.97 41.55 10.61
C MET O 85 3.20 42.45 10.73
N ASP O 86 3.72 42.90 9.59
CA ASP O 86 4.89 43.76 9.55
C ASP O 86 4.48 45.15 9.06
N LEU O 87 4.79 46.16 9.84
CA LEU O 87 4.63 47.55 9.43
C LEU O 87 5.99 48.15 9.14
N LYS O 88 6.10 48.84 8.00
CA LYS O 88 7.38 49.22 7.42
C LYS O 88 7.74 50.68 7.64
N ALA O 89 6.79 51.59 7.46
CA ALA O 89 7.09 53.02 7.45
C ALA O 89 6.34 53.75 8.56
N LEU O 90 6.48 53.25 9.81
CA LEU O 90 5.73 53.73 10.97
C LEU O 90 5.84 55.23 11.19
N ARG O 91 4.80 55.78 11.80
CA ARG O 91 4.71 57.20 12.12
C ARG O 91 3.89 57.33 13.40
N SER O 92 3.56 58.57 13.78
CA SER O 92 2.89 58.85 15.05
C SER O 92 1.50 58.24 15.15
N ASP O 93 0.87 57.93 14.02
CA ASP O 93 -0.50 57.42 14.02
C ASP O 93 -0.61 55.94 14.34
N ASP O 94 0.52 55.22 14.37
CA ASP O 94 0.50 53.77 14.55
C ASP O 94 0.58 53.33 16.00
N THR O 95 0.56 54.27 16.96
CA THR O 95 0.47 53.90 18.38
C THR O 95 -0.90 53.26 18.61
N ALA O 96 -0.94 51.94 18.79
CA ALA O 96 -2.22 51.24 18.81
C ALA O 96 -2.04 49.81 19.30
N VAL O 97 -3.18 49.16 19.57
CA VAL O 97 -3.24 47.76 19.96
C VAL O 97 -3.72 46.93 18.78
N TYR O 98 -2.95 45.92 18.41
CA TYR O 98 -3.26 45.06 17.26
C TYR O 98 -3.82 43.72 17.72
N PHE O 99 -4.99 43.37 17.20
CA PHE O 99 -5.69 42.13 17.49
C PHE O 99 -5.74 41.22 16.26
N CYS O 100 -5.63 39.92 16.48
CA CYS O 100 -5.79 38.92 15.43
C CYS O 100 -7.07 38.14 15.72
N ALA O 101 -8.03 38.22 14.81
CA ALA O 101 -9.37 37.71 15.03
C ALA O 101 -9.70 36.62 14.02
N ARG O 102 -10.39 35.58 14.47
CA ARG O 102 -10.75 34.45 13.61
C ARG O 102 -12.15 34.67 13.04
N GLN O 103 -12.23 34.86 11.73
CA GLN O 103 -13.51 35.00 11.04
C GLN O 103 -14.11 33.61 10.82
N ARG O 104 -15.10 33.26 11.64
CA ARG O 104 -15.68 31.92 11.58
C ARG O 104 -16.50 31.70 10.31
N SER O 105 -17.38 32.64 9.98
CA SER O 105 -18.38 32.43 8.95
C SER O 105 -18.41 33.64 8.01
N ASP O 106 -19.31 33.59 7.02
CA ASP O 106 -19.48 34.67 6.05
C ASP O 106 -20.11 35.91 6.65
N TYR O 107 -20.63 35.84 7.88
CA TYR O 107 -21.14 37.02 8.58
C TYR O 107 -20.02 37.91 9.11
N TRP O 108 -18.75 37.48 9.01
CA TRP O 108 -17.59 38.11 9.66
C TRP O 108 -17.79 38.17 11.17
N ASP O 109 -18.29 37.07 11.72
CA ASP O 109 -18.53 36.92 13.16
C ASP O 109 -17.31 36.39 13.91
N PHE O 110 -16.40 37.33 14.19
CA PHE O 110 -15.17 37.07 14.91
C PHE O 110 -15.47 36.64 16.35
N ASP O 111 -15.29 35.35 16.64
CA ASP O 111 -15.56 34.83 17.97
C ASP O 111 -14.31 34.70 18.85
N VAL O 112 -13.13 34.58 18.26
CA VAL O 112 -11.88 34.49 19.01
C VAL O 112 -10.99 35.64 18.57
N TRP O 113 -10.40 36.33 19.54
CA TRP O 113 -9.48 37.43 19.30
C TRP O 113 -8.21 37.20 20.08
N GLY O 114 -7.13 37.87 19.66
CA GLY O 114 -5.88 37.80 20.36
C GLY O 114 -5.86 38.68 21.58
N SER O 115 -4.77 38.55 22.36
CA SER O 115 -4.62 39.36 23.56
C SER O 115 -4.49 40.85 23.23
N GLY O 116 -3.75 41.18 22.17
CA GLY O 116 -3.59 42.55 21.77
C GLY O 116 -2.19 43.07 22.00
N THR O 117 -1.43 43.30 20.93
CA THR O 117 -0.06 43.81 21.05
C THR O 117 -0.09 45.34 20.96
N GLN O 118 0.27 46.01 22.04
CA GLN O 118 0.36 47.46 22.05
C GLN O 118 1.72 47.88 21.50
N VAL O 119 1.72 48.67 20.43
CA VAL O 119 2.95 49.26 19.91
C VAL O 119 2.85 50.77 20.02
N THR O 120 3.96 51.40 20.40
CA THR O 120 4.04 52.84 20.54
C THR O 120 5.33 53.29 19.87
N VAL O 121 5.23 54.26 18.96
CA VAL O 121 6.40 54.75 18.25
C VAL O 121 7.16 55.75 19.11
N ASP P 1 -22.56 50.44 -1.24
CA ASP P 1 -21.57 50.64 -0.18
C ASP P 1 -22.15 50.33 1.19
N ILE P 2 -21.35 50.51 2.23
CA ILE P 2 -21.77 50.28 3.61
C ILE P 2 -22.01 51.63 4.28
N GLN P 3 -23.21 51.80 4.83
CA GLN P 3 -23.55 52.97 5.64
C GLN P 3 -23.80 52.52 7.07
N MET P 4 -23.18 53.18 8.02
CA MET P 4 -23.32 52.85 9.44
C MET P 4 -23.69 54.09 10.23
N THR P 5 -24.65 53.96 11.15
CA THR P 5 -25.00 55.05 12.06
C THR P 5 -25.36 54.43 13.41
N GLN P 6 -24.78 54.98 14.48
CA GLN P 6 -24.93 54.38 15.80
C GLN P 6 -25.59 55.41 16.73
N SER P 7 -25.96 54.96 17.93
CA SER P 7 -26.56 55.76 18.98
C SER P 7 -25.50 56.64 19.64
N PRO P 8 -25.90 57.70 20.39
CA PRO P 8 -24.91 58.64 20.96
C PRO P 8 -23.91 57.95 21.87
N SER P 9 -22.65 58.40 21.78
CA SER P 9 -21.47 57.81 22.44
C SER P 9 -21.60 57.45 23.92
N SER P 10 -22.56 57.98 24.68
CA SER P 10 -22.62 57.67 26.10
C SER P 10 -24.05 57.73 26.61
N LEU P 11 -24.54 56.59 27.09
CA LEU P 11 -25.83 56.46 27.76
C LEU P 11 -25.60 56.00 29.19
N SER P 12 -26.24 56.64 30.15
CA SER P 12 -26.16 56.26 31.55
C SER P 12 -27.41 55.47 31.92
N ALA P 13 -27.23 54.27 32.44
CA ALA P 13 -28.34 53.42 32.84
C ALA P 13 -28.01 52.70 34.14
N SER P 14 -28.99 52.66 35.05
CA SER P 14 -28.82 52.05 36.35
C SER P 14 -29.02 50.54 36.29
N VAL P 15 -28.63 49.86 37.37
CA VAL P 15 -28.81 48.42 37.49
C VAL P 15 -30.30 48.08 37.52
N GLY P 16 -30.68 47.05 36.78
CA GLY P 16 -32.07 46.68 36.64
C GLY P 16 -32.83 47.37 35.53
N ASP P 17 -32.21 48.31 34.83
CA ASP P 17 -32.86 49.04 33.76
C ASP P 17 -32.48 48.40 32.42
N THR P 18 -33.36 48.56 31.43
CA THR P 18 -33.14 48.03 30.10
C THR P 18 -32.76 49.16 29.15
N VAL P 19 -31.66 48.99 28.42
CA VAL P 19 -31.15 49.99 27.50
C VAL P 19 -31.05 49.33 26.12
N THR P 20 -31.36 50.09 25.07
CA THR P 20 -31.27 49.63 23.69
C THR P 20 -30.36 50.60 22.93
N ILE P 21 -29.31 50.05 22.32
CA ILE P 21 -28.38 50.79 21.50
C ILE P 21 -28.69 50.44 20.05
N THR P 22 -29.31 51.37 19.32
CA THR P 22 -29.73 51.11 17.95
C THR P 22 -28.61 51.47 16.97
N CYS P 23 -28.44 50.62 15.96
CA CYS P 23 -27.42 50.82 14.94
C CYS P 23 -28.04 50.51 13.59
N GLN P 24 -28.17 51.53 12.75
CA GLN P 24 -28.71 51.37 11.41
C GLN P 24 -27.55 51.07 10.46
N ALA P 25 -27.66 49.94 9.75
CA ALA P 25 -26.61 49.51 8.84
C ALA P 25 -27.18 48.65 7.73
N ASN P 26 -26.44 48.57 6.64
CA ASN P 26 -26.75 47.70 5.51
C ASN P 26 -25.71 46.58 5.47
N GLY P 27 -26.14 45.35 5.67
CA GLY P 27 -25.25 44.21 5.73
C GLY P 27 -25.41 43.43 7.02
N TYR P 28 -24.74 42.28 7.05
CA TYR P 28 -24.72 41.43 8.24
C TYR P 28 -24.09 42.16 9.41
N LEU P 29 -24.84 42.32 10.49
CA LEU P 29 -24.41 43.10 11.65
C LEU P 29 -24.16 42.19 12.83
N ASN P 30 -23.04 42.43 13.52
CA ASN P 30 -22.61 41.68 14.68
C ASN P 30 -22.36 42.64 15.84
N TRP P 31 -22.77 42.24 17.03
CA TRP P 31 -22.61 43.05 18.23
C TRP P 31 -21.50 42.52 19.10
N TYR P 32 -20.60 43.42 19.52
CA TYR P 32 -19.41 43.12 20.30
C TYR P 32 -19.39 43.95 21.57
N GLN P 33 -18.80 43.34 22.61
CA GLN P 33 -18.54 44.01 23.89
C GLN P 33 -17.04 44.07 24.10
N GLN P 34 -16.52 45.28 24.23
CA GLN P 34 -15.10 45.52 24.52
C GLN P 34 -15.00 46.09 25.93
N ARG P 35 -14.20 45.44 26.77
CA ARG P 35 -14.15 45.75 28.20
C ARG P 35 -12.77 46.30 28.55
N ARG P 36 -12.65 47.64 28.51
CA ARG P 36 -11.54 48.40 29.10
C ARG P 36 -10.18 47.99 28.49
N GLY P 37 -10.08 48.14 27.18
CA GLY P 37 -8.86 47.87 26.47
C GLY P 37 -8.61 46.42 26.12
N LYS P 38 -9.38 45.49 26.69
CA LYS P 38 -9.26 44.08 26.34
C LYS P 38 -9.88 43.82 24.97
N ALA P 39 -9.64 42.62 24.46
CA ALA P 39 -10.15 42.25 23.14
C ALA P 39 -11.67 42.14 23.17
N PRO P 40 -12.34 42.49 22.07
CA PRO P 40 -13.79 42.33 21.98
C PRO P 40 -14.23 40.87 22.06
N LYS P 41 -15.48 40.69 22.46
CA LYS P 41 -16.10 39.38 22.61
C LYS P 41 -17.44 39.41 21.87
N LEU P 42 -17.71 38.35 21.11
CA LEU P 42 -18.89 38.32 20.25
C LEU P 42 -20.13 38.04 21.09
N LEU P 43 -20.95 39.08 21.29
CA LEU P 43 -22.26 38.89 21.88
C LEU P 43 -23.25 38.33 20.86
N ILE P 44 -23.44 39.06 19.76
CA ILE P 44 -24.48 38.70 18.78
C ILE P 44 -23.83 38.48 17.43
N TYR P 45 -24.05 37.29 16.87
CA TYR P 45 -23.64 36.96 15.51
C TYR P 45 -24.88 36.93 14.63
N ASP P 46 -24.79 37.61 13.48
CA ASP P 46 -25.86 37.86 12.50
C ASP P 46 -26.88 38.77 13.22
N GLY P 47 -28.05 39.03 12.64
CA GLY P 47 -28.98 40.01 13.20
C GLY P 47 -29.54 39.64 14.56
N SER P 48 -30.17 38.48 14.66
CA SER P 48 -30.72 38.00 15.92
C SER P 48 -30.35 36.52 16.08
N LYS P 49 -29.16 36.27 16.61
CA LYS P 49 -28.72 34.93 17.00
C LYS P 49 -27.64 35.05 18.06
N LEU P 50 -27.69 34.16 19.04
CA LEU P 50 -26.87 34.27 20.24
C LEU P 50 -25.63 33.39 20.13
N GLU P 51 -24.46 33.96 20.43
CA GLU P 51 -23.23 33.21 20.48
C GLU P 51 -23.27 32.25 21.67
N ARG P 52 -22.61 31.09 21.52
CA ARG P 52 -22.57 30.10 22.58
C ARG P 52 -21.75 30.62 23.76
N GLY P 53 -22.26 30.41 24.97
CA GLY P 53 -21.60 30.85 26.18
C GLY P 53 -21.91 32.27 26.60
N VAL P 54 -22.63 33.03 25.78
CA VAL P 54 -23.00 34.40 26.09
C VAL P 54 -24.18 34.32 27.06
N PRO P 55 -24.32 35.26 28.00
CA PRO P 55 -25.51 35.28 28.88
C PRO P 55 -26.81 35.42 28.10
N SER P 56 -27.84 34.72 28.59
CA SER P 56 -29.15 34.69 27.94
C SER P 56 -29.86 36.04 27.94
N ARG P 57 -29.49 36.94 28.85
CA ARG P 57 -30.06 38.29 28.87
C ARG P 57 -29.82 39.04 27.56
N PHE P 58 -28.63 38.87 26.98
CA PHE P 58 -28.29 39.49 25.70
C PHE P 58 -29.20 38.97 24.59
N SER P 59 -29.69 39.89 23.76
CA SER P 59 -30.61 39.57 22.68
C SER P 59 -30.64 40.73 21.70
N GLY P 60 -31.14 40.45 20.50
CA GLY P 60 -31.26 41.47 19.48
C GLY P 60 -32.48 41.21 18.62
N ARG P 61 -32.90 42.25 17.92
CA ARG P 61 -34.00 42.13 16.96
C ARG P 61 -33.73 43.04 15.77
N ARG P 62 -34.00 42.52 14.58
CA ARG P 62 -33.80 43.26 13.33
C ARG P 62 -35.15 43.54 12.69
N TRP P 63 -35.45 44.82 12.49
CA TRP P 63 -36.58 45.22 11.67
C TRP P 63 -36.13 46.38 10.77
N GLY P 64 -36.37 46.25 9.47
CA GLY P 64 -35.88 47.23 8.53
C GLY P 64 -34.37 47.24 8.48
N GLN P 65 -33.76 48.34 8.93
CA GLN P 65 -32.31 48.46 8.95
C GLN P 65 -31.76 48.60 10.36
N GLU P 66 -32.61 48.68 11.38
CA GLU P 66 -32.19 48.99 12.74
C GLU P 66 -32.11 47.72 13.58
N TYR P 67 -31.08 47.64 14.41
CA TYR P 67 -30.84 46.53 15.32
C TYR P 67 -30.71 47.10 16.72
N ASN P 68 -31.56 46.63 17.64
CA ASN P 68 -31.74 47.36 18.90
C ASN P 68 -30.81 46.90 20.02
N LEU P 69 -30.43 45.61 20.05
CA LEU P 69 -29.63 45.01 21.14
C LEU P 69 -30.32 45.22 22.49
N THR P 70 -31.47 44.56 22.63
CA THR P 70 -32.18 44.59 23.90
C THR P 70 -31.40 43.79 24.95
N ILE P 71 -31.08 44.44 26.07
CA ILE P 71 -30.46 43.79 27.22
C ILE P 71 -31.37 43.91 28.42
N ASN P 72 -31.72 42.77 29.01
CA ASN P 72 -32.63 42.72 30.15
C ASN P 72 -31.80 42.49 31.41
N ASN P 73 -32.19 43.20 32.49
CA ASN P 73 -31.58 43.09 33.82
C ASN P 73 -30.07 43.39 33.73
N LEU P 74 -29.80 44.67 33.49
CA LEU P 74 -28.43 45.15 33.43
C LEU P 74 -27.77 44.99 34.80
N GLN P 75 -26.49 44.65 34.79
CA GLN P 75 -25.69 44.34 35.98
C GLN P 75 -24.39 45.14 35.94
N PRO P 76 -23.68 45.27 37.07
CA PRO P 76 -22.40 46.01 37.06
C PRO P 76 -21.31 45.43 36.15
N GLU P 77 -21.34 44.14 35.84
CA GLU P 77 -20.28 43.60 35.00
C GLU P 77 -20.48 43.98 33.54
N ASP P 78 -21.74 44.06 33.09
CA ASP P 78 -22.07 44.37 31.70
C ASP P 78 -21.67 45.78 31.28
N ILE P 79 -21.36 46.66 32.22
CA ILE P 79 -20.99 48.04 31.92
C ILE P 79 -19.64 48.04 31.22
N ALA P 80 -19.64 48.29 29.91
CA ALA P 80 -18.45 48.26 29.07
C ALA P 80 -18.78 48.91 27.73
N THR P 81 -17.81 48.90 26.83
CA THR P 81 -17.99 49.42 25.49
C THR P 81 -18.79 48.41 24.65
N TYR P 82 -19.72 48.92 23.85
CA TYR P 82 -20.52 48.09 22.96
C TYR P 82 -20.44 48.69 21.57
N PHE P 83 -20.34 47.82 20.55
CA PHE P 83 -20.37 48.35 19.19
C PHE P 83 -20.94 47.35 18.20
N CYS P 84 -21.37 47.89 17.06
CA CYS P 84 -21.92 47.16 15.93
C CYS P 84 -20.91 47.13 14.79
N GLN P 85 -20.79 45.98 14.14
CA GLN P 85 -19.84 45.80 13.05
C GLN P 85 -20.53 45.12 11.87
N VAL P 86 -20.38 45.69 10.68
CA VAL P 86 -20.73 45.00 9.44
C VAL P 86 -19.47 44.99 8.59
N TYR P 87 -19.02 43.77 8.24
CA TYR P 87 -17.80 43.49 7.48
C TYR P 87 -16.57 44.16 8.11
N GLU P 88 -15.89 45.00 7.36
CA GLU P 88 -14.62 45.56 7.82
C GLU P 88 -14.82 46.89 8.56
N PHE P 89 -16.04 47.40 8.62
CA PHE P 89 -16.33 48.73 9.15
C PHE P 89 -16.83 48.65 10.58
N VAL P 90 -16.17 49.37 11.48
CA VAL P 90 -16.54 49.41 12.90
C VAL P 90 -16.72 50.87 13.31
N VAL P 91 -17.87 51.20 13.89
CA VAL P 91 -18.14 52.53 14.42
C VAL P 91 -17.38 52.72 15.73
N PRO P 92 -17.07 53.95 16.14
CA PRO P 92 -16.63 54.16 17.52
C PRO P 92 -17.77 53.86 18.48
N GLY P 93 -17.56 52.87 19.34
CA GLY P 93 -18.64 52.31 20.14
C GLY P 93 -19.15 53.26 21.21
N THR P 94 -20.40 53.02 21.62
CA THR P 94 -20.96 53.71 22.78
C THR P 94 -20.27 53.20 24.05
N ARG P 95 -20.59 53.82 25.18
CA ARG P 95 -20.03 53.39 26.47
C ARG P 95 -21.10 53.56 27.54
N LEU P 96 -21.60 52.43 28.05
CA LEU P 96 -22.44 52.48 29.24
C LEU P 96 -21.63 53.01 30.42
N ASP P 97 -22.29 53.77 31.28
CA ASP P 97 -21.59 54.46 32.38
C ASP P 97 -22.41 54.31 33.65
N LEU P 98 -21.81 53.68 34.66
CA LEU P 98 -22.38 53.58 36.01
C LEU P 98 -21.31 53.11 36.98
N VAL Q 2 40.67 55.54 -43.77
CA VAL Q 2 41.17 55.91 -42.45
C VAL Q 2 42.58 55.35 -42.31
N HIS Q 3 43.53 56.18 -41.89
CA HIS Q 3 44.92 55.78 -41.75
C HIS Q 3 45.33 55.86 -40.28
N LEU Q 4 46.06 54.85 -39.81
CA LEU Q 4 46.47 54.76 -38.41
C LEU Q 4 47.98 54.67 -38.27
N GLN Q 5 48.52 55.34 -37.25
CA GLN Q 5 49.94 55.27 -36.91
C GLN Q 5 50.10 55.03 -35.41
N GLU Q 6 51.21 54.40 -35.05
CA GLU Q 6 51.51 54.06 -33.67
C GLU Q 6 52.93 54.50 -33.35
N SER Q 7 53.17 54.83 -32.09
CA SER Q 7 54.48 55.30 -31.67
C SER Q 7 54.78 54.80 -30.26
N GLY Q 8 55.99 54.27 -30.09
CA GLY Q 8 56.47 53.79 -28.82
C GLY Q 8 57.99 53.75 -28.77
N PRO Q 9 58.56 53.54 -27.57
CA PRO Q 9 60.02 53.46 -27.44
C PRO Q 9 60.67 52.35 -28.25
N GLY Q 10 60.02 51.18 -28.34
CA GLY Q 10 60.55 50.07 -29.08
C GLY Q 10 61.45 49.13 -28.29
N LEU Q 11 61.95 49.57 -27.13
CA LEU Q 11 62.85 48.75 -26.32
C LEU Q 11 62.71 49.21 -24.88
N VAL Q 12 61.98 48.43 -24.08
CA VAL Q 12 61.69 48.77 -22.69
C VAL Q 12 61.95 47.55 -21.82
N LYS Q 13 62.10 47.81 -20.52
CA LYS Q 13 62.43 46.86 -19.47
C LYS Q 13 61.17 46.20 -18.93
N PRO Q 14 61.21 44.92 -18.58
CA PRO Q 14 60.07 44.30 -17.89
C PRO Q 14 59.94 44.81 -16.46
N SER Q 15 58.69 44.73 -15.95
CA SER Q 15 58.28 45.28 -14.66
C SER Q 15 58.43 46.80 -14.58
N GLU Q 16 58.33 47.46 -15.74
CA GLU Q 16 58.42 48.91 -15.82
C GLU Q 16 57.24 49.43 -16.63
N THR Q 17 56.83 50.66 -16.34
CA THR Q 17 55.65 51.27 -16.95
C THR Q 17 55.92 51.55 -18.44
N LEU Q 18 54.90 51.38 -19.27
CA LEU Q 18 54.99 51.62 -20.71
C LEU Q 18 53.86 52.56 -21.10
N SER Q 19 54.08 53.35 -22.16
CA SER Q 19 53.10 54.31 -22.65
C SER Q 19 53.28 54.47 -24.15
N LEU Q 20 52.31 53.99 -24.93
CA LEU Q 20 52.33 54.14 -26.37
C LEU Q 20 51.21 55.06 -26.83
N THR Q 21 51.39 55.66 -28.00
CA THR Q 21 50.46 56.67 -28.49
C THR Q 21 50.10 56.40 -29.95
N CYS Q 22 48.82 56.54 -30.27
CA CYS Q 22 48.27 56.24 -31.59
C CYS Q 22 47.53 57.42 -32.18
N ASN Q 23 47.76 57.64 -33.49
CA ASN Q 23 47.22 58.74 -34.25
C ASN Q 23 46.31 58.21 -35.34
N VAL Q 24 45.17 58.89 -35.53
CA VAL Q 24 44.15 58.49 -36.50
C VAL Q 24 43.93 59.65 -37.47
N SER Q 25 43.87 59.34 -38.76
CA SER Q 25 43.61 60.33 -39.79
C SER Q 25 42.43 59.87 -40.63
N GLY Q 26 41.49 60.79 -40.89
CA GLY Q 26 40.31 60.52 -41.67
C GLY Q 26 39.05 60.33 -40.84
N THR Q 27 39.18 60.12 -39.54
CA THR Q 27 38.04 59.97 -38.65
C THR Q 27 38.36 60.68 -37.34
N LEU Q 28 37.38 61.41 -36.81
CA LEU Q 28 37.54 62.13 -35.56
C LEU Q 28 37.71 61.17 -34.39
N VAL Q 29 38.47 61.61 -33.38
CA VAL Q 29 38.74 60.78 -32.22
C VAL Q 29 37.46 60.54 -31.40
N ARG Q 30 36.62 61.56 -31.26
CA ARG Q 30 35.42 61.44 -30.44
C ARG Q 30 34.22 61.00 -31.28
N ASP Q 31 34.39 59.89 -31.99
CA ASP Q 31 33.34 59.37 -32.85
C ASP Q 31 33.28 57.85 -32.89
N ASN Q 32 34.36 57.15 -32.57
CA ASN Q 32 34.40 55.70 -32.74
C ASN Q 32 35.05 55.06 -31.53
N TYR Q 33 34.69 53.81 -31.29
CA TYR Q 33 35.33 52.98 -30.27
C TYR Q 33 36.78 52.70 -30.69
N TRP Q 34 37.73 53.08 -29.83
CA TRP Q 34 39.15 52.83 -30.05
C TRP Q 34 39.62 51.66 -29.18
N SER Q 35 40.30 50.71 -29.80
CA SER Q 35 40.71 49.47 -29.15
C SER Q 35 42.20 49.21 -29.37
N TRP Q 36 42.77 48.40 -28.48
CA TRP Q 36 44.15 47.96 -28.59
C TRP Q 36 44.22 46.44 -28.68
N ILE Q 37 45.17 45.94 -29.48
CA ILE Q 37 45.40 44.52 -29.70
C ILE Q 37 46.92 44.33 -29.55
N ARG Q 38 47.35 43.08 -29.34
CA ARG Q 38 48.78 42.74 -29.40
C ARG Q 38 48.93 41.25 -29.66
N GLN Q 39 49.82 40.92 -30.59
CA GLN Q 39 50.05 39.55 -31.00
C GLN Q 39 51.40 39.05 -30.53
N PRO Q 40 51.47 38.14 -29.56
CA PRO Q 40 52.74 37.48 -29.26
C PRO Q 40 53.24 36.68 -30.45
N LEU Q 41 54.59 36.61 -30.57
CA LEU Q 41 55.23 36.03 -31.74
C LEU Q 41 54.90 34.55 -31.88
N GLY Q 42 54.51 34.15 -33.09
CA GLY Q 42 54.12 32.78 -33.37
C GLY Q 42 52.92 32.31 -32.59
N LYS Q 43 52.03 33.23 -32.19
CA LYS Q 43 50.87 32.93 -31.37
C LYS Q 43 49.68 33.66 -31.97
N GLN Q 44 48.59 33.70 -31.21
CA GLN Q 44 47.37 34.40 -31.57
C GLN Q 44 47.30 35.72 -30.82
N PRO Q 45 46.54 36.71 -31.32
CA PRO Q 45 46.42 37.98 -30.60
C PRO Q 45 45.68 37.84 -29.27
N GLU Q 46 45.83 38.88 -28.46
CA GLU Q 46 45.12 39.01 -27.20
C GLU Q 46 44.57 40.42 -27.11
N TRP Q 47 43.24 40.52 -27.08
CA TRP Q 47 42.54 41.80 -26.99
C TRP Q 47 42.89 42.49 -25.67
N ILE Q 48 43.22 43.77 -25.76
CA ILE Q 48 43.63 44.54 -24.59
C ILE Q 48 42.45 45.32 -23.99
N GLY Q 49 41.71 46.04 -24.81
CA GLY Q 49 40.61 46.82 -24.30
C GLY Q 49 40.15 47.85 -25.31
N TYR Q 50 39.11 48.59 -24.90
CA TYR Q 50 38.56 49.65 -25.73
C TYR Q 50 37.93 50.75 -24.87
N VAL Q 51 37.83 51.93 -25.49
CA VAL Q 51 37.20 53.13 -24.93
C VAL Q 51 36.38 53.77 -26.05
N HIS Q 52 35.17 54.25 -25.72
CA HIS Q 52 34.40 54.92 -26.76
C HIS Q 52 34.77 56.39 -26.83
N ASP Q 53 34.26 57.21 -25.91
CA ASP Q 53 34.92 58.45 -25.55
C ASP Q 53 34.81 58.73 -24.05
N SER Q 54 33.64 58.45 -23.46
CA SER Q 54 33.38 58.75 -22.06
C SER Q 54 32.94 57.52 -21.27
N GLY Q 55 31.88 56.84 -21.69
CA GLY Q 55 31.24 55.83 -20.86
C GLY Q 55 31.70 54.42 -21.09
N ASP Q 56 31.61 53.93 -22.33
CA ASP Q 56 31.88 52.52 -22.64
C ASP Q 56 33.38 52.32 -22.71
N THR Q 57 33.97 51.98 -21.56
CA THR Q 57 35.39 51.69 -21.43
C THR Q 57 35.52 50.41 -20.64
N ASN Q 58 36.39 49.51 -21.11
CA ASN Q 58 36.82 48.34 -20.33
C ASN Q 58 38.02 47.69 -21.00
N TYR Q 59 38.78 46.96 -20.18
CA TYR Q 59 40.00 46.28 -20.60
C TYR Q 59 39.93 44.81 -20.20
N ASN Q 60 41.06 44.12 -20.31
CA ASN Q 60 41.14 42.70 -19.97
C ASN Q 60 40.89 42.53 -18.47
N PRO Q 61 40.18 41.46 -18.06
CA PRO Q 61 39.97 41.22 -16.62
C PRO Q 61 41.26 41.06 -15.82
N SER Q 62 42.26 40.37 -16.37
CA SER Q 62 43.53 40.21 -15.70
C SER Q 62 44.33 41.51 -15.67
N LEU Q 63 44.02 42.46 -16.56
CA LEU Q 63 44.70 43.73 -16.66
C LEU Q 63 43.84 44.91 -16.21
N LYS Q 64 42.77 44.64 -15.44
CA LYS Q 64 41.87 45.71 -15.02
C LYS Q 64 42.56 46.69 -14.08
N SER Q 65 43.42 46.21 -13.20
CA SER Q 65 44.14 47.05 -12.25
C SER Q 65 45.50 47.47 -12.77
N ARG Q 66 45.82 47.15 -14.02
CA ARG Q 66 47.19 47.33 -14.53
C ARG Q 66 47.28 48.25 -15.73
N VAL Q 67 46.39 48.12 -16.72
CA VAL Q 67 46.50 48.88 -17.95
C VAL Q 67 45.47 50.02 -17.90
N HIS Q 68 45.78 51.11 -18.59
CA HIS Q 68 44.92 52.28 -18.65
C HIS Q 68 44.89 52.81 -20.07
N LEU Q 69 43.78 53.47 -20.43
CA LEU Q 69 43.60 54.07 -21.74
C LEU Q 69 43.11 55.51 -21.58
N SER Q 70 43.45 56.35 -22.56
CA SER Q 70 43.02 57.75 -22.51
C SER Q 70 42.90 58.30 -23.92
N LEU Q 71 42.14 59.39 -24.03
CA LEU Q 71 41.88 60.08 -25.29
C LEU Q 71 42.28 61.54 -25.20
N ASP Q 72 42.61 62.12 -26.36
CA ASP Q 72 43.00 63.52 -26.45
C ASP Q 72 42.38 64.09 -27.72
N LYS Q 73 41.46 65.05 -27.56
CA LYS Q 73 40.85 65.71 -28.71
C LYS Q 73 41.82 66.66 -29.39
N SER Q 74 42.48 67.53 -28.60
CA SER Q 74 43.35 68.57 -29.14
C SER Q 74 44.55 67.97 -29.87
N LYS Q 75 45.16 66.94 -29.29
CA LYS Q 75 46.24 66.24 -29.95
C LYS Q 75 45.72 65.24 -30.99
N ASN Q 76 44.44 64.86 -30.89
CA ASN Q 76 43.79 63.82 -31.71
C ASN Q 76 44.55 62.50 -31.58
N LEU Q 77 44.67 62.03 -30.34
CA LEU Q 77 45.48 60.85 -30.06
C LEU Q 77 44.77 59.95 -29.05
N VAL Q 78 45.15 58.67 -29.08
CA VAL Q 78 44.73 57.70 -28.06
C VAL Q 78 45.97 57.07 -27.43
N SER Q 79 46.02 57.11 -26.10
CA SER Q 79 47.20 56.70 -25.35
C SER Q 79 46.91 55.46 -24.53
N LEU Q 80 47.83 54.50 -24.60
CA LEU Q 80 47.80 53.28 -23.79
C LEU Q 80 48.93 53.33 -22.78
N ARG Q 81 48.64 52.95 -21.55
CA ARG Q 81 49.62 52.96 -20.46
C ARG Q 81 49.55 51.59 -19.78
N LEU Q 82 50.52 50.74 -20.09
CA LEU Q 82 50.61 49.40 -19.51
C LEU Q 82 51.69 49.44 -18.44
N THR Q 83 51.29 49.48 -17.17
CA THR Q 83 52.23 49.56 -16.07
C THR Q 83 52.78 48.16 -15.74
N GLY Q 84 54.10 48.02 -15.78
CA GLY Q 84 54.75 46.75 -15.52
C GLY Q 84 54.52 45.71 -16.59
N VAL Q 85 55.07 45.97 -17.80
CA VAL Q 85 54.89 45.06 -18.92
C VAL Q 85 55.58 43.73 -18.65
N THR Q 86 54.92 42.64 -19.03
CA THR Q 86 55.44 41.28 -18.88
C THR Q 86 55.94 40.77 -20.22
N ALA Q 87 56.58 39.59 -20.19
CA ALA Q 87 57.13 38.97 -21.39
C ALA Q 87 56.04 38.62 -22.40
N ALA Q 88 54.91 38.07 -21.93
CA ALA Q 88 53.80 37.75 -22.81
C ALA Q 88 53.19 38.99 -23.45
N ASP Q 89 53.21 40.13 -22.78
CA ASP Q 89 52.63 41.36 -23.29
C ASP Q 89 53.61 42.23 -24.07
N SER Q 90 54.90 41.89 -24.08
CA SER Q 90 55.90 42.62 -24.87
C SER Q 90 55.95 42.03 -26.26
N ALA Q 91 55.20 42.62 -27.19
CA ALA Q 91 55.01 42.05 -28.52
C ALA Q 91 54.53 43.13 -29.47
N ILE Q 92 54.08 42.71 -30.65
CA ILE Q 92 53.62 43.62 -31.70
C ILE Q 92 52.22 44.10 -31.36
N TYR Q 93 52.09 45.39 -31.04
CA TYR Q 93 50.80 45.96 -30.71
C TYR Q 93 50.06 46.38 -31.98
N TYR Q 94 48.80 46.73 -31.82
CA TYR Q 94 47.94 47.17 -32.92
C TYR Q 94 46.90 48.13 -32.38
N CYS Q 95 46.89 49.34 -32.91
CA CYS Q 95 45.76 50.24 -32.77
C CYS Q 95 44.60 49.76 -33.62
N ALA Q 96 43.38 49.98 -33.15
CA ALA Q 96 42.25 49.40 -33.88
C ALA Q 96 40.99 50.24 -33.69
N THR Q 97 40.15 50.22 -34.73
CA THR Q 97 38.79 50.73 -34.65
C THR Q 97 37.87 49.56 -34.36
N THR Q 98 36.81 49.80 -33.59
CA THR Q 98 35.77 48.79 -33.43
C THR Q 98 34.42 49.47 -33.52
N LYS Q 99 33.39 48.69 -33.85
CA LYS Q 99 32.06 49.22 -34.10
C LYS Q 99 31.03 48.40 -33.31
N HIS Q 100 29.77 48.75 -33.54
CA HIS Q 100 28.64 48.13 -32.86
C HIS Q 100 28.35 46.74 -33.43
N GLY Q 101 27.23 46.18 -33.01
CA GLY Q 101 26.76 44.89 -33.47
C GLY Q 101 26.08 44.19 -32.31
N ARG Q 102 24.85 43.70 -32.52
CA ARG Q 102 24.09 43.08 -31.45
C ARG Q 102 23.54 41.75 -31.94
N ARG Q 103 23.94 40.68 -31.28
CA ARG Q 103 23.34 39.37 -31.52
C ARG Q 103 22.20 39.18 -30.53
N ILE Q 104 20.98 39.09 -31.05
CA ILE Q 104 19.77 38.97 -30.25
C ILE Q 104 19.25 37.55 -30.41
N TYR Q 105 19.46 36.72 -29.40
CA TYR Q 105 19.02 35.33 -29.45
C TYR Q 105 17.64 35.11 -28.84
N GLY Q 106 17.06 36.10 -28.19
CA GLY Q 106 15.79 35.94 -27.53
C GLY Q 106 15.09 37.25 -27.33
N VAL Q 107 14.31 37.35 -26.26
CA VAL Q 107 13.47 38.51 -26.02
C VAL Q 107 14.35 39.68 -25.58
N VAL Q 108 14.22 40.82 -26.27
CA VAL Q 108 15.02 42.00 -25.97
C VAL Q 108 14.69 42.55 -24.60
N ALA Q 109 13.42 42.44 -24.18
CA ALA Q 109 13.00 42.95 -22.87
C ALA Q 109 13.68 42.20 -21.73
N PHE Q 110 13.92 40.90 -21.89
CA PHE Q 110 14.55 40.08 -20.86
C PHE Q 110 16.07 40.09 -20.93
N LYS Q 111 16.65 41.06 -21.66
CA LYS Q 111 18.11 41.22 -21.84
C LYS Q 111 18.74 39.97 -22.45
N GLU Q 112 18.04 39.35 -23.40
CA GLU Q 112 18.54 38.16 -24.09
C GLU Q 112 19.23 38.56 -25.40
N TRP Q 113 20.32 39.29 -25.25
CA TRP Q 113 21.14 39.72 -26.37
C TRP Q 113 22.54 40.00 -25.85
N PHE Q 114 23.48 40.18 -26.78
CA PHE Q 114 24.83 40.60 -26.40
C PHE Q 114 25.44 41.43 -27.53
N THR Q 115 26.49 42.16 -27.17
CA THR Q 115 27.16 43.07 -28.08
C THR Q 115 28.49 42.48 -28.53
N TYR Q 116 28.73 42.47 -29.83
CA TYR Q 116 29.99 42.04 -30.40
C TYR Q 116 30.62 43.20 -31.15
N PHE Q 117 31.95 43.23 -31.19
CA PHE Q 117 32.68 44.37 -31.72
C PHE Q 117 33.51 43.95 -32.93
N TYR Q 118 33.53 44.80 -33.95
CA TYR Q 118 34.26 44.54 -35.18
C TYR Q 118 35.75 44.78 -34.94
N MET Q 119 36.56 44.66 -35.99
CA MET Q 119 37.96 45.13 -35.99
C MET Q 119 38.28 45.55 -37.42
N ASP Q 120 38.07 46.84 -37.73
CA ASP Q 120 37.97 47.23 -39.15
C ASP Q 120 39.29 47.68 -39.77
N VAL Q 121 39.87 48.77 -39.29
CA VAL Q 121 41.02 49.39 -39.94
C VAL Q 121 42.14 49.54 -38.91
N TRP Q 122 43.29 48.94 -39.19
CA TRP Q 122 44.42 49.03 -38.28
C TRP Q 122 45.66 49.49 -39.04
N GLY Q 123 46.59 50.07 -38.30
CA GLY Q 123 47.87 50.48 -38.85
C GLY Q 123 48.82 49.31 -39.03
N LYS Q 124 50.08 49.66 -39.33
CA LYS Q 124 51.12 48.65 -39.57
C LYS Q 124 51.42 47.85 -38.30
N GLY Q 125 51.45 48.52 -37.16
CA GLY Q 125 51.66 47.85 -35.89
C GLY Q 125 53.08 47.97 -35.35
N THR Q 126 53.26 48.85 -34.37
CA THR Q 126 54.52 49.00 -33.68
C THR Q 126 54.90 47.73 -32.92
N SER Q 127 56.18 47.64 -32.53
CA SER Q 127 56.69 46.49 -31.80
C SER Q 127 57.28 46.95 -30.47
N VAL Q 128 57.20 46.07 -29.47
CA VAL Q 128 57.79 46.30 -28.15
C VAL Q 128 58.48 45.01 -27.72
N THR Q 129 59.70 45.12 -27.20
CA THR Q 129 60.53 43.98 -26.83
C THR Q 129 61.14 44.18 -25.46
N VAL Q 130 61.45 43.06 -24.80
CA VAL Q 130 62.04 43.07 -23.46
C VAL Q 130 63.54 43.35 -23.58
N SER Q 131 64.05 44.24 -22.72
CA SER Q 131 65.46 44.58 -22.69
C SER Q 131 65.92 44.65 -21.25
N SER Q 132 67.18 44.22 -21.03
CA SER Q 132 67.86 44.21 -19.73
C SER Q 132 67.12 43.37 -18.68
N THR R 1 49.69 23.86 -36.32
CA THR R 1 48.50 23.40 -37.03
C THR R 1 48.29 24.21 -38.31
N PHE R 2 48.42 23.54 -39.45
CA PHE R 2 48.29 24.21 -40.74
C PHE R 2 47.70 23.23 -41.74
N VAL R 3 46.92 23.77 -42.67
CA VAL R 3 46.28 22.98 -43.73
C VAL R 3 46.61 23.61 -45.08
N SER R 4 47.02 22.80 -46.04
CA SER R 4 47.36 23.25 -47.38
C SER R 4 46.50 22.50 -48.39
N VAL R 5 45.85 23.25 -49.27
CA VAL R 5 44.94 22.70 -50.27
C VAL R 5 45.23 23.40 -51.60
N ALA R 6 45.22 22.63 -52.69
CA ALA R 6 45.56 23.12 -54.01
C ALA R 6 44.48 24.11 -54.48
N PRO R 7 44.81 25.00 -55.44
CA PRO R 7 43.80 25.96 -55.92
C PRO R 7 42.63 25.29 -56.63
N GLY R 8 41.47 25.93 -56.54
CA GLY R 8 40.26 25.49 -57.20
C GLY R 8 39.43 24.48 -56.43
N GLN R 9 39.83 24.12 -55.22
CA GLN R 9 39.06 23.23 -54.37
C GLN R 9 38.76 23.93 -53.05
N THR R 10 37.60 23.62 -52.48
CA THR R 10 37.14 24.31 -51.29
C THR R 10 37.94 23.86 -50.06
N ALA R 11 38.21 24.80 -49.17
CA ALA R 11 39.00 24.55 -47.96
C ALA R 11 38.19 24.96 -46.74
N ARG R 12 38.11 24.08 -45.76
CA ARG R 12 37.39 24.35 -44.53
C ARG R 12 38.39 24.54 -43.40
N ILE R 13 38.27 25.64 -42.67
CA ILE R 13 39.13 25.94 -41.54
C ILE R 13 38.27 25.93 -40.29
N THR R 14 38.53 24.99 -39.39
CA THR R 14 37.80 24.88 -38.13
C THR R 14 38.60 25.57 -37.05
N CYS R 15 37.93 26.43 -36.27
CA CYS R 15 38.61 27.17 -35.23
C CYS R 15 37.72 27.22 -33.99
N GLY R 16 38.33 27.13 -32.82
CA GLY R 16 37.59 27.20 -31.58
C GLY R 16 37.08 25.85 -31.15
N GLU R 17 36.21 25.90 -30.13
CA GLU R 17 35.63 24.71 -29.55
C GLU R 17 34.18 24.59 -30.03
N GLU R 18 33.53 23.49 -29.63
CA GLU R 18 32.14 23.25 -29.99
C GLU R 18 31.24 24.33 -29.40
N SER R 19 30.33 24.84 -30.23
CA SER R 19 29.44 25.91 -29.83
C SER R 19 28.51 25.47 -28.70
N LEU R 20 28.29 26.39 -27.76
CA LEU R 20 27.42 26.12 -26.62
C LEU R 20 26.07 26.79 -26.76
N GLY R 21 26.04 28.06 -27.15
CA GLY R 21 24.82 28.81 -27.35
C GLY R 21 24.79 29.44 -28.73
N SER R 22 24.12 30.58 -28.81
CA SER R 22 24.02 31.33 -30.06
C SER R 22 25.24 32.25 -30.17
N ARG R 23 26.02 32.06 -31.22
CA ARG R 23 27.31 32.71 -31.35
C ARG R 23 27.39 33.55 -32.63
N SER R 24 28.38 34.43 -32.65
CA SER R 24 28.67 35.29 -33.80
C SER R 24 30.19 35.35 -33.92
N VAL R 25 30.73 34.60 -34.88
CA VAL R 25 32.17 34.40 -35.00
C VAL R 25 32.76 35.46 -35.93
N ILE R 26 33.93 35.96 -35.60
CA ILE R 26 34.59 37.00 -36.39
C ILE R 26 35.92 36.47 -36.89
N TRP R 27 36.06 36.35 -38.20
CA TRP R 27 37.28 35.79 -38.77
C TRP R 27 38.26 36.89 -39.16
N TYR R 28 39.53 36.53 -39.24
CA TYR R 28 40.61 37.44 -39.53
C TYR R 28 41.64 36.73 -40.40
N GLN R 29 42.24 37.45 -41.35
CA GLN R 29 43.14 36.89 -42.35
C GLN R 29 44.45 37.66 -42.28
N GLN R 30 45.46 37.08 -41.64
CA GLN R 30 46.77 37.70 -41.49
C GLN R 30 47.74 37.10 -42.51
N ARG R 31 48.05 37.86 -43.56
CA ARG R 31 49.17 37.49 -44.40
C ARG R 31 50.47 37.80 -43.66
N PRO R 32 51.55 37.08 -43.96
CA PRO R 32 52.83 37.38 -43.31
C PRO R 32 53.36 38.74 -43.73
N GLY R 33 53.63 39.58 -42.74
CA GLY R 33 54.24 40.88 -43.01
C GLY R 33 53.45 42.04 -42.48
N GLN R 34 52.12 41.98 -42.59
CA GLN R 34 51.26 43.04 -42.07
C GLN R 34 50.02 42.41 -41.42
N ALA R 35 49.07 43.25 -41.03
CA ALA R 35 48.06 42.93 -40.03
C ALA R 35 46.89 42.12 -40.61
N PRO R 36 46.14 41.43 -39.75
CA PRO R 36 44.91 40.77 -40.20
C PRO R 36 43.83 41.74 -40.70
N SER R 37 42.98 41.24 -41.59
CA SER R 37 41.78 41.91 -42.07
C SER R 37 40.55 41.43 -41.31
N LEU R 38 39.36 41.80 -41.81
CA LEU R 38 38.07 41.48 -41.18
C LEU R 38 37.18 40.77 -42.20
N ILE R 39 37.65 39.63 -42.72
CA ILE R 39 36.95 38.78 -43.69
C ILE R 39 35.46 38.60 -43.42
N ILE R 40 35.09 38.16 -42.21
CA ILE R 40 33.69 37.86 -41.92
C ILE R 40 33.34 38.35 -40.51
N TYR R 41 32.13 38.89 -40.36
CA TYR R 41 31.57 39.37 -39.10
C TYR R 41 30.17 38.79 -38.99
N ASN R 42 29.67 38.70 -37.76
CA ASN R 42 28.38 38.05 -37.41
C ASN R 42 28.48 36.63 -37.96
N ASN R 43 27.50 36.12 -38.68
CA ASN R 43 27.66 34.84 -39.37
C ASN R 43 27.35 35.06 -40.84
N ASN R 44 28.33 34.69 -41.70
CA ASN R 44 28.21 34.71 -43.16
C ASN R 44 27.86 36.10 -43.71
N ASP R 45 28.33 37.15 -43.04
CA ASP R 45 28.20 38.51 -43.53
C ASP R 45 29.58 39.15 -43.65
N ARG R 46 29.87 39.72 -44.82
CA ARG R 46 31.19 40.26 -45.06
C ARG R 46 31.11 41.76 -45.35
N PRO R 47 32.03 42.56 -44.81
CA PRO R 47 32.08 43.99 -45.16
C PRO R 47 32.41 44.22 -46.63
N SER R 48 32.27 45.47 -47.04
CA SER R 48 32.58 45.84 -48.42
C SER R 48 34.08 45.69 -48.70
N GLY R 49 34.39 45.27 -49.92
CA GLY R 49 35.75 45.03 -50.36
C GLY R 49 36.19 43.59 -50.24
N ILE R 50 35.53 42.82 -49.38
CA ILE R 50 35.81 41.38 -49.25
C ILE R 50 35.03 40.64 -50.34
N PRO R 51 35.69 39.77 -51.11
CA PRO R 51 34.97 38.98 -52.12
C PRO R 51 33.92 38.06 -51.51
N ASP R 52 32.92 37.73 -52.33
CA ASP R 52 31.81 36.88 -51.92
C ASP R 52 32.16 35.40 -51.89
N ARG R 53 33.41 35.04 -52.22
CA ARG R 53 33.84 33.64 -52.12
C ARG R 53 33.81 33.15 -50.68
N PHE R 54 34.17 34.00 -49.73
CA PHE R 54 34.25 33.62 -48.33
C PHE R 54 32.85 33.37 -47.77
N SER R 55 32.71 32.30 -47.01
CA SER R 55 31.44 31.98 -46.36
C SER R 55 31.72 31.47 -44.95
N GLY R 56 30.68 31.33 -44.15
CA GLY R 56 30.83 30.88 -42.79
C GLY R 56 29.64 30.05 -42.33
N SER R 57 29.91 29.19 -41.36
CA SER R 57 28.87 28.33 -40.80
C SER R 57 27.86 29.16 -40.03
N PRO R 58 26.61 28.71 -39.94
CA PRO R 58 25.61 29.44 -39.13
C PRO R 58 25.96 29.45 -37.65
N GLY R 59 25.67 30.56 -37.00
CA GLY R 59 25.75 30.70 -35.57
C GLY R 59 24.53 30.23 -34.81
N SER R 60 23.52 29.71 -35.51
CA SER R 60 22.29 29.25 -34.90
C SER R 60 22.23 27.73 -34.81
N THR R 61 23.39 27.08 -34.72
CA THR R 61 23.49 25.64 -34.58
C THR R 61 24.32 25.36 -33.35
N PHE R 62 23.88 24.38 -32.54
CA PHE R 62 24.49 24.09 -31.25
C PHE R 62 25.22 22.75 -31.31
N GLY R 63 26.47 22.76 -30.86
CA GLY R 63 27.30 21.57 -30.87
C GLY R 63 28.26 21.45 -32.04
N THR R 64 28.42 22.49 -32.83
CA THR R 64 29.30 22.48 -34.00
C THR R 64 30.35 23.58 -33.86
N THR R 65 31.60 23.24 -34.14
CA THR R 65 32.69 24.20 -34.09
C THR R 65 32.58 25.19 -35.24
N ALA R 66 33.14 26.39 -35.03
CA ALA R 66 33.13 27.42 -36.06
C ALA R 66 33.99 27.01 -37.25
N THR R 67 33.46 27.22 -38.46
CA THR R 67 34.10 26.80 -39.69
C THR R 67 34.07 27.95 -40.68
N LEU R 68 35.21 28.20 -41.31
CA LEU R 68 35.36 29.18 -42.39
C LEU R 68 35.51 28.42 -43.70
N THR R 69 34.61 28.70 -44.65
CA THR R 69 34.62 28.07 -45.95
C THR R 69 35.38 28.96 -46.94
N ILE R 70 36.24 28.33 -47.74
CA ILE R 70 37.03 29.03 -48.75
C ILE R 70 36.75 28.37 -50.09
N THR R 71 36.42 29.18 -51.10
CA THR R 71 36.11 28.68 -52.44
C THR R 71 36.94 29.45 -53.45
N SER R 72 37.47 28.72 -54.44
CA SER R 72 38.26 29.25 -55.55
C SER R 72 39.51 29.99 -55.04
N VAL R 73 40.39 29.20 -54.43
CA VAL R 73 41.56 29.73 -53.72
C VAL R 73 42.51 30.41 -54.71
N GLU R 74 43.16 31.47 -54.24
CA GLU R 74 44.09 32.25 -55.05
C GLU R 74 45.41 32.37 -54.30
N ALA R 75 46.40 32.99 -54.96
CA ALA R 75 47.68 33.25 -54.31
C ALA R 75 47.58 34.29 -53.20
N GLY R 76 46.50 35.07 -53.16
CA GLY R 76 46.31 36.06 -52.12
C GLY R 76 45.51 35.53 -50.94
N ASP R 77 45.41 34.21 -50.81
CA ASP R 77 44.66 33.61 -49.72
C ASP R 77 45.54 32.87 -48.72
N GLU R 78 46.83 32.71 -49.00
CA GLU R 78 47.75 32.08 -48.04
C GLU R 78 47.94 33.02 -46.86
N ALA R 79 47.44 32.63 -45.70
CA ALA R 79 47.41 33.49 -44.52
C ALA R 79 47.00 32.68 -43.30
N ASP R 80 47.18 33.30 -42.13
CA ASP R 80 46.65 32.79 -40.88
C ASP R 80 45.18 33.17 -40.79
N TYR R 81 44.31 32.17 -40.64
CA TYR R 81 42.89 32.40 -40.41
C TYR R 81 42.60 32.25 -38.92
N TYR R 82 42.11 33.31 -38.30
CA TYR R 82 41.88 33.39 -36.87
C TYR R 82 40.40 33.67 -36.62
N CYS R 83 39.89 33.21 -35.48
CA CYS R 83 38.48 33.32 -35.16
C CYS R 83 38.29 33.91 -33.77
N HIS R 84 37.30 34.81 -33.67
CA HIS R 84 36.89 35.43 -32.42
C HIS R 84 35.50 34.93 -32.09
N ILE R 85 35.39 34.16 -31.01
CA ILE R 85 34.13 33.52 -30.63
C ILE R 85 33.38 34.44 -29.67
N TRP R 86 32.14 34.76 -30.02
CA TRP R 86 31.24 35.52 -29.15
C TRP R 86 30.10 34.60 -28.76
N ASP R 87 30.31 33.78 -27.73
CA ASP R 87 29.35 32.79 -27.32
C ASP R 87 28.47 33.35 -26.20
N SER R 88 27.15 33.21 -26.36
CA SER R 88 26.21 33.74 -25.37
C SER R 88 26.28 32.98 -24.05
N ARG R 89 26.63 31.69 -24.07
CA ARG R 89 26.68 30.87 -22.87
C ARG R 89 28.04 30.91 -22.19
N ARG R 90 28.99 31.64 -22.74
CA ARG R 90 30.34 31.74 -22.21
C ARG R 90 30.68 33.21 -21.99
N PRO R 91 31.64 33.51 -21.10
CA PRO R 91 32.11 34.89 -20.98
C PRO R 91 32.78 35.39 -22.26
N THR R 92 32.86 36.71 -22.38
CA THR R 92 33.52 37.34 -23.51
C THR R 92 34.99 36.91 -23.62
N ASN R 93 35.38 36.51 -24.83
CA ASN R 93 36.75 36.06 -25.06
C ASN R 93 37.67 37.26 -25.27
N TRP R 94 38.73 37.32 -24.49
CA TRP R 94 39.74 38.36 -24.61
C TRP R 94 41.03 37.82 -25.23
N VAL R 95 41.00 36.59 -25.73
CA VAL R 95 42.12 36.00 -26.46
C VAL R 95 41.56 35.38 -27.73
N PHE R 96 42.22 35.64 -28.86
CA PHE R 96 41.80 35.12 -30.15
C PHE R 96 41.93 33.60 -30.20
N GLY R 97 41.39 33.02 -31.27
CA GLY R 97 41.27 31.59 -31.35
C GLY R 97 42.52 30.90 -31.85
N GLU R 98 42.47 29.57 -31.80
CA GLU R 98 43.54 28.72 -32.32
C GLU R 98 43.33 28.53 -33.83
N GLY R 99 43.68 29.57 -34.58
CA GLY R 99 43.47 29.54 -36.01
C GLY R 99 44.57 28.79 -36.73
N THR R 100 44.42 28.69 -38.05
CA THR R 100 45.24 27.77 -38.84
C THR R 100 45.88 28.52 -40.00
N THR R 101 47.06 28.05 -40.41
CA THR R 101 47.79 28.63 -41.53
C THR R 101 47.35 27.93 -42.81
N LEU R 102 46.62 28.64 -43.66
CA LEU R 102 46.31 28.12 -44.99
C LEU R 102 47.40 28.59 -45.95
N ILE R 103 47.98 27.65 -46.70
CA ILE R 103 49.00 27.96 -47.69
C ILE R 103 48.56 27.39 -49.02
N VAL R 104 48.44 28.26 -50.03
CA VAL R 104 48.09 27.84 -51.38
C VAL R 104 49.25 27.02 -51.96
N LEU R 105 48.92 26.01 -52.75
CA LEU R 105 49.94 25.16 -53.35
C LEU R 105 50.52 25.90 -54.55
C1 NAG S . 29.99 -22.03 1.92
C2 NAG S . 30.21 -23.43 2.52
C3 NAG S . 30.30 -23.30 4.04
C4 NAG S . 31.38 -22.30 4.45
C5 NAG S . 31.16 -20.97 3.71
C6 NAG S . 32.25 -19.94 3.91
C7 NAG S . 29.23 -25.15 1.04
C8 NAG S . 28.01 -26.02 0.86
N2 NAG S . 29.18 -24.34 2.12
O3 NAG S . 30.55 -24.58 4.56
O4 NAG S . 31.29 -22.15 5.85
O5 NAG S . 31.07 -21.21 2.32
O6 NAG S . 32.26 -19.47 5.23
O7 NAG S . 30.16 -25.19 0.26
C1 NAG S . 32.52 -22.59 6.49
C2 NAG S . 32.51 -22.09 7.94
C3 NAG S . 33.78 -22.55 8.64
C4 NAG S . 33.94 -24.07 8.52
C5 NAG S . 33.86 -24.47 7.04
C6 NAG S . 33.93 -25.97 6.78
C7 NAG S . 31.25 -20.00 8.35
C8 NAG S . 31.36 -18.50 8.33
N2 NAG S . 32.37 -20.66 7.99
O3 NAG S . 33.70 -22.14 9.98
O4 NAG S . 35.18 -24.40 9.09
O5 NAG S . 32.64 -23.99 6.49
O6 NAG S . 35.16 -26.53 7.20
O7 NAG S . 30.21 -20.57 8.66
C1 NAG T . 20.94 -5.37 -16.77
C2 NAG T . 20.69 -4.96 -18.24
C3 NAG T . 20.65 -6.18 -19.15
C4 NAG T . 21.86 -7.07 -18.93
C5 NAG T . 21.83 -7.48 -17.45
C6 NAG T . 22.89 -8.48 -17.01
C7 NAG T . 19.25 -2.95 -18.63
C8 NAG T . 20.49 -2.13 -18.95
N2 NAG T . 19.44 -4.24 -18.32
O3 NAG T . 20.59 -5.70 -20.47
O4 NAG T . 21.79 -8.15 -19.83
O5 NAG T . 22.00 -6.30 -16.68
O6 NAG T . 22.78 -8.68 -15.63
O7 NAG T . 18.15 -2.43 -18.68
C1 NAG T . 22.98 -8.17 -20.65
C2 NAG T . 23.18 -9.60 -21.17
C3 NAG T . 24.48 -9.64 -22.00
C4 NAG T . 24.63 -8.45 -22.98
C5 NAG T . 24.14 -7.12 -22.37
C6 NAG T . 24.02 -6.00 -23.38
C7 NAG T . 23.62 -11.70 -19.70
C8 NAG T . 23.20 -12.16 -18.32
N2 NAG T . 23.10 -10.49 -20.03
O3 NAG T . 24.48 -10.82 -22.75
O4 NAG T . 26.00 -8.39 -23.29
O5 NAG T . 22.87 -7.32 -21.77
O6 NAG T . 25.27 -5.70 -23.97
O7 NAG T . 24.33 -12.42 -20.38
C1 NAG U . 0.24 -33.01 -11.27
C2 NAG U . 1.28 -32.16 -10.52
C3 NAG U . 2.01 -33.03 -9.49
C4 NAG U . 1.03 -33.74 -8.56
C5 NAG U . 0.01 -34.50 -9.41
C6 NAG U . -1.09 -35.17 -8.62
C7 NAG U . 2.43 -30.25 -11.56
C8 NAG U . 3.48 -29.86 -12.58
N2 NAG U . 2.23 -31.57 -11.43
O3 NAG U . 2.88 -32.19 -8.80
O4 NAG U . 1.74 -34.62 -7.71
O5 NAG U . -0.61 -33.61 -10.32
O6 NAG U . -2.20 -35.42 -9.45
O7 NAG U . 1.83 -29.41 -10.92
C1 NAG U . 1.71 -34.14 -6.35
C2 NAG U . 1.85 -35.31 -5.35
C3 NAG U . 1.93 -34.77 -3.91
C4 NAG U . 2.99 -33.69 -3.75
C5 NAG U . 2.79 -32.63 -4.84
C6 NAG U . 3.84 -31.53 -4.85
C7 NAG U . -0.51 -36.51 -5.40
C8 NAG U . -1.46 -35.39 -4.97
N2 NAG U . 0.84 -36.35 -5.51
O3 NAG U . 2.18 -35.87 -3.07
O4 NAG U . 2.76 -33.16 -2.46
O5 NAG U . 2.78 -33.24 -6.12
O6 NAG U . 5.11 -32.12 -4.88
O7 NAG U . -1.02 -37.60 -5.63
C1 BMA U . 3.90 -33.26 -1.59
C2 BMA U . 3.55 -32.42 -0.38
C3 BMA U . 4.74 -32.40 0.60
C4 BMA U . 5.37 -33.78 0.89
C5 BMA U . 5.06 -34.90 -0.11
C6 BMA U . 4.55 -36.18 0.56
O2 BMA U . 2.38 -32.94 0.20
O3 BMA U . 4.28 -31.71 1.74
O4 BMA U . 6.76 -33.54 0.90
O5 BMA U . 4.19 -34.58 -1.20
O6 BMA U . 3.32 -35.88 1.17
C1 MAN U . 5.08 -30.53 1.98
C2 MAN U . 4.68 -29.96 3.35
C3 MAN U . 3.30 -29.31 3.28
C4 MAN U . 3.26 -28.24 2.21
C5 MAN U . 3.63 -28.85 0.86
C6 MAN U . 3.81 -27.80 -0.22
O2 MAN U . 5.68 -29.04 3.71
O3 MAN U . 3.01 -28.80 4.56
O4 MAN U . 1.95 -27.71 2.20
O5 MAN U . 4.87 -29.55 0.96
O6 MAN U . 4.56 -26.73 0.27
C1 NAG V . 15.95 -41.69 -14.32
C2 NAG V . 15.91 -41.94 -12.81
C3 NAG V . 17.36 -42.07 -12.32
C4 NAG V . 18.09 -43.20 -13.06
C5 NAG V . 17.92 -43.02 -14.58
C6 NAG V . 18.40 -44.18 -15.41
C7 NAG V . 13.90 -41.13 -11.74
C8 NAG V . 13.22 -39.96 -11.08
N2 NAG V . 15.17 -40.92 -12.15
O3 NAG V . 17.26 -42.27 -10.93
O4 NAG V . 19.47 -43.16 -12.74
O5 NAG V . 16.55 -42.81 -14.92
O6 NAG V . 17.66 -45.33 -15.09
O7 NAG V . 13.32 -42.19 -11.90
C1 NAG V . 19.83 -44.06 -11.67
C2 NAG V . 21.12 -44.85 -11.97
C3 NAG V . 21.65 -45.58 -10.73
C4 NAG V . 21.54 -44.82 -9.41
C5 NAG V . 20.19 -44.09 -9.34
C6 NAG V . 20.04 -43.22 -8.11
C7 NAG V . 21.28 -45.73 -14.28
C8 NAG V . 20.95 -46.94 -15.13
N2 NAG V . 20.92 -45.84 -12.99
O3 NAG V . 22.99 -45.88 -11.05
O4 NAG V . 21.61 -45.76 -8.35
O5 NAG V . 20.03 -43.31 -10.49
O6 NAG V . 18.79 -42.59 -8.13
O7 NAG V . 21.84 -44.77 -14.76
C1 BMA V . 22.93 -45.94 -7.80
C2 BMA V . 22.76 -46.15 -6.31
C3 BMA V . 24.06 -46.69 -5.65
C4 BMA V . 24.89 -47.71 -6.47
C5 BMA V . 24.77 -47.57 -7.98
C6 BMA V . 25.10 -48.82 -8.78
O2 BMA V . 21.68 -47.02 -6.10
O3 BMA V . 23.64 -47.18 -4.40
O4 BMA V . 26.23 -47.47 -6.10
O5 BMA V . 23.51 -47.06 -8.42
O6 BMA V . 24.15 -49.83 -8.49
C1 MAN V . 24.55 -46.74 -3.35
C2 MAN V . 24.11 -47.43 -2.05
C3 MAN V . 22.83 -46.79 -1.51
C4 MAN V . 23.01 -45.30 -1.30
C5 MAN V . 23.41 -44.65 -2.63
C6 MAN V . 23.82 -43.20 -2.45
O2 MAN V . 25.19 -47.32 -1.16
O3 MAN V . 22.49 -47.45 -0.31
O4 MAN V . 21.79 -44.78 -0.82
O5 MAN V . 24.53 -45.32 -3.21
O6 MAN V . 24.75 -43.10 -1.40
C1 MAN V . 25.56 -48.65 -0.73
C2 MAN V . 26.38 -48.51 0.56
C3 MAN V . 27.81 -48.05 0.28
C4 MAN V . 28.48 -48.88 -0.80
C5 MAN V . 27.61 -48.86 -2.06
C6 MAN V . 28.16 -49.77 -3.13
O2 MAN V . 26.34 -49.76 1.21
O3 MAN V . 28.51 -48.12 1.49
O4 MAN V . 29.75 -48.33 -1.03
O5 MAN V . 26.31 -49.31 -1.74
O6 MAN V . 29.13 -49.08 -3.87
C1 MAN V . 24.34 -50.91 -9.43
C2 MAN V . 23.09 -51.81 -9.37
C3 MAN V . 23.05 -52.55 -8.04
C4 MAN V . 24.35 -53.32 -7.78
C5 MAN V . 25.54 -52.37 -7.89
C6 MAN V . 26.86 -53.09 -7.85
O2 MAN V . 23.19 -52.68 -10.47
O3 MAN V . 21.94 -53.40 -8.07
O4 MAN V . 24.24 -53.89 -6.50
O5 MAN V . 25.49 -51.66 -9.12
O6 MAN V . 27.91 -52.14 -7.78
C1 NAG W . 19.75 -28.14 -29.98
C2 NAG W . 19.76 -27.58 -28.56
C3 NAG W . 21.26 -27.26 -28.39
C4 NAG W . 22.23 -28.39 -28.83
C5 NAG W . 21.62 -29.42 -29.84
C6 NAG W . 22.16 -30.82 -29.64
C7 NAG W . 18.31 -26.12 -27.22
C8 NAG W . 17.49 -24.85 -27.25
N2 NAG W . 18.93 -26.43 -28.38
O3 NAG W . 21.47 -26.89 -27.05
O4 NAG W . 23.30 -27.74 -29.47
O5 NAG W . 20.18 -29.47 -29.83
O6 NAG W . 21.46 -31.69 -30.49
O7 NAG W . 18.39 -26.79 -26.21
C1 NAG W . 24.47 -27.64 -28.63
C2 NAG W . 25.67 -27.43 -29.58
C3 NAG W . 26.96 -27.22 -28.77
C4 NAG W . 26.76 -26.11 -27.73
C5 NAG W . 25.54 -26.44 -26.87
C6 NAG W . 25.24 -25.41 -25.81
C7 NAG W . 25.53 -28.50 -31.79
C8 NAG W . 25.73 -29.80 -32.53
N2 NAG W . 25.80 -28.54 -30.47
O3 NAG W . 27.97 -26.91 -29.67
O4 NAG W . 27.94 -26.04 -26.96
O5 NAG W . 24.40 -26.56 -27.72
O6 NAG W . 25.04 -24.16 -26.41
O7 NAG W . 25.16 -27.49 -32.37
C1 NAG X . 20.38 -30.17 -24.00
C2 NAG X . 21.55 -29.19 -23.82
C3 NAG X . 22.54 -29.33 -24.98
C4 NAG X . 22.93 -30.78 -25.29
C5 NAG X . 21.65 -31.61 -25.43
C6 NAG X . 21.88 -33.09 -25.60
C7 NAG X . 21.47 -26.93 -22.84
C8 NAG X . 20.83 -25.57 -22.99
N2 NAG X . 21.09 -27.84 -23.75
O3 NAG X . 23.66 -28.55 -24.66
O4 NAG X . 23.66 -30.78 -26.50
O5 NAG X . 20.88 -31.45 -24.26
O6 NAG X . 22.62 -33.58 -24.52
O7 NAG X . 22.28 -27.16 -21.95
C1 NAG X . 25.01 -31.23 -26.29
C2 NAG X . 25.65 -31.51 -27.66
C3 NAG X . 27.13 -31.92 -27.47
C4 NAG X . 27.86 -30.86 -26.66
C5 NAG X . 27.12 -30.64 -25.34
C6 NAG X . 27.76 -29.60 -24.44
C7 NAG X . 24.47 -33.74 -28.47
C8 NAG X . 24.75 -34.69 -27.32
N2 NAG X . 24.92 -32.46 -28.50
O3 NAG X . 27.69 -32.11 -28.73
O4 NAG X . 29.18 -31.30 -26.46
O5 NAG X . 25.78 -30.26 -25.60
O6 NAG X . 26.98 -29.42 -23.29
O7 NAG X . 23.84 -34.18 -29.41
C1 NAG Y . -6.71 -20.61 -42.41
C2 NAG Y . -8.19 -20.83 -42.05
C3 NAG Y . -8.94 -20.95 -43.37
C4 NAG Y . -8.67 -19.74 -44.31
C5 NAG Y . -7.17 -19.39 -44.33
C6 NAG Y . -6.85 -18.08 -45.02
C7 NAG Y . -8.85 -22.05 -39.99
C8 NAG Y . -9.34 -20.73 -39.41
N2 NAG Y . -8.37 -22.01 -41.25
O3 NAG Y . -10.29 -21.09 -43.01
O4 NAG Y . -9.05 -20.08 -45.62
O5 NAG Y . -6.62 -19.35 -43.02
O6 NAG Y . -5.46 -17.96 -45.16
O7 NAG Y . -8.98 -23.08 -39.36
C1 NAG Y . -10.44 -19.86 -45.94
C2 NAG Y . -10.54 -19.27 -47.35
C3 NAG Y . -12.02 -19.16 -47.71
C4 NAG Y . -12.69 -20.53 -47.63
C5 NAG Y . -12.51 -21.03 -46.17
C6 NAG Y . -13.08 -22.39 -45.84
C7 NAG Y . -8.77 -17.73 -48.12
C8 NAG Y . -8.30 -16.30 -48.03
N2 NAG Y . -9.89 -17.99 -47.43
O3 NAG Y . -12.11 -18.58 -48.99
O4 NAG Y . -14.03 -20.37 -48.02
O5 NAG Y . -11.11 -21.08 -45.88
O6 NAG Y . -12.56 -23.36 -46.72
O7 NAG Y . -8.17 -18.56 -48.78
C1 BMA Y . -14.37 -21.34 -49.07
C2 BMA Y . -15.86 -21.66 -48.87
C3 BMA Y . -16.86 -20.92 -49.79
C4 BMA Y . -16.35 -20.46 -51.16
C5 BMA Y . -14.86 -20.12 -51.25
C6 BMA Y . -14.58 -18.63 -51.10
O2 BMA Y . -16.14 -21.46 -47.51
O3 BMA Y . -17.39 -19.86 -49.03
O4 BMA Y . -16.65 -21.54 -52.04
O5 BMA Y . -14.02 -20.85 -50.37
O6 BMA Y . -14.77 -18.03 -52.36
C1 MAN Y . -15.71 -16.95 -52.24
C2 MAN Y . -16.68 -17.03 -53.42
C3 MAN Y . -16.99 -15.64 -54.00
C4 MAN Y . -17.13 -14.56 -52.93
C5 MAN Y . -15.88 -14.55 -52.03
C6 MAN Y . -16.24 -14.51 -50.55
O2 MAN Y . -17.84 -17.67 -52.96
O3 MAN Y . -18.18 -15.79 -54.74
O4 MAN Y . -17.30 -13.33 -53.60
O5 MAN Y . -15.07 -15.69 -52.24
O6 MAN Y . -17.62 -14.60 -50.36
C1 NAG Z . 38.03 -35.75 -8.59
C2 NAG Z . 37.85 -37.26 -8.81
C3 NAG Z . 38.98 -37.79 -9.71
C4 NAG Z . 39.24 -36.91 -10.94
C5 NAG Z . 39.40 -35.44 -10.49
C6 NAG Z . 39.61 -34.44 -11.60
C7 NAG Z . 36.80 -38.08 -6.73
C8 NAG Z . 37.10 -38.81 -5.44
N2 NAG Z . 37.86 -37.92 -7.55
O3 NAG Z . 38.61 -39.09 -10.09
O4 NAG Z . 40.42 -37.38 -11.54
O5 NAG Z . 38.22 -35.09 -9.81
O6 NAG Z . 38.51 -34.44 -12.47
O7 NAG Z . 35.67 -37.67 -6.97
C1 NAG Z . 40.12 -37.81 -12.89
C2 NAG Z . 41.38 -37.58 -13.74
C3 NAG Z . 41.09 -38.01 -15.18
C4 NAG Z . 40.56 -39.45 -15.22
C5 NAG Z . 39.36 -39.59 -14.25
C6 NAG Z . 38.83 -41.00 -14.15
C7 NAG Z . 42.88 -35.73 -13.09
C8 NAG Z . 43.09 -34.24 -13.19
N2 NAG Z . 41.78 -36.20 -13.69
O3 NAG Z . 42.28 -37.89 -15.91
O4 NAG Z . 40.17 -39.69 -16.55
O5 NAG Z . 39.77 -39.17 -12.95
O6 NAG Z . 39.86 -41.86 -13.74
O7 NAG Z . 43.67 -36.43 -12.47
C1 BMA Z . 40.95 -40.76 -17.13
C2 BMA Z . 40.00 -41.51 -18.04
C3 BMA Z . 40.80 -42.60 -18.78
C4 BMA Z . 41.94 -41.99 -19.63
C5 BMA Z . 42.72 -40.89 -18.91
C6 BMA Z . 43.26 -39.79 -19.83
O2 BMA Z . 39.37 -40.60 -18.90
O3 BMA Z . 39.86 -43.38 -19.46
O4 BMA Z . 42.79 -43.07 -19.94
O5 BMA Z . 42.07 -40.24 -17.83
O6 BMA Z . 44.08 -39.00 -19.00
C1 MAN Z . 39.96 -44.77 -19.03
C2 MAN Z . 39.00 -45.60 -19.89
C3 MAN Z . 37.56 -45.32 -19.49
C4 MAN Z . 37.33 -45.63 -18.03
C5 MAN Z . 38.29 -44.79 -17.18
C6 MAN Z . 38.29 -45.23 -15.74
O2 MAN Z . 39.34 -46.95 -19.68
O3 MAN Z . 36.73 -46.08 -20.33
O4 MAN Z . 35.98 -45.33 -17.74
O5 MAN Z . 39.63 -44.91 -17.65
O6 MAN Z . 39.57 -45.71 -15.39
C1 MAN Z . 44.69 -37.94 -19.77
C2 MAN Z . 46.03 -37.61 -19.11
C3 MAN Z . 45.78 -36.99 -17.73
C4 MAN Z . 44.84 -35.80 -17.81
C5 MAN Z . 43.55 -36.20 -18.54
C6 MAN Z . 42.67 -35.00 -18.82
O2 MAN Z . 46.69 -36.72 -19.98
O3 MAN Z . 47.04 -36.64 -17.21
O4 MAN Z . 44.60 -35.38 -16.49
O5 MAN Z . 43.86 -36.80 -19.79
O6 MAN Z . 41.71 -35.36 -19.79
C1 NAG AA . 18.18 12.87 29.42
C2 NAG AA . 17.90 14.06 30.35
C3 NAG AA . 18.35 15.34 29.66
C4 NAG AA . 19.80 15.25 29.17
C5 NAG AA . 19.97 13.97 28.32
C6 NAG AA . 21.38 13.71 27.85
C7 NAG AA . 15.93 13.76 31.84
C8 NAG AA . 16.85 13.27 32.93
N2 NAG AA . 16.50 14.11 30.67
O3 NAG AA . 18.18 16.38 30.57
O4 NAG AA . 20.06 16.39 28.39
O5 NAG AA . 19.56 12.86 29.10
O6 NAG AA . 21.39 12.55 27.04
O7 NAG AA . 14.73 13.84 32.03
C1 NAG AA . 21.11 17.21 28.98
C2 NAG AA . 21.58 18.23 27.92
C3 NAG AA . 22.53 19.25 28.54
C4 NAG AA . 21.93 19.85 29.81
C5 NAG AA . 21.57 18.70 30.77
C6 NAG AA . 21.00 19.14 32.11
C7 NAG AA . 21.76 17.15 25.64
C8 NAG AA . 20.32 17.49 25.32
N2 NAG AA . 22.25 17.55 26.83
O3 NAG AA . 22.80 20.23 27.58
O4 NAG AA . 22.88 20.74 30.35
O5 NAG AA . 20.62 17.88 30.13
O6 NAG AA . 21.91 19.89 32.88
O7 NAG AA . 22.46 16.58 24.81
C1 NAG BA . 13.13 -11.24 20.92
C2 NAG BA . 12.62 -12.69 21.06
C3 NAG BA . 12.15 -12.94 22.50
C4 NAG BA . 13.23 -12.57 23.50
C5 NAG BA . 13.62 -11.11 23.25
C6 NAG BA . 14.68 -10.56 24.18
C7 NAG BA . 11.27 -14.04 19.39
C8 NAG BA . 12.18 -15.24 19.53
N2 NAG BA . 11.56 -12.93 20.11
O3 NAG BA . 11.79 -14.29 22.61
O4 NAG BA . 12.70 -12.78 24.79
O5 NAG BA . 14.09 -10.98 21.92
O6 NAG BA . 15.86 -11.31 24.06
O7 NAG BA . 10.31 -14.08 18.62
C1 NAG BA . 13.48 -13.74 25.54
C2 NAG BA . 12.78 -13.97 26.90
C3 NAG BA . 13.63 -14.93 27.71
C4 NAG BA . 13.86 -16.23 26.95
C5 NAG BA . 14.47 -15.90 25.58
C6 NAG BA . 14.71 -17.12 24.72
C7 NAG BA . 11.41 -12.04 27.72
C8 NAG BA . 10.19 -12.65 27.08
N2 NAG BA . 12.57 -12.72 27.58
O3 NAG BA . 12.97 -15.15 28.94
O4 NAG BA . 14.72 -17.04 27.71
O5 NAG BA . 13.62 -14.99 24.89
O6 NAG BA . 13.52 -17.87 24.61
O7 NAG BA . 11.34 -10.98 28.32
C1 NAG CA . -15.13 5.65 30.18
C2 NAG CA . -13.72 5.86 29.61
C3 NAG CA . -13.12 7.17 30.11
C4 NAG CA . -14.08 8.35 29.96
C5 NAG CA . -15.44 7.97 30.58
C6 NAG CA . -16.51 9.03 30.44
C7 NAG CA . -12.26 3.87 29.18
C8 NAG CA . -12.54 3.98 27.71
N2 NAG CA . -12.84 4.78 29.98
O3 NAG CA . -11.93 7.38 29.41
O4 NAG CA . -13.49 9.44 30.63
O5 NAG CA . -15.91 6.79 29.97
O6 NAG CA . -16.79 9.23 29.07
O7 NAG CA . -11.53 2.99 29.61
C1 NAG CA . -13.25 10.55 29.72
C2 NAG CA . -13.22 11.84 30.57
C3 NAG CA . -12.90 13.04 29.68
C4 NAG CA . -11.61 12.79 28.90
C5 NAG CA . -11.79 11.48 28.10
C6 NAG CA . -10.60 11.13 27.24
C7 NAG CA . -14.57 12.26 32.57
C8 NAG CA . -15.98 12.42 33.10
N2 NAG CA . -14.47 12.01 31.26
O3 NAG CA . -12.80 14.16 30.51
O4 NAG CA . -11.41 13.89 28.04
O5 NAG CA . -12.03 10.42 29.01
O6 NAG CA . -9.43 11.21 28.02
O7 NAG CA . -13.60 12.34 33.33
C1 BMA CA . -10.18 14.59 28.37
C2 BMA CA . -9.74 15.33 27.12
C3 BMA CA . -8.50 16.22 27.37
C4 BMA CA . -8.36 16.83 28.79
C5 BMA CA . -9.44 16.49 29.82
C6 BMA CA . -10.18 17.72 30.32
O2 BMA CA . -10.83 16.07 26.64
O3 BMA CA . -8.51 17.19 26.37
O4 BMA CA . -7.09 16.39 29.25
O5 BMA CA . -10.39 15.50 29.45
O6 BMA CA . -11.01 17.32 31.38
C1 NAG DA . -23.24 -27.86 30.19
C2 NAG DA . -24.50 -27.56 29.39
C3 NAG DA . -25.61 -28.49 29.88
C4 NAG DA . -25.14 -29.97 29.87
C5 NAG DA . -23.78 -30.07 30.58
C6 NAG DA . -23.19 -31.45 30.64
C7 NAG DA . -24.74 -25.16 28.68
C8 NAG DA . -24.09 -25.49 27.35
N2 NAG DA . -24.90 -26.19 29.55
O3 NAG DA . -26.70 -28.19 29.03
O4 NAG DA . -26.07 -30.80 30.54
O5 NAG DA . -22.86 -29.20 29.94
O6 NAG DA . -21.81 -31.33 30.90
O7 NAG DA . -25.12 -24.03 28.93
C1 NAG DA . -27.19 -31.25 29.73
C2 NAG DA . -27.06 -32.73 29.31
C3 NAG DA . -28.32 -33.10 28.54
C4 NAG DA . -29.53 -32.90 29.44
C5 NAG DA . -29.58 -31.40 29.77
C6 NAG DA . -30.76 -30.98 30.61
C7 NAG DA . -24.97 -33.93 28.83
C8 NAG DA . -23.83 -34.06 27.85
N2 NAG DA . -25.90 -33.01 28.51
O3 NAG DA . -28.17 -34.41 28.07
O4 NAG DA . -30.70 -33.37 28.80
O5 NAG DA . -28.38 -31.07 30.46
O6 NAG DA . -30.71 -29.58 30.83
O7 NAG DA . -25.02 -34.61 29.84
C1 BMA DA . -31.12 -34.56 29.50
C2 BMA DA . -32.63 -34.50 29.72
C3 BMA DA . -33.05 -35.73 30.58
C4 BMA DA . -32.18 -37.01 30.45
C5 BMA DA . -31.22 -37.01 29.25
C6 BMA DA . -31.72 -37.87 28.08
O2 BMA DA . -33.27 -34.47 28.48
O3 BMA DA . -34.41 -35.96 30.29
O4 BMA DA . -31.46 -37.11 31.67
O5 BMA DA . -30.84 -35.73 28.76
O6 BMA DA . -31.51 -39.22 28.42
C1 NAG EA . -5.70 7.91 44.66
C2 NAG EA . -5.62 9.40 44.34
C3 NAG EA . -4.33 9.95 44.94
C4 NAG EA . -4.16 9.56 46.43
C5 NAG EA . -4.46 8.07 46.63
C6 NAG EA . -4.49 7.62 48.08
C7 NAG EA . -6.82 9.92 42.26
C8 NAG EA . -6.69 10.09 40.76
N2 NAG EA . -5.68 9.60 42.91
O3 NAG EA . -4.38 11.33 44.74
O4 NAG EA . -2.82 9.79 46.80
O5 NAG EA . -5.70 7.75 46.06
O6 NAG EA . -5.57 8.25 48.72
O7 NAG EA . -7.89 10.07 42.81
C1 NAG EA . -2.58 11.08 47.40
C2 NAG EA . -1.52 11.04 48.50
C3 NAG EA . -1.50 12.44 49.14
C4 NAG EA . -1.12 13.48 48.07
C5 NAG EA . -2.05 13.32 46.84
C6 NAG EA . -1.66 14.18 45.67
C7 NAG EA . -2.48 9.44 50.38
C8 NAG EA . -3.77 10.15 50.77
N2 NAG EA . -1.63 9.92 49.43
O3 NAG EA . -0.59 12.37 50.20
O4 NAG EA . -1.30 14.77 48.60
O5 NAG EA . -2.08 11.97 46.42
O6 NAG EA . -2.64 14.12 44.68
O7 NAG EA . -2.20 8.40 50.96
C1 BMA EA . -0.08 15.37 49.08
C2 BMA EA . 0.00 16.76 48.50
C3 BMA EA . 1.01 17.66 49.27
C4 BMA EA . 1.09 17.44 50.80
C5 BMA EA . 0.84 16.01 51.25
C6 BMA EA . 0.54 15.81 52.73
O2 BMA EA . -1.29 17.30 48.51
O3 BMA EA . 0.68 18.96 48.89
O4 BMA EA . 2.42 17.80 51.16
O5 BMA EA . -0.16 15.35 50.48
O6 BMA EA . -0.86 15.87 52.93
C1 MAN EA . 1.87 19.71 48.53
C2 MAN EA . 1.45 21.18 48.40
C3 MAN EA . 0.67 21.42 47.11
C4 MAN EA . 1.42 20.91 45.90
C5 MAN EA . 1.77 19.43 46.08
C6 MAN EA . 2.70 18.95 45.00
O2 MAN EA . 2.63 21.94 48.50
O3 MAN EA . 0.42 22.80 47.02
O4 MAN EA . 0.58 21.10 44.78
O5 MAN EA . 2.44 19.24 47.33
O6 MAN EA . 3.95 19.58 45.16
C1 MAN EA . 2.51 22.81 49.65
C2 MAN EA . 3.62 23.86 49.58
C3 MAN EA . 4.96 23.19 49.80
C4 MAN EA . 5.00 22.52 51.17
C5 MAN EA . 3.87 21.49 51.26
C6 MAN EA . 3.67 21.01 52.68
O2 MAN EA . 3.35 24.75 50.63
O3 MAN EA . 5.96 24.18 49.69
O4 MAN EA . 6.26 21.91 51.31
O5 MAN EA . 2.63 22.06 50.86
O6 MAN EA . 4.54 19.93 52.92
C1 MAN EA . 2.89 26.02 50.11
C2 MAN EA . 3.28 27.09 51.13
C3 MAN EA . 2.57 26.78 52.45
C4 MAN EA . 1.05 26.71 52.27
C5 MAN EA . 0.70 25.76 51.11
C6 MAN EA . -0.75 25.87 50.70
O2 MAN EA . 2.91 28.32 50.60
O3 MAN EA . 2.94 27.76 53.38
O4 MAN EA . 0.51 26.25 53.49
O5 MAN EA . 1.48 26.03 49.96
O6 MAN EA . -0.81 26.26 49.34
C1 MAN EA . -1.15 16.94 53.85
C2 MAN EA . -1.73 16.37 55.14
C3 MAN EA . -1.95 17.52 56.11
C4 MAN EA . -2.85 18.63 55.51
C5 MAN EA . -2.47 18.97 54.05
C6 MAN EA . -1.34 19.97 53.95
O2 MAN EA . -0.81 15.43 55.68
O3 MAN EA . -0.68 17.99 56.49
O4 MAN EA . -4.17 18.17 55.61
O5 MAN EA . -2.11 17.81 53.30
O6 MAN EA . -1.11 20.28 52.60
C1 NAG FA . -0.30 -12.28 42.72
C2 NAG FA . 0.82 -11.76 41.80
C3 NAG FA . 2.12 -12.45 42.17
C4 NAG FA . 2.43 -12.29 43.66
C5 NAG FA . 1.21 -12.74 44.49
C6 NAG FA . 1.36 -12.54 45.97
C7 NAG FA . 0.15 -11.03 39.56
C8 NAG FA . -0.12 -11.51 38.17
N2 NAG FA . 0.51 -12.00 40.42
O3 NAG FA . 3.11 -11.91 41.34
O4 NAG FA . 3.57 -13.08 43.95
O5 NAG FA . 0.06 -12.02 44.06
O6 NAG FA . 0.19 -12.97 46.62
O7 NAG FA . 0.04 -9.85 39.86
C1 NAG FA . 4.69 -12.23 44.22
C2 NAG FA . 5.63 -12.92 45.22
C3 NAG FA . 6.89 -12.06 45.42
C4 NAG FA . 7.54 -11.72 44.08
C5 NAG FA . 6.48 -11.06 43.17
C6 NAG FA . 6.94 -10.65 41.79
C7 NAG FA . 4.58 -14.36 46.91
C8 NAG FA . 3.89 -14.34 48.25
N2 NAG FA . 4.96 -13.15 46.46
O3 NAG FA . 7.75 -12.78 46.25
O4 NAG FA . 8.61 -10.84 44.35
O5 NAG FA . 5.41 -11.98 43.02
O6 NAG FA . 7.82 -9.55 41.86
O7 NAG FA . 4.76 -15.39 46.30
C1 BMA FA . 9.87 -11.39 43.89
C2 BMA FA . 10.96 -10.44 44.36
C3 BMA FA . 12.35 -10.99 43.94
C4 BMA FA . 12.58 -12.50 44.18
C5 BMA FA . 11.32 -13.38 44.26
C6 BMA FA . 11.40 -14.49 45.30
O2 BMA FA . 10.84 -10.27 45.75
O3 BMA FA . 13.28 -10.15 44.59
O4 BMA FA . 13.35 -12.92 43.07
O5 BMA FA . 10.07 -12.68 44.43
O6 BMA FA . 11.57 -13.90 46.57
C1 MAN FA . 14.45 -9.90 43.77
C2 MAN FA . 15.45 -9.11 44.64
C3 MAN FA . 14.98 -7.67 44.81
C4 MAN FA . 14.77 -6.99 43.46
C5 MAN FA . 13.76 -7.80 42.63
C6 MAN FA . 13.72 -7.33 41.20
O2 MAN FA . 16.69 -9.18 44.00
O3 MAN FA . 15.95 -7.00 45.59
O4 MAN FA . 14.31 -5.69 43.72
O5 MAN FA . 14.12 -9.19 42.59
O6 MAN FA . 14.61 -8.11 40.44
C1 MAN FA . 11.78 -14.90 47.61
C2 MAN FA . 13.09 -14.54 48.31
C3 MAN FA . 14.00 -15.76 48.51
C4 MAN FA . 13.22 -16.98 48.99
C5 MAN FA . 12.06 -17.28 48.03
C6 MAN FA . 10.75 -17.49 48.77
O2 MAN FA . 12.75 -13.94 49.54
O3 MAN FA . 15.01 -15.39 49.42
O4 MAN FA . 14.14 -18.06 49.06
O5 MAN FA . 11.86 -16.21 47.10
O6 MAN FA . 10.54 -18.87 48.93
C1 NAG GA . 1.34 -6.62 42.34
C2 NAG GA . 2.82 -6.83 42.04
C3 NAG GA . 3.38 -7.88 43.00
C4 NAG GA . 3.05 -7.65 44.48
C5 NAG GA . 1.56 -7.28 44.63
C6 NAG GA . 1.15 -6.67 45.95
C7 NAG GA . 3.75 -6.71 39.71
C8 NAG GA . 4.46 -5.42 40.05
N2 NAG GA . 3.02 -7.28 40.68
O3 NAG GA . 4.77 -7.91 42.79
O4 NAG GA . 3.40 -8.90 45.06
O5 NAG GA . 1.22 -6.29 43.70
O6 NAG GA . 0.47 -5.46 45.73
O7 NAG GA . 3.83 -7.18 38.59
C1 NAG GA . 4.06 -8.96 46.36
C2 NAG GA . 5.14 -7.88 46.61
C3 NAG GA . 5.75 -8.13 48.00
C4 NAG GA . 4.65 -8.15 49.07
C5 NAG GA . 3.56 -9.15 48.66
C6 NAG GA . 2.39 -9.22 49.62
C7 NAG GA . 6.87 -6.82 45.19
C8 NAG GA . 7.90 -7.09 44.12
N2 NAG GA . 6.17 -7.89 45.60
O3 NAG GA . 6.70 -7.14 48.25
O4 NAG GA . 5.25 -8.52 50.29
O5 NAG GA . 3.08 -8.80 47.38
O6 NAG GA . 1.43 -10.12 49.12
O7 NAG GA . 6.70 -5.69 45.64
C1 NAG HA . -20.99 5.58 35.73
C2 NAG HA . -21.01 5.85 34.22
C3 NAG HA . -22.16 6.88 34.19
C4 NAG HA . -23.47 6.39 34.87
C5 NAG HA . -23.25 5.32 35.98
C6 NAG HA . -24.42 4.36 36.02
C7 NAG HA . -19.24 6.29 32.48
C8 NAG HA . -20.05 5.60 31.39
N2 NAG HA . -19.74 6.33 33.73
O3 NAG HA . -22.42 7.26 32.86
O4 NAG HA . -24.05 7.53 35.45
O5 NAG HA . -22.00 4.61 35.92
O6 NAG HA . -24.59 3.79 34.74
O7 NAG HA . -18.14 6.76 32.21
C1 NAG HA . -25.21 7.92 34.69
C2 NAG HA . -26.29 8.40 35.67
C3 NAG HA . -27.48 8.97 34.91
C4 NAG HA . -27.03 10.04 33.92
C5 NAG HA . -25.98 9.43 32.99
C6 NAG HA . -25.46 10.40 31.95
C7 NAG HA . -26.90 7.50 37.89
C8 NAG HA . -27.34 6.26 38.61
N2 NAG HA . -26.71 7.35 36.57
O3 NAG HA . -28.38 9.49 35.86
O4 NAG HA . -28.17 10.48 33.21
O5 NAG HA . -24.89 8.96 33.78
O6 NAG HA . -24.49 9.76 31.15
O7 NAG HA . -26.72 8.56 38.48
C1 NAG IA . 18.02 10.24 47.87
C2 NAG IA . 17.06 10.79 48.97
C3 NAG IA . 17.45 10.26 50.35
C4 NAG IA . 17.81 8.77 50.39
C5 NAG IA . 18.66 8.38 49.17
C6 NAG IA . 18.91 6.89 49.03
C7 NAG IA . 16.23 13.13 48.52
C8 NAG IA . 15.02 12.58 47.83
N2 NAG IA . 17.12 12.24 49.00
O3 NAG IA . 16.37 10.55 51.20
O4 NAG IA . 18.52 8.57 51.59
O5 NAG IA . 18.05 8.84 47.99
O6 NAG IA . 17.67 6.22 48.98
O7 NAG IA . 16.40 14.34 48.61
C1 NAG IA . 17.83 7.61 52.45
C2 NAG IA . 18.88 6.83 53.26
C3 NAG IA . 18.16 5.82 54.16
C4 NAG IA . 17.07 6.48 55.01
C5 NAG IA . 16.17 7.33 54.10
C6 NAG IA . 15.10 8.13 54.83
C7 NAG IA . 21.05 6.48 52.04
C8 NAG IA . 21.59 7.78 52.60
N2 NAG IA . 19.81 6.11 52.41
O3 NAG IA . 19.15 5.22 54.96
O4 NAG IA . 16.34 5.43 55.59
O5 NAG IA . 16.95 8.25 53.35
O6 NAG IA . 14.13 7.28 55.38
O7 NAG IA . 21.74 5.80 51.30
C1 BMA IA . 16.56 5.33 57.01
C2 BMA IA . 15.20 4.99 57.61
C3 BMA IA . 15.27 4.50 59.06
C4 BMA IA . 16.51 3.66 59.46
C5 BMA IA . 17.76 3.82 58.58
C6 BMA IA . 18.61 2.56 58.49
O2 BMA IA . 14.60 4.03 56.76
O3 BMA IA . 14.05 3.81 59.24
O4 BMA IA . 16.81 4.07 60.77
O5 BMA IA . 17.52 4.33 57.28
O6 BMA IA . 18.46 2.00 57.19
C1 MAN IA . 13.52 4.02 60.57
C2 MAN IA . 12.26 3.14 60.69
C3 MAN IA . 11.13 3.74 59.86
C4 MAN IA . 10.82 5.15 60.30
C5 MAN IA . 12.08 6.02 60.20
C6 MAN IA . 11.90 7.35 60.90
O2 MAN IA . 11.93 3.08 62.06
O3 MAN IA . 10.02 2.88 59.99
O4 MAN IA . 9.80 5.64 59.47
O5 MAN IA . 13.21 5.39 60.81
O6 MAN IA . 12.23 7.19 62.26
C1 MAN IA . 19.77 1.72 56.64
C2 MAN IA . 20.24 0.36 57.20
C3 MAN IA . 21.61 0.45 57.85
C4 MAN IA . 22.62 1.21 56.99
C5 MAN IA . 22.05 2.58 56.58
C6 MAN IA . 22.12 2.80 55.08
O2 MAN IA . 20.23 -0.55 56.12
O3 MAN IA . 22.05 -0.87 58.12
O4 MAN IA . 23.80 1.34 57.75
O5 MAN IA . 20.69 2.74 56.98
O6 MAN IA . 21.95 4.16 54.80
C1 NAG JA . 27.32 20.62 -14.60
C2 NAG JA . 27.46 20.99 -16.08
C3 NAG JA . 28.16 19.84 -16.81
C4 NAG JA . 29.43 19.36 -16.12
C5 NAG JA . 29.13 19.10 -14.63
C6 NAG JA . 30.32 18.72 -13.77
C7 NAG JA . 25.58 22.35 -17.05
C8 NAG JA . 26.29 23.62 -16.68
N2 NAG JA . 26.19 21.20 -16.70
O3 NAG JA . 28.42 20.29 -18.11
O4 NAG JA . 29.81 18.17 -16.80
O5 NAG JA . 28.58 20.27 -14.06
O6 NAG JA . 29.92 18.67 -12.41
O7 NAG JA . 24.49 22.38 -17.61
C1 NAG JA . 31.18 18.20 -17.25
C2 NAG JA . 31.50 16.80 -17.81
C3 NAG JA . 32.98 16.78 -18.25
C4 NAG JA . 33.23 17.89 -19.26
C5 NAG JA . 32.78 19.24 -18.67
C6 NAG JA . 32.92 20.40 -19.62
C7 NAG JA . 31.39 15.24 -15.67
C8 NAG JA . 32.47 15.83 -14.78
N2 NAG JA . 31.08 15.74 -16.90
O3 NAG JA . 33.24 15.51 -18.78
O4 NAG JA . 34.61 17.90 -19.57
O5 NAG JA . 31.41 19.15 -18.28
O6 NAG JA . 32.18 20.16 -20.80
O7 NAG JA . 30.77 14.29 -15.23
C1 NAG KA . -5.90 24.78 -23.53
C2 NAG KA . -4.62 24.20 -22.90
C3 NAG KA . -3.53 24.12 -23.98
C4 NAG KA . -4.02 23.43 -25.25
C5 NAG KA . -5.34 24.09 -25.70
C6 NAG KA . -5.95 23.47 -26.94
C7 NAG KA . -3.82 24.65 -20.56
C8 NAG KA . -3.83 23.17 -20.28
N2 NAG KA . -4.20 25.04 -21.80
O3 NAG KA . -2.44 23.46 -23.40
O4 NAG KA . -3.05 23.60 -26.26
O5 NAG KA . -6.28 24.00 -24.64
O6 NAG KA . -7.17 24.10 -27.25
O7 NAG KA . -3.49 25.45 -19.70
C1 NAG KA . -2.52 22.36 -26.81
C2 NAG KA . -1.74 22.81 -28.06
C3 NAG KA . -0.38 22.15 -28.28
C4 NAG KA . -0.09 20.83 -27.56
C5 NAG KA . -0.89 20.58 -26.28
C6 NAG KA . 0.01 20.44 -25.07
C7 NAG KA . -2.88 23.46 -30.20
C8 NAG KA . -2.43 24.88 -30.00
N2 NAG KA . -2.52 22.56 -29.24
O3 NAG KA . 0.60 23.11 -27.99
O4 NAG KA . -0.38 19.89 -28.59
O5 NAG KA . -1.72 21.65 -25.88
O6 NAG KA . 1.03 19.51 -25.31
O7 NAG KA . -3.56 23.14 -31.16
C1 BMA KA . 0.67 18.96 -29.02
C2 BMA KA . 1.46 19.49 -30.24
C3 BMA KA . 2.59 18.52 -30.66
C4 BMA KA . 3.15 17.55 -29.59
C5 BMA KA . 2.35 17.49 -28.28
C6 BMA KA . 3.18 17.02 -27.08
O2 BMA KA . 2.02 20.77 -30.04
O3 BMA KA . 3.61 19.35 -31.19
O4 BMA KA . 3.15 16.29 -30.20
O5 BMA KA . 1.64 18.69 -28.01
O6 BMA KA . 2.40 16.10 -26.34
C1 MAN KA . 2.35 14.84 -27.07
C2 MAN KA . 1.18 14.01 -26.50
C3 MAN KA . 1.53 13.38 -25.15
C4 MAN KA . 2.85 12.62 -25.20
C5 MAN KA . 3.94 13.58 -25.68
C6 MAN KA . 5.26 12.87 -25.88
O2 MAN KA . 0.87 13.03 -27.46
O3 MAN KA . 0.46 12.53 -24.79
O4 MAN KA . 3.11 12.14 -23.91
O5 MAN KA . 3.58 14.14 -26.94
O6 MAN KA . 5.86 13.33 -27.07
C1 NAG LA . -25.03 39.24 0.66
C2 NAG LA . -26.29 38.45 0.28
C3 NAG LA . -27.47 39.42 0.42
C4 NAG LA . -27.49 40.12 1.80
C5 NAG LA . -26.09 40.58 2.23
C6 NAG LA . -26.00 41.01 3.66
C7 NAG LA . -25.94 38.44 -2.25
C8 NAG LA . -25.97 37.45 -3.39
N2 NAG LA . -26.23 37.89 -1.05
O3 NAG LA . -28.63 38.66 0.18
O4 NAG LA . -28.33 41.26 1.69
O5 NAG LA . -25.13 39.55 2.03
O6 NAG LA . -24.72 41.53 3.89
O7 NAG LA . -25.70 39.62 -2.48
C1 NAG LA . -29.69 41.03 2.10
C2 NAG LA . -30.14 42.20 2.97
C3 NAG LA . -31.65 42.11 3.24
C4 NAG LA . -32.45 41.93 1.95
C5 NAG LA . -31.86 40.72 1.17
C6 NAG LA . -32.48 40.41 -0.18
C7 NAG LA . -29.28 41.32 5.20
C8 NAG LA . -28.47 41.79 6.38
N2 NAG LA . -29.44 42.26 4.24
O3 NAG LA . -32.00 43.28 3.92
O4 NAG LA . -33.79 41.73 2.41
O5 NAG LA . -30.49 40.93 0.93
O6 NAG LA . -32.41 41.56 -0.99
O7 NAG LA . -29.74 40.18 5.20
C1 BMA LA . -34.86 42.39 1.63
C2 BMA LA . -36.15 41.78 2.22
C3 BMA LA . -37.07 42.71 3.07
C4 BMA LA . -36.94 44.22 2.82
C5 BMA LA . -35.55 44.72 2.49
C6 BMA LA . -34.73 45.10 3.72
O2 BMA LA . -35.78 40.63 2.93
O3 BMA LA . -36.88 42.36 4.42
O4 BMA LA . -37.83 44.49 1.76
O5 BMA LA . -34.78 43.83 1.66
O6 BMA LA . -33.50 45.60 3.25
C1 NAG MA . -0.10 33.23 -30.95
C2 NAG MA . -0.20 34.68 -31.42
C3 NAG MA . -1.05 34.78 -32.68
C4 NAG MA . -0.55 33.78 -33.75
C5 NAG MA . -0.57 32.39 -33.11
C6 NAG MA . -0.18 31.25 -34.03
C7 NAG MA . -0.02 36.26 -29.53
C8 NAG MA . -0.82 37.04 -28.51
N2 NAG MA . -0.75 35.51 -30.37
O3 NAG MA . -0.99 36.12 -33.10
O4 NAG MA . -1.40 33.82 -34.89
O5 NAG MA . 0.31 32.39 -32.01
O6 NAG MA . -0.20 30.04 -33.31
O7 NAG MA . 1.20 36.33 -29.57
C1 BMA MA . -0.82 34.59 -35.96
C2 BMA MA . 0.01 33.65 -36.85
C3 BMA MA . 0.58 34.43 -38.06
C4 BMA MA . -0.35 35.52 -38.66
C5 BMA MA . -1.75 35.64 -38.05
C6 BMA MA . -2.83 34.92 -38.87
O2 BMA MA . -0.80 32.56 -37.23
O3 BMA MA . 0.96 33.46 -39.00
O4 BMA MA . 0.36 36.74 -38.50
O5 BMA MA . -1.85 35.23 -36.69
O6 BMA MA . -4.06 35.15 -38.22
C1 NAG NA . 16.86 19.89 -29.08
C2 NAG NA . 16.64 20.16 -30.57
C3 NAG NA . 16.60 18.84 -31.34
C4 NAG NA . 17.84 18.00 -31.04
C5 NAG NA . 17.99 17.84 -29.51
C6 NAG NA . 19.22 17.07 -29.08
C7 NAG NA . 15.43 22.23 -31.13
C8 NAG NA . 14.05 22.82 -31.29
N2 NAG NA . 15.45 20.92 -30.78
O3 NAG NA . 16.48 19.15 -32.70
O4 NAG NA . 17.66 16.74 -31.67
O5 NAG NA . 18.04 19.12 -28.92
O6 NAG NA . 19.30 17.04 -27.68
O7 NAG NA . 16.43 22.89 -31.31
C1 NAG NA . 18.63 16.58 -32.72
C2 NAG NA . 18.94 15.09 -32.85
C3 NAG NA . 19.91 14.87 -34.03
C4 NAG NA . 19.39 15.53 -35.30
C5 NAG NA . 19.10 17.00 -35.01
C6 NAG NA . 18.56 17.77 -36.20
C7 NAG NA . 18.87 13.69 -30.83
C8 NAG NA . 19.65 13.29 -29.61
N2 NAG NA . 19.49 14.57 -31.64
O3 NAG NA . 20.07 13.48 -34.18
O4 NAG NA . 20.38 15.37 -36.29
O5 NAG NA . 18.16 17.08 -33.95
O6 NAG NA . 17.38 17.16 -36.66
O7 NAG NA . 17.76 13.23 -31.06
C1 NAG OA . 6.48 37.21 -27.51
C2 NAG OA . 7.12 36.09 -28.34
C3 NAG OA . 8.62 36.35 -28.38
C4 NAG OA . 8.95 37.77 -28.86
C5 NAG OA . 8.10 38.79 -28.07
C6 NAG OA . 8.22 40.23 -28.54
C7 NAG OA . 5.88 33.90 -28.06
C8 NAG OA . 4.95 34.23 -29.21
N2 NAG OA . 6.84 34.80 -27.76
O3 NAG OA . 9.13 35.34 -29.23
O4 NAG OA . 10.32 38.02 -28.62
O5 NAG OA . 6.73 38.43 -28.15
O6 NAG OA . 7.56 40.37 -29.77
O7 NAG OA . 5.76 32.85 -27.46
C1 NAG OA . 11.13 37.86 -29.80
C2 NAG OA . 12.37 38.76 -29.77
C3 NAG OA . 13.07 38.61 -31.12
C4 NAG OA . 13.43 37.13 -31.37
C5 NAG OA . 12.17 36.27 -31.18
C6 NAG OA . 12.40 34.78 -31.31
C7 NAG OA . 11.45 41.23 -29.71
C8 NAG OA . 10.71 41.32 -31.03
N2 NAG OA . 12.12 40.11 -29.30
O3 NAG OA . 14.19 39.45 -31.06
O4 NAG OA . 13.88 36.97 -32.70
O5 NAG OA . 11.61 36.55 -29.90
O6 NAG OA . 13.31 34.36 -30.33
O7 NAG OA . 11.46 42.22 -29.00
C1 BMA OA . 15.31 36.99 -32.84
C2 BMA OA . 15.68 35.85 -33.77
C3 BMA OA . 17.11 35.99 -34.34
C4 BMA OA . 17.60 37.43 -34.67
C5 BMA OA . 16.90 38.56 -33.91
C6 BMA OA . 16.76 39.87 -34.68
O2 BMA OA . 14.71 35.78 -34.79
O3 BMA OA . 17.13 35.13 -35.46
O4 BMA OA . 18.97 37.42 -34.32
O5 BMA OA . 15.64 38.25 -33.37
O6 BMA OA . 15.94 39.70 -35.81
C1 MAN OA . 18.40 34.44 -35.52
C2 MAN OA . 18.46 33.75 -36.89
C3 MAN OA . 17.49 32.58 -36.95
C4 MAN OA . 17.82 31.58 -35.86
C5 MAN OA . 17.78 32.26 -34.49
C6 MAN OA . 18.39 31.38 -33.43
O2 MAN OA . 19.80 33.34 -37.05
O3 MAN OA . 17.56 32.01 -38.23
O4 MAN OA . 16.87 30.54 -35.95
O5 MAN OA . 18.53 33.48 -34.49
O6 MAN OA . 18.96 32.17 -32.42
C1 MAN OA . 20.33 33.92 -38.26
C2 MAN OA . 21.66 33.20 -38.54
C3 MAN OA . 22.63 33.58 -37.43
C4 MAN OA . 22.89 35.08 -37.45
C5 MAN OA . 21.56 35.81 -37.24
C6 MAN OA . 21.69 37.29 -37.51
O2 MAN OA . 22.11 33.67 -39.78
O3 MAN OA . 23.80 32.84 -37.64
O4 MAN OA . 23.81 35.36 -36.41
O5 MAN OA . 20.56 35.31 -38.12
O6 MAN OA . 20.84 37.64 -38.57
C1 MAN OA . 21.90 32.67 -40.80
C2 MAN OA . 23.02 32.83 -41.84
C3 MAN OA . 22.90 34.21 -42.48
C4 MAN OA . 21.51 34.47 -43.06
C5 MAN OA . 20.42 34.14 -42.02
C6 MAN OA . 19.04 34.09 -42.62
O2 MAN OA . 22.84 31.79 -42.77
O3 MAN OA . 23.91 34.30 -43.46
O4 MAN OA . 21.47 35.82 -43.44
O5 MAN OA . 20.67 32.86 -41.44
O6 MAN OA . 18.11 33.98 -41.57
C1 MAN OA . 15.87 40.92 -36.59
C2 MAN OA . 16.65 40.64 -37.88
C3 MAN OA . 17.94 41.46 -37.92
C4 MAN OA . 17.62 42.94 -37.82
C5 MAN OA . 16.80 43.23 -36.55
C6 MAN OA . 15.56 44.06 -36.82
O2 MAN OA . 15.80 40.97 -38.96
O3 MAN OA . 18.62 41.12 -39.10
O4 MAN OA . 18.85 43.62 -37.82
O5 MAN OA . 16.39 42.04 -35.88
O6 MAN OA . 15.51 45.10 -35.89
C1 NAG PA . 3.60 43.71 -7.65
C2 NAG PA . 4.68 42.64 -7.39
C3 NAG PA . 5.81 43.26 -6.58
C4 NAG PA . 6.31 44.60 -7.15
C5 NAG PA . 5.11 45.51 -7.40
C6 NAG PA . 5.45 46.82 -8.07
C7 NAG PA . 3.72 40.33 -7.12
C8 NAG PA . 3.82 40.07 -8.59
N2 NAG PA . 4.15 41.52 -6.65
O3 NAG PA . 6.82 42.29 -6.52
O4 NAG PA . 7.18 45.17 -6.19
O5 NAG PA . 4.19 44.85 -8.24
O6 NAG PA . 5.71 46.58 -9.43
O7 NAG PA . 3.30 39.46 -6.37
C1 NAG PA . 8.57 45.06 -6.53
C2 NAG PA . 9.32 46.27 -5.96
C3 NAG PA . 10.82 46.12 -6.19
C4 NAG PA . 11.33 44.78 -5.66
C5 NAG PA . 10.48 43.66 -6.30
C6 NAG PA . 10.83 42.25 -5.88
C7 NAG PA . 8.17 48.45 -5.88
C8 NAG PA . 7.75 49.63 -6.71
N2 NAG PA . 8.83 47.48 -6.55
O3 NAG PA . 11.46 47.20 -5.58
O4 NAG PA . 12.68 44.66 -6.01
O5 NAG PA . 9.12 43.89 -5.98
O6 NAG PA . 10.70 42.12 -4.49
O7 NAG PA . 7.92 48.39 -4.68
C1 BMA PA . 13.47 44.55 -4.80
C2 BMA PA . 14.66 43.65 -5.13
C3 BMA PA . 15.69 43.60 -3.98
C4 BMA PA . 15.88 44.88 -3.15
C5 BMA PA . 15.01 46.09 -3.52
C6 BMA PA . 15.81 47.24 -4.12
O2 BMA PA . 15.22 44.09 -6.34
O3 BMA PA . 16.90 43.16 -4.57
O4 BMA PA . 15.63 44.49 -1.81
O5 BMA PA . 13.88 45.84 -4.35
O6 BMA PA . 14.95 48.36 -4.19
C1 NAG QA . 6.95 41.02 -11.61
C2 NAG QA . 8.11 41.01 -10.61
C3 NAG QA . 8.36 42.44 -10.11
C4 NAG QA . 8.58 43.38 -11.29
C5 NAG QA . 7.32 43.32 -12.17
C6 NAG QA . 7.36 44.21 -13.39
C7 NAG QA . 8.48 39.04 -9.12
C8 NAG QA . 9.72 38.68 -9.91
N2 NAG QA . 7.80 40.14 -9.52
O3 NAG QA . 9.46 42.38 -9.24
O4 NAG QA . 8.83 44.68 -10.79
O5 NAG QA . 7.17 41.99 -12.62
O6 NAG QA . 8.38 43.78 -14.26
O7 NAG QA . 8.13 38.36 -8.17
C1 NAG QA . 10.19 45.04 -11.13
C2 NAG QA . 10.29 46.58 -11.21
C3 NAG QA . 11.73 46.95 -11.56
C4 NAG QA . 12.71 46.32 -10.57
C5 NAG QA . 12.46 44.81 -10.51
C6 NAG QA . 13.35 44.08 -9.51
C7 NAG QA . 8.37 47.97 -12.00
C8 NAG QA . 8.19 48.51 -10.60
N2 NAG QA . 9.38 47.09 -12.19
O3 NAG QA . 11.82 48.36 -11.55
O4 NAG QA . 14.02 46.61 -11.02
O5 NAG QA . 11.11 44.58 -10.15
O6 NAG QA . 12.99 42.73 -9.46
O7 NAG QA . 7.64 48.35 -12.90
C1 NAG RA . 28.89 38.41 -20.69
C2 NAG RA . 28.77 39.18 -22.02
C3 NAG RA . 29.34 40.59 -21.83
C4 NAG RA . 28.77 41.31 -20.61
C5 NAG RA . 28.79 40.36 -19.38
C6 NAG RA . 28.09 40.91 -18.16
C7 NAG RA . 28.85 37.74 -24.00
C8 NAG RA . 29.79 37.14 -25.02
N2 NAG RA . 29.45 38.51 -23.07
O3 NAG RA . 29.06 41.30 -23.01
O4 NAG RA . 29.57 42.45 -20.39
O5 NAG RA . 28.20 39.12 -19.70
O6 NAG RA . 28.20 39.98 -17.10
O7 NAG RA . 27.65 37.52 -24.04
C1 NAG RA . 28.78 43.66 -20.58
C2 NAG RA . 29.11 44.66 -19.46
C3 NAG RA . 28.08 45.78 -19.58
C4 NAG RA . 28.31 46.51 -20.92
C5 NAG RA . 28.20 45.45 -22.04
C6 NAG RA . 28.50 45.99 -23.41
C7 NAG RA . 30.25 44.01 -17.39
C8 NAG RA . 30.06 43.36 -16.04
N2 NAG RA . 29.15 44.07 -18.15
O3 NAG RA . 28.23 46.55 -18.41
O4 NAG RA . 27.35 47.53 -21.22
O5 NAG RA . 29.06 44.33 -21.80
O6 NAG RA . 29.85 46.38 -23.49
O7 NAG RA . 31.33 44.45 -17.74
C1 BMA RA . 27.36 48.82 -20.52
C2 BMA RA . 28.78 49.33 -20.22
C3 BMA RA . 28.52 50.57 -19.33
C4 BMA RA . 27.66 51.68 -19.97
C5 BMA RA . 26.74 51.21 -21.10
C6 BMA RA . 27.01 51.95 -22.41
O2 BMA RA . 29.45 49.60 -21.43
O3 BMA RA . 29.78 51.00 -18.86
O4 BMA RA . 26.88 52.18 -18.90
O5 BMA RA . 26.65 49.78 -21.31
O6 BMA RA . 26.45 51.22 -23.50
C1 MAN RA . 29.78 50.83 -17.43
C2 MAN RA . 30.35 52.12 -16.81
C3 MAN RA . 31.85 52.22 -17.07
C4 MAN RA . 32.59 50.96 -16.65
C5 MAN RA . 31.95 49.75 -17.36
C6 MAN RA . 32.54 48.44 -16.89
O2 MAN RA . 30.06 52.06 -15.43
O3 MAN RA . 32.32 53.36 -16.40
O4 MAN RA . 33.94 51.13 -16.99
O5 MAN RA . 30.56 49.72 -17.06
O6 MAN RA . 32.25 47.44 -17.83
C1 MAN RA . 25.34 51.98 -24.04
C2 MAN RA . 24.64 51.09 -25.08
C3 MAN RA . 25.48 51.00 -26.35
C4 MAN RA . 25.78 52.39 -26.91
C5 MAN RA . 26.53 53.18 -25.85
C6 MAN RA . 26.76 54.62 -26.26
O2 MAN RA . 23.39 51.67 -25.32
O3 MAN RA . 24.76 50.21 -27.27
O4 MAN RA . 26.55 52.21 -28.08
O5 MAN RA . 25.79 53.19 -24.62
O6 MAN RA . 28.09 54.96 -25.98
C1 NAG SA . -35.23 -33.37 -30.79
C2 NAG SA . -36.48 -32.94 -30.01
C3 NAG SA . -37.42 -34.13 -29.82
C4 NAG SA . -37.78 -34.72 -31.17
C5 NAG SA . -36.48 -35.14 -31.88
C6 NAG SA . -36.68 -35.67 -33.29
C7 NAG SA . -35.59 -32.78 -27.63
C8 NAG SA . -35.40 -31.74 -26.55
N2 NAG SA . -36.14 -32.28 -28.76
O3 NAG SA . -38.55 -33.68 -29.11
O4 NAG SA . -38.64 -35.81 -30.94
O5 NAG SA . -35.62 -34.01 -31.98
O6 NAG SA . -37.51 -36.81 -33.33
O7 NAG SA . -35.24 -33.93 -27.43
C1 NAG TA . 34.96 -21.77 -10.00
C2 NAG TA . 36.35 -22.30 -10.42
C3 NAG TA . 36.79 -21.61 -11.71
C4 NAG TA . 35.71 -21.78 -12.79
C5 NAG TA . 34.38 -21.25 -12.24
C6 NAG TA . 33.23 -21.35 -13.22
C7 NAG TA . 37.68 -23.03 -8.48
C8 NAG TA . 38.67 -22.58 -7.44
N2 NAG TA . 37.28 -22.09 -9.35
O3 NAG TA . 38.00 -22.19 -12.11
O4 NAG TA . 36.14 -21.05 -13.93
O5 NAG TA . 34.05 -21.97 -11.07
O6 NAG TA . 33.08 -22.68 -13.65
O7 NAG TA . 37.27 -24.18 -8.51
C1 NAG UA . 31.18 -6.69 4.12
C2 NAG UA . 31.97 -7.13 2.89
C3 NAG UA . 33.47 -6.90 3.09
C4 NAG UA . 33.76 -5.49 3.57
C5 NAG UA . 32.96 -5.24 4.86
C6 NAG UA . 33.12 -3.88 5.48
C7 NAG UA . 30.96 -9.02 1.61
C8 NAG UA . 30.30 -8.04 0.66
N2 NAG UA . 31.72 -8.51 2.60
O3 NAG UA . 34.10 -7.18 1.87
O4 NAG UA . 35.15 -5.40 3.77
O5 NAG UA . 31.58 -5.41 4.56
O6 NAG UA . 34.46 -3.60 5.86
O7 NAG UA . 30.80 -10.22 1.47
C1 NAG VA . -11.59 -30.00 -37.79
C2 NAG VA . -12.28 -29.23 -38.95
C3 NAG VA . -13.08 -30.23 -39.80
C4 NAG VA . -12.20 -31.36 -40.28
C5 NAG VA . -11.55 -32.03 -39.06
C6 NAG VA . -10.61 -33.16 -39.42
C7 NAG VA . -13.36 -27.01 -39.10
C8 NAG VA . -14.30 -26.06 -38.41
N2 NAG VA . -13.13 -28.18 -38.46
O3 NAG VA . -13.66 -29.53 -40.86
O4 NAG VA . -13.01 -32.27 -41.00
O5 NAG VA . -10.84 -31.05 -38.33
O6 NAG VA . -9.67 -32.71 -40.36
O7 NAG VA . -12.84 -26.74 -40.17
C1 NAG WA . 7.37 -42.88 -11.78
C2 NAG WA . 7.77 -44.19 -12.49
C3 NAG WA . 6.74 -45.29 -12.19
C4 NAG WA . 6.50 -45.41 -10.68
C5 NAG WA . 6.06 -44.03 -10.16
C6 NAG WA . 5.75 -44.01 -8.68
C7 NAG WA . 8.97 -43.71 -14.66
C8 NAG WA . 10.32 -43.68 -13.98
N2 NAG WA . 7.88 -43.99 -13.91
O3 NAG WA . 7.23 -46.48 -12.73
O4 NAG WA . 5.51 -46.39 -10.49
O5 NAG WA . 7.11 -43.11 -10.41
O6 NAG WA . 6.93 -44.24 -7.94
O7 NAG WA . 8.91 -43.54 -15.87
C1 NAG XA . 18.22 -34.60 3.79
C2 NAG XA . 18.12 -36.14 3.82
C3 NAG XA . 17.35 -36.57 5.08
C4 NAG XA . 17.97 -35.99 6.34
C5 NAG XA . 18.09 -34.46 6.18
C6 NAG XA . 18.79 -33.78 7.34
C7 NAG XA . 17.74 -37.87 2.08
C8 NAG XA . 16.92 -38.22 0.88
N2 NAG XA . 17.47 -36.67 2.65
O3 NAG XA . 17.34 -37.97 5.12
O4 NAG XA . 17.14 -36.34 7.42
O5 NAG XA . 18.81 -34.17 5.01
O6 NAG XA . 18.00 -33.81 8.51
O7 NAG XA . 18.59 -38.64 2.52
C1 NAG YA . 9.65 -45.58 -32.42
C2 NAG YA . 11.14 -45.97 -32.58
C3 NAG YA . 11.48 -45.94 -34.07
C4 NAG YA . 10.53 -46.83 -34.87
C5 NAG YA . 9.09 -46.41 -34.57
C6 NAG YA . 8.06 -47.25 -35.29
C7 NAG YA . 12.53 -45.21 -30.62
C8 NAG YA . 12.23 -46.49 -29.87
N2 NAG YA . 12.00 -45.07 -31.85
O3 NAG YA . 12.82 -46.34 -34.21
O4 NAG YA . 10.85 -46.68 -36.23
O5 NAG YA . 8.86 -46.48 -33.17
O6 NAG YA . 6.76 -46.79 -34.97
O7 NAG YA . 13.25 -44.35 -30.12
C1 NAG ZA . 18.67 -37.88 -31.49
C2 NAG ZA . 19.89 -37.81 -30.55
C3 NAG ZA . 21.07 -38.54 -31.19
C4 NAG ZA . 20.67 -39.97 -31.52
C5 NAG ZA . 19.41 -39.97 -32.40
C6 NAG ZA . 18.88 -41.35 -32.71
C7 NAG ZA . 20.18 -35.94 -28.99
C8 NAG ZA . 20.54 -34.49 -28.87
N2 NAG ZA . 20.20 -36.44 -30.23
O3 NAG ZA . 22.15 -38.48 -30.30
O4 NAG ZA . 21.76 -40.58 -32.18
O5 NAG ZA . 18.38 -39.24 -31.75
O6 NAG ZA . 18.51 -41.98 -31.51
O7 NAG ZA . 19.88 -36.61 -28.00
C1 NAG AB . -2.48 -39.64 -14.67
C2 NAG AB . -3.10 -39.20 -13.33
C3 NAG AB . -3.86 -40.35 -12.68
C4 NAG AB . -4.87 -40.94 -13.65
C5 NAG AB . -4.10 -41.40 -14.90
C6 NAG AB . -4.97 -42.03 -15.97
C7 NAG AB . -1.79 -37.41 -12.18
C8 NAG AB . -2.69 -36.36 -12.80
N2 NAG AB . -2.07 -38.70 -12.48
O3 NAG AB . -4.48 -39.85 -11.53
O4 NAG AB . -5.54 -42.00 -13.03
O5 NAG AB . -3.46 -40.27 -15.47
O6 NAG AB . -5.87 -41.07 -16.47
O7 NAG AB . -0.88 -37.08 -11.44
C1 NAG BB . -40.85 -32.97 8.85
C2 NAG BB . -40.85 -32.06 10.08
C3 NAG BB . -40.78 -32.95 11.33
C4 NAG BB . -41.85 -34.05 11.34
C5 NAG BB . -41.83 -34.80 10.01
C6 NAG BB . -42.97 -35.80 9.85
C7 NAG BB . -39.62 -29.96 10.76
C8 NAG BB . -38.29 -29.26 10.56
N2 NAG BB . -39.74 -31.13 10.10
O3 NAG BB . -40.90 -32.15 12.48
O4 NAG BB . -41.56 -34.91 12.41
O5 NAG BB . -41.94 -33.85 8.97
O6 NAG BB . -43.05 -36.20 8.51
O7 NAG BB . -40.50 -29.48 11.46
C1 NAG CB . -47.54 21.68 5.75
C2 NAG CB . -47.79 22.73 6.87
C3 NAG CB . -47.87 24.18 6.37
C4 NAG CB . -46.81 24.47 5.32
C5 NAG CB . -46.99 23.46 4.20
C6 NAG CB . -46.14 23.72 2.98
C7 NAG CB . -50.27 22.29 7.22
C8 NAG CB . -51.23 21.96 8.33
N2 NAG CB . -48.99 22.42 7.62
O3 NAG CB . -47.74 25.02 7.48
O4 NAG CB . -46.99 25.79 4.88
O5 NAG CB . -46.69 22.17 4.73
O6 NAG CB . -44.78 23.77 3.34
O7 NAG CB . -50.69 22.44 6.08
C1 NAG DB . -32.52 -8.05 -40.85
C2 NAG DB . -32.29 -9.53 -41.19
C3 NAG DB . -30.80 -9.79 -41.43
C4 NAG DB . -30.29 -8.86 -42.51
C5 NAG DB . -30.55 -7.42 -42.05
C6 NAG DB . -30.05 -6.38 -43.04
C7 NAG DB . -33.89 -11.17 -40.19
C8 NAG DB . -34.66 -11.20 -41.50
N2 NAG DB . -32.80 -10.36 -40.13
O3 NAG DB . -30.66 -11.15 -41.79
O4 NAG DB . -28.91 -9.12 -42.68
O5 NAG DB . -31.94 -7.23 -41.86
O6 NAG DB . -30.18 -5.10 -42.48
O7 NAG DB . -34.25 -11.83 -39.24
C1 NAG EB . -51.64 -13.16 23.57
C2 NAG EB . -52.46 -12.05 22.90
C3 NAG EB . -53.72 -11.79 23.74
C4 NAG EB . -54.51 -13.07 23.94
C5 NAG EB . -53.59 -14.13 24.56
C6 NAG EB . -54.25 -15.48 24.75
C7 NAG EB . -51.26 -10.27 21.63
C8 NAG EB . -51.64 -10.95 20.34
N2 NAG EB . -51.70 -10.85 22.77
O3 NAG EB . -54.47 -10.81 23.08
O4 NAG EB . -55.60 -12.78 24.78
O5 NAG EB . -52.46 -14.31 23.72
O6 NAG EB . -53.27 -16.42 25.15
O7 NAG EB . -50.61 -9.23 21.61
C1 NAG FB . 19.82 2.25 36.03
C2 NAG FB . 19.15 1.07 36.76
C3 NAG FB . 19.96 -0.22 36.58
C4 NAG FB . 20.38 -0.44 35.12
C5 NAG FB . 21.15 0.81 34.68
C6 NAG FB . 21.74 0.75 33.30
C7 NAG FB . 19.87 1.70 39.13
C8 NAG FB . 19.26 1.87 40.49
N2 NAG FB . 18.98 1.32 38.17
O3 NAG FB . 19.17 -1.28 37.05
O4 NAG FB . 21.18 -1.59 35.07
O5 NAG FB . 20.22 1.89 34.72
O6 NAG FB . 22.46 1.93 33.04
O7 NAG FB . 21.08 1.86 38.97
C1 NAG GB . 25.88 7.68 17.13
C2 NAG GB . 26.36 6.46 17.93
C3 NAG GB . 27.80 6.63 18.42
C4 NAG GB . 28.70 7.03 17.26
C5 NAG GB . 28.15 8.33 16.64
C6 NAG GB . 28.93 8.90 15.48
C7 NAG GB . 24.41 5.40 18.97
C8 NAG GB . 23.56 5.32 20.20
N2 NAG GB . 25.45 6.24 19.02
O3 NAG GB . 28.19 5.41 18.99
O4 NAG GB . 30.00 7.18 17.80
O5 NAG GB . 26.83 8.09 16.17
O6 NAG GB . 30.30 9.07 15.72
O7 NAG GB . 24.14 4.73 17.98
C1 NAG HB . -30.65 -20.19 32.04
C2 NAG HB . -31.92 -19.99 31.19
C3 NAG HB . -32.80 -21.24 31.25
C4 NAG HB . -32.01 -22.50 30.91
C5 NAG HB . -30.80 -22.58 31.84
C6 NAG HB . -29.88 -23.78 31.60
C7 NAG HB . -33.35 -18.01 30.81
C8 NAG HB . -34.13 -16.93 31.52
N2 NAG HB . -32.71 -18.87 31.63
O3 NAG HB . -33.87 -21.05 30.38
O4 NAG HB . -32.90 -23.60 31.10
O5 NAG HB . -30.02 -21.40 31.67
O6 NAG HB . -30.53 -25.00 31.88
O7 NAG HB . -33.30 -18.08 29.59
C1 NAG IB . -13.15 9.28 41.99
C2 NAG IB . -13.51 9.04 43.46
C3 NAG IB . -14.80 9.78 43.81
C4 NAG IB . -14.68 11.26 43.43
C5 NAG IB . -14.32 11.35 41.95
C6 NAG IB . -14.19 12.77 41.44
C7 NAG IB . -12.77 6.81 44.33
C8 NAG IB . -11.51 7.44 44.87
N2 NAG IB . -13.65 7.62 43.69
O3 NAG IB . -15.05 9.62 45.17
O4 NAG IB . -15.91 11.88 43.72
O5 NAG IB . -13.10 10.67 41.74
O6 NAG IB . -13.93 12.74 40.05
O7 NAG IB . -12.98 5.62 44.47
C1 NAG JB . 2.67 20.43 32.90
C2 NAG JB . 1.93 21.20 34.00
C3 NAG JB . 1.38 22.50 33.41
C4 NAG JB . 2.48 23.31 32.74
C5 NAG JB . 3.15 22.43 31.69
C6 NAG JB . 4.29 23.11 30.96
C7 NAG JB . 0.81 19.94 35.83
C8 NAG JB . 1.97 20.23 36.75
N2 NAG JB . 0.87 20.43 34.58
O3 NAG JB . 0.76 23.21 34.45
O4 NAG JB . 1.88 24.45 32.16
O5 NAG JB . 3.65 21.26 32.31
O6 NAG JB . 4.88 22.22 30.06
O7 NAG JB . -0.15 19.30 36.24
C1 NAG KB . -17.55 -6.97 52.91
C2 NAG KB . -16.83 -7.05 54.26
C3 NAG KB . -17.38 -8.25 55.04
C4 NAG KB . -18.90 -8.22 55.14
C5 NAG KB . -19.49 -8.08 53.72
C6 NAG KB . -21.00 -7.97 53.68
C7 NAG KB . -14.43 -6.37 54.46
C8 NAG KB . -14.85 -5.13 55.21
N2 NAG KB . -15.41 -7.21 54.06
O3 NAG KB . -16.78 -8.25 56.31
O4 NAG KB . -19.32 -9.42 55.75
O5 NAG KB . -18.94 -6.91 53.14
O6 NAG KB . -21.39 -6.75 54.27
O7 NAG KB . -13.25 -6.59 54.24
C1 NAG LB . -4.59 -9.34 49.78
C2 NAG LB . -4.08 -9.02 51.20
C3 NAG LB . -3.50 -7.61 51.28
C4 NAG LB . -2.47 -7.40 50.18
C5 NAG LB . -3.13 -7.69 48.83
C6 NAG LB . -2.25 -7.49 47.62
C7 NAG LB . -5.02 -9.93 53.28
C8 NAG LB . -6.25 -9.96 54.15
N2 NAG LB . -5.13 -9.19 52.17
O3 NAG LB . -2.94 -7.47 52.56
O4 NAG LB . -2.02 -6.06 50.29
O5 NAG LB . -3.58 -9.03 48.82
O6 NAG LB . -1.82 -6.14 47.47
O7 NAG LB . -4.01 -10.55 53.58
C1 NAG MB . 27.02 32.27 -8.52
C2 NAG MB . 27.90 33.49 -8.82
C3 NAG MB . 27.14 34.81 -8.73
C4 NAG MB . 25.71 34.68 -9.23
C5 NAG MB . 24.98 33.69 -8.32
C6 NAG MB . 23.76 33.08 -8.98
C7 NAG MB . 30.29 33.34 -8.09
C8 NAG MB . 30.70 33.08 -9.53
N2 NAG MB . 28.98 33.51 -7.85
O3 NAG MB . 27.85 35.76 -9.48
O4 NAG MB . 25.12 35.96 -9.15
O5 NAG MB . 25.79 32.60 -7.89
O6 NAG MB . 22.82 34.10 -9.24
O7 NAG MB . 31.13 33.37 -7.21
C1 NAG NB . 29.98 12.34 -2.26
C2 NAG NB . 29.94 13.85 -1.93
C3 NAG NB . 31.36 14.35 -1.62
C4 NAG NB . 32.02 13.46 -0.57
C5 NAG NB . 31.94 11.98 -1.03
C6 NAG NB . 32.61 11.01 -0.10
C7 NAG NB . 29.65 14.59 -4.34
C8 NAG NB . 28.73 15.41 -5.21
N2 NAG NB . 29.32 14.57 -3.03
O3 NAG NB . 31.28 15.68 -1.20
O4 NAG NB . 33.36 13.88 -0.41
O5 NAG NB . 30.57 11.63 -1.19
O6 NAG NB . 32.60 9.73 -0.69
O7 NAG NB . 30.64 14.10 -4.85
C1 NAG OB . 11.63 24.35 5.79
C2 NAG OB . 10.65 25.15 6.66
C3 NAG OB . 10.43 26.52 6.02
C4 NAG OB . 11.74 27.23 5.68
C5 NAG OB . 12.67 26.28 4.91
C6 NAG OB . 14.08 26.80 4.64
C7 NAG OB . 8.81 23.97 7.88
C8 NAG OB . 9.57 24.12 9.17
N2 NAG OB . 9.38 24.48 6.77
O3 NAG OB . 9.66 27.28 6.91
O4 NAG OB . 11.39 28.35 4.90
O5 NAG OB . 12.81 25.09 5.67
O6 NAG OB . 14.13 28.16 4.24
O7 NAG OB . 7.72 23.43 7.85
C1 NAG PB . -28.62 38.96 -9.83
C2 NAG PB . -30.07 38.78 -10.29
C3 NAG PB . -30.78 40.01 -9.63
C4 NAG PB . -30.68 39.91 -8.10
C5 NAG PB . -29.22 39.66 -7.66
C6 NAG PB . -29.09 39.31 -6.19
C7 NAG PB . -31.19 38.23 -12.52
C8 NAG PB . -32.34 37.48 -11.90
N2 NAG PB . -30.22 38.72 -11.73
O3 NAG PB . -32.12 40.10 -10.04
O4 NAG PB . -31.18 41.11 -7.56
O5 NAG PB . -28.64 38.63 -8.45
O6 NAG PB . -27.81 38.76 -5.96
O7 NAG PB . -31.12 38.30 -13.75
C1 NAG QB . -6.96 51.12 -24.03
C2 NAG QB . -8.40 51.61 -23.94
C3 NAG QB . -8.26 53.07 -24.35
C4 NAG QB . -7.28 53.81 -23.39
C5 NAG QB . -6.00 52.98 -23.09
C6 NAG QB . -5.21 53.52 -21.91
C7 NAG QB . -10.49 50.38 -24.40
C8 NAG QB . -11.23 49.59 -25.45
N2 NAG QB . -9.29 50.83 -24.76
O3 NAG QB . -9.52 53.69 -24.36
O4 NAG QB . -6.96 55.05 -23.99
O5 NAG QB . -6.33 51.61 -22.87
O6 NAG QB . -4.21 52.59 -21.56
O7 NAG QB . -10.99 50.59 -23.30
C1 NAG RB . 2.14 49.52 -14.70
C2 NAG RB . 3.55 49.24 -15.28
C3 NAG RB . 4.50 50.36 -14.90
C4 NAG RB . 3.94 51.72 -15.32
C5 NAG RB . 2.56 51.90 -14.67
C6 NAG RB . 1.88 53.20 -15.05
C7 NAG RB . 4.37 46.89 -15.53
C8 NAG RB . 4.17 46.98 -17.02
N2 NAG RB . 4.05 47.98 -14.80
O3 NAG RB . 5.73 50.10 -15.52
O4 NAG RB . 4.85 52.71 -14.88
O5 NAG RB . 1.72 50.82 -15.07
O6 NAG RB . 0.58 53.23 -14.50
O7 NAG RB . 4.80 45.86 -15.01
C1 NAG SB . -10.08 29.15 -28.19
C2 NAG SB . -9.83 27.66 -28.51
C3 NAG SB . -10.22 27.36 -29.96
C4 NAG SB . -11.64 27.86 -30.26
C5 NAG SB . -11.75 29.33 -29.89
C6 NAG SB . -13.13 29.90 -30.11
C7 NAG SB . -7.18 27.46 -28.51
C8 NAG SB . -6.75 28.61 -29.42
N2 NAG SB . -8.49 27.16 -28.23
O3 NAG SB . -10.12 25.97 -30.15
O4 NAG SB . -11.87 27.64 -31.64
O5 NAG SB . -11.41 29.49 -28.53
O6 NAG SB . -13.22 31.18 -29.52
O7 NAG SB . -6.30 26.77 -28.04
C1 NAG TB . -46.29 25.64 -21.21
C2 NAG TB . -47.12 26.64 -22.03
C3 NAG TB . -48.08 25.78 -22.85
C4 NAG TB . -47.30 24.79 -23.74
C5 NAG TB . -46.25 24.03 -22.90
C6 NAG TB . -45.33 23.18 -23.74
C7 NAG TB . -48.21 28.83 -21.58
C8 NAG TB . -48.88 29.64 -20.50
N2 NAG TB . -47.80 27.60 -21.20
O3 NAG TB . -48.90 26.62 -23.63
O4 NAG TB . -48.23 23.91 -24.31
O5 NAG TB . -45.48 24.94 -22.13
O6 NAG TB . -44.28 22.69 -22.93
O7 NAG TB . -48.04 29.27 -22.71
#